data_7JZ6
#
_entry.id   7JZ6
#
_cell.length_a   1.00
_cell.length_b   1.00
_cell.length_c   1.00
_cell.angle_alpha   90.00
_cell.angle_beta   90.00
_cell.angle_gamma   90.00
#
_symmetry.space_group_name_H-M   'P 1'
#
loop_
_entity.id
_entity.type
_entity.pdbx_description
1 polymer Catalase-peroxidase
2 non-polymer 'PROTOPORPHYRIN IX CONTAINING FE'
3 water water
#
_entity_poly.entity_id   1
_entity_poly.type   'polypeptide(L)'
_entity_poly.pdbx_seq_one_letter_code
;MSTSDDIHNTTATGKCPFHQGGHDQSAGAGTTTRDWWPNQLRVDLLNQHSNRSNPLGEDFDYRKEFSKLDYYGLKKDLKA
LLTESQPWWPADWGSYAGLFIRMAWHGAGTYRSIDGRGGAGRGQQRFAPLNSWPDNVSLDKARRLLWPIKQKYGQKISWA
DLFILAGNVALENSGFRTFGFGAGREDVWEPDLDVNWGDEKAWLTHRHPEALAKAPLGATEMGLIYVNPEGPDHSGEPLS
AAAAIRATFGNMGMNDEETVALIAGGHTLGKTHGAGPTSNVGPDPEAAPIEEQGLGWASTYGSGVGADAITSGLEVVWTQ
TPTQWSNYFFENLFKYEWVQTRSPAGAIQFEAVDAPEIIPDPFDPSKKRKPTMLVTDLTLRFDPEFEKISRRFLNDPQAF
NEAFARAWFKLTHRDMGPKSRYIGPEVPKEDLIWQDPLPQPIYNPTEQDIIDLKFAIADSGLSVSELVSVAWASASTFRG
GDKRGGANGARLALMPQRDWDVNAAAVRALPVLEKIQKESGKASLADIIVLAGVVGVEKAASAAGLSIHVPFAPGRVDAR
QDQTDIEMFELLEPIADGFRNYRARLDVSTTESLLIDKAQQLTLTAPEMTALVGGMRVLGANFDGSKNGVFTDRVGVLSN
DFFVNLLDMRYEWKATDESKELFEGRDRETGEVKFTASRADLVFGSNSVLRAVAEVYASSDAHEKFVKDFVAAWVKVMNL
DRFDLL
;
_entity_poly.pdbx_strand_id   A,B,C,D
#
# COMPACT_ATOMS: atom_id res chain seq x y z
N PRO A 38 36.65 18.16 -13.28
CA PRO A 38 38.04 18.18 -12.79
C PRO A 38 38.10 18.17 -11.27
N ASN A 39 37.59 19.22 -10.65
CA ASN A 39 37.48 19.35 -9.20
C ASN A 39 35.99 19.35 -8.89
N GLN A 40 35.42 18.16 -8.67
CA GLN A 40 33.99 18.02 -8.52
C GLN A 40 33.67 17.17 -7.30
N LEU A 41 32.44 17.30 -6.83
CA LEU A 41 31.93 16.49 -5.74
C LEU A 41 30.98 15.48 -6.37
N ARG A 42 31.39 14.23 -6.40
CA ARG A 42 30.61 13.24 -7.14
C ARG A 42 29.39 12.81 -6.35
N VAL A 43 28.55 13.78 -5.97
CA VAL A 43 27.26 13.52 -5.36
C VAL A 43 26.49 12.55 -6.26
N ASP A 44 26.84 12.53 -7.53
CA ASP A 44 26.24 11.69 -8.56
C ASP A 44 26.58 10.20 -8.37
N LEU A 45 27.53 9.87 -7.50
CA LEU A 45 27.75 8.48 -7.18
C LEU A 45 26.50 7.98 -6.42
N LEU A 46 26.00 8.80 -5.52
CA LEU A 46 24.89 8.50 -4.63
C LEU A 46 23.56 8.20 -5.32
N ASN A 47 23.41 8.55 -6.60
CA ASN A 47 22.18 8.40 -7.36
C ASN A 47 22.05 7.05 -8.04
N GLN A 48 23.10 6.24 -8.09
CA GLN A 48 23.06 5.02 -8.88
C GLN A 48 22.15 3.95 -8.28
N HIS A 49 21.52 3.16 -9.16
CA HIS A 49 20.72 1.98 -8.80
C HIS A 49 19.39 2.37 -8.18
N SER A 50 18.63 3.17 -8.91
CA SER A 50 17.36 3.70 -8.45
C SER A 50 16.20 2.90 -9.04
N ASN A 51 14.98 3.31 -8.71
CA ASN A 51 13.81 2.69 -9.32
C ASN A 51 13.82 2.85 -10.85
N ARG A 52 14.36 3.97 -11.36
CA ARG A 52 14.17 4.28 -12.78
C ARG A 52 14.82 3.24 -13.70
N SER A 53 16.00 2.72 -13.34
CA SER A 53 16.72 1.80 -14.22
C SER A 53 16.45 0.32 -13.94
N ASN A 54 15.54 -0.03 -13.04
CA ASN A 54 15.28 -1.43 -12.77
C ASN A 54 14.21 -1.96 -13.71
N PRO A 55 14.53 -2.91 -14.58
CA PRO A 55 13.52 -3.48 -15.48
C PRO A 55 12.67 -4.55 -14.83
N LEU A 56 12.93 -4.90 -13.57
CA LEU A 56 12.31 -6.05 -12.95
C LEU A 56 11.31 -5.70 -11.88
N GLY A 57 11.22 -4.43 -11.50
CA GLY A 57 10.46 -4.02 -10.35
C GLY A 57 11.34 -3.94 -9.12
N GLU A 58 10.79 -3.31 -8.09
CA GLU A 58 11.45 -3.17 -6.80
C GLU A 58 10.86 -4.10 -5.76
N ASP A 59 10.17 -5.15 -6.21
CA ASP A 59 9.69 -6.22 -5.34
C ASP A 59 10.39 -7.55 -5.63
N PHE A 60 11.20 -7.62 -6.69
CA PHE A 60 11.83 -8.87 -7.09
C PHE A 60 12.75 -9.37 -5.98
N ASP A 61 12.42 -10.53 -5.44
CA ASP A 61 13.23 -11.19 -4.43
C ASP A 61 14.06 -12.27 -5.14
N TYR A 62 15.37 -12.03 -5.29
CA TYR A 62 16.19 -13.03 -5.98
C TYR A 62 16.14 -14.37 -5.25
N ARG A 63 16.29 -14.36 -3.92
CA ARG A 63 16.27 -15.61 -3.16
C ARG A 63 15.04 -16.44 -3.48
N LYS A 64 13.86 -15.80 -3.43
CA LYS A 64 12.62 -16.53 -3.67
C LYS A 64 12.50 -17.03 -5.11
N GLU A 65 13.04 -16.30 -6.09
CA GLU A 65 13.07 -16.79 -7.46
C GLU A 65 13.99 -18.00 -7.59
N PHE A 66 15.17 -17.94 -6.96
CA PHE A 66 16.10 -19.05 -6.94
C PHE A 66 15.48 -20.30 -6.32
N SER A 67 14.55 -20.13 -5.40
CA SER A 67 13.95 -21.27 -4.76
C SER A 67 13.30 -22.16 -5.78
N LYS A 68 12.95 -21.57 -6.89
CA LYS A 68 12.29 -22.30 -7.94
C LYS A 68 13.19 -23.00 -8.92
N LEU A 69 14.47 -22.67 -8.93
CA LEU A 69 15.41 -23.25 -9.86
C LEU A 69 15.59 -24.76 -9.82
N ASP A 70 15.59 -25.40 -10.98
CA ASP A 70 15.93 -26.84 -11.02
C ASP A 70 17.43 -26.71 -11.16
N TYR A 71 18.07 -26.73 -10.00
CA TYR A 71 19.50 -26.46 -9.88
C TYR A 71 20.33 -27.55 -10.55
N TYR A 72 20.00 -28.82 -10.27
CA TYR A 72 20.76 -29.92 -10.87
C TYR A 72 20.42 -30.11 -12.35
N GLY A 73 19.19 -29.81 -12.77
CA GLY A 73 18.90 -29.81 -14.19
C GLY A 73 19.61 -28.70 -14.95
N LEU A 74 19.78 -27.54 -14.31
CA LEU A 74 20.63 -26.50 -14.89
C LEU A 74 22.06 -26.97 -15.04
N LYS A 75 22.58 -27.68 -14.04
CA LYS A 75 23.93 -28.21 -14.14
C LYS A 75 24.04 -29.22 -15.28
N LYS A 76 23.00 -30.05 -15.47
CA LYS A 76 22.93 -30.96 -16.62
C LYS A 76 22.98 -30.20 -17.96
N ASP A 77 22.22 -29.12 -18.08
CA ASP A 77 22.19 -28.37 -19.34
C ASP A 77 23.51 -27.66 -19.61
N LEU A 78 24.16 -27.15 -18.56
CA LEU A 78 25.48 -26.58 -18.74
C LEU A 78 26.50 -27.63 -19.16
N LYS A 79 26.45 -28.82 -18.55
CA LYS A 79 27.39 -29.87 -18.96
C LYS A 79 27.16 -30.23 -20.41
N ALA A 80 25.90 -30.34 -20.82
CA ALA A 80 25.58 -30.47 -22.23
C ALA A 80 26.25 -29.38 -23.05
N LEU A 81 26.11 -28.12 -22.62
CA LEU A 81 26.67 -27.01 -23.38
C LEU A 81 28.17 -27.16 -23.55
N LEU A 82 28.84 -27.68 -22.52
CA LEU A 82 30.30 -27.74 -22.54
C LEU A 82 30.86 -28.31 -23.84
N THR A 83 30.07 -29.07 -24.60
CA THR A 83 30.57 -29.80 -25.77
C THR A 83 29.76 -29.55 -27.03
N GLU A 84 28.83 -28.60 -27.04
CA GLU A 84 28.01 -28.30 -28.20
C GLU A 84 28.65 -27.13 -28.95
N SER A 85 29.25 -27.43 -30.10
CA SER A 85 30.21 -26.51 -30.72
C SER A 85 29.51 -25.66 -31.77
N GLN A 86 29.45 -24.35 -31.52
CA GLN A 86 28.81 -23.38 -32.40
C GLN A 86 29.76 -23.02 -33.55
N PRO A 87 29.26 -22.96 -34.78
CA PRO A 87 30.16 -22.71 -35.92
C PRO A 87 30.87 -21.37 -35.89
N TRP A 88 30.34 -20.33 -35.25
CA TRP A 88 31.00 -19.03 -35.25
C TRP A 88 32.03 -18.88 -34.13
N TRP A 89 32.25 -19.91 -33.34
CA TRP A 89 33.35 -19.98 -32.39
C TRP A 89 33.50 -21.47 -32.03
N PRO A 90 34.12 -22.26 -32.91
CA PRO A 90 34.25 -23.70 -32.64
C PRO A 90 35.04 -24.01 -31.37
N ALA A 91 34.73 -25.16 -30.78
CA ALA A 91 35.33 -25.57 -29.52
C ALA A 91 36.73 -26.14 -29.74
N ASP A 92 37.66 -25.75 -28.88
CA ASP A 92 38.96 -26.41 -28.83
C ASP A 92 38.77 -27.84 -28.32
N TRP A 93 39.41 -28.80 -29.00
CA TRP A 93 39.27 -30.22 -28.68
C TRP A 93 37.80 -30.56 -28.38
N GLY A 94 36.88 -29.88 -29.05
CA GLY A 94 35.46 -30.06 -28.83
C GLY A 94 34.95 -29.55 -27.50
N SER A 95 35.75 -28.78 -26.76
CA SER A 95 35.46 -28.47 -25.36
C SER A 95 35.63 -26.98 -25.12
N TYR A 96 34.63 -26.34 -24.56
CA TYR A 96 34.68 -24.92 -24.24
C TYR A 96 35.09 -24.75 -22.76
N ALA A 97 35.57 -25.81 -22.12
CA ALA A 97 35.77 -25.75 -20.67
C ALA A 97 36.88 -24.76 -20.29
N GLY A 98 38.01 -24.84 -20.99
CA GLY A 98 39.09 -23.89 -20.74
C GLY A 98 38.71 -22.46 -21.02
N LEU A 99 37.65 -22.26 -21.80
CA LEU A 99 37.13 -20.91 -22.01
C LEU A 99 36.33 -20.43 -20.80
N PHE A 100 35.49 -21.29 -20.22
CA PHE A 100 34.63 -20.86 -19.12
C PHE A 100 35.40 -20.71 -17.81
N ILE A 101 36.41 -21.55 -17.57
CA ILE A 101 37.22 -21.33 -16.39
C ILE A 101 37.87 -19.95 -16.46
N ARG A 102 38.39 -19.60 -17.64
CA ARG A 102 39.01 -18.28 -17.80
C ARG A 102 38.00 -17.17 -17.58
N MET A 103 36.79 -17.34 -18.08
CA MET A 103 35.79 -16.28 -17.89
C MET A 103 35.48 -16.09 -16.39
N ALA A 104 35.22 -17.18 -15.68
CA ALA A 104 34.91 -17.07 -14.26
C ALA A 104 36.06 -16.45 -13.47
N TRP A 105 37.32 -16.86 -13.72
CA TRP A 105 38.51 -16.29 -13.06
C TRP A 105 38.75 -14.82 -13.39
N HIS A 106 38.55 -14.45 -14.63
CA HIS A 106 38.68 -13.05 -14.97
C HIS A 106 37.61 -12.22 -14.27
N GLY A 107 36.38 -12.71 -14.26
CA GLY A 107 35.37 -12.12 -13.42
C GLY A 107 35.88 -11.84 -12.03
N ALA A 108 36.30 -12.89 -11.31
CA ALA A 108 36.64 -12.70 -9.89
C ALA A 108 37.88 -11.86 -9.67
N GLY A 109 38.77 -11.74 -10.65
CA GLY A 109 40.09 -11.22 -10.36
C GLY A 109 40.28 -9.72 -10.31
N THR A 110 39.24 -8.92 -10.47
CA THR A 110 39.33 -7.48 -10.32
C THR A 110 39.15 -7.03 -8.87
N TYR A 111 39.09 -7.96 -7.91
CA TYR A 111 38.85 -7.63 -6.52
C TYR A 111 39.99 -6.82 -5.89
N ARG A 112 39.66 -5.96 -4.93
CA ARG A 112 40.67 -5.30 -4.13
C ARG A 112 40.32 -5.41 -2.65
N SER A 113 41.34 -5.62 -1.83
CA SER A 113 41.15 -5.81 -0.41
C SER A 113 41.05 -4.51 0.37
N ILE A 114 41.44 -3.40 -0.25
CA ILE A 114 41.60 -2.14 0.48
C ILE A 114 40.27 -1.43 0.71
N ASP A 115 39.22 -1.80 -0.01
CA ASP A 115 37.94 -1.10 0.07
C ASP A 115 36.80 -2.05 -0.23
N GLY A 116 37.09 -3.12 -0.94
CA GLY A 116 36.10 -4.10 -1.30
C GLY A 116 35.43 -3.92 -2.64
N ARG A 117 36.05 -3.19 -3.57
CA ARG A 117 35.43 -2.99 -4.88
C ARG A 117 35.96 -4.01 -5.90
N GLY A 118 35.22 -4.18 -6.98
CA GLY A 118 35.55 -5.20 -7.96
C GLY A 118 35.04 -6.58 -7.55
N GLY A 119 35.62 -7.60 -8.18
CA GLY A 119 35.22 -8.96 -7.88
C GLY A 119 34.12 -9.45 -8.80
N ALA A 120 33.54 -10.59 -8.43
CA ALA A 120 32.55 -11.24 -9.27
C ALA A 120 31.16 -11.27 -8.64
N GLY A 121 30.95 -10.45 -7.61
CA GLY A 121 29.71 -10.54 -6.86
C GLY A 121 28.53 -9.82 -7.47
N ARG A 122 28.75 -8.98 -8.48
CA ARG A 122 27.70 -8.16 -9.08
C ARG A 122 27.47 -8.43 -10.56
N GLY A 123 28.15 -9.42 -11.14
CA GLY A 123 27.98 -9.73 -12.54
C GLY A 123 28.52 -8.70 -13.49
N GLN A 124 29.33 -7.76 -13.01
CA GLN A 124 29.65 -6.57 -13.78
C GLN A 124 30.38 -6.86 -15.09
N GLN A 125 30.93 -8.07 -15.28
CA GLN A 125 31.68 -8.36 -16.51
C GLN A 125 30.82 -8.22 -17.76
N ARG A 126 29.49 -8.12 -17.63
CA ARG A 126 28.65 -7.95 -18.82
C ARG A 126 28.64 -6.51 -19.33
N PHE A 127 28.79 -5.52 -18.47
CA PHE A 127 28.69 -4.12 -18.91
C PHE A 127 30.05 -3.52 -19.23
N ALA A 128 30.01 -2.41 -19.96
CA ALA A 128 31.14 -1.50 -20.02
C ALA A 128 31.46 -1.00 -18.62
N PRO A 129 32.72 -0.61 -18.34
CA PRO A 129 33.86 -0.70 -19.25
C PRO A 129 34.44 -2.10 -19.32
N LEU A 130 34.26 -2.89 -18.25
CA LEU A 130 35.00 -4.14 -18.11
C LEU A 130 34.74 -5.09 -19.27
N ASN A 131 33.57 -5.04 -19.89
CA ASN A 131 33.30 -5.94 -21.01
C ASN A 131 34.23 -5.69 -22.18
N SER A 132 34.99 -4.59 -22.17
CA SER A 132 35.76 -4.17 -23.32
C SER A 132 37.22 -3.98 -23.02
N TRP A 133 37.66 -4.34 -21.81
CA TRP A 133 39.04 -4.13 -21.41
C TRP A 133 39.97 -5.03 -22.21
N PRO A 134 41.21 -4.60 -22.42
CA PRO A 134 42.12 -5.36 -23.28
C PRO A 134 42.22 -6.83 -22.91
N ASP A 135 42.11 -7.17 -21.63
CA ASP A 135 42.38 -8.51 -21.15
C ASP A 135 41.18 -9.45 -21.24
N ASN A 136 40.06 -9.02 -21.82
CA ASN A 136 38.88 -9.86 -21.89
C ASN A 136 38.46 -10.13 -23.33
N VAL A 137 39.40 -10.31 -24.24
CA VAL A 137 39.06 -10.60 -25.63
C VAL A 137 38.73 -12.08 -25.76
N SER A 138 37.55 -12.37 -26.33
CA SER A 138 36.89 -13.65 -26.52
C SER A 138 36.00 -14.03 -25.34
N LEU A 139 35.99 -13.26 -24.26
CA LEU A 139 35.02 -13.52 -23.22
C LEU A 139 33.63 -13.02 -23.57
N ASP A 140 33.52 -12.19 -24.62
CA ASP A 140 32.20 -11.83 -25.13
C ASP A 140 31.54 -13.02 -25.81
N LYS A 141 32.31 -13.84 -26.53
CA LYS A 141 31.72 -15.04 -27.09
C LYS A 141 31.42 -16.08 -26.03
N ALA A 142 32.25 -16.16 -24.99
CA ALA A 142 31.94 -17.01 -23.85
C ALA A 142 30.62 -16.62 -23.20
N ARG A 143 30.38 -15.32 -23.06
CA ARG A 143 29.11 -14.86 -22.51
C ARG A 143 27.95 -15.09 -23.49
N ARG A 144 28.20 -15.00 -24.79
CA ARG A 144 27.13 -15.19 -25.76
C ARG A 144 26.68 -16.64 -25.82
N LEU A 145 27.62 -17.59 -25.67
CA LEU A 145 27.30 -19.01 -25.66
C LEU A 145 26.44 -19.44 -24.50
N LEU A 146 26.22 -18.56 -23.53
CA LEU A 146 25.46 -18.88 -22.34
C LEU A 146 24.00 -18.49 -22.43
N TRP A 147 23.62 -17.76 -23.48
CA TRP A 147 22.35 -17.08 -23.58
C TRP A 147 21.18 -18.05 -23.72
N PRO A 148 21.30 -19.17 -24.44
CA PRO A 148 20.17 -20.13 -24.46
C PRO A 148 19.82 -20.72 -23.10
N ILE A 149 20.80 -21.10 -22.28
CA ILE A 149 20.49 -21.57 -20.93
C ILE A 149 19.85 -20.46 -20.11
N LYS A 150 20.48 -19.27 -20.11
CA LYS A 150 19.94 -18.11 -19.43
C LYS A 150 18.50 -17.83 -19.83
N GLN A 151 18.19 -17.99 -21.12
CA GLN A 151 16.87 -17.66 -21.65
C GLN A 151 15.85 -18.69 -21.21
N LYS A 152 16.18 -19.97 -21.34
CA LYS A 152 15.31 -21.03 -20.84
C LYS A 152 14.97 -20.83 -19.37
N TYR A 153 15.90 -20.35 -18.58
CA TYR A 153 15.68 -20.21 -17.13
C TYR A 153 15.15 -18.90 -16.59
N GLY A 154 15.44 -17.79 -17.27
CA GLY A 154 14.91 -16.52 -16.85
C GLY A 154 15.63 -15.86 -15.69
N GLN A 155 14.85 -15.24 -14.79
CA GLN A 155 15.42 -14.61 -13.61
C GLN A 155 15.68 -15.60 -12.47
N LYS A 156 15.30 -16.87 -12.69
CA LYS A 156 15.47 -17.91 -11.68
C LYS A 156 16.94 -18.07 -11.29
N ILE A 157 17.83 -17.90 -12.23
CA ILE A 157 19.26 -17.80 -12.00
C ILE A 157 19.69 -16.45 -12.52
N SER A 158 20.71 -15.86 -11.91
CA SER A 158 21.23 -14.57 -12.36
C SER A 158 22.55 -14.74 -13.12
N TRP A 159 22.78 -13.84 -14.08
CA TRP A 159 24.02 -13.88 -14.86
C TRP A 159 25.26 -13.99 -13.95
N ALA A 160 25.25 -13.26 -12.84
CA ALA A 160 26.39 -13.22 -11.93
C ALA A 160 26.60 -14.56 -11.20
N ASP A 161 25.55 -15.32 -10.94
CA ASP A 161 25.70 -16.69 -10.45
C ASP A 161 26.03 -17.66 -11.59
N LEU A 162 25.42 -17.46 -12.76
CA LEU A 162 25.59 -18.37 -13.88
C LEU A 162 27.04 -18.46 -14.31
N PHE A 163 27.76 -17.33 -14.27
CA PHE A 163 29.15 -17.35 -14.71
C PHE A 163 29.99 -18.27 -13.84
N ILE A 164 29.97 -18.04 -12.53
CA ILE A 164 30.79 -18.83 -11.61
C ILE A 164 30.39 -20.30 -11.69
N LEU A 165 29.09 -20.59 -11.79
CA LEU A 165 28.67 -21.98 -11.89
C LEU A 165 29.15 -22.61 -13.21
N ALA A 166 29.15 -21.85 -14.30
CA ALA A 166 29.67 -22.39 -15.55
C ALA A 166 31.12 -22.84 -15.39
N GLY A 167 31.96 -21.96 -14.81
CA GLY A 167 33.32 -22.36 -14.53
C GLY A 167 33.43 -23.58 -13.64
N ASN A 168 32.57 -23.66 -12.62
CA ASN A 168 32.61 -24.81 -11.72
C ASN A 168 32.33 -26.09 -12.49
N VAL A 169 31.25 -26.10 -13.27
CA VAL A 169 30.87 -27.29 -14.04
C VAL A 169 31.99 -27.69 -14.99
N ALA A 170 32.56 -26.70 -15.69
CA ALA A 170 33.75 -26.92 -16.50
C ALA A 170 34.84 -27.68 -15.75
N LEU A 171 35.11 -27.29 -14.50
CA LEU A 171 36.11 -28.03 -13.72
C LEU A 171 35.61 -29.42 -13.37
N GLU A 172 34.38 -29.53 -12.88
CA GLU A 172 33.85 -30.81 -12.43
C GLU A 172 33.76 -31.84 -13.55
N ASN A 173 33.72 -31.41 -14.80
CA ASN A 173 33.58 -32.33 -15.91
C ASN A 173 34.91 -32.83 -16.44
N SER A 174 36.02 -32.25 -16.02
CA SER A 174 37.34 -32.66 -16.49
C SER A 174 37.98 -33.73 -15.62
N GLY A 175 37.30 -34.19 -14.56
CA GLY A 175 37.89 -35.04 -13.56
C GLY A 175 38.14 -34.39 -12.21
N PHE A 176 38.20 -33.07 -12.16
CA PHE A 176 38.50 -32.35 -10.93
C PHE A 176 37.25 -32.19 -10.06
N ARG A 177 37.46 -32.20 -8.75
CA ARG A 177 36.39 -32.05 -7.79
C ARG A 177 36.47 -30.69 -7.09
N THR A 178 35.31 -30.07 -6.88
CA THR A 178 35.23 -28.71 -6.36
C THR A 178 34.90 -28.71 -4.87
N PHE A 179 35.27 -27.61 -4.22
CA PHE A 179 35.03 -27.45 -2.79
C PHE A 179 33.55 -27.30 -2.46
N GLY A 180 32.77 -26.76 -3.37
CA GLY A 180 31.44 -26.30 -3.04
C GLY A 180 31.18 -24.96 -3.72
N PHE A 181 29.90 -24.64 -3.85
CA PHE A 181 29.44 -23.45 -4.54
C PHE A 181 28.27 -22.82 -3.77
N GLY A 182 28.27 -21.50 -3.71
CA GLY A 182 27.17 -20.77 -3.12
C GLY A 182 26.60 -19.72 -4.05
N ALA A 183 25.33 -19.85 -4.40
CA ALA A 183 24.62 -18.85 -5.19
C ALA A 183 24.09 -17.74 -4.29
N GLY A 184 23.66 -16.65 -4.92
CA GLY A 184 23.12 -15.53 -4.19
C GLY A 184 23.51 -14.20 -4.80
N ARG A 185 24.45 -14.19 -5.74
CA ARG A 185 24.79 -12.97 -6.46
C ARG A 185 23.57 -12.48 -7.21
N GLU A 186 22.93 -11.45 -6.71
CA GLU A 186 21.77 -10.88 -7.40
C GLU A 186 22.27 -9.87 -8.42
N ASP A 187 21.59 -9.83 -9.56
CA ASP A 187 22.03 -9.03 -10.70
C ASP A 187 21.70 -7.56 -10.52
N VAL A 188 22.48 -6.71 -11.17
CA VAL A 188 22.24 -5.26 -11.19
C VAL A 188 22.13 -4.81 -12.65
N TRP A 189 21.87 -3.52 -12.85
CA TRP A 189 21.46 -3.02 -14.14
C TRP A 189 22.22 -1.79 -14.58
N GLU A 190 23.11 -1.27 -13.74
CA GLU A 190 23.96 -0.16 -14.13
C GLU A 190 25.42 -0.57 -13.99
N PRO A 191 26.32 0.06 -14.76
CA PRO A 191 27.76 -0.09 -14.50
C PRO A 191 28.23 0.79 -13.35
N ASP A 192 28.81 0.17 -12.34
CA ASP A 192 29.22 0.88 -11.12
C ASP A 192 30.25 1.95 -11.45
N LEU A 193 29.88 3.22 -11.20
CA LEU A 193 30.76 4.36 -11.45
C LEU A 193 31.85 4.50 -10.40
N ASP A 194 31.70 3.89 -9.24
CA ASP A 194 32.71 3.93 -8.20
C ASP A 194 33.75 2.82 -8.40
N VAL A 195 34.32 2.79 -9.60
CA VAL A 195 35.48 1.94 -9.94
C VAL A 195 35.42 0.54 -9.34
N LEU A 224 44.74 -5.58 -17.81
CA LEU A 224 45.79 -6.14 -16.97
C LEU A 224 45.25 -6.57 -15.62
N ILE A 225 44.52 -7.67 -15.61
CA ILE A 225 43.90 -8.14 -14.36
C ILE A 225 44.88 -8.41 -13.24
N TYR A 226 46.02 -8.96 -13.53
CA TYR A 226 46.99 -9.15 -12.46
C TYR A 226 48.36 -8.76 -12.98
N VAL A 227 48.85 -9.48 -13.99
CA VAL A 227 50.17 -9.25 -14.57
C VAL A 227 50.15 -9.45 -16.06
N ASN A 228 51.27 -9.16 -16.70
CA ASN A 228 51.52 -9.34 -18.12
C ASN A 228 52.13 -10.70 -18.33
N PRO A 229 51.60 -11.47 -19.27
CA PRO A 229 52.10 -12.85 -19.36
C PRO A 229 53.51 -12.91 -19.87
N GLU A 230 53.97 -11.84 -20.53
CA GLU A 230 55.27 -11.76 -21.18
C GLU A 230 56.33 -11.14 -20.28
N GLY A 231 56.34 -11.48 -19.00
CA GLY A 231 57.23 -10.84 -18.07
C GLY A 231 56.92 -9.36 -17.95
N PRO A 232 57.34 -8.74 -16.85
CA PRO A 232 57.11 -7.30 -16.70
C PRO A 232 57.86 -6.52 -17.78
N ASP A 233 57.22 -5.47 -18.27
CA ASP A 233 57.80 -4.62 -19.31
C ASP A 233 58.24 -5.42 -20.53
N HIS A 234 57.53 -6.51 -20.83
CA HIS A 234 57.76 -7.31 -22.02
C HIS A 234 59.19 -7.85 -22.10
N SER A 235 59.88 -7.91 -20.98
CA SER A 235 61.23 -8.47 -20.91
C SER A 235 61.11 -9.93 -20.52
N GLY A 236 61.38 -10.83 -21.46
CA GLY A 236 61.19 -12.25 -21.22
C GLY A 236 62.15 -12.84 -20.20
N GLU A 237 62.09 -12.32 -18.99
CA GLU A 237 62.86 -12.87 -17.86
C GLU A 237 61.89 -13.34 -16.80
N PRO A 238 61.75 -14.65 -16.56
CA PRO A 238 60.81 -15.10 -15.53
C PRO A 238 61.12 -14.54 -14.15
N LEU A 239 62.37 -14.14 -13.89
CA LEU A 239 62.73 -13.67 -12.56
C LEU A 239 61.91 -12.45 -12.16
N SER A 240 61.98 -11.38 -12.94
CA SER A 240 61.33 -10.13 -12.57
C SER A 240 59.82 -10.29 -12.35
N ALA A 241 59.21 -11.33 -12.93
CA ALA A 241 57.76 -11.49 -12.81
C ALA A 241 57.33 -11.93 -11.42
N ALA A 242 58.26 -12.41 -10.59
CA ALA A 242 57.90 -12.90 -9.27
C ALA A 242 57.31 -11.80 -8.39
N ALA A 243 57.99 -10.65 -8.30
CA ALA A 243 57.51 -9.57 -7.46
C ALA A 243 56.17 -9.04 -7.96
N ALA A 244 56.02 -8.96 -9.28
CA ALA A 244 54.74 -8.53 -9.83
C ALA A 244 53.62 -9.46 -9.37
N ILE A 245 53.80 -10.77 -9.57
CA ILE A 245 52.76 -11.71 -9.15
C ILE A 245 52.50 -11.56 -7.67
N ARG A 246 53.57 -11.44 -6.88
CA ARG A 246 53.42 -11.39 -5.43
C ARG A 246 52.55 -10.20 -5.03
N ALA A 247 52.91 -9.01 -5.49
CA ALA A 247 52.15 -7.81 -5.14
C ALA A 247 50.71 -7.92 -5.62
N THR A 248 50.51 -8.23 -6.91
CA THR A 248 49.16 -8.21 -7.45
C THR A 248 48.26 -9.21 -6.73
N PHE A 249 48.76 -10.42 -6.47
CA PHE A 249 47.90 -11.42 -5.86
C PHE A 249 47.70 -11.14 -4.38
N GLY A 250 48.70 -10.52 -3.72
CA GLY A 250 48.53 -10.11 -2.35
C GLY A 250 47.47 -9.04 -2.19
N ASN A 251 47.40 -8.09 -3.14
CA ASN A 251 46.35 -7.09 -3.11
C ASN A 251 44.96 -7.70 -3.01
N MET A 252 44.85 -8.95 -3.45
CA MET A 252 43.62 -9.72 -3.42
C MET A 252 43.47 -10.61 -2.16
N GLY A 253 44.47 -10.57 -1.26
CA GLY A 253 44.44 -11.41 -0.08
C GLY A 253 44.78 -12.85 -0.30
N MET A 254 45.62 -13.16 -1.28
CA MET A 254 46.16 -14.50 -1.47
C MET A 254 47.62 -14.53 -1.01
N ASN A 255 48.01 -15.61 -0.35
CA ASN A 255 49.38 -15.81 0.06
C ASN A 255 50.15 -16.59 -1.01
N ASP A 256 51.37 -17.01 -0.67
CA ASP A 256 52.30 -17.60 -1.64
C ASP A 256 51.77 -18.91 -2.18
N GLU A 257 51.47 -19.84 -1.27
CA GLU A 257 50.96 -21.15 -1.63
C GLU A 257 49.70 -21.07 -2.47
N GLU A 258 48.76 -20.21 -2.06
CA GLU A 258 47.50 -20.08 -2.80
C GLU A 258 47.76 -19.58 -4.22
N THR A 259 48.77 -18.72 -4.38
CA THR A 259 49.10 -18.24 -5.71
C THR A 259 49.65 -19.35 -6.58
N VAL A 260 50.58 -20.14 -6.03
CA VAL A 260 51.11 -21.29 -6.75
C VAL A 260 49.98 -22.20 -7.20
N ALA A 261 49.13 -22.60 -6.26
CA ALA A 261 48.02 -23.48 -6.58
C ALA A 261 47.14 -22.89 -7.68
N LEU A 262 46.75 -21.62 -7.54
CA LEU A 262 45.86 -21.02 -8.52
C LEU A 262 46.47 -21.05 -9.92
N ILE A 263 47.69 -20.53 -10.06
CA ILE A 263 48.28 -20.46 -11.38
C ILE A 263 48.44 -21.86 -11.98
N ALA A 264 49.03 -22.78 -11.21
CA ALA A 264 49.29 -24.12 -11.75
C ALA A 264 48.01 -24.85 -12.11
N GLY A 265 46.94 -24.62 -11.35
CA GLY A 265 45.67 -25.26 -11.64
C GLY A 265 44.97 -24.65 -12.83
N GLY A 266 44.67 -23.37 -12.76
CA GLY A 266 44.23 -22.62 -13.91
C GLY A 266 44.92 -22.99 -15.20
N HIS A 267 46.20 -23.33 -15.16
CA HIS A 267 46.91 -23.73 -16.38
C HIS A 267 47.15 -25.22 -16.49
N THR A 268 46.11 -26.03 -16.40
CA THR A 268 46.19 -27.43 -16.83
C THR A 268 45.21 -27.72 -17.94
N LEU A 269 43.99 -27.18 -17.85
CA LEU A 269 43.01 -27.30 -18.90
C LEU A 269 43.18 -26.17 -19.92
N GLY A 270 42.78 -26.44 -21.16
CA GLY A 270 42.64 -25.40 -22.17
C GLY A 270 43.86 -25.07 -23.00
N LYS A 271 44.06 -23.79 -23.33
CA LYS A 271 45.17 -23.34 -24.16
C LYS A 271 45.11 -21.84 -24.38
N THR A 272 46.07 -21.29 -25.15
CA THR A 272 46.08 -19.89 -25.57
C THR A 272 46.03 -19.81 -27.09
N HIS A 273 45.47 -18.72 -27.57
CA HIS A 273 45.17 -18.57 -28.97
C HIS A 273 45.92 -17.51 -29.73
N GLY A 274 46.65 -17.86 -30.81
CA GLY A 274 47.38 -16.87 -31.59
C GLY A 274 47.95 -17.39 -32.86
N ALA A 275 47.10 -17.68 -33.82
CA ALA A 275 47.53 -18.19 -35.08
C ALA A 275 48.33 -17.24 -35.91
N GLY A 276 48.07 -15.95 -35.81
CA GLY A 276 48.61 -15.01 -36.76
C GLY A 276 48.86 -13.64 -36.19
N PRO A 277 49.17 -12.68 -37.03
CA PRO A 277 49.45 -11.36 -36.47
C PRO A 277 48.26 -10.68 -35.72
N THR A 278 48.55 -10.02 -34.62
CA THR A 278 47.57 -9.32 -33.80
C THR A 278 46.77 -8.26 -34.54
N SER A 279 47.34 -7.58 -35.55
CA SER A 279 46.61 -6.59 -36.35
C SER A 279 45.31 -7.09 -37.07
N ASN A 280 45.12 -8.38 -37.27
CA ASN A 280 43.93 -8.96 -37.85
C ASN A 280 42.74 -8.77 -36.91
N VAL A 281 42.93 -8.26 -35.72
CA VAL A 281 41.80 -8.29 -34.80
C VAL A 281 41.15 -6.92 -34.77
N GLY A 282 39.83 -6.90 -34.89
CA GLY A 282 39.08 -5.67 -34.94
C GLY A 282 38.83 -5.13 -33.56
N PRO A 283 37.98 -4.11 -33.48
CA PRO A 283 37.89 -3.33 -32.25
C PRO A 283 37.03 -3.99 -31.17
N ASP A 284 37.27 -3.55 -29.93
CA ASP A 284 36.63 -4.13 -28.77
C ASP A 284 35.11 -3.86 -28.78
N PRO A 285 34.37 -4.63 -27.98
CA PRO A 285 32.90 -4.59 -28.06
C PRO A 285 32.26 -3.21 -27.98
N GLU A 286 32.83 -2.26 -27.24
CA GLU A 286 32.22 -0.95 -27.11
C GLU A 286 32.71 0.03 -28.17
N ALA A 287 33.28 -0.45 -29.27
CA ALA A 287 33.80 0.43 -30.31
C ALA A 287 33.52 -0.11 -31.72
N ALA A 288 32.74 -1.16 -31.84
CA ALA A 288 32.58 -1.88 -33.10
C ALA A 288 31.25 -1.54 -33.77
N PRO A 289 31.06 -1.95 -35.03
CA PRO A 289 29.83 -1.55 -35.74
C PRO A 289 28.58 -2.21 -35.20
N ILE A 290 27.49 -1.44 -35.20
CA ILE A 290 26.25 -1.84 -34.56
C ILE A 290 25.72 -3.19 -35.08
N GLU A 291 26.13 -3.60 -36.28
CA GLU A 291 25.75 -4.91 -36.81
C GLU A 291 26.51 -6.06 -36.18
N GLU A 292 27.56 -5.79 -35.41
CA GLU A 292 28.27 -6.82 -34.66
C GLU A 292 27.51 -7.28 -33.43
N GLN A 293 26.45 -6.57 -33.06
CA GLN A 293 25.44 -7.07 -32.12
C GLN A 293 26.04 -7.46 -30.79
N GLY A 294 27.05 -6.72 -30.34
CA GLY A 294 27.62 -6.92 -29.02
C GLY A 294 28.92 -7.68 -28.95
N LEU A 295 29.45 -8.15 -30.08
CA LEU A 295 30.68 -8.92 -30.10
C LEU A 295 31.80 -8.07 -30.67
N GLY A 296 32.96 -8.10 -30.02
CA GLY A 296 34.11 -7.36 -30.46
C GLY A 296 35.23 -8.25 -30.98
N TRP A 297 36.36 -7.61 -31.30
CA TRP A 297 37.63 -8.29 -31.59
C TRP A 297 37.54 -9.22 -32.81
N ALA A 298 36.76 -8.84 -33.82
CA ALA A 298 36.67 -9.66 -35.03
C ALA A 298 38.06 -9.81 -35.64
N SER A 299 38.24 -10.86 -36.46
CA SER A 299 39.57 -11.17 -36.97
C SER A 299 39.56 -11.48 -38.47
N THR A 300 40.46 -10.84 -39.21
CA THR A 300 40.61 -11.11 -40.63
C THR A 300 41.51 -12.30 -40.93
N TYR A 301 42.13 -12.90 -39.92
CA TYR A 301 43.15 -13.92 -40.13
C TYR A 301 42.49 -15.26 -40.44
N GLY A 302 42.71 -15.75 -41.65
CA GLY A 302 42.18 -17.04 -42.03
C GLY A 302 40.68 -17.07 -41.87
N SER A 303 40.20 -17.96 -41.00
CA SER A 303 38.81 -17.95 -40.62
C SER A 303 38.50 -16.86 -39.62
N GLY A 304 39.50 -16.36 -38.91
CA GLY A 304 39.26 -15.53 -37.76
C GLY A 304 38.81 -16.29 -36.53
N VAL A 305 38.27 -17.49 -36.69
CA VAL A 305 37.85 -18.31 -35.55
C VAL A 305 38.38 -19.73 -35.72
N GLY A 306 37.89 -20.64 -34.87
CA GLY A 306 38.38 -22.01 -34.89
C GLY A 306 39.87 -22.07 -34.61
N ALA A 307 40.60 -22.81 -35.44
CA ALA A 307 42.03 -22.94 -35.28
C ALA A 307 42.78 -21.68 -35.63
N ASP A 308 42.08 -20.61 -36.01
CA ASP A 308 42.71 -19.34 -36.33
C ASP A 308 42.51 -18.31 -35.25
N ALA A 309 41.81 -18.66 -34.17
CA ALA A 309 41.54 -17.72 -33.10
C ALA A 309 42.82 -16.99 -32.71
N ILE A 310 42.68 -15.67 -32.54
CA ILE A 310 43.67 -14.82 -31.93
C ILE A 310 42.96 -14.09 -30.80
N THR A 311 43.43 -14.27 -29.57
CA THR A 311 42.95 -13.48 -28.45
C THR A 311 44.12 -12.87 -27.70
N SER A 312 44.73 -13.63 -26.80
CA SER A 312 45.94 -13.16 -26.16
C SER A 312 47.03 -12.88 -27.18
N GLY A 313 47.25 -13.83 -28.08
CA GLY A 313 48.24 -13.69 -29.13
C GLY A 313 49.31 -14.75 -29.13
N LEU A 314 49.44 -15.57 -28.10
CA LEU A 314 50.47 -16.60 -28.03
C LEU A 314 49.85 -17.95 -28.31
N GLU A 315 50.70 -18.98 -28.42
CA GLU A 315 50.21 -20.36 -28.70
C GLU A 315 50.85 -21.34 -27.72
N VAL A 316 50.24 -21.51 -26.55
CA VAL A 316 50.77 -22.35 -25.48
C VAL A 316 49.73 -23.40 -25.11
N VAL A 317 50.15 -24.66 -25.08
CA VAL A 317 49.36 -25.76 -24.54
C VAL A 317 50.21 -26.46 -23.49
N TRP A 318 49.68 -26.60 -22.28
CA TRP A 318 50.47 -26.90 -21.09
C TRP A 318 50.56 -28.39 -20.79
N THR A 319 49.57 -29.17 -21.18
CA THR A 319 49.47 -30.57 -20.85
C THR A 319 49.41 -31.40 -22.14
N GLN A 320 49.16 -32.70 -22.01
CA GLN A 320 48.93 -33.55 -23.17
C GLN A 320 47.55 -34.17 -23.17
N THR A 321 46.82 -34.10 -22.06
CA THR A 321 45.41 -34.42 -22.05
C THR A 321 44.63 -33.12 -21.88
N PRO A 322 44.71 -32.21 -22.84
CA PRO A 322 44.34 -30.81 -22.56
C PRO A 322 42.91 -30.61 -22.05
N THR A 323 42.15 -31.69 -21.89
CA THR A 323 40.78 -31.63 -21.40
C THR A 323 40.56 -32.51 -20.19
N GLN A 324 41.61 -33.10 -19.61
CA GLN A 324 41.49 -33.92 -18.41
C GLN A 324 42.35 -33.34 -17.31
N TRP A 325 41.84 -33.36 -16.09
CA TRP A 325 42.68 -33.04 -14.94
C TRP A 325 43.79 -34.06 -14.78
N SER A 326 44.89 -33.64 -14.16
CA SER A 326 46.09 -34.45 -14.08
C SER A 326 47.06 -33.79 -13.10
N ASN A 327 48.33 -34.17 -13.13
CA ASN A 327 49.39 -33.43 -12.44
C ASN A 327 50.48 -33.01 -13.43
N TYR A 328 50.14 -32.88 -14.71
CA TYR A 328 51.15 -32.72 -15.75
C TYR A 328 51.78 -31.33 -15.78
N PHE A 329 51.08 -30.29 -15.31
CA PHE A 329 51.68 -28.96 -15.37
C PHE A 329 53.03 -28.95 -14.66
N PHE A 330 53.03 -29.23 -13.36
CA PHE A 330 54.29 -29.35 -12.63
C PHE A 330 55.20 -30.40 -13.26
N GLU A 331 54.62 -31.55 -13.63
CA GLU A 331 55.43 -32.65 -14.15
C GLU A 331 56.35 -32.15 -15.24
N ASN A 332 55.79 -31.66 -16.34
CA ASN A 332 56.60 -31.16 -17.43
C ASN A 332 57.39 -29.92 -17.01
N LEU A 333 56.79 -29.05 -16.21
CA LEU A 333 57.51 -27.88 -15.72
C LEU A 333 58.89 -28.19 -15.20
N PHE A 334 58.99 -29.16 -14.30
CA PHE A 334 60.29 -29.53 -13.77
C PHE A 334 61.02 -30.54 -14.65
N LYS A 335 60.29 -31.32 -15.44
CA LYS A 335 60.84 -32.43 -16.20
C LYS A 335 61.34 -32.03 -17.57
N TYR A 336 61.71 -30.75 -17.75
CA TYR A 336 62.23 -30.28 -19.02
C TYR A 336 63.00 -28.99 -18.81
N GLU A 337 64.08 -28.82 -19.55
CA GLU A 337 64.70 -27.51 -19.68
C GLU A 337 63.78 -26.66 -20.57
N TRP A 338 64.24 -25.50 -20.99
CA TRP A 338 63.38 -24.63 -21.78
C TRP A 338 64.22 -23.71 -22.66
N VAL A 339 63.74 -23.48 -23.89
CA VAL A 339 64.35 -22.50 -24.77
C VAL A 339 63.33 -21.38 -25.01
N GLN A 340 63.83 -20.27 -25.58
CA GLN A 340 63.03 -19.07 -25.81
C GLN A 340 62.76 -18.92 -27.29
N THR A 341 61.48 -18.99 -27.66
CA THR A 341 61.06 -18.76 -29.04
C THR A 341 59.99 -17.69 -29.00
N ARG A 342 59.19 -17.57 -30.07
CA ARG A 342 58.02 -16.71 -30.01
C ARG A 342 56.92 -17.29 -30.86
N SER A 343 55.68 -17.10 -30.42
CA SER A 343 54.51 -17.53 -31.16
C SER A 343 54.49 -16.77 -32.49
N PRO A 344 53.59 -17.09 -33.42
CA PRO A 344 53.68 -16.45 -34.74
C PRO A 344 53.49 -14.95 -34.68
N ALA A 345 52.75 -14.47 -33.69
CA ALA A 345 52.55 -13.05 -33.47
C ALA A 345 53.74 -12.38 -32.79
N GLY A 346 54.93 -12.98 -32.86
CA GLY A 346 56.12 -12.34 -32.35
C GLY A 346 56.05 -12.02 -30.86
N ALA A 347 55.48 -12.90 -30.07
CA ALA A 347 55.45 -12.75 -28.62
C ALA A 347 56.26 -13.88 -27.99
N ILE A 348 56.88 -13.58 -26.85
CA ILE A 348 57.85 -14.49 -26.26
C ILE A 348 57.13 -15.73 -25.72
N GLN A 349 57.70 -16.90 -26.02
CA GLN A 349 57.22 -18.18 -25.54
C GLN A 349 58.39 -19.02 -25.05
N PHE A 350 58.11 -19.93 -24.13
CA PHE A 350 59.12 -20.88 -23.67
C PHE A 350 58.72 -22.29 -24.12
N GLU A 351 59.69 -23.03 -24.64
CA GLU A 351 59.45 -24.31 -25.29
C GLU A 351 60.22 -25.40 -24.60
N ALA A 352 59.51 -26.44 -24.14
CA ALA A 352 60.16 -27.62 -23.61
C ALA A 352 61.15 -28.19 -24.63
N VAL A 353 62.42 -28.23 -24.27
CA VAL A 353 63.49 -28.60 -25.19
C VAL A 353 63.74 -30.10 -25.12
N ASP A 354 64.08 -30.67 -26.27
CA ASP A 354 64.41 -32.09 -26.37
C ASP A 354 63.22 -32.95 -25.91
N ALA A 355 62.05 -32.65 -26.48
CA ALA A 355 60.83 -33.34 -26.11
C ALA A 355 60.21 -33.98 -27.34
N PRO A 356 59.39 -35.01 -27.15
CA PRO A 356 58.74 -35.67 -28.29
C PRO A 356 57.42 -34.98 -28.64
N GLU A 357 56.58 -35.72 -29.37
CA GLU A 357 55.31 -35.23 -29.87
C GLU A 357 54.18 -35.96 -29.13
N ILE A 358 53.53 -35.28 -28.20
CA ILE A 358 52.50 -35.91 -27.37
C ILE A 358 51.25 -35.06 -27.19
N ILE A 359 51.25 -33.81 -27.62
CA ILE A 359 50.15 -32.88 -27.35
C ILE A 359 49.21 -32.93 -28.55
N PRO A 360 47.98 -33.44 -28.42
CA PRO A 360 47.06 -33.49 -29.56
C PRO A 360 46.63 -32.10 -30.00
N ASP A 361 46.57 -31.90 -31.34
CA ASP A 361 46.23 -30.58 -31.86
C ASP A 361 44.73 -30.37 -31.85
N PRO A 362 44.26 -29.19 -31.43
CA PRO A 362 42.83 -29.03 -31.13
C PRO A 362 41.88 -29.25 -32.30
N PHE A 363 42.35 -29.17 -33.55
CA PHE A 363 41.47 -29.37 -34.70
C PHE A 363 42.01 -30.27 -35.80
N ASP A 364 43.21 -30.82 -35.68
CA ASP A 364 43.77 -31.75 -36.67
C ASP A 364 44.25 -33.02 -35.96
N PRO A 365 43.64 -34.20 -36.20
CA PRO A 365 44.07 -35.39 -35.45
C PRO A 365 45.26 -36.09 -36.06
N SER A 366 46.22 -35.33 -36.60
CA SER A 366 47.40 -35.92 -37.21
C SER A 366 48.63 -35.05 -37.04
N LYS A 367 48.57 -34.00 -36.25
CA LYS A 367 49.70 -33.14 -35.95
C LYS A 367 49.89 -33.07 -34.45
N LYS A 368 51.12 -32.80 -34.01
CA LYS A 368 51.46 -32.76 -32.60
C LYS A 368 52.37 -31.58 -32.32
N ARG A 369 52.54 -31.27 -31.03
CA ARG A 369 53.40 -30.18 -30.60
C ARG A 369 54.10 -30.53 -29.30
N LYS A 370 55.30 -29.98 -29.12
CA LYS A 370 56.13 -30.19 -27.94
C LYS A 370 55.76 -29.19 -26.85
N PRO A 371 55.78 -29.59 -25.57
CA PRO A 371 55.30 -28.69 -24.51
C PRO A 371 55.77 -27.25 -24.65
N THR A 372 55.02 -26.32 -24.07
CA THR A 372 55.38 -24.92 -24.10
C THR A 372 54.88 -24.26 -22.83
N MET A 373 55.40 -23.06 -22.55
CA MET A 373 55.12 -22.40 -21.29
C MET A 373 55.09 -20.88 -21.49
N LEU A 374 54.54 -20.20 -20.51
CA LEU A 374 54.60 -18.74 -20.42
C LEU A 374 55.67 -18.35 -19.41
N VAL A 375 56.30 -17.19 -19.64
CA VAL A 375 57.21 -16.58 -18.68
C VAL A 375 56.62 -16.72 -17.29
N THR A 376 55.34 -16.39 -17.18
CA THR A 376 54.67 -16.39 -15.88
C THR A 376 54.44 -17.80 -15.37
N ASP A 377 54.67 -18.80 -16.20
CA ASP A 377 54.62 -20.18 -15.74
C ASP A 377 55.97 -20.62 -15.19
N LEU A 378 57.05 -20.06 -15.73
CA LEU A 378 58.41 -20.38 -15.28
C LEU A 378 58.85 -19.58 -14.09
N THR A 379 58.16 -18.50 -13.75
CA THR A 379 58.44 -17.82 -12.49
C THR A 379 58.18 -18.77 -11.32
N LEU A 380 57.08 -19.49 -11.34
CA LEU A 380 56.80 -20.40 -10.22
C LEU A 380 57.59 -21.68 -10.31
N ARG A 381 58.75 -21.63 -10.96
CA ARG A 381 59.68 -22.74 -11.02
C ARG A 381 61.09 -22.24 -10.71
N PHE A 382 61.61 -21.30 -11.51
CA PHE A 382 62.98 -20.84 -11.29
C PHE A 382 63.09 -20.02 -10.01
N ASP A 383 62.04 -19.30 -9.64
CA ASP A 383 62.09 -18.51 -8.42
C ASP A 383 62.30 -19.42 -7.21
N PRO A 384 63.20 -19.06 -6.29
CA PRO A 384 63.45 -19.96 -5.15
C PRO A 384 62.26 -20.10 -4.22
N GLU A 385 61.59 -18.99 -3.88
CA GLU A 385 60.51 -19.06 -2.92
C GLU A 385 59.41 -20.02 -3.39
N PHE A 386 58.98 -19.88 -4.64
CA PHE A 386 57.84 -20.66 -5.12
C PHE A 386 58.21 -22.12 -5.34
N GLU A 387 59.44 -22.38 -5.82
CA GLU A 387 59.94 -23.74 -6.03
C GLU A 387 59.52 -24.72 -4.95
N LYS A 388 59.54 -24.32 -3.68
CA LYS A 388 59.30 -25.27 -2.61
C LYS A 388 57.84 -25.68 -2.53
N ILE A 389 56.92 -24.72 -2.64
CA ILE A 389 55.52 -25.10 -2.74
C ILE A 389 55.29 -25.91 -4.01
N SER A 390 55.91 -25.50 -5.13
CA SER A 390 55.72 -26.19 -6.39
C SER A 390 56.20 -27.63 -6.32
N ARG A 391 57.25 -27.91 -5.55
CA ARG A 391 57.69 -29.30 -5.46
C ARG A 391 56.89 -30.07 -4.41
N ARG A 392 56.55 -29.42 -3.29
CA ARG A 392 55.52 -29.94 -2.41
C ARG A 392 54.39 -30.55 -3.24
N PHE A 393 53.89 -29.78 -4.20
CA PHE A 393 52.76 -30.24 -5.00
C PHE A 393 53.20 -31.21 -6.09
N LEU A 394 54.43 -31.08 -6.60
CA LEU A 394 54.94 -32.00 -7.63
C LEU A 394 54.92 -33.43 -7.12
N ASN A 395 55.35 -33.64 -5.88
CA ASN A 395 55.41 -34.96 -5.30
C ASN A 395 54.16 -35.33 -4.49
N ASP A 396 53.12 -34.52 -4.59
CA ASP A 396 51.87 -34.73 -3.89
C ASP A 396 50.75 -34.04 -4.65
N PRO A 397 50.16 -34.70 -5.65
CA PRO A 397 49.06 -34.08 -6.40
C PRO A 397 47.74 -34.04 -5.65
N GLN A 398 47.54 -34.88 -4.64
CA GLN A 398 46.32 -34.76 -3.84
C GLN A 398 46.37 -33.51 -2.98
N ALA A 399 47.53 -33.20 -2.42
CA ALA A 399 47.72 -31.89 -1.82
C ALA A 399 47.44 -30.79 -2.84
N PHE A 400 47.88 -31.00 -4.08
CA PHE A 400 47.61 -30.01 -5.11
C PHE A 400 46.11 -29.80 -5.26
N ASN A 401 45.35 -30.89 -5.35
CA ASN A 401 43.91 -30.77 -5.55
C ASN A 401 43.25 -30.08 -4.35
N GLU A 402 43.63 -30.48 -3.14
CA GLU A 402 43.15 -29.85 -1.92
C GLU A 402 43.34 -28.34 -1.98
N ALA A 403 44.59 -27.91 -2.18
CA ALA A 403 44.91 -26.49 -2.11
C ALA A 403 44.25 -25.71 -3.24
N PHE A 404 44.32 -26.22 -4.47
CA PHE A 404 43.69 -25.51 -5.58
C PHE A 404 42.20 -25.33 -5.33
N ALA A 405 41.53 -26.36 -4.81
CA ALA A 405 40.08 -26.27 -4.66
C ALA A 405 39.70 -25.28 -3.55
N ARG A 406 40.45 -25.29 -2.45
CA ARG A 406 40.22 -24.31 -1.39
C ARG A 406 40.39 -22.90 -1.95
N ALA A 407 41.50 -22.67 -2.64
CA ALA A 407 41.80 -21.35 -3.18
C ALA A 407 40.76 -20.92 -4.22
N TRP A 408 40.27 -21.87 -5.02
CA TRP A 408 39.29 -21.53 -6.06
C TRP A 408 37.93 -21.14 -5.44
N PHE A 409 37.44 -21.93 -4.48
CA PHE A 409 36.25 -21.51 -3.74
C PHE A 409 36.44 -20.11 -3.15
N LYS A 410 37.59 -19.88 -2.52
CA LYS A 410 37.86 -18.56 -1.96
C LYS A 410 37.73 -17.49 -3.03
N LEU A 411 38.56 -17.60 -4.07
CA LEU A 411 38.62 -16.61 -5.14
C LEU A 411 37.24 -16.28 -5.68
N THR A 412 36.33 -17.25 -5.74
CA THR A 412 35.03 -16.94 -6.31
C THR A 412 33.97 -16.58 -5.27
N HIS A 413 34.28 -16.60 -3.96
CA HIS A 413 33.27 -16.24 -2.95
C HIS A 413 33.78 -15.20 -1.95
N ARG A 414 34.83 -14.47 -2.30
CA ARG A 414 35.47 -13.55 -1.35
C ARG A 414 34.73 -12.22 -1.22
N ASP A 415 33.94 -11.81 -2.20
CA ASP A 415 33.15 -10.59 -2.06
C ASP A 415 31.67 -10.89 -1.88
N MET A 416 31.36 -12.05 -1.31
CA MET A 416 29.99 -12.46 -1.05
C MET A 416 29.51 -12.19 0.37
N GLY A 417 30.41 -12.15 1.34
CA GLY A 417 30.05 -11.75 2.69
C GLY A 417 29.73 -12.90 3.62
N PRO A 418 28.89 -12.65 4.61
CA PRO A 418 28.68 -13.66 5.65
C PRO A 418 27.86 -14.84 5.16
N LYS A 419 28.15 -16.00 5.74
CA LYS A 419 27.52 -17.25 5.33
C LYS A 419 26.01 -17.15 5.24
N SER A 420 25.38 -16.23 5.96
CA SER A 420 23.94 -16.05 5.83
C SER A 420 23.53 -15.56 4.44
N ARG A 421 24.44 -15.04 3.63
CA ARG A 421 24.11 -14.65 2.26
C ARG A 421 24.18 -15.82 1.26
N TYR A 422 24.82 -16.92 1.62
CA TYR A 422 24.91 -18.06 0.70
C TYR A 422 23.55 -18.76 0.61
N ILE A 423 23.20 -19.20 -0.60
CA ILE A 423 22.01 -20.03 -0.82
C ILE A 423 22.37 -21.17 -1.75
N GLY A 424 21.57 -22.24 -1.70
CA GLY A 424 21.71 -23.36 -2.61
C GLY A 424 22.18 -24.63 -1.93
N PRO A 425 22.27 -25.72 -2.69
CA PRO A 425 22.54 -27.05 -2.09
C PRO A 425 24.00 -27.49 -2.07
N GLU A 426 24.96 -26.64 -2.41
CA GLU A 426 26.39 -27.00 -2.37
C GLU A 426 27.20 -26.09 -1.45
N VAL A 427 26.57 -25.34 -0.54
CA VAL A 427 27.31 -24.42 0.33
C VAL A 427 28.19 -25.23 1.28
N PRO A 428 29.51 -25.10 1.23
CA PRO A 428 30.35 -25.87 2.16
C PRO A 428 29.95 -25.65 3.61
N LYS A 429 30.26 -26.64 4.44
CA LYS A 429 29.91 -26.59 5.85
C LYS A 429 31.02 -26.05 6.73
N GLU A 430 32.26 -26.12 6.28
CA GLU A 430 33.38 -25.57 7.04
C GLU A 430 33.37 -24.06 6.97
N ASP A 431 33.36 -23.42 8.13
CA ASP A 431 33.60 -21.98 8.21
C ASP A 431 35.06 -21.69 7.96
N LEU A 432 35.32 -20.64 7.21
CA LEU A 432 36.67 -20.20 6.92
C LEU A 432 36.89 -18.80 7.50
N ILE A 433 38.15 -18.38 7.58
CA ILE A 433 38.49 -17.15 8.30
C ILE A 433 38.17 -15.92 7.47
N TRP A 434 38.38 -15.98 6.15
CA TRP A 434 38.06 -14.87 5.26
C TRP A 434 36.57 -14.72 5.05
N GLN A 435 35.75 -15.55 5.69
CA GLN A 435 34.32 -15.34 5.68
C GLN A 435 33.85 -14.43 6.81
N ASP A 436 34.74 -14.11 7.76
CA ASP A 436 34.45 -13.35 8.97
C ASP A 436 33.38 -14.05 9.79
N PRO A 437 33.62 -15.27 10.24
CA PRO A 437 32.53 -16.11 10.76
C PRO A 437 31.97 -15.66 12.09
N LEU A 438 30.73 -16.04 12.32
CA LEU A 438 29.99 -15.72 13.50
C LEU A 438 29.45 -16.99 14.12
N PRO A 439 29.40 -17.07 15.44
CA PRO A 439 28.88 -18.27 16.09
C PRO A 439 27.37 -18.27 16.21
N GLN A 440 26.84 -19.46 16.47
CA GLN A 440 25.44 -19.63 16.79
C GLN A 440 25.09 -18.89 18.07
N PRO A 441 23.89 -18.35 18.19
CA PRO A 441 23.54 -17.54 19.36
C PRO A 441 23.23 -18.35 20.61
N ILE A 442 23.60 -17.77 21.74
CA ILE A 442 23.29 -18.34 23.05
C ILE A 442 22.41 -17.38 23.83
N TYR A 443 21.49 -16.70 23.13
CA TYR A 443 20.60 -15.75 23.77
C TYR A 443 19.36 -15.59 22.92
N ASN A 444 18.23 -15.35 23.58
CA ASN A 444 16.95 -15.14 22.91
C ASN A 444 16.15 -14.13 23.71
N PRO A 445 16.56 -12.85 23.68
CA PRO A 445 15.96 -11.87 24.59
C PRO A 445 14.48 -11.66 24.31
N THR A 446 13.71 -11.61 25.38
CA THR A 446 12.27 -11.37 25.32
C THR A 446 12.01 -9.86 25.30
N GLU A 447 10.75 -9.49 25.48
CA GLU A 447 10.36 -8.09 25.39
C GLU A 447 10.61 -7.37 26.70
N GLN A 448 10.32 -8.03 27.81
CA GLN A 448 10.65 -7.47 29.10
C GLN A 448 12.16 -7.34 29.25
N ASP A 449 12.91 -8.35 28.79
CA ASP A 449 14.37 -8.26 28.88
C ASP A 449 14.88 -7.00 28.20
N ILE A 450 14.28 -6.62 27.07
CA ILE A 450 14.77 -5.44 26.37
C ILE A 450 14.33 -4.15 27.05
N ILE A 451 13.08 -4.08 27.53
CA ILE A 451 12.69 -2.90 28.31
C ILE A 451 13.60 -2.76 29.52
N ASP A 452 14.02 -3.88 30.10
CA ASP A 452 14.86 -3.91 31.29
C ASP A 452 16.25 -3.38 30.98
N LEU A 453 16.83 -3.87 29.89
CA LEU A 453 18.12 -3.37 29.44
C LEU A 453 18.04 -1.89 29.15
N LYS A 454 16.90 -1.41 28.65
CA LYS A 454 16.79 0.02 28.33
C LYS A 454 16.74 0.87 29.59
N PHE A 455 15.96 0.45 30.59
CA PHE A 455 16.02 1.11 31.90
C PHE A 455 17.45 1.11 32.45
N ALA A 456 18.17 0.01 32.30
CA ALA A 456 19.50 -0.12 32.88
C ALA A 456 20.49 0.82 32.21
N ILE A 457 20.55 0.79 30.88
CA ILE A 457 21.46 1.67 30.15
C ILE A 457 21.11 3.13 30.42
N ALA A 458 19.80 3.44 30.43
CA ALA A 458 19.37 4.80 30.73
C ALA A 458 19.88 5.24 32.08
N ASP A 459 19.91 4.33 33.05
CA ASP A 459 20.28 4.65 34.41
C ASP A 459 21.76 4.48 34.69
N SER A 460 22.57 4.23 33.66
CA SER A 460 23.98 3.94 33.87
C SER A 460 24.83 5.18 34.10
N GLY A 461 24.47 6.31 33.49
CA GLY A 461 25.28 7.51 33.57
C GLY A 461 26.05 7.86 32.33
N LEU A 462 25.88 7.13 31.24
CA LEU A 462 26.44 7.56 29.97
C LEU A 462 25.60 8.69 29.41
N SER A 463 26.25 9.65 28.74
CA SER A 463 25.54 10.77 28.14
C SER A 463 25.01 10.43 26.75
N VAL A 464 24.08 11.25 26.28
CA VAL A 464 23.55 11.07 24.92
C VAL A 464 24.69 10.96 23.93
N SER A 465 25.67 11.87 24.03
CA SER A 465 26.85 11.80 23.19
C SER A 465 27.53 10.43 23.24
N GLU A 466 27.86 9.94 24.43
CA GLU A 466 28.60 8.69 24.55
C GLU A 466 27.82 7.50 23.98
N LEU A 467 26.53 7.42 24.28
CA LEU A 467 25.72 6.30 23.81
C LEU A 467 25.67 6.28 22.28
N VAL A 468 25.35 7.43 21.69
CA VAL A 468 25.32 7.52 20.23
C VAL A 468 26.69 7.20 19.66
N SER A 469 27.75 7.58 20.37
CA SER A 469 29.10 7.37 19.86
C SER A 469 29.41 5.89 19.73
N VAL A 470 29.06 5.11 20.75
CA VAL A 470 29.39 3.68 20.72
C VAL A 470 28.55 2.96 19.67
N ALA A 471 27.27 3.30 19.56
CA ALA A 471 26.45 2.64 18.53
C ALA A 471 27.01 2.92 17.12
N TRP A 472 27.34 4.19 16.83
CA TRP A 472 27.86 4.52 15.51
C TRP A 472 29.21 3.87 15.26
N ALA A 473 30.12 3.95 16.25
CA ALA A 473 31.43 3.33 16.11
C ALA A 473 31.33 1.85 15.81
N SER A 474 30.29 1.19 16.30
CA SER A 474 30.20 -0.23 16.02
C SER A 474 29.57 -0.49 14.65
N ALA A 475 28.59 0.30 14.24
CA ALA A 475 27.90 -0.04 12.99
C ALA A 475 28.64 0.44 11.74
N SER A 476 29.39 1.54 11.81
CA SER A 476 29.83 2.23 10.61
C SER A 476 31.01 1.58 9.86
N THR A 477 31.41 0.36 10.20
CA THR A 477 32.49 -0.32 9.47
C THR A 477 31.99 -1.03 8.21
N PHE A 478 30.70 -1.04 7.93
CA PHE A 478 30.18 -1.80 6.81
C PHE A 478 30.58 -1.18 5.47
N ARG A 479 31.07 -2.01 4.55
CA ARG A 479 31.24 -1.64 3.15
C ARG A 479 30.19 -2.35 2.29
N GLY A 480 29.76 -1.68 1.22
CA GLY A 480 28.77 -2.26 0.34
C GLY A 480 29.34 -3.17 -0.73
N GLY A 481 30.56 -2.90 -1.19
CA GLY A 481 31.19 -3.70 -2.20
C GLY A 481 31.32 -5.18 -1.90
N ASP A 482 32.11 -5.55 -0.88
CA ASP A 482 32.31 -6.95 -0.54
C ASP A 482 31.51 -7.39 0.68
N LYS A 483 30.64 -6.53 1.21
CA LYS A 483 29.64 -6.83 2.23
C LYS A 483 30.23 -7.10 3.61
N ARG A 484 31.45 -6.63 3.88
CA ARG A 484 32.10 -6.84 5.16
C ARG A 484 31.84 -5.68 6.13
N GLY A 485 32.12 -5.93 7.42
CA GLY A 485 31.93 -4.96 8.48
C GLY A 485 30.57 -5.07 9.14
N GLY A 486 30.18 -3.97 9.80
CA GLY A 486 28.89 -3.88 10.48
C GLY A 486 28.96 -4.20 11.96
N ALA A 487 27.78 -4.16 12.59
CA ALA A 487 27.66 -4.22 14.04
C ALA A 487 27.54 -5.65 14.59
N ASN A 488 27.13 -6.61 13.78
CA ASN A 488 27.08 -8.01 14.21
C ASN A 488 28.47 -8.53 14.51
N GLY A 489 28.64 -9.12 15.70
CA GLY A 489 29.87 -9.76 16.12
C GLY A 489 30.55 -9.09 17.29
N ALA A 490 30.30 -7.79 17.49
CA ALA A 490 30.95 -6.98 18.53
C ALA A 490 32.48 -6.92 18.32
N ARG A 491 32.88 -6.67 17.08
CA ARG A 491 34.30 -6.48 16.79
C ARG A 491 34.82 -5.18 17.39
N LEU A 492 33.94 -4.25 17.75
CA LEU A 492 34.37 -3.06 18.47
C LEU A 492 35.08 -3.42 19.78
N ALA A 493 34.70 -4.56 20.36
CA ALA A 493 35.24 -4.98 21.64
C ALA A 493 36.54 -5.77 21.49
N LEU A 494 36.71 -6.48 20.39
CA LEU A 494 37.90 -7.29 20.18
C LEU A 494 38.96 -6.47 19.46
N MET A 495 40.12 -7.06 19.28
CA MET A 495 41.18 -6.42 18.52
C MET A 495 40.85 -6.46 17.03
N PRO A 496 41.37 -5.51 16.24
CA PRO A 496 42.11 -4.31 16.63
C PRO A 496 41.25 -3.05 16.80
N GLN A 497 39.93 -3.17 16.70
CA GLN A 497 39.07 -1.98 16.70
C GLN A 497 39.03 -1.29 18.06
N ARG A 498 39.19 -2.05 19.13
CA ARG A 498 39.27 -1.46 20.46
C ARG A 498 40.29 -0.33 20.52
N ASP A 499 41.36 -0.42 19.76
CA ASP A 499 42.50 0.47 19.93
C ASP A 499 42.71 1.40 18.74
N TRP A 500 41.71 1.52 17.87
CA TRP A 500 41.80 2.44 16.74
C TRP A 500 41.63 3.89 17.19
N ASP A 501 42.25 4.79 16.43
CA ASP A 501 42.29 6.21 16.78
C ASP A 501 40.89 6.80 16.92
N VAL A 502 40.05 6.62 15.90
CA VAL A 502 38.72 7.19 15.89
C VAL A 502 37.81 6.61 16.97
N ASN A 503 38.10 5.41 17.44
CA ASN A 503 37.27 4.74 18.42
C ASN A 503 37.62 5.13 19.84
N ALA A 504 38.71 5.88 20.04
CA ALA A 504 39.27 6.11 21.37
C ALA A 504 38.21 6.54 22.37
N ALA A 505 37.38 7.52 22.03
CA ALA A 505 36.40 8.03 22.99
C ALA A 505 35.26 7.03 23.19
N ALA A 506 34.70 6.54 22.09
CA ALA A 506 33.58 5.61 22.17
C ALA A 506 33.89 4.46 23.11
N VAL A 507 35.15 4.04 23.15
CA VAL A 507 35.57 2.90 23.96
C VAL A 507 35.29 3.15 25.45
N ARG A 508 35.30 4.40 25.89
CA ARG A 508 35.05 4.72 27.29
C ARG A 508 33.64 4.34 27.74
N ALA A 509 32.76 3.93 26.83
CA ALA A 509 31.43 3.46 27.20
C ALA A 509 31.31 1.95 27.14
N LEU A 510 32.39 1.25 26.84
CA LEU A 510 32.36 -0.21 26.70
C LEU A 510 32.31 -0.90 28.06
N PRO A 511 33.19 -0.54 29.02
CA PRO A 511 33.23 -1.28 30.28
C PRO A 511 31.94 -1.22 31.07
N VAL A 512 31.16 -0.16 30.94
CA VAL A 512 29.81 -0.12 31.53
C VAL A 512 28.92 -1.18 30.87
N LEU A 513 28.83 -1.16 29.54
CA LEU A 513 27.91 -2.06 28.85
C LEU A 513 28.27 -3.52 29.10
N GLU A 514 29.56 -3.83 29.02
CA GLU A 514 30.03 -5.17 29.37
C GLU A 514 29.50 -5.60 30.73
N LYS A 515 29.54 -4.68 31.70
CA LYS A 515 29.00 -4.99 33.02
C LYS A 515 27.49 -5.20 32.98
N ILE A 516 26.77 -4.32 32.27
CA ILE A 516 25.33 -4.52 32.12
C ILE A 516 25.04 -5.85 31.44
N GLN A 517 26.01 -6.37 30.71
CA GLN A 517 25.84 -7.64 30.01
C GLN A 517 26.20 -8.83 30.89
N LYS A 518 27.03 -8.63 31.91
CA LYS A 518 27.21 -9.69 32.89
C LYS A 518 26.00 -9.80 33.79
N GLU A 519 25.56 -8.68 34.36
CA GLU A 519 24.39 -8.69 35.24
C GLU A 519 23.19 -9.30 34.54
N SER A 520 22.80 -8.76 33.41
CA SER A 520 21.84 -9.42 32.54
C SER A 520 22.57 -10.45 31.68
N GLY A 521 22.14 -11.71 31.76
CA GLY A 521 22.61 -12.68 30.80
C GLY A 521 21.51 -13.05 29.83
N LYS A 522 20.92 -12.02 29.24
CA LYS A 522 19.73 -12.18 28.41
C LYS A 522 19.92 -11.73 26.96
N ALA A 523 20.96 -10.97 26.65
CA ALA A 523 21.23 -10.53 25.30
C ALA A 523 22.72 -10.63 25.06
N SER A 524 23.13 -10.44 23.82
CA SER A 524 24.56 -10.37 23.53
C SER A 524 25.02 -8.93 23.58
N LEU A 525 26.33 -8.77 23.66
CA LEU A 525 26.93 -7.45 23.71
C LEU A 525 26.78 -6.68 22.39
N ALA A 526 26.64 -7.37 21.25
CA ALA A 526 26.33 -6.66 20.02
C ALA A 526 24.92 -6.07 20.05
N ASP A 527 23.97 -6.81 20.58
CA ASP A 527 22.63 -6.29 20.74
C ASP A 527 22.58 -5.16 21.77
N ILE A 528 23.27 -5.33 22.90
CA ILE A 528 23.27 -4.27 23.90
C ILE A 528 23.97 -3.03 23.37
N ILE A 529 24.98 -3.20 22.50
CA ILE A 529 25.69 -2.06 21.94
C ILE A 529 24.80 -1.25 21.02
N VAL A 530 24.03 -1.91 20.16
CA VAL A 530 23.12 -1.18 19.29
C VAL A 530 21.95 -0.60 20.10
N LEU A 531 21.50 -1.31 21.13
CA LEU A 531 20.42 -0.80 21.98
C LEU A 531 20.82 0.50 22.69
N ALA A 532 22.09 0.61 23.10
CA ALA A 532 22.57 1.86 23.71
C ALA A 532 22.32 3.07 22.78
N GLY A 533 22.64 2.92 21.50
CA GLY A 533 22.33 3.99 20.56
C GLY A 533 20.85 4.26 20.44
N VAL A 534 20.03 3.22 20.50
CA VAL A 534 18.58 3.39 20.45
C VAL A 534 18.11 4.29 21.59
N VAL A 535 18.58 3.98 22.80
CA VAL A 535 18.21 4.79 23.96
C VAL A 535 18.68 6.22 23.78
N GLY A 536 19.92 6.42 23.31
CA GLY A 536 20.42 7.79 23.16
C GLY A 536 19.58 8.63 22.22
N VAL A 537 19.18 8.04 21.08
CA VAL A 537 18.41 8.78 20.10
C VAL A 537 17.01 9.07 20.61
N GLU A 538 16.38 8.09 21.27
CA GLU A 538 15.05 8.36 21.83
C GLU A 538 15.09 9.47 22.88
N LYS A 539 16.13 9.50 23.72
CA LYS A 539 16.24 10.56 24.70
C LYS A 539 16.36 11.92 24.01
N ALA A 540 17.23 12.01 23.01
CA ALA A 540 17.46 13.28 22.34
C ALA A 540 16.21 13.76 21.59
N ALA A 541 15.40 12.84 21.06
CA ALA A 541 14.16 13.28 20.42
C ALA A 541 13.18 13.82 21.44
N SER A 542 13.10 13.18 22.61
CA SER A 542 12.23 13.73 23.65
C SER A 542 12.70 15.11 24.11
N ALA A 543 14.01 15.37 24.16
CA ALA A 543 14.47 16.69 24.59
C ALA A 543 14.01 17.80 23.65
N ALA A 544 13.87 17.53 22.36
CA ALA A 544 13.48 18.53 21.37
C ALA A 544 11.97 18.63 21.20
N GLY A 545 11.20 18.08 22.14
CA GLY A 545 9.77 18.09 22.04
C GLY A 545 9.21 17.29 20.88
N LEU A 546 10.02 16.42 20.26
CA LEU A 546 9.62 15.66 19.08
C LEU A 546 9.87 14.17 19.35
N SER A 547 9.04 13.57 20.19
CA SER A 547 9.23 12.18 20.60
C SER A 547 8.87 11.19 19.49
N ILE A 548 9.70 10.15 19.35
CA ILE A 548 9.61 9.19 18.26
C ILE A 548 10.00 7.81 18.76
N HIS A 549 9.53 6.80 18.05
CA HIS A 549 9.93 5.42 18.28
C HIS A 549 11.13 5.08 17.43
N VAL A 550 12.18 4.54 18.05
CA VAL A 550 13.40 4.13 17.35
C VAL A 550 13.38 2.60 17.27
N PRO A 551 13.21 2.01 16.09
CA PRO A 551 13.11 0.54 16.02
C PRO A 551 14.40 -0.19 16.35
N PHE A 552 14.23 -1.36 16.95
CA PHE A 552 15.35 -2.21 17.34
C PHE A 552 15.09 -3.62 16.83
N ALA A 553 16.06 -4.18 16.11
CA ALA A 553 16.07 -5.58 15.68
C ALA A 553 17.06 -6.37 16.54
N PRO A 554 16.62 -7.23 17.44
CA PRO A 554 17.54 -8.03 18.25
C PRO A 554 18.10 -9.23 17.49
N GLY A 555 18.94 -9.98 18.18
CA GLY A 555 19.43 -11.24 17.69
C GLY A 555 20.84 -11.24 17.14
N ARG A 556 21.63 -10.23 17.46
CA ARG A 556 23.03 -10.28 17.09
C ARG A 556 23.78 -11.23 18.01
N VAL A 557 24.98 -11.60 17.58
CA VAL A 557 25.83 -12.51 18.35
C VAL A 557 27.20 -11.87 18.53
N ASP A 558 27.87 -12.24 19.62
CA ASP A 558 29.25 -11.83 19.86
C ASP A 558 30.21 -12.88 19.33
N ALA A 559 31.18 -12.44 18.55
CA ALA A 559 32.21 -13.29 18.02
C ALA A 559 33.40 -13.39 18.98
N ARG A 560 34.27 -14.34 18.68
CA ARG A 560 35.46 -14.60 19.47
C ARG A 560 36.69 -14.09 18.74
N GLN A 561 37.66 -13.58 19.50
CA GLN A 561 38.94 -13.16 18.92
C GLN A 561 39.51 -14.19 17.94
N ASP A 562 39.17 -15.47 18.12
CA ASP A 562 39.64 -16.51 17.22
C ASP A 562 38.98 -16.45 15.85
N GLN A 563 37.97 -15.61 15.68
CA GLN A 563 37.33 -15.44 14.40
C GLN A 563 37.55 -14.06 13.82
N THR A 564 38.34 -13.24 14.49
CA THR A 564 38.63 -11.88 14.06
C THR A 564 40.11 -11.83 13.71
N ASP A 565 40.42 -12.07 12.45
CA ASP A 565 41.79 -12.00 11.99
C ASP A 565 42.26 -10.55 11.92
N ILE A 566 43.16 -10.17 12.82
CA ILE A 566 43.54 -8.77 12.95
C ILE A 566 44.04 -8.21 11.62
N GLU A 567 44.75 -9.02 10.83
CA GLU A 567 45.30 -8.52 9.59
C GLU A 567 44.20 -8.14 8.60
N MET A 568 43.13 -8.91 8.54
CA MET A 568 42.07 -8.59 7.60
C MET A 568 41.02 -7.68 8.20
N PHE A 569 41.11 -7.34 9.47
CA PHE A 569 40.27 -6.30 10.02
C PHE A 569 40.99 -4.95 10.10
N GLU A 570 42.32 -4.95 10.00
CA GLU A 570 43.05 -3.70 9.90
C GLU A 570 42.83 -3.01 8.57
N LEU A 571 42.31 -3.72 7.57
CA LEU A 571 41.88 -3.10 6.33
C LEU A 571 40.60 -2.28 6.48
N LEU A 572 39.81 -2.56 7.52
CA LEU A 572 38.54 -1.88 7.75
C LEU A 572 38.68 -0.56 8.52
N GLU A 573 39.91 -0.08 8.74
CA GLU A 573 40.10 1.12 9.55
C GLU A 573 39.87 2.36 8.70
N PRO A 574 39.08 3.32 9.16
CA PRO A 574 38.78 4.48 8.31
C PRO A 574 39.99 5.39 8.20
N ILE A 575 40.28 5.81 6.97
CA ILE A 575 41.15 6.97 6.82
C ILE A 575 40.39 8.24 7.17
N ALA A 576 39.06 8.18 7.17
CA ALA A 576 38.25 9.36 7.47
C ALA A 576 36.83 8.89 7.71
N ASP A 577 36.17 9.50 8.69
CA ASP A 577 34.76 9.28 8.98
C ASP A 577 34.14 10.66 9.19
N GLY A 578 33.64 11.23 8.09
CA GLY A 578 33.05 12.57 8.15
C GLY A 578 31.94 12.71 9.15
N PHE A 579 31.20 11.64 9.42
CA PHE A 579 30.10 11.69 10.35
C PHE A 579 30.52 11.91 11.80
N ARG A 580 31.81 11.78 12.13
CA ARG A 580 32.29 12.08 13.48
C ARG A 580 33.52 12.97 13.45
N ASN A 581 33.81 13.61 12.31
CA ASN A 581 34.83 14.63 12.24
C ASN A 581 36.24 14.06 12.34
N TYR A 582 36.42 12.81 11.95
CA TYR A 582 37.74 12.22 11.94
C TYR A 582 38.25 12.15 10.51
N ARG A 583 39.40 12.74 10.29
CA ARG A 583 40.23 12.50 9.13
C ARG A 583 41.57 12.00 9.65
N ALA A 584 42.31 11.28 8.82
CA ALA A 584 43.58 10.70 9.23
C ALA A 584 44.75 11.44 8.60
N ARG A 585 44.93 11.35 7.28
CA ARG A 585 46.07 11.94 6.59
C ARG A 585 45.61 13.03 5.63
N LEU A 586 46.56 13.86 5.22
CA LEU A 586 46.27 15.07 4.44
C LEU A 586 46.96 15.05 3.09
N ASP A 587 47.09 13.88 2.46
CA ASP A 587 47.62 13.77 1.11
C ASP A 587 46.88 12.74 0.27
N VAL A 588 45.70 12.30 0.71
CA VAL A 588 44.99 11.25 -0.02
C VAL A 588 43.92 11.85 -0.93
N SER A 589 42.93 12.51 -0.36
CA SER A 589 41.86 13.15 -1.14
C SER A 589 41.35 14.36 -0.36
N THR A 590 40.25 14.94 -0.81
CA THR A 590 39.61 15.99 -0.07
C THR A 590 38.68 15.41 0.97
N THR A 591 38.51 16.14 2.07
CA THR A 591 37.64 15.72 3.16
C THR A 591 36.21 15.45 2.69
N GLU A 592 35.71 16.26 1.75
CA GLU A 592 34.32 16.12 1.28
C GLU A 592 34.15 14.99 0.28
N SER A 593 35.17 14.72 -0.54
CA SER A 593 35.09 13.54 -1.40
C SER A 593 35.23 12.27 -0.57
N LEU A 594 36.09 12.28 0.45
CA LEU A 594 36.13 11.17 1.42
C LEU A 594 34.76 10.99 2.08
N LEU A 595 34.06 12.08 2.39
CA LEU A 595 32.71 11.97 2.92
C LEU A 595 31.79 11.27 1.94
N ILE A 596 31.79 11.70 0.68
CA ILE A 596 30.97 11.01 -0.33
C ILE A 596 31.31 9.52 -0.36
N ASP A 597 32.60 9.22 -0.39
CA ASP A 597 33.06 7.84 -0.50
C ASP A 597 32.58 6.99 0.67
N LYS A 598 32.67 7.51 1.89
CA LYS A 598 32.11 6.82 3.04
C LYS A 598 30.61 6.59 2.88
N ALA A 599 29.88 7.60 2.41
CA ALA A 599 28.43 7.47 2.32
C ALA A 599 28.05 6.43 1.27
N GLN A 600 28.80 6.38 0.17
CA GLN A 600 28.54 5.38 -0.87
C GLN A 600 28.75 3.99 -0.31
N GLN A 601 29.88 3.77 0.38
CA GLN A 601 30.14 2.48 1.01
C GLN A 601 29.00 2.04 1.92
N LEU A 602 28.26 3.00 2.46
CA LEU A 602 27.09 2.72 3.27
C LEU A 602 25.80 2.64 2.46
N THR A 603 25.86 2.83 1.14
CA THR A 603 24.69 2.74 0.25
C THR A 603 23.62 3.78 0.60
N LEU A 604 24.04 4.98 0.96
CA LEU A 604 23.11 6.03 1.34
C LEU A 604 22.73 6.91 0.14
N THR A 605 21.66 7.69 0.30
CA THR A 605 21.32 8.74 -0.65
C THR A 605 21.82 10.08 -0.11
N ALA A 606 21.89 11.08 -0.98
CA ALA A 606 22.36 12.39 -0.55
C ALA A 606 21.50 12.97 0.58
N PRO A 607 20.17 12.95 0.51
CA PRO A 607 19.38 13.32 1.68
C PRO A 607 19.75 12.54 2.94
N GLU A 608 19.90 11.22 2.84
CA GLU A 608 20.27 10.41 4.00
C GLU A 608 21.55 10.92 4.65
N MET A 609 22.58 11.16 3.82
CA MET A 609 23.88 11.64 4.29
C MET A 609 23.77 13.01 4.96
N THR A 610 22.97 13.90 4.38
CA THR A 610 22.77 15.24 4.92
C THR A 610 22.12 15.19 6.30
N ALA A 611 20.97 14.50 6.39
CA ALA A 611 20.25 14.37 7.66
C ALA A 611 21.14 13.77 8.75
N LEU A 612 21.95 12.76 8.40
CA LEU A 612 22.78 12.12 9.43
C LEU A 612 23.92 13.03 9.88
N VAL A 613 24.60 13.71 8.96
CA VAL A 613 25.64 14.64 9.38
C VAL A 613 25.09 15.63 10.40
N GLY A 614 23.98 16.30 10.04
CA GLY A 614 23.41 17.29 10.93
C GLY A 614 23.03 16.72 12.29
N GLY A 615 22.34 15.57 12.28
CA GLY A 615 21.96 14.97 13.55
C GLY A 615 23.16 14.65 14.41
N MET A 616 24.16 13.99 13.84
CA MET A 616 25.35 13.61 14.59
C MET A 616 26.09 14.84 15.10
N ARG A 617 25.91 15.97 14.44
CA ARG A 617 26.52 17.20 14.93
C ARG A 617 25.81 17.71 16.18
N VAL A 618 24.47 17.73 16.21
CA VAL A 618 23.84 18.29 17.40
C VAL A 618 23.96 17.34 18.58
N LEU A 619 23.86 16.03 18.34
CA LEU A 619 24.05 15.07 19.42
C LEU A 619 25.47 15.09 19.97
N GLY A 620 26.38 15.78 19.30
CA GLY A 620 27.73 15.93 19.80
C GLY A 620 28.57 14.70 19.61
N ALA A 621 28.35 13.97 18.51
CA ALA A 621 29.00 12.70 18.24
C ALA A 621 30.38 12.87 17.61
N ASN A 622 31.05 13.96 17.91
CA ASN A 622 32.40 14.15 17.43
C ASN A 622 33.31 13.13 18.10
N PHE A 623 34.16 12.47 17.33
CA PHE A 623 35.29 11.81 17.95
C PHE A 623 36.10 12.87 18.68
N ASP A 624 36.74 12.49 19.78
CA ASP A 624 37.45 13.48 20.57
C ASP A 624 36.50 14.53 21.14
N GLY A 625 35.21 14.40 20.85
CA GLY A 625 34.22 15.34 21.32
C GLY A 625 34.58 16.80 21.21
N SER A 626 35.17 17.21 20.09
CA SER A 626 35.43 18.64 19.90
C SER A 626 34.13 19.35 19.55
N LYS A 627 34.19 20.66 19.39
CA LYS A 627 33.03 21.47 19.04
C LYS A 627 33.13 22.02 17.63
N ASN A 628 33.72 21.26 16.73
CA ASN A 628 33.68 21.60 15.32
C ASN A 628 32.29 21.28 14.78
N GLY A 629 31.58 22.30 14.32
CA GLY A 629 30.30 22.10 13.69
C GLY A 629 29.16 21.83 14.64
N VAL A 630 29.31 22.15 15.92
CA VAL A 630 28.23 21.97 16.89
C VAL A 630 27.51 23.31 16.95
N PHE A 631 26.51 23.46 16.10
CA PHE A 631 25.86 24.73 15.87
C PHE A 631 24.56 24.79 16.66
N THR A 632 24.72 24.98 17.97
CA THR A 632 23.60 24.92 18.88
C THR A 632 24.11 25.19 20.28
N ASP A 633 23.17 25.30 21.21
CA ASP A 633 23.47 25.41 22.62
C ASP A 633 22.94 24.23 23.43
N ARG A 634 22.04 23.44 22.87
CA ARG A 634 21.52 22.25 23.53
C ARG A 634 22.16 21.04 22.86
N VAL A 635 23.37 20.71 23.29
CA VAL A 635 24.07 19.53 22.78
C VAL A 635 23.50 18.29 23.45
N GLY A 636 22.97 17.38 22.64
CA GLY A 636 22.25 16.21 23.12
C GLY A 636 20.77 16.22 22.80
N VAL A 637 20.23 17.31 22.24
CA VAL A 637 18.84 17.34 21.77
C VAL A 637 18.88 17.36 20.25
N LEU A 638 17.89 16.70 19.63
CA LEU A 638 17.90 16.44 18.20
C LEU A 638 17.01 17.48 17.52
N SER A 639 17.61 18.58 17.13
CA SER A 639 16.92 19.67 16.46
C SER A 639 17.53 19.89 15.08
N ASN A 640 16.97 20.83 14.34
CA ASN A 640 17.54 21.23 13.06
C ASN A 640 18.50 22.41 13.20
N ASP A 641 18.99 22.67 14.42
CA ASP A 641 19.88 23.81 14.69
C ASP A 641 21.08 23.86 13.77
N PHE A 642 21.57 22.70 13.30
CA PHE A 642 22.76 22.69 12.47
C PHE A 642 22.51 23.40 11.15
N PHE A 643 21.41 23.07 10.47
CA PHE A 643 21.13 23.66 9.17
C PHE A 643 20.72 25.13 9.30
N VAL A 644 19.94 25.45 10.34
CA VAL A 644 19.53 26.84 10.59
C VAL A 644 20.74 27.74 10.79
N ASN A 645 21.67 27.33 11.67
CA ASN A 645 22.83 28.18 11.91
C ASN A 645 23.80 28.16 10.74
N LEU A 646 23.92 27.02 10.06
CA LEU A 646 24.82 26.92 8.92
C LEU A 646 24.42 27.89 7.81
N LEU A 647 23.11 28.08 7.58
CA LEU A 647 22.68 28.83 6.41
C LEU A 647 22.42 30.30 6.69
N ASP A 648 22.27 30.67 7.96
CA ASP A 648 21.89 32.03 8.31
C ASP A 648 23.05 32.98 8.08
N MET A 649 22.83 34.00 7.22
CA MET A 649 23.83 34.95 6.73
C MET A 649 24.40 35.86 7.81
N ARG A 650 24.10 35.53 9.07
CA ARG A 650 24.60 36.30 10.20
C ARG A 650 26.11 36.15 10.35
N TYR A 651 26.62 34.93 10.18
CA TYR A 651 28.02 34.64 10.45
C TYR A 651 28.80 34.56 9.15
N GLU A 652 29.99 35.11 9.16
CA GLU A 652 30.93 34.88 8.09
C GLU A 652 32.05 33.97 8.57
N TRP A 653 32.51 33.15 7.65
CA TRP A 653 33.42 32.05 7.94
C TRP A 653 34.77 32.39 7.33
N LYS A 654 35.81 32.26 8.14
CA LYS A 654 37.19 32.49 7.72
C LYS A 654 38.03 31.25 8.01
N ALA A 655 38.99 30.97 7.14
CA ALA A 655 39.89 29.84 7.33
C ALA A 655 41.05 30.25 8.23
N THR A 656 41.44 29.35 9.13
CA THR A 656 42.40 29.71 10.16
C THR A 656 43.84 29.65 9.65
N ASP A 657 44.13 28.80 8.66
CA ASP A 657 45.51 28.70 8.19
C ASP A 657 45.54 28.04 6.81
N GLU A 658 46.75 27.80 6.31
CA GLU A 658 46.91 27.30 4.95
C GLU A 658 46.41 25.87 4.81
N SER A 659 46.48 25.10 5.89
CA SER A 659 45.91 23.75 5.90
C SER A 659 44.42 23.88 6.15
N LYS A 660 43.71 24.42 5.15
CA LYS A 660 42.36 24.95 5.30
C LYS A 660 41.34 23.85 5.58
N GLU A 661 41.42 23.30 6.78
CA GLU A 661 40.44 22.33 7.24
C GLU A 661 39.76 22.79 8.52
N LEU A 662 40.11 23.99 9.00
CA LEU A 662 39.47 24.60 10.15
C LEU A 662 39.09 26.04 9.82
N PHE A 663 37.85 26.41 10.15
CA PHE A 663 37.37 27.76 9.93
C PHE A 663 36.62 28.23 11.17
N GLU A 664 36.70 29.53 11.40
CA GLU A 664 35.97 30.21 12.46
C GLU A 664 34.77 30.94 11.88
N GLY A 665 33.64 30.85 12.58
CA GLY A 665 32.50 31.67 12.30
C GLY A 665 32.49 32.84 13.27
N ARG A 666 32.47 34.05 12.73
CA ARG A 666 32.25 35.23 13.55
C ARG A 666 30.99 35.92 13.07
N ASP A 667 30.47 36.81 13.90
CA ASP A 667 29.25 37.53 13.56
C ASP A 667 29.61 38.70 12.66
N ARG A 668 28.98 38.77 11.50
CA ARG A 668 29.29 39.82 10.54
C ARG A 668 28.96 41.22 11.06
N GLU A 669 28.50 41.35 12.31
CA GLU A 669 28.11 42.63 12.89
C GLU A 669 28.95 43.00 14.09
N THR A 670 29.09 42.09 15.06
CA THR A 670 29.97 42.30 16.21
C THR A 670 31.39 41.81 15.95
N GLY A 671 31.55 40.77 15.14
CA GLY A 671 32.87 40.24 14.83
C GLY A 671 33.30 39.10 15.70
N GLU A 672 32.58 38.78 16.77
CA GLU A 672 33.00 37.77 17.73
C GLU A 672 32.87 36.38 17.16
N VAL A 673 33.66 35.45 17.69
CA VAL A 673 33.75 34.09 17.18
C VAL A 673 32.86 33.17 18.00
N LYS A 674 31.89 32.57 17.35
CA LYS A 674 30.84 31.79 17.98
C LYS A 674 30.83 30.32 17.56
N PHE A 675 31.47 29.95 16.46
CA PHE A 675 31.45 28.55 15.99
C PHE A 675 32.76 28.24 15.29
N THR A 676 33.08 26.97 15.19
CA THR A 676 34.19 26.46 14.39
C THR A 676 33.67 25.31 13.55
N ALA A 677 34.38 25.04 12.46
CA ALA A 677 33.92 23.98 11.56
C ALA A 677 35.07 23.50 10.71
N SER A 678 34.86 22.35 10.07
CA SER A 678 35.78 21.78 9.11
C SER A 678 35.12 21.68 7.73
N ARG A 679 35.94 21.31 6.74
CA ARG A 679 35.44 21.15 5.38
C ARG A 679 34.27 20.19 5.30
N ALA A 680 34.12 19.29 6.27
CA ALA A 680 33.03 18.34 6.24
C ALA A 680 31.73 18.96 6.73
N ASP A 681 31.81 19.99 7.56
CA ASP A 681 30.62 20.74 7.95
C ASP A 681 30.19 21.73 6.88
N LEU A 682 31.13 22.21 6.06
CA LEU A 682 30.91 23.38 5.23
C LEU A 682 30.74 23.08 3.75
N VAL A 683 30.90 21.83 3.33
CA VAL A 683 30.48 21.49 1.98
C VAL A 683 28.97 21.65 1.83
N PHE A 684 28.21 21.45 2.91
CA PHE A 684 26.75 21.50 2.89
C PHE A 684 26.21 22.93 2.71
N GLY A 685 27.08 23.92 2.59
CA GLY A 685 26.66 25.23 2.16
C GLY A 685 27.46 25.74 0.99
N SER A 686 28.18 24.87 0.30
CA SER A 686 29.01 25.27 -0.83
C SER A 686 28.64 24.56 -2.13
N ASN A 687 28.40 23.25 -2.06
CA ASN A 687 27.89 22.47 -3.17
C ASN A 687 26.39 22.72 -3.30
N SER A 688 25.91 22.97 -4.51
CA SER A 688 24.52 23.41 -4.66
C SER A 688 23.53 22.27 -4.51
N VAL A 689 23.90 21.06 -4.92
CA VAL A 689 22.99 19.93 -4.74
C VAL A 689 22.81 19.64 -3.24
N LEU A 690 23.90 19.71 -2.46
CA LEU A 690 23.80 19.47 -1.02
C LEU A 690 23.05 20.61 -0.30
N ARG A 691 23.33 21.87 -0.66
CA ARG A 691 22.62 23.00 -0.05
C ARG A 691 21.12 22.93 -0.35
N ALA A 692 20.75 22.43 -1.52
CA ALA A 692 19.33 22.23 -1.82
C ALA A 692 18.63 21.31 -0.81
N VAL A 693 19.37 20.40 -0.15
CA VAL A 693 18.75 19.54 0.88
C VAL A 693 18.84 20.16 2.25
N ALA A 694 19.97 20.80 2.51
CA ALA A 694 20.11 21.62 3.71
C ALA A 694 18.90 22.56 3.88
N GLU A 695 18.55 23.30 2.82
CA GLU A 695 17.48 24.28 2.93
C GLU A 695 16.16 23.62 3.28
N VAL A 696 15.90 22.46 2.69
CA VAL A 696 14.71 21.69 3.05
C VAL A 696 14.68 21.48 4.56
N TYR A 697 15.79 21.00 5.12
CA TYR A 697 15.78 20.74 6.56
C TYR A 697 15.80 22.01 7.42
N ALA A 698 16.30 23.13 6.90
CA ALA A 698 16.36 24.37 7.66
C ALA A 698 15.09 25.19 7.60
N SER A 699 14.08 24.76 6.84
CA SER A 699 12.91 25.57 6.59
C SER A 699 11.90 25.37 7.71
N SER A 700 10.96 26.32 7.79
CA SER A 700 10.16 26.49 9.00
C SER A 700 9.26 25.31 9.31
N ASP A 701 8.90 24.50 8.32
CA ASP A 701 7.98 23.39 8.52
C ASP A 701 8.69 22.04 8.65
N ALA A 702 9.95 22.01 9.07
CA ALA A 702 10.73 20.77 8.95
C ALA A 702 11.41 20.36 10.25
N HIS A 703 10.68 20.38 11.37
CA HIS A 703 11.20 19.87 12.64
C HIS A 703 10.92 18.36 12.78
N GLU A 704 9.63 18.00 12.72
CA GLU A 704 9.26 16.59 12.75
C GLU A 704 9.87 15.85 11.57
N LYS A 705 9.96 16.54 10.43
CA LYS A 705 10.50 15.93 9.23
C LYS A 705 11.96 15.54 9.43
N PHE A 706 12.76 16.46 9.98
CA PHE A 706 14.16 16.14 10.21
C PHE A 706 14.27 14.97 11.18
N VAL A 707 13.44 14.95 12.23
CA VAL A 707 13.54 13.87 13.21
C VAL A 707 13.24 12.52 12.56
N LYS A 708 12.14 12.43 11.79
CA LYS A 708 11.80 11.17 11.14
C LYS A 708 12.85 10.74 10.12
N ASP A 709 13.36 11.67 9.31
CA ASP A 709 14.35 11.31 8.31
C ASP A 709 15.63 10.79 8.97
N PHE A 710 16.14 11.50 9.99
CA PHE A 710 17.32 11.03 10.71
C PHE A 710 17.09 9.67 11.36
N VAL A 711 15.91 9.44 11.94
CA VAL A 711 15.66 8.17 12.61
C VAL A 711 15.64 7.02 11.59
N ALA A 712 15.01 7.23 10.43
CA ALA A 712 15.00 6.18 9.41
C ALA A 712 16.40 5.88 8.89
N ALA A 713 17.20 6.92 8.61
CA ALA A 713 18.56 6.68 8.14
C ALA A 713 19.40 5.95 9.19
N TRP A 714 19.27 6.34 10.46
CA TRP A 714 19.97 5.68 11.56
C TRP A 714 19.66 4.19 11.58
N VAL A 715 18.36 3.85 11.57
CA VAL A 715 17.99 2.45 11.62
C VAL A 715 18.47 1.71 10.36
N LYS A 716 18.55 2.39 9.22
CA LYS A 716 19.07 1.73 8.03
C LYS A 716 20.55 1.38 8.20
N VAL A 717 21.31 2.26 8.86
CA VAL A 717 22.74 1.98 9.04
C VAL A 717 22.98 1.00 10.19
N MET A 718 22.01 0.84 11.10
CA MET A 718 22.09 -0.19 12.12
C MET A 718 21.92 -1.60 11.54
N ASN A 719 21.26 -1.74 10.40
CA ASN A 719 20.80 -3.04 9.92
C ASN A 719 21.45 -3.48 8.62
N LEU A 720 22.51 -2.80 8.17
CA LEU A 720 23.10 -3.09 6.86
C LEU A 720 23.65 -4.52 6.76
N ASP A 721 24.23 -5.05 7.84
CA ASP A 721 24.82 -6.39 7.85
C ASP A 721 23.86 -7.46 8.39
N ARG A 722 22.57 -7.18 8.46
CA ARG A 722 21.60 -8.15 8.97
C ARG A 722 21.06 -9.04 7.84
N PHE A 723 21.99 -9.67 7.14
CA PHE A 723 21.62 -10.63 6.10
C PHE A 723 21.00 -11.89 6.68
N ASP A 724 21.24 -12.13 7.98
CA ASP A 724 20.55 -13.16 8.73
C ASP A 724 19.07 -12.89 8.85
N LEU A 725 18.61 -11.70 8.49
CA LEU A 725 17.21 -11.34 8.65
C LEU A 725 16.51 -11.27 7.31
N PRO B 38 32.77 10.14 -25.87
CA PRO B 38 32.93 10.77 -27.18
C PRO B 38 31.81 10.40 -28.14
N ASN B 39 31.72 9.11 -28.48
CA ASN B 39 30.66 8.55 -29.31
C ASN B 39 29.93 7.53 -28.45
N GLN B 40 28.99 8.00 -27.64
CA GLN B 40 28.32 7.15 -26.68
C GLN B 40 26.84 7.51 -26.57
N LEU B 41 26.00 6.51 -26.70
CA LEU B 41 24.61 6.66 -26.35
C LEU B 41 24.50 7.22 -24.95
N ARG B 42 23.56 8.12 -24.73
CA ARG B 42 23.37 8.73 -23.42
C ARG B 42 22.14 8.18 -22.73
N VAL B 43 22.07 6.86 -22.66
CA VAL B 43 21.02 6.18 -21.90
C VAL B 43 20.89 6.78 -20.51
N ASP B 44 21.96 7.37 -19.99
CA ASP B 44 21.97 7.99 -18.67
C ASP B 44 21.23 9.32 -18.63
N LEU B 45 20.73 9.82 -19.76
CA LEU B 45 19.68 10.83 -19.69
C LEU B 45 18.46 10.26 -18.98
N LEU B 46 18.09 9.02 -19.31
CA LEU B 46 16.82 8.45 -18.88
C LEU B 46 16.76 8.15 -17.39
N ASN B 47 17.87 8.28 -16.66
CA ASN B 47 17.91 7.94 -15.24
C ASN B 47 17.64 9.13 -14.33
N GLN B 48 17.58 10.35 -14.85
CA GLN B 48 17.51 11.52 -14.00
C GLN B 48 16.13 11.67 -13.32
N HIS B 49 16.15 12.21 -12.09
CA HIS B 49 14.94 12.58 -11.34
C HIS B 49 14.24 11.35 -10.78
N SER B 50 14.98 10.54 -10.06
CA SER B 50 14.49 9.28 -9.52
C SER B 50 14.10 9.44 -8.06
N ASN B 51 13.65 8.34 -7.45
CA ASN B 51 13.38 8.36 -6.02
C ASN B 51 14.62 8.73 -5.20
N ARG B 52 15.81 8.34 -5.65
CA ARG B 52 17.00 8.46 -4.79
C ARG B 52 17.33 9.90 -4.43
N SER B 53 17.14 10.86 -5.34
CA SER B 53 17.59 12.23 -5.12
C SER B 53 16.50 13.18 -4.63
N ASN B 54 15.28 12.72 -4.42
CA ASN B 54 14.23 13.62 -3.96
C ASN B 54 14.28 13.71 -2.45
N PRO B 55 14.63 14.87 -1.88
CA PRO B 55 14.69 14.97 -0.42
C PRO B 55 13.33 14.97 0.22
N LEU B 56 12.28 15.17 -0.55
CA LEU B 56 10.91 15.08 -0.09
C LEU B 56 10.40 13.68 -0.40
N GLY B 57 9.16 13.41 -0.04
CA GLY B 57 8.61 12.12 -0.37
C GLY B 57 8.52 11.97 -1.88
N GLU B 58 8.02 10.82 -2.35
CA GLU B 58 7.46 10.72 -3.69
C GLU B 58 5.95 10.91 -3.67
N ASP B 59 5.43 11.47 -2.59
CA ASP B 59 4.02 11.80 -2.43
C ASP B 59 3.76 13.29 -2.38
N PHE B 60 4.80 14.12 -2.34
CA PHE B 60 4.63 15.54 -2.20
C PHE B 60 3.84 16.11 -3.37
N ASP B 61 2.70 16.70 -3.07
CA ASP B 61 1.83 17.31 -4.05
C ASP B 61 2.03 18.83 -3.94
N TYR B 62 2.75 19.42 -4.91
CA TYR B 62 2.99 20.86 -4.82
C TYR B 62 1.68 21.64 -4.78
N ARG B 63 0.73 21.30 -5.65
CA ARG B 63 -0.55 22.01 -5.69
C ARG B 63 -1.20 22.05 -4.31
N LYS B 64 -1.26 20.90 -3.64
CA LYS B 64 -1.90 20.85 -2.33
C LYS B 64 -1.13 21.65 -1.27
N GLU B 65 0.20 21.65 -1.33
CA GLU B 65 0.98 22.50 -0.43
C GLU B 65 0.67 23.98 -0.68
N PHE B 66 0.66 24.38 -1.95
CA PHE B 66 0.36 25.76 -2.32
C PHE B 66 -1.01 26.19 -1.83
N SER B 67 -1.93 25.28 -1.69
CA SER B 67 -3.24 25.65 -1.24
C SER B 67 -3.18 26.30 0.12
N LYS B 68 -2.13 25.99 0.84
CA LYS B 68 -1.98 26.51 2.18
C LYS B 68 -1.25 27.85 2.24
N LEU B 69 -0.69 28.30 1.13
CA LEU B 69 0.09 29.53 1.10
C LEU B 69 -0.76 30.76 1.40
N ASP B 70 -0.31 31.55 2.37
CA ASP B 70 -0.81 32.93 2.53
C ASP B 70 -0.17 33.75 1.42
N TYR B 71 -0.85 33.76 0.27
CA TYR B 71 -0.29 34.29 -0.96
C TYR B 71 -0.12 35.81 -0.87
N TYR B 72 -1.14 36.52 -0.40
CA TYR B 72 -1.02 37.98 -0.25
C TYR B 72 -0.13 38.38 0.91
N GLY B 73 -0.07 37.58 1.98
CA GLY B 73 0.90 37.84 3.03
C GLY B 73 2.33 37.62 2.57
N LEU B 74 2.55 36.64 1.70
CA LEU B 74 3.86 36.48 1.07
C LEU B 74 4.20 37.70 0.22
N LYS B 75 3.23 38.22 -0.52
CA LYS B 75 3.50 39.43 -1.31
C LYS B 75 3.83 40.62 -0.42
N LYS B 76 3.15 40.73 0.73
CA LYS B 76 3.49 41.74 1.74
C LYS B 76 4.94 41.60 2.22
N ASP B 77 5.36 40.38 2.55
CA ASP B 77 6.73 40.18 3.04
C ASP B 77 7.77 40.42 1.95
N LEU B 78 7.45 40.09 0.71
CA LEU B 78 8.34 40.41 -0.39
C LEU B 78 8.48 41.92 -0.60
N LYS B 79 7.38 42.66 -0.58
CA LYS B 79 7.52 44.10 -0.76
C LYS B 79 8.25 44.72 0.42
N ALA B 80 8.05 44.17 1.62
CA ALA B 80 8.90 44.52 2.74
C ALA B 80 10.38 44.33 2.38
N LEU B 81 10.73 43.14 1.89
CA LEU B 81 12.13 42.84 1.58
C LEU B 81 12.66 43.82 0.54
N LEU B 82 11.82 44.26 -0.39
CA LEU B 82 12.29 45.11 -1.48
C LEU B 82 13.16 46.26 -1.00
N THR B 83 13.05 46.66 0.27
CA THR B 83 13.74 47.83 0.78
C THR B 83 14.57 47.58 2.04
N GLU B 84 14.71 46.35 2.49
CA GLU B 84 15.51 46.01 3.67
C GLU B 84 16.94 45.72 3.23
N SER B 85 17.86 46.64 3.51
CA SER B 85 19.16 46.66 2.85
C SER B 85 20.21 45.96 3.71
N GLN B 86 20.72 44.83 3.20
CA GLN B 86 21.71 44.02 3.89
C GLN B 86 23.11 44.60 3.71
N PRO B 87 23.91 44.68 4.77
CA PRO B 87 25.21 45.36 4.65
C PRO B 87 26.19 44.69 3.69
N TRP B 88 26.11 43.39 3.44
CA TRP B 88 27.06 42.73 2.51
C TRP B 88 26.77 43.01 1.04
N TRP B 89 25.63 43.62 0.77
CA TRP B 89 25.24 44.01 -0.56
C TRP B 89 24.22 45.20 -0.41
N PRO B 90 24.70 46.42 -0.18
CA PRO B 90 23.75 47.53 -0.02
C PRO B 90 22.82 47.78 -1.26
N ALA B 91 21.57 48.15 -1.00
CA ALA B 91 20.60 48.41 -2.05
C ALA B 91 20.95 49.68 -2.82
N ASP B 92 20.80 49.63 -4.14
CA ASP B 92 20.87 50.84 -4.94
C ASP B 92 19.64 51.70 -4.66
N TRP B 93 19.85 53.01 -4.48
CA TRP B 93 18.79 53.93 -4.09
C TRP B 93 17.89 53.30 -3.04
N GLY B 94 18.44 52.47 -2.16
CA GLY B 94 17.68 51.76 -1.16
C GLY B 94 16.77 50.67 -1.69
N SER B 95 16.90 50.28 -2.95
CA SER B 95 15.91 49.45 -3.62
C SER B 95 16.59 48.32 -4.36
N TYR B 96 16.21 47.08 -4.03
CA TYR B 96 16.70 45.90 -4.72
C TYR B 96 15.86 45.56 -5.95
N ALA B 97 14.94 46.44 -6.37
CA ALA B 97 13.93 46.04 -7.37
C ALA B 97 14.58 45.75 -8.73
N GLY B 98 15.50 46.62 -9.10
CA GLY B 98 16.21 46.55 -10.35
C GLY B 98 16.96 45.25 -10.38
N LEU B 99 17.43 44.82 -9.21
CA LEU B 99 18.11 43.54 -9.02
C LEU B 99 17.19 42.31 -9.26
N PHE B 100 15.97 42.34 -8.71
CA PHE B 100 15.02 41.22 -8.89
C PHE B 100 14.43 41.06 -10.28
N ILE B 101 14.09 42.16 -10.91
CA ILE B 101 13.60 42.09 -12.28
C ILE B 101 14.64 41.42 -13.16
N ARG B 102 15.91 41.81 -13.01
CA ARG B 102 16.98 41.22 -13.79
C ARG B 102 17.07 39.71 -13.52
N MET B 103 16.92 39.30 -12.27
CA MET B 103 17.10 37.89 -11.99
C MET B 103 15.96 37.07 -12.59
N ALA B 104 14.72 37.56 -12.49
CA ALA B 104 13.61 36.87 -13.15
C ALA B 104 13.77 36.84 -14.68
N TRP B 105 14.19 37.94 -15.31
CA TRP B 105 14.42 37.94 -16.76
C TRP B 105 15.54 36.97 -17.18
N HIS B 106 16.62 36.88 -16.44
CA HIS B 106 17.65 35.92 -16.80
C HIS B 106 17.15 34.50 -16.64
N GLY B 107 16.44 34.22 -15.54
CA GLY B 107 15.75 32.95 -15.45
C GLY B 107 15.01 32.60 -16.72
N ALA B 108 14.01 33.42 -17.09
CA ALA B 108 13.16 33.05 -18.23
C ALA B 108 13.90 33.02 -19.55
N GLY B 109 15.02 33.69 -19.68
CA GLY B 109 15.55 33.94 -21.01
C GLY B 109 16.43 32.89 -21.64
N THR B 110 16.59 31.74 -21.02
CA THR B 110 17.30 30.63 -21.64
C THR B 110 16.38 29.73 -22.46
N TYR B 111 15.14 30.16 -22.71
CA TYR B 111 14.17 29.33 -23.42
C TYR B 111 14.56 29.13 -24.89
N ARG B 112 14.26 27.95 -25.43
CA ARG B 112 14.39 27.71 -26.86
C ARG B 112 13.08 27.16 -27.41
N SER B 113 12.69 27.67 -28.57
CA SER B 113 11.42 27.27 -29.17
C SER B 113 11.51 25.98 -29.95
N ILE B 114 12.72 25.54 -30.31
CA ILE B 114 12.87 24.43 -31.23
C ILE B 114 12.60 23.08 -30.57
N ASP B 115 12.71 22.99 -29.26
CA ASP B 115 12.50 21.73 -28.56
C ASP B 115 11.83 21.90 -27.21
N GLY B 116 11.82 23.09 -26.64
CA GLY B 116 11.18 23.34 -25.37
C GLY B 116 12.06 23.26 -24.15
N ARG B 117 13.38 23.35 -24.29
CA ARG B 117 14.28 23.25 -23.14
C ARG B 117 14.70 24.65 -22.66
N GLY B 118 15.18 24.71 -21.41
CA GLY B 118 15.49 26.00 -20.81
C GLY B 118 14.24 26.69 -20.27
N GLY B 119 14.37 27.98 -20.02
CA GLY B 119 13.28 28.76 -19.47
C GLY B 119 13.31 28.81 -17.96
N ALA B 120 12.20 29.28 -17.39
CA ALA B 120 12.13 29.49 -15.94
C ALA B 120 11.17 28.55 -15.25
N GLY B 121 10.77 27.47 -15.92
CA GLY B 121 9.71 26.64 -15.39
C GLY B 121 10.15 25.62 -14.37
N ARG B 122 11.46 25.39 -14.21
CA ARG B 122 11.99 24.37 -13.33
C ARG B 122 12.88 24.91 -12.21
N GLY B 123 13.03 26.23 -12.10
CA GLY B 123 13.84 26.81 -11.06
C GLY B 123 15.33 26.63 -11.25
N GLN B 124 15.76 26.16 -12.42
CA GLN B 124 17.11 25.66 -12.59
C GLN B 124 18.20 26.70 -12.33
N GLN B 125 17.89 27.99 -12.24
CA GLN B 125 18.94 28.98 -12.03
C GLN B 125 19.66 28.81 -10.69
N ARG B 126 19.13 27.99 -9.77
CA ARG B 126 19.84 27.76 -8.52
C ARG B 126 21.02 26.80 -8.68
N PHE B 127 20.93 25.82 -9.58
CA PHE B 127 21.97 24.81 -9.69
C PHE B 127 23.03 25.18 -10.72
N ALA B 128 24.18 24.54 -10.60
CA ALA B 128 25.15 24.42 -11.69
C ALA B 128 24.45 23.82 -12.89
N PRO B 129 24.90 24.11 -14.11
CA PRO B 129 25.95 25.06 -14.45
C PRO B 129 25.47 26.50 -14.45
N LEU B 130 24.15 26.69 -14.64
CA LEU B 130 23.63 28.03 -14.93
C LEU B 130 23.91 29.01 -13.82
N ASN B 131 24.00 28.53 -12.57
CA ASN B 131 24.26 29.43 -11.46
C ASN B 131 25.60 30.12 -11.57
N SER B 132 26.45 29.67 -12.49
CA SER B 132 27.84 30.13 -12.54
C SER B 132 28.22 30.70 -13.89
N TRP B 133 27.27 30.82 -14.81
CA TRP B 133 27.57 31.34 -16.13
C TRP B 133 27.94 32.82 -16.04
N PRO B 134 28.81 33.28 -16.93
CA PRO B 134 29.31 34.66 -16.83
C PRO B 134 28.20 35.68 -16.72
N ASP B 135 27.06 35.39 -17.34
CA ASP B 135 25.96 36.32 -17.45
C ASP B 135 25.15 36.50 -16.18
N ASN B 136 25.43 35.76 -15.11
CA ASN B 136 24.66 35.88 -13.89
C ASN B 136 25.51 36.35 -12.72
N VAL B 137 26.51 37.20 -12.97
CA VAL B 137 27.30 37.74 -11.88
C VAL B 137 26.45 38.68 -11.03
N SER B 138 26.34 38.37 -9.74
CA SER B 138 25.56 39.04 -8.69
C SER B 138 24.15 38.48 -8.55
N LEU B 139 23.73 37.55 -9.39
CA LEU B 139 22.43 36.93 -9.18
C LEU B 139 22.44 35.94 -8.03
N ASP B 140 23.62 35.51 -7.56
CA ASP B 140 23.69 34.73 -6.34
C ASP B 140 23.31 35.57 -5.12
N LYS B 141 23.65 36.86 -5.14
CA LYS B 141 23.16 37.76 -4.11
C LYS B 141 21.65 37.85 -4.13
N ALA B 142 21.06 37.98 -5.32
CA ALA B 142 19.61 38.09 -5.44
C ALA B 142 18.94 36.83 -4.90
N ARG B 143 19.53 35.67 -5.15
CA ARG B 143 18.97 34.43 -4.62
C ARG B 143 19.19 34.31 -3.12
N ARG B 144 20.32 34.79 -2.63
CA ARG B 144 20.63 34.74 -1.21
C ARG B 144 19.70 35.57 -0.36
N LEU B 145 19.37 36.76 -0.86
CA LEU B 145 18.48 37.70 -0.18
C LEU B 145 17.06 37.20 -0.06
N LEU B 146 16.73 36.09 -0.71
CA LEU B 146 15.37 35.56 -0.72
C LEU B 146 15.16 34.48 0.34
N TRP B 147 16.24 34.03 0.99
CA TRP B 147 16.25 32.83 1.80
C TRP B 147 15.43 32.99 3.07
N PRO B 148 15.40 34.15 3.74
CA PRO B 148 14.51 34.28 4.91
C PRO B 148 13.02 34.12 4.59
N ILE B 149 12.53 34.69 3.48
CA ILE B 149 11.13 34.47 3.09
C ILE B 149 10.90 32.99 2.76
N LYS B 150 11.77 32.43 1.92
CA LYS B 150 11.70 31.01 1.58
C LYS B 150 11.67 30.14 2.83
N GLN B 151 12.45 30.49 3.85
CA GLN B 151 12.58 29.68 5.04
C GLN B 151 11.33 29.78 5.90
N LYS B 152 10.84 31.01 6.12
CA LYS B 152 9.57 31.19 6.81
C LYS B 152 8.45 30.39 6.18
N TYR B 153 8.48 30.20 4.85
CA TYR B 153 7.32 29.61 4.20
C TYR B 153 7.47 28.15 3.81
N GLY B 154 8.69 27.64 3.69
CA GLY B 154 8.89 26.22 3.43
C GLY B 154 8.61 25.74 2.03
N GLN B 155 8.02 24.55 1.92
CA GLN B 155 7.66 24.01 0.61
C GLN B 155 6.32 24.55 0.11
N LYS B 156 5.64 25.42 0.88
CA LYS B 156 4.35 25.94 0.45
C LYS B 156 4.45 26.89 -0.74
N ILE B 157 5.62 27.46 -0.99
CA ILE B 157 5.98 28.09 -2.26
C ILE B 157 7.27 27.45 -2.69
N SER B 158 7.49 27.36 -4.01
CA SER B 158 8.72 26.80 -4.54
C SER B 158 9.66 27.89 -5.05
N TRP B 159 10.97 27.62 -4.96
CA TRP B 159 11.98 28.57 -5.45
C TRP B 159 11.64 29.06 -6.86
N ALA B 160 11.20 28.15 -7.73
CA ALA B 160 10.91 28.47 -9.13
C ALA B 160 9.70 29.40 -9.29
N ASP B 161 8.71 29.31 -8.40
CA ASP B 161 7.65 30.30 -8.37
C ASP B 161 8.08 31.59 -7.67
N LEU B 162 8.90 31.46 -6.61
CA LEU B 162 9.30 32.62 -5.81
C LEU B 162 10.09 33.61 -6.64
N PHE B 163 10.93 33.12 -7.55
CA PHE B 163 11.73 34.03 -8.36
C PHE B 163 10.86 34.94 -9.21
N ILE B 164 9.98 34.35 -10.01
CA ILE B 164 9.14 35.12 -10.91
C ILE B 164 8.25 36.07 -10.11
N LEU B 165 7.71 35.61 -8.98
CA LEU B 165 6.89 36.49 -8.16
C LEU B 165 7.71 37.65 -7.59
N ALA B 166 8.97 37.40 -7.21
CA ALA B 166 9.80 38.50 -6.71
C ALA B 166 9.93 39.58 -7.76
N GLY B 167 10.24 39.18 -9.00
CA GLY B 167 10.29 40.16 -10.09
C GLY B 167 8.96 40.89 -10.28
N ASN B 168 7.85 40.16 -10.19
CA ASN B 168 6.55 40.80 -10.37
C ASN B 168 6.35 41.88 -9.32
N VAL B 169 6.56 41.53 -8.05
CA VAL B 169 6.36 42.47 -6.94
C VAL B 169 7.25 43.69 -7.13
N ALA B 170 8.51 43.45 -7.50
CA ALA B 170 9.43 44.53 -7.85
C ALA B 170 8.82 45.49 -8.87
N LEU B 171 8.18 44.95 -9.92
CA LEU B 171 7.53 45.82 -10.91
C LEU B 171 6.34 46.55 -10.30
N GLU B 172 5.48 45.82 -9.60
CA GLU B 172 4.26 46.40 -9.05
C GLU B 172 4.55 47.48 -8.00
N ASN B 173 5.78 47.54 -7.47
CA ASN B 173 6.11 48.52 -6.44
C ASN B 173 6.73 49.79 -6.98
N SER B 174 6.99 49.87 -8.27
CA SER B 174 7.54 51.07 -8.88
C SER B 174 6.48 51.96 -9.50
N GLY B 175 5.22 51.53 -9.47
CA GLY B 175 4.14 52.20 -10.17
C GLY B 175 3.57 51.40 -11.34
N PHE B 176 4.29 50.41 -11.84
CA PHE B 176 3.84 49.63 -12.98
C PHE B 176 2.84 48.55 -12.57
N ARG B 177 1.92 48.24 -13.48
CA ARG B 177 0.89 47.25 -13.25
C ARG B 177 1.11 46.00 -14.11
N THR B 178 0.82 44.84 -13.55
CA THR B 178 1.14 43.56 -14.19
C THR B 178 -0.08 42.92 -14.82
N PHE B 179 0.16 42.13 -15.84
CA PHE B 179 -0.91 41.42 -16.55
C PHE B 179 -1.54 40.33 -15.69
N GLY B 180 -0.84 39.84 -14.68
CA GLY B 180 -1.28 38.64 -13.99
C GLY B 180 -0.14 37.67 -13.80
N PHE B 181 -0.30 36.74 -12.87
CA PHE B 181 0.73 35.79 -12.49
C PHE B 181 0.11 34.42 -12.25
N GLY B 182 0.80 33.38 -12.69
CA GLY B 182 0.38 32.03 -12.44
C GLY B 182 1.46 31.18 -11.80
N ALA B 183 1.20 30.68 -10.59
CA ALA B 183 2.09 29.76 -9.91
C ALA B 183 1.85 28.33 -10.37
N GLY B 184 2.80 27.47 -10.05
CA GLY B 184 2.68 26.06 -10.39
C GLY B 184 4.01 25.41 -10.71
N ARG B 185 5.05 26.21 -10.92
CA ARG B 185 6.38 25.67 -11.13
C ARG B 185 6.78 24.85 -9.92
N GLU B 186 6.77 23.54 -10.04
CA GLU B 186 7.21 22.68 -8.95
C GLU B 186 8.71 22.51 -9.05
N ASP B 187 9.36 22.44 -7.89
CA ASP B 187 10.82 22.43 -7.82
C ASP B 187 11.37 21.04 -8.12
N VAL B 188 12.61 21.01 -8.62
CA VAL B 188 13.33 19.77 -8.87
C VAL B 188 14.64 19.81 -8.09
N TRP B 189 15.41 18.73 -8.17
CA TRP B 189 16.54 18.52 -7.27
C TRP B 189 17.80 18.11 -7.98
N GLU B 190 17.77 17.93 -9.30
CA GLU B 190 18.95 17.66 -10.08
C GLU B 190 19.12 18.75 -11.14
N PRO B 191 20.34 19.03 -11.59
CA PRO B 191 20.55 19.86 -12.77
C PRO B 191 20.33 19.08 -14.06
N ASP B 192 19.45 19.59 -14.91
CA ASP B 192 19.09 18.89 -16.14
C ASP B 192 20.26 18.84 -17.10
N LEU B 193 20.74 17.64 -17.42
CA LEU B 193 21.78 17.46 -18.43
C LEU B 193 21.17 17.60 -19.82
N ASP B 194 21.07 18.86 -20.28
CA ASP B 194 20.78 19.13 -21.69
C ASP B 194 21.99 19.81 -22.32
N VAL B 195 21.86 20.14 -23.61
CA VAL B 195 22.92 20.76 -24.40
C VAL B 195 22.55 22.22 -24.62
N ASN B 196 23.48 23.12 -24.28
CA ASN B 196 23.28 24.54 -24.55
C ASN B 196 24.24 24.99 -25.63
N GLY B 223 26.93 30.49 -23.55
CA GLY B 223 27.45 31.40 -22.55
C GLY B 223 26.46 32.45 -22.09
N LEU B 224 26.11 33.39 -22.97
CA LEU B 224 25.26 34.52 -22.61
C LEU B 224 23.78 34.14 -22.74
N ILE B 225 22.93 35.11 -22.51
CA ILE B 225 21.49 34.91 -22.63
C ILE B 225 20.96 35.30 -23.98
N TYR B 226 21.31 36.46 -24.48
CA TYR B 226 20.84 36.81 -25.81
C TYR B 226 21.93 37.44 -26.66
N VAL B 227 22.52 38.57 -26.24
CA VAL B 227 23.56 39.27 -27.03
C VAL B 227 24.63 39.91 -26.20
N ASN B 228 25.81 40.26 -26.76
CA ASN B 228 26.84 41.08 -26.14
C ASN B 228 26.29 42.47 -25.91
N PRO B 229 26.32 43.01 -24.69
CA PRO B 229 25.75 44.34 -24.49
C PRO B 229 26.51 45.40 -25.25
N GLU B 230 27.73 45.09 -25.68
CA GLU B 230 28.69 46.04 -26.22
C GLU B 230 28.76 46.00 -27.73
N GLY B 231 27.65 45.73 -28.39
CA GLY B 231 27.66 45.52 -29.82
C GLY B 231 28.26 44.18 -30.15
N PRO B 232 27.99 43.66 -31.34
CA PRO B 232 28.59 42.38 -31.74
C PRO B 232 30.11 42.48 -31.77
N ASP B 233 30.75 41.38 -31.38
CA ASP B 233 32.21 41.29 -31.42
C ASP B 233 32.87 42.51 -30.78
N HIS B 234 32.21 43.09 -29.78
CA HIS B 234 32.73 44.22 -29.01
C HIS B 234 32.97 45.45 -29.87
N SER B 235 32.40 45.51 -31.06
CA SER B 235 32.51 46.68 -31.93
C SER B 235 31.33 47.59 -31.67
N GLY B 236 31.58 48.71 -31.00
CA GLY B 236 30.50 49.58 -30.57
C GLY B 236 29.78 50.27 -31.70
N GLU B 237 29.01 49.50 -32.47
CA GLU B 237 28.12 50.03 -33.48
C GLU B 237 26.72 49.49 -33.23
N PRO B 238 25.74 50.33 -32.87
CA PRO B 238 24.39 49.79 -32.66
C PRO B 238 23.84 49.08 -33.88
N LEU B 239 24.20 49.52 -35.09
CA LEU B 239 23.65 48.91 -36.30
C LEU B 239 23.78 47.40 -36.26
N SER B 240 25.02 46.90 -36.14
CA SER B 240 25.23 45.46 -36.21
C SER B 240 24.48 44.70 -35.13
N ALA B 241 24.16 45.35 -34.02
CA ALA B 241 23.46 44.67 -32.93
C ALA B 241 22.03 44.33 -33.30
N ALA B 242 21.49 44.93 -34.36
CA ALA B 242 20.08 44.71 -34.71
C ALA B 242 19.81 43.26 -35.07
N ALA B 243 20.58 42.71 -36.02
CA ALA B 243 20.36 41.34 -36.45
C ALA B 243 20.57 40.36 -35.31
N ALA B 244 21.56 40.63 -34.47
CA ALA B 244 21.76 39.79 -33.29
C ALA B 244 20.51 39.74 -32.44
N ILE B 245 19.98 40.92 -32.06
CA ILE B 245 18.78 40.94 -31.24
C ILE B 245 17.64 40.23 -31.95
N ARG B 246 17.48 40.51 -33.24
CA ARG B 246 16.36 39.94 -33.98
C ARG B 246 16.39 38.41 -33.91
N ALA B 247 17.52 37.82 -34.28
CA ALA B 247 17.64 36.37 -34.26
C ALA B 247 17.44 35.80 -32.86
N THR B 248 18.19 36.31 -31.88
CA THR B 248 18.15 35.71 -30.55
C THR B 248 16.76 35.78 -29.95
N PHE B 249 16.07 36.91 -30.10
CA PHE B 249 14.75 37.04 -29.50
C PHE B 249 13.72 36.25 -30.29
N GLY B 250 13.88 36.16 -31.62
CA GLY B 250 12.96 35.38 -32.40
C GLY B 250 13.00 33.90 -32.05
N ASN B 251 14.20 33.37 -31.81
CA ASN B 251 14.27 31.97 -31.48
C ASN B 251 13.67 31.67 -30.13
N MET B 252 13.39 32.73 -29.38
CA MET B 252 12.70 32.63 -28.11
C MET B 252 11.20 32.76 -28.34
N GLY B 253 10.76 33.09 -29.57
CA GLY B 253 9.37 33.24 -29.90
C GLY B 253 8.79 34.63 -29.76
N MET B 254 9.61 35.66 -29.83
CA MET B 254 9.16 37.04 -29.74
C MET B 254 9.29 37.73 -31.08
N ASN B 255 8.31 38.57 -31.43
CA ASN B 255 8.37 39.37 -32.64
C ASN B 255 9.03 40.71 -32.36
N ASP B 256 8.97 41.61 -33.34
CA ASP B 256 9.73 42.86 -33.30
C ASP B 256 9.22 43.78 -32.22
N GLU B 257 7.91 44.03 -32.22
CA GLU B 257 7.28 44.90 -31.23
C GLU B 257 7.52 44.39 -29.81
N GLU B 258 7.37 43.07 -29.59
CA GLU B 258 7.61 42.51 -28.26
C GLU B 258 9.05 42.75 -27.83
N THR B 259 9.98 42.65 -28.77
CA THR B 259 11.38 42.91 -28.44
C THR B 259 11.56 44.36 -28.00
N VAL B 260 10.97 45.29 -28.75
CA VAL B 260 11.05 46.71 -28.39
C VAL B 260 10.51 46.91 -26.98
N ALA B 261 9.29 46.42 -26.72
CA ALA B 261 8.68 46.63 -25.41
C ALA B 261 9.55 46.04 -24.30
N LEU B 262 10.05 44.81 -24.48
CA LEU B 262 10.83 44.18 -23.42
C LEU B 262 12.10 44.97 -23.14
N ILE B 263 12.88 45.26 -24.18
CA ILE B 263 14.16 45.93 -23.94
C ILE B 263 13.96 47.35 -23.42
N ALA B 264 12.86 48.02 -23.78
CA ALA B 264 12.64 49.37 -23.27
C ALA B 264 12.10 49.36 -21.84
N GLY B 265 11.29 48.36 -21.49
CA GLY B 265 10.76 48.26 -20.15
C GLY B 265 11.80 47.80 -19.15
N GLY B 266 12.38 46.63 -19.39
CA GLY B 266 13.48 46.17 -18.58
C GLY B 266 14.50 47.23 -18.22
N HIS B 267 14.67 48.24 -19.07
CA HIS B 267 15.65 49.31 -18.85
C HIS B 267 15.01 50.65 -18.49
N THR B 268 14.06 50.66 -17.58
CA THR B 268 13.57 51.93 -17.08
C THR B 268 13.95 51.96 -15.58
N LEU B 269 13.76 50.82 -14.91
CA LEU B 269 14.13 50.63 -13.51
C LEU B 269 15.63 50.25 -13.32
N GLY B 270 16.18 50.43 -12.12
CA GLY B 270 17.56 50.09 -11.75
C GLY B 270 18.84 50.72 -12.31
N LYS B 271 19.84 49.92 -12.72
CA LYS B 271 21.10 50.46 -13.22
C LYS B 271 22.09 49.32 -13.51
N THR B 272 23.30 49.66 -13.92
CA THR B 272 24.39 48.73 -14.15
C THR B 272 25.59 49.10 -13.27
N HIS B 273 26.39 48.10 -12.99
CA HIS B 273 27.46 48.24 -12.02
C HIS B 273 28.87 48.07 -12.48
N GLY B 274 29.75 49.08 -12.29
CA GLY B 274 31.14 48.94 -12.70
C GLY B 274 32.05 50.04 -12.24
N ALA B 275 32.31 50.10 -10.95
CA ALA B 275 33.17 51.12 -10.43
C ALA B 275 34.59 51.06 -10.90
N GLY B 276 35.17 49.88 -11.04
CA GLY B 276 36.59 49.78 -11.26
C GLY B 276 36.98 48.66 -12.20
N PRO B 277 38.27 48.36 -12.26
CA PRO B 277 38.75 47.28 -13.13
C PRO B 277 38.14 45.93 -12.77
N THR B 278 37.59 45.26 -13.78
CA THR B 278 36.95 43.96 -13.58
C THR B 278 37.91 42.96 -12.93
N SER B 279 39.21 43.06 -13.23
CA SER B 279 40.17 42.15 -12.64
C SER B 279 40.02 42.08 -11.12
N ASN B 280 39.35 43.04 -10.51
CA ASN B 280 39.09 42.99 -9.10
C ASN B 280 38.13 41.87 -8.71
N VAL B 281 37.48 41.24 -9.64
CA VAL B 281 36.38 40.33 -9.34
C VAL B 281 36.90 38.91 -9.29
N GLY B 282 36.38 38.15 -8.33
CA GLY B 282 36.87 36.83 -8.06
C GLY B 282 36.06 35.77 -8.78
N PRO B 283 36.23 34.52 -8.38
CA PRO B 283 35.72 33.40 -9.18
C PRO B 283 34.23 33.17 -9.03
N ASP B 284 33.64 32.58 -10.09
CA ASP B 284 32.22 32.29 -10.10
C ASP B 284 31.86 31.25 -9.04
N PRO B 285 30.58 31.18 -8.68
CA PRO B 285 30.16 30.34 -7.53
C PRO B 285 30.65 28.91 -7.53
N GLU B 286 30.79 28.26 -8.69
CA GLU B 286 31.25 26.89 -8.75
C GLU B 286 32.76 26.79 -8.91
N ALA B 287 33.51 27.67 -8.25
CA ALA B 287 34.95 27.68 -8.38
C ALA B 287 35.66 28.39 -7.24
N ALA B 288 34.94 28.87 -6.24
CA ALA B 288 35.48 29.71 -5.19
C ALA B 288 35.69 28.92 -3.90
N PRO B 289 36.36 29.50 -2.91
CA PRO B 289 36.66 28.74 -1.69
C PRO B 289 35.42 28.38 -0.89
N ILE B 290 35.46 27.17 -0.32
CA ILE B 290 34.32 26.59 0.39
C ILE B 290 33.78 27.51 1.50
N GLU B 291 34.60 28.45 1.98
CA GLU B 291 34.16 29.41 2.99
C GLU B 291 33.32 30.54 2.41
N GLU B 292 33.23 30.65 1.09
CA GLU B 292 32.35 31.61 0.43
C GLU B 292 30.89 31.16 0.45
N GLN B 293 30.63 29.91 0.83
CA GLN B 293 29.30 29.45 1.21
C GLN B 293 28.28 29.68 0.12
N GLY B 294 28.70 29.51 -1.13
CA GLY B 294 27.79 29.56 -2.25
C GLY B 294 27.82 30.84 -3.07
N LEU B 295 28.58 31.85 -2.67
CA LEU B 295 28.62 33.13 -3.37
C LEU B 295 29.91 33.24 -4.15
N GLY B 296 29.81 33.69 -5.40
CA GLY B 296 30.96 33.90 -6.24
C GLY B 296 31.23 35.37 -6.51
N TRP B 297 32.18 35.61 -7.41
CA TRP B 297 32.46 36.94 -7.97
C TRP B 297 32.83 37.98 -6.93
N ALA B 298 33.57 37.58 -5.89
CA ALA B 298 34.00 38.53 -4.88
C ALA B 298 34.86 39.60 -5.54
N SER B 299 34.99 40.76 -4.89
CA SER B 299 35.66 41.89 -5.52
C SER B 299 36.61 42.60 -4.56
N THR B 300 37.83 42.87 -5.03
CA THR B 300 38.82 43.60 -4.25
C THR B 300 38.70 45.11 -4.39
N TYR B 301 37.85 45.60 -5.30
CA TYR B 301 37.78 47.03 -5.59
C TYR B 301 37.03 47.76 -4.47
N GLY B 302 37.75 48.61 -3.75
CA GLY B 302 37.15 49.39 -2.69
C GLY B 302 36.46 48.53 -1.67
N SER B 303 35.15 48.72 -1.52
CA SER B 303 34.36 47.83 -0.68
C SER B 303 34.08 46.52 -1.37
N GLY B 304 34.20 46.47 -2.69
CA GLY B 304 33.74 45.31 -3.41
C GLY B 304 32.24 45.34 -3.61
N VAL B 305 31.51 45.98 -2.69
CA VAL B 305 30.06 46.07 -2.75
C VAL B 305 29.61 47.50 -2.63
N GLY B 306 28.29 47.69 -2.48
CA GLY B 306 27.74 49.03 -2.43
C GLY B 306 28.02 49.80 -3.71
N ALA B 307 28.49 51.04 -3.54
CA ALA B 307 28.80 51.88 -4.69
C ALA B 307 29.98 51.39 -5.47
N ASP B 308 30.64 50.32 -5.03
CA ASP B 308 31.73 49.73 -5.79
C ASP B 308 31.32 48.43 -6.45
N ALA B 309 30.08 47.99 -6.27
CA ALA B 309 29.61 46.80 -6.95
C ALA B 309 30.05 46.82 -8.41
N ILE B 310 30.59 45.68 -8.85
CA ILE B 310 31.00 45.46 -10.23
C ILE B 310 30.44 44.12 -10.65
N THR B 311 29.62 44.10 -11.70
CA THR B 311 29.08 42.87 -12.22
C THR B 311 29.28 42.81 -13.73
N SER B 312 28.46 43.54 -14.48
CA SER B 312 28.68 43.63 -15.92
C SER B 312 29.95 44.39 -16.23
N GLY B 313 30.26 45.40 -15.43
CA GLY B 313 31.42 46.23 -15.63
C GLY B 313 31.12 47.60 -16.16
N LEU B 314 29.89 47.85 -16.57
CA LEU B 314 29.48 49.10 -17.18
C LEU B 314 28.64 49.90 -16.20
N GLU B 315 28.63 51.23 -16.34
CA GLU B 315 27.93 52.10 -15.40
C GLU B 315 26.88 52.96 -16.12
N VAL B 316 25.68 52.42 -16.30
CA VAL B 316 24.64 53.09 -17.06
C VAL B 316 23.41 53.25 -16.17
N VAL B 317 22.83 54.45 -16.16
CA VAL B 317 21.56 54.73 -15.52
C VAL B 317 20.68 55.41 -16.54
N TRP B 318 19.48 54.86 -16.77
CA TRP B 318 18.69 55.15 -17.96
C TRP B 318 17.67 56.26 -17.74
N THR B 319 17.23 56.49 -16.52
CA THR B 319 16.18 57.45 -16.22
C THR B 319 16.68 58.41 -15.13
N GLN B 320 15.78 59.25 -14.62
CA GLN B 320 16.10 60.12 -13.50
C GLN B 320 15.26 59.83 -12.27
N THR B 321 14.22 59.01 -12.39
CA THR B 321 13.52 58.48 -11.23
C THR B 321 13.82 56.99 -11.15
N PRO B 322 15.08 56.60 -10.95
CA PRO B 322 15.50 55.22 -11.26
C PRO B 322 14.75 54.14 -10.49
N THR B 323 13.75 54.52 -9.70
CA THR B 323 12.95 53.58 -8.93
C THR B 323 11.46 53.76 -9.17
N GLN B 324 11.06 54.62 -10.10
CA GLN B 324 9.66 54.81 -10.45
C GLN B 324 9.46 54.49 -11.93
N TRP B 325 8.34 53.85 -12.24
CA TRP B 325 7.95 53.71 -13.64
C TRP B 325 7.66 55.08 -14.23
N SER B 326 7.76 55.15 -15.56
CA SER B 326 7.71 56.42 -16.28
C SER B 326 7.63 56.09 -17.76
N ASN B 327 7.83 57.10 -18.62
CA ASN B 327 8.11 56.88 -20.03
C ASN B 327 9.46 57.48 -20.43
N TYR B 328 10.37 57.61 -19.45
CA TYR B 328 11.61 58.35 -19.67
C TYR B 328 12.63 57.63 -20.54
N PHE B 329 12.61 56.30 -20.61
CA PHE B 329 13.60 55.62 -21.45
C PHE B 329 13.53 56.12 -22.88
N PHE B 330 12.36 55.98 -23.51
CA PHE B 330 12.18 56.53 -24.85
C PHE B 330 12.41 58.04 -24.86
N GLU B 331 11.88 58.74 -23.86
CA GLU B 331 12.00 60.20 -23.83
C GLU B 331 13.44 60.62 -24.06
N ASN B 332 14.35 60.16 -23.19
CA ASN B 332 15.75 60.47 -23.37
C ASN B 332 16.29 59.89 -24.66
N LEU B 333 15.93 58.62 -24.95
CA LEU B 333 16.44 57.97 -26.14
C LEU B 333 16.34 58.85 -27.37
N PHE B 334 15.21 59.49 -27.56
CA PHE B 334 15.06 60.32 -28.75
C PHE B 334 15.41 61.78 -28.49
N LYS B 335 15.15 62.28 -27.29
CA LYS B 335 15.35 63.70 -26.99
C LYS B 335 16.82 64.08 -27.09
N TYR B 336 17.66 63.47 -26.27
CA TYR B 336 19.08 63.75 -26.30
C TYR B 336 19.76 63.00 -27.43
N GLU B 337 20.84 63.59 -27.95
CA GLU B 337 21.74 62.90 -28.87
C GLU B 337 22.67 62.04 -28.02
N TRP B 338 23.76 61.53 -28.59
CA TRP B 338 24.63 60.68 -27.79
C TRP B 338 26.08 60.79 -28.25
N VAL B 339 26.99 60.65 -27.30
CA VAL B 339 28.42 60.57 -27.62
C VAL B 339 28.99 59.29 -27.03
N GLN B 340 30.20 58.96 -27.48
CA GLN B 340 30.88 57.73 -27.12
C GLN B 340 31.93 57.97 -26.06
N THR B 341 31.93 57.14 -25.03
CA THR B 341 32.92 57.18 -23.96
C THR B 341 33.17 55.73 -23.55
N ARG B 342 33.73 55.54 -22.35
CA ARG B 342 33.74 54.21 -21.76
C ARG B 342 33.72 54.30 -20.25
N SER B 343 32.94 53.41 -19.63
CA SER B 343 32.87 53.33 -18.18
C SER B 343 34.28 53.04 -17.65
N PRO B 344 34.51 53.07 -16.34
CA PRO B 344 35.90 53.01 -15.86
C PRO B 344 36.63 51.75 -16.27
N ALA B 345 35.92 50.64 -16.37
CA ALA B 345 36.50 49.35 -16.71
C ALA B 345 36.76 49.20 -18.19
N GLY B 346 36.87 50.30 -18.94
CA GLY B 346 37.27 50.24 -20.33
C GLY B 346 36.28 49.53 -21.23
N ALA B 347 34.99 49.85 -21.09
CA ALA B 347 33.97 49.31 -21.97
C ALA B 347 33.19 50.47 -22.59
N ILE B 348 32.77 50.26 -23.85
CA ILE B 348 32.16 51.34 -24.62
C ILE B 348 30.82 51.72 -24.03
N GLN B 349 30.57 53.02 -23.95
CA GLN B 349 29.36 53.59 -23.36
C GLN B 349 28.84 54.71 -24.25
N PHE B 350 27.53 54.93 -24.22
CA PHE B 350 26.94 56.09 -24.87
C PHE B 350 26.32 57.00 -23.81
N GLU B 351 26.57 58.30 -23.91
CA GLU B 351 26.07 59.24 -22.92
C GLU B 351 25.38 60.42 -23.59
N ALA B 352 24.18 60.74 -23.09
CA ALA B 352 23.44 61.90 -23.58
C ALA B 352 24.30 63.15 -23.58
N VAL B 353 24.49 63.72 -24.77
CA VAL B 353 25.38 64.85 -25.00
C VAL B 353 24.62 66.15 -24.79
N ASP B 354 25.31 67.15 -24.25
CA ASP B 354 24.74 68.47 -24.03
C ASP B 354 23.51 68.39 -23.13
N ALA B 355 23.64 67.64 -22.05
CA ALA B 355 22.57 67.44 -21.09
C ALA B 355 23.02 67.93 -19.72
N PRO B 356 22.07 68.22 -18.83
CA PRO B 356 22.43 68.64 -17.48
C PRO B 356 22.63 67.47 -16.53
N GLU B 357 22.66 67.74 -15.23
CA GLU B 357 22.81 66.73 -14.19
C GLU B 357 21.45 66.52 -13.54
N ILE B 358 20.91 65.30 -13.65
CA ILE B 358 19.51 65.06 -13.32
C ILE B 358 19.30 63.72 -12.62
N ILE B 359 20.25 62.81 -12.74
CA ILE B 359 20.08 61.44 -12.27
C ILE B 359 20.64 61.34 -10.86
N PRO B 360 19.82 61.11 -9.83
CA PRO B 360 20.35 60.99 -8.47
C PRO B 360 21.30 59.81 -8.33
N ASP B 361 22.40 60.01 -7.59
CA ASP B 361 23.39 58.96 -7.47
C ASP B 361 22.99 57.96 -6.39
N PRO B 362 23.14 56.66 -6.65
CA PRO B 362 22.50 55.66 -5.79
C PRO B 362 22.90 55.70 -4.32
N PHE B 363 24.05 56.29 -3.97
CA PHE B 363 24.44 56.32 -2.57
C PHE B 363 24.86 57.71 -2.08
N ASP B 364 25.43 58.56 -2.94
CA ASP B 364 25.84 59.89 -2.53
C ASP B 364 24.81 60.91 -2.96
N PRO B 365 24.08 61.54 -2.03
CA PRO B 365 23.04 62.50 -2.45
C PRO B 365 23.58 63.63 -3.30
N SER B 366 24.46 64.44 -2.73
CA SER B 366 25.01 65.61 -3.42
C SER B 366 25.91 65.21 -4.58
N LYS B 367 25.33 64.58 -5.61
CA LYS B 367 26.06 64.20 -6.81
C LYS B 367 25.05 63.74 -7.84
N LYS B 368 25.33 64.01 -9.11
CA LYS B 368 24.40 63.72 -10.19
C LYS B 368 25.18 63.32 -11.43
N ARG B 369 24.48 62.73 -12.39
CA ARG B 369 25.08 62.26 -13.64
C ARG B 369 24.14 62.49 -14.81
N LYS B 370 24.72 62.71 -15.99
CA LYS B 370 24.03 62.98 -17.24
C LYS B 370 23.62 61.68 -17.92
N PRO B 371 22.43 61.61 -18.54
CA PRO B 371 21.92 60.33 -19.04
C PRO B 371 22.96 59.51 -19.78
N THR B 372 22.80 58.19 -19.78
CA THR B 372 23.72 57.32 -20.50
C THR B 372 22.96 56.12 -21.03
N MET B 373 23.60 55.40 -21.95
CA MET B 373 22.93 54.33 -22.68
C MET B 373 23.92 53.22 -22.99
N LEU B 374 23.38 52.05 -23.29
CA LEU B 374 24.15 50.93 -23.81
C LEU B 374 24.04 50.90 -25.33
N VAL B 375 25.08 50.37 -25.97
CA VAL B 375 25.07 50.09 -27.40
C VAL B 375 23.76 49.41 -27.74
N THR B 376 23.35 48.45 -26.91
CA THR B 376 22.14 47.69 -27.18
C THR B 376 20.89 48.52 -26.99
N ASP B 377 20.98 49.65 -26.29
CA ASP B 377 19.85 50.53 -26.15
C ASP B 377 19.64 51.39 -27.38
N LEU B 378 20.66 51.50 -28.23
CA LEU B 378 20.67 52.38 -29.38
C LEU B 378 20.46 51.66 -30.70
N THR B 379 20.13 50.38 -30.68
CA THR B 379 19.67 49.76 -31.92
C THR B 379 18.23 50.16 -32.20
N LEU B 380 17.32 49.85 -31.29
CA LEU B 380 16.04 50.53 -31.29
C LEU B 380 16.29 52.03 -31.32
N ARG B 381 15.49 52.75 -32.10
CA ARG B 381 15.62 54.17 -32.46
C ARG B 381 16.51 54.39 -33.70
N PHE B 382 17.36 53.44 -34.09
CA PHE B 382 18.23 53.66 -35.23
C PHE B 382 17.94 52.67 -36.35
N ASP B 383 17.94 51.38 -36.05
CA ASP B 383 17.53 50.41 -37.04
C ASP B 383 16.14 50.81 -37.56
N PRO B 384 16.01 51.18 -38.84
CA PRO B 384 14.73 51.74 -39.30
C PRO B 384 13.53 50.96 -38.80
N GLU B 385 13.62 49.63 -38.78
CA GLU B 385 12.50 48.81 -38.36
C GLU B 385 12.00 49.20 -36.97
N PHE B 386 12.92 49.26 -35.99
CA PHE B 386 12.51 49.41 -34.59
C PHE B 386 12.01 50.82 -34.31
N GLU B 387 12.65 51.85 -34.89
CA GLU B 387 12.25 53.24 -34.71
C GLU B 387 10.73 53.43 -34.70
N LYS B 388 10.02 52.74 -35.59
CA LYS B 388 8.59 52.98 -35.73
C LYS B 388 7.81 52.48 -34.52
N ILE B 389 8.12 51.27 -34.06
CA ILE B 389 7.49 50.82 -32.82
C ILE B 389 7.90 51.73 -31.67
N SER B 390 9.18 52.11 -31.64
CA SER B 390 9.68 52.91 -30.52
C SER B 390 9.02 54.28 -30.48
N ARG B 391 8.67 54.86 -31.62
CA ARG B 391 7.97 56.15 -31.58
C ARG B 391 6.47 55.96 -31.36
N ARG B 392 5.89 54.91 -31.94
CA ARG B 392 4.58 54.46 -31.50
C ARG B 392 4.48 54.54 -29.99
N PHE B 393 5.48 54.01 -29.30
CA PHE B 393 5.45 53.97 -27.85
C PHE B 393 5.83 55.32 -27.23
N LEU B 394 6.73 56.07 -27.86
CA LEU B 394 7.10 57.38 -27.33
C LEU B 394 5.89 58.29 -27.22
N ASN B 395 5.09 58.35 -28.27
CA ASN B 395 3.93 59.25 -28.29
C ASN B 395 2.68 58.61 -27.71
N ASP B 396 2.82 57.48 -27.03
CA ASP B 396 1.73 56.83 -26.34
C ASP B 396 2.29 55.83 -25.34
N PRO B 397 2.51 56.25 -24.08
CA PRO B 397 3.03 55.31 -23.07
C PRO B 397 2.00 54.34 -22.53
N GLN B 398 0.71 54.56 -22.72
CA GLN B 398 -0.27 53.56 -22.30
C GLN B 398 -0.18 52.33 -23.18
N ALA B 399 -0.02 52.53 -24.49
CA ALA B 399 0.36 51.43 -25.36
C ALA B 399 1.62 50.76 -24.88
N PHE B 400 2.62 51.57 -24.48
CA PHE B 400 3.85 50.99 -23.99
C PHE B 400 3.57 50.07 -22.80
N ASN B 401 2.77 50.54 -21.84
CA ASN B 401 2.51 49.76 -20.64
C ASN B 401 1.77 48.47 -20.98
N GLU B 402 0.76 48.57 -21.84
CA GLU B 402 -0.02 47.39 -22.21
C GLU B 402 0.87 46.35 -22.90
N ALA B 403 1.65 46.79 -23.89
CA ALA B 403 2.49 45.88 -24.65
C ALA B 403 3.57 45.25 -23.77
N PHE B 404 4.27 46.07 -22.96
CA PHE B 404 5.28 45.53 -22.08
C PHE B 404 4.70 44.51 -21.13
N ALA B 405 3.51 44.77 -20.58
CA ALA B 405 2.96 43.87 -19.57
C ALA B 405 2.56 42.55 -20.18
N ARG B 406 1.99 42.59 -21.39
CA ARG B 406 1.62 41.35 -22.07
C ARG B 406 2.86 40.54 -22.41
N ALA B 407 3.88 41.19 -22.95
CA ALA B 407 5.12 40.51 -23.29
C ALA B 407 5.79 39.94 -22.05
N TRP B 408 5.73 40.65 -20.92
CA TRP B 408 6.36 40.17 -19.70
C TRP B 408 5.64 38.93 -19.14
N PHE B 409 4.31 38.97 -19.05
CA PHE B 409 3.56 37.76 -18.70
C PHE B 409 3.96 36.60 -19.62
N LYS B 410 3.99 36.84 -20.92
CA LYS B 410 4.37 35.79 -21.85
C LYS B 410 5.73 35.23 -21.49
N LEU B 411 6.74 36.09 -21.49
CA LEU B 411 8.12 35.70 -21.24
C LEU B 411 8.25 34.84 -19.98
N THR B 412 7.45 35.12 -18.96
CA THR B 412 7.60 34.34 -17.74
C THR B 412 6.65 33.15 -17.65
N HIS B 413 5.76 32.93 -18.62
CA HIS B 413 4.84 31.79 -18.55
C HIS B 413 4.82 30.94 -19.83
N ARG B 414 5.85 31.07 -20.66
CA ARG B 414 5.84 30.42 -21.97
C ARG B 414 6.21 28.94 -21.90
N ASP B 415 6.91 28.49 -20.86
CA ASP B 415 7.22 27.08 -20.73
C ASP B 415 6.43 26.43 -19.61
N MET B 416 5.23 26.96 -19.33
CA MET B 416 4.35 26.44 -18.30
C MET B 416 3.24 25.54 -18.85
N GLY B 417 2.82 25.72 -20.09
CA GLY B 417 1.89 24.80 -20.72
C GLY B 417 0.44 25.24 -20.64
N PRO B 418 -0.46 24.27 -20.61
CA PRO B 418 -1.89 24.61 -20.74
C PRO B 418 -2.44 25.24 -19.47
N LYS B 419 -3.43 26.12 -19.67
CA LYS B 419 -4.03 26.87 -18.57
C LYS B 419 -4.40 25.98 -17.39
N SER B 420 -4.67 24.70 -17.63
CA SER B 420 -4.96 23.80 -16.51
C SER B 420 -3.77 23.60 -15.57
N ARG B 421 -2.56 23.98 -15.94
CA ARG B 421 -1.43 23.92 -15.02
C ARG B 421 -1.29 25.18 -14.16
N TYR B 422 -1.94 26.28 -14.50
CA TYR B 422 -1.85 27.50 -13.70
C TYR B 422 -2.63 27.33 -12.40
N ILE B 423 -2.06 27.82 -11.29
CA ILE B 423 -2.77 27.87 -10.02
C ILE B 423 -2.57 29.25 -9.41
N GLY B 424 -3.48 29.62 -8.50
CA GLY B 424 -3.35 30.84 -7.73
C GLY B 424 -4.39 31.87 -8.08
N PRO B 425 -4.40 33.00 -7.36
CA PRO B 425 -5.49 33.98 -7.49
C PRO B 425 -5.27 35.13 -8.48
N GLU B 426 -4.20 35.12 -9.27
CA GLU B 426 -3.94 36.15 -10.28
C GLU B 426 -3.84 35.59 -11.69
N VAL B 427 -4.36 34.39 -11.96
CA VAL B 427 -4.26 33.79 -13.29
C VAL B 427 -5.12 34.61 -14.25
N PRO B 428 -4.54 35.27 -15.24
CA PRO B 428 -5.38 36.05 -16.16
C PRO B 428 -6.53 35.26 -16.77
N LYS B 429 -7.55 35.94 -17.25
CA LYS B 429 -8.72 35.29 -17.82
C LYS B 429 -8.68 35.21 -19.34
N GLU B 430 -7.94 36.10 -20.00
CA GLU B 430 -7.82 36.02 -21.45
C GLU B 430 -6.95 34.84 -21.86
N ASP B 431 -7.49 34.01 -22.74
CA ASP B 431 -6.70 32.97 -23.39
C ASP B 431 -5.82 33.61 -24.46
N LEU B 432 -4.59 33.17 -24.53
CA LEU B 432 -3.65 33.64 -25.53
C LEU B 432 -3.27 32.49 -26.46
N ILE B 433 -2.63 32.83 -27.59
CA ILE B 433 -2.40 31.86 -28.65
C ILE B 433 -1.18 30.99 -28.35
N TRP B 434 -0.16 31.55 -27.70
CA TRP B 434 1.01 30.79 -27.27
C TRP B 434 0.74 29.93 -26.05
N GLN B 435 -0.49 29.91 -25.57
CA GLN B 435 -0.88 28.98 -24.53
C GLN B 435 -1.41 27.67 -25.11
N ASP B 436 -1.62 27.61 -26.43
CA ASP B 436 -2.23 26.50 -27.15
C ASP B 436 -3.62 26.19 -26.58
N PRO B 437 -4.56 27.13 -26.64
CA PRO B 437 -5.77 27.01 -25.83
C PRO B 437 -6.73 25.95 -26.32
N LEU B 438 -7.55 25.52 -25.39
CA LEU B 438 -8.54 24.48 -25.60
C LEU B 438 -9.90 24.99 -25.15
N PRO B 439 -10.96 24.63 -25.84
CA PRO B 439 -12.30 25.03 -25.43
C PRO B 439 -12.88 24.10 -24.37
N GLN B 440 -13.80 24.67 -23.61
CA GLN B 440 -14.67 23.94 -22.70
C GLN B 440 -15.36 22.79 -23.44
N PRO B 441 -15.66 21.68 -22.77
CA PRO B 441 -16.21 20.52 -23.49
C PRO B 441 -17.72 20.61 -23.71
N ILE B 442 -18.13 20.02 -24.83
CA ILE B 442 -19.54 19.87 -25.16
C ILE B 442 -19.91 18.40 -25.25
N TYR B 443 -19.31 17.57 -24.39
CA TYR B 443 -19.59 16.14 -24.39
C TYR B 443 -19.33 15.59 -22.99
N ASN B 444 -20.04 14.52 -22.66
CA ASN B 444 -19.93 13.89 -21.34
C ASN B 444 -20.22 12.41 -21.47
N PRO B 445 -19.32 11.66 -22.10
CA PRO B 445 -19.61 10.25 -22.44
C PRO B 445 -19.90 9.41 -21.20
N THR B 446 -20.96 8.62 -21.27
CA THR B 446 -21.30 7.66 -20.24
C THR B 446 -20.52 6.37 -20.47
N GLU B 447 -20.87 5.33 -19.72
CA GLU B 447 -20.17 4.06 -19.83
C GLU B 447 -20.67 3.25 -21.02
N GLN B 448 -21.98 3.26 -21.22
CA GLN B 448 -22.54 2.61 -22.39
C GLN B 448 -22.04 3.27 -23.66
N ASP B 449 -22.00 4.60 -23.69
CA ASP B 449 -21.51 5.28 -24.88
C ASP B 449 -20.11 4.81 -25.25
N ILE B 450 -19.27 4.54 -24.25
CA ILE B 450 -17.90 4.10 -24.55
C ILE B 450 -17.89 2.65 -25.03
N ILE B 451 -18.64 1.76 -24.37
CA ILE B 451 -18.72 0.40 -24.89
C ILE B 451 -19.22 0.40 -26.32
N ASP B 452 -20.16 1.31 -26.64
CA ASP B 452 -20.77 1.36 -27.96
C ASP B 452 -19.79 1.87 -28.99
N LEU B 453 -19.04 2.91 -28.63
CA LEU B 453 -17.98 3.40 -29.51
C LEU B 453 -16.96 2.30 -29.77
N LYS B 454 -16.67 1.47 -28.76
CA LYS B 454 -15.69 0.41 -28.95
C LYS B 454 -16.20 -0.66 -29.90
N PHE B 455 -17.46 -1.05 -29.77
CA PHE B 455 -18.06 -1.94 -30.77
C PHE B 455 -17.98 -1.33 -32.16
N ALA B 456 -18.27 -0.04 -32.28
CA ALA B 456 -18.30 0.61 -33.59
C ALA B 456 -16.92 0.62 -34.25
N ILE B 457 -15.91 1.07 -33.51
CA ILE B 457 -14.55 1.12 -34.03
C ILE B 457 -14.08 -0.28 -34.38
N ALA B 458 -14.39 -1.25 -33.51
CA ALA B 458 -14.01 -2.63 -33.78
C ALA B 458 -14.64 -3.13 -35.06
N ASP B 459 -15.82 -2.65 -35.39
CA ASP B 459 -16.58 -3.10 -36.54
C ASP B 459 -16.41 -2.19 -37.74
N SER B 460 -15.42 -1.31 -37.72
CA SER B 460 -15.21 -0.35 -38.79
C SER B 460 -14.39 -0.90 -39.95
N GLY B 461 -13.50 -1.86 -39.70
CA GLY B 461 -12.62 -2.37 -40.74
C GLY B 461 -11.20 -1.84 -40.71
N LEU B 462 -10.85 -1.01 -39.75
CA LEU B 462 -9.46 -0.63 -39.54
C LEU B 462 -8.71 -1.82 -38.95
N SER B 463 -7.45 -1.98 -39.33
CA SER B 463 -6.62 -3.06 -38.81
C SER B 463 -5.93 -2.64 -37.52
N VAL B 464 -5.42 -3.64 -36.79
CA VAL B 464 -4.68 -3.37 -35.56
C VAL B 464 -3.59 -2.34 -35.84
N SER B 465 -2.85 -2.54 -36.92
CA SER B 465 -1.82 -1.59 -37.33
C SER B 465 -2.37 -0.16 -37.44
N GLU B 466 -3.43 0.04 -38.24
CA GLU B 466 -3.96 1.37 -38.48
C GLU B 466 -4.44 2.04 -37.18
N LEU B 467 -5.16 1.28 -36.34
CA LEU B 467 -5.70 1.85 -35.12
C LEU B 467 -4.58 2.32 -34.18
N VAL B 468 -3.62 1.44 -33.94
CA VAL B 468 -2.48 1.80 -33.12
C VAL B 468 -1.74 2.99 -33.74
N SER B 469 -1.70 3.05 -35.07
CA SER B 469 -0.95 4.11 -35.74
C SER B 469 -1.56 5.47 -35.44
N VAL B 470 -2.90 5.57 -35.51
CA VAL B 470 -3.54 6.86 -35.31
C VAL B 470 -3.42 7.29 -33.84
N ALA B 471 -3.60 6.35 -32.91
CA ALA B 471 -3.46 6.74 -31.51
C ALA B 471 -2.05 7.26 -31.20
N TRP B 472 -1.01 6.55 -31.68
CA TRP B 472 0.37 6.98 -31.41
C TRP B 472 0.66 8.31 -32.11
N ALA B 473 0.27 8.45 -33.38
CA ALA B 473 0.49 9.68 -34.11
C ALA B 473 -0.13 10.87 -33.41
N SER B 474 -1.23 10.66 -32.68
CA SER B 474 -1.83 11.79 -32.02
C SER B 474 -1.16 12.08 -30.68
N ALA B 475 -0.74 11.05 -29.94
CA ALA B 475 -0.22 11.32 -28.60
C ALA B 475 1.24 11.75 -28.59
N SER B 476 2.05 11.29 -29.54
CA SER B 476 3.51 11.36 -29.40
C SER B 476 4.12 12.76 -29.67
N THR B 477 3.33 13.82 -29.79
CA THR B 477 3.88 15.16 -29.97
C THR B 477 4.27 15.84 -28.67
N PHE B 478 4.04 15.20 -27.52
CA PHE B 478 4.29 15.85 -26.24
C PHE B 478 5.79 16.02 -25.99
N ARG B 479 6.20 17.22 -25.58
CA ARG B 479 7.52 17.46 -25.03
C ARG B 479 7.42 17.71 -23.53
N GLY B 480 8.44 17.26 -22.80
CA GLY B 480 8.45 17.45 -21.34
C GLY B 480 8.95 18.80 -20.90
N GLY B 481 9.89 19.39 -21.63
CA GLY B 481 10.44 20.68 -21.28
C GLY B 481 9.44 21.80 -21.10
N ASP B 482 8.73 22.21 -22.15
CA ASP B 482 7.78 23.31 -22.06
C ASP B 482 6.34 22.85 -22.00
N LYS B 483 6.10 21.53 -21.95
CA LYS B 483 4.80 20.90 -21.68
C LYS B 483 3.82 21.00 -22.85
N ARG B 484 4.30 21.21 -24.06
CA ARG B 484 3.44 21.34 -25.23
C ARG B 484 3.26 20.00 -25.95
N GLY B 485 2.23 19.95 -26.81
CA GLY B 485 1.90 18.76 -27.57
C GLY B 485 0.86 17.89 -26.88
N GLY B 486 0.82 16.62 -27.29
CA GLY B 486 -0.08 15.63 -26.72
C GLY B 486 -1.36 15.45 -27.52
N ALA B 487 -2.23 14.58 -27.00
CA ALA B 487 -3.41 14.11 -27.72
C ALA B 487 -4.66 14.98 -27.50
N ASN B 488 -4.70 15.76 -26.41
CA ASN B 488 -5.81 16.68 -26.20
C ASN B 488 -5.85 17.75 -27.28
N GLY B 489 -7.02 17.93 -27.89
CA GLY B 489 -7.26 18.98 -28.86
C GLY B 489 -7.56 18.47 -30.26
N ALA B 490 -7.09 17.26 -30.59
CA ALA B 490 -7.21 16.68 -31.93
C ALA B 490 -6.47 17.51 -32.97
N ARG B 491 -5.24 17.94 -32.66
CA ARG B 491 -4.44 18.66 -33.63
C ARG B 491 -4.00 17.76 -34.77
N LEU B 492 -4.08 16.43 -34.60
CA LEU B 492 -3.82 15.53 -35.70
C LEU B 492 -4.77 15.79 -36.86
N ALA B 493 -5.96 16.29 -36.58
CA ALA B 493 -6.99 16.53 -37.58
C ALA B 493 -6.86 17.90 -38.24
N LEU B 494 -6.36 18.88 -37.53
CA LEU B 494 -6.23 20.23 -38.08
C LEU B 494 -4.86 20.40 -38.71
N MET B 495 -4.65 21.56 -39.33
CA MET B 495 -3.36 21.89 -39.89
C MET B 495 -2.37 22.19 -38.78
N PRO B 496 -1.06 21.98 -39.01
CA PRO B 496 -0.43 21.33 -40.15
C PRO B 496 -0.17 19.82 -39.98
N GLN B 497 -0.63 19.22 -38.89
CA GLN B 497 -0.28 17.83 -38.60
C GLN B 497 -0.96 16.84 -39.54
N ARG B 498 -2.16 17.16 -40.01
CA ARG B 498 -2.82 16.33 -41.01
C ARG B 498 -1.90 16.04 -42.19
N ASP B 499 -0.95 16.91 -42.47
CA ASP B 499 -0.23 16.86 -43.73
C ASP B 499 1.26 16.58 -43.53
N TRP B 500 1.69 16.18 -42.34
CA TRP B 500 3.09 15.89 -42.08
C TRP B 500 3.50 14.54 -42.67
N ASP B 501 4.75 14.42 -43.06
CA ASP B 501 5.24 13.19 -43.71
C ASP B 501 5.04 11.88 -42.97
N VAL B 502 5.32 11.88 -41.69
CA VAL B 502 5.21 10.76 -40.81
C VAL B 502 3.75 10.31 -40.48
N ASN B 503 2.82 11.25 -40.49
CA ASN B 503 1.44 11.01 -40.24
C ASN B 503 0.67 10.53 -41.46
N ALA B 504 1.30 10.56 -42.63
CA ALA B 504 0.61 10.31 -43.89
C ALA B 504 -0.23 9.03 -43.84
N ALA B 505 0.35 7.93 -43.37
CA ALA B 505 -0.41 6.68 -43.32
C ALA B 505 -1.47 6.71 -42.22
N ALA B 506 -1.07 7.08 -41.01
CA ALA B 506 -2.01 7.16 -39.90
C ALA B 506 -3.25 7.97 -40.29
N VAL B 507 -3.03 9.01 -41.11
CA VAL B 507 -4.10 9.91 -41.50
C VAL B 507 -5.21 9.17 -42.24
N ARG B 508 -4.90 8.06 -42.89
CA ARG B 508 -5.91 7.29 -43.61
C ARG B 508 -6.95 6.64 -42.71
N ALA B 509 -6.74 6.62 -41.39
CA ALA B 509 -7.77 6.17 -40.47
C ALA B 509 -8.60 7.31 -39.91
N LEU B 510 -8.36 8.56 -40.37
CA LEU B 510 -9.11 9.69 -39.84
C LEU B 510 -10.54 9.74 -40.36
N PRO B 511 -10.80 9.63 -41.67
CA PRO B 511 -12.17 9.85 -42.17
C PRO B 511 -13.19 8.85 -41.63
N VAL B 512 -12.77 7.64 -41.29
CA VAL B 512 -13.67 6.70 -40.63
C VAL B 512 -14.07 7.23 -39.26
N LEU B 513 -13.09 7.56 -38.42
CA LEU B 513 -13.39 7.96 -37.04
C LEU B 513 -14.27 9.20 -37.00
N GLU B 514 -13.96 10.18 -37.84
CA GLU B 514 -14.79 11.37 -37.95
C GLU B 514 -16.24 11.00 -38.23
N LYS B 515 -16.47 10.03 -39.11
CA LYS B 515 -17.81 9.54 -39.37
C LYS B 515 -18.40 8.88 -38.12
N ILE B 516 -17.62 8.01 -37.46
CA ILE B 516 -18.08 7.41 -36.22
C ILE B 516 -18.40 8.47 -35.20
N GLN B 517 -17.83 9.67 -35.36
CA GLN B 517 -18.08 10.75 -34.43
C GLN B 517 -19.29 11.58 -34.82
N LYS B 518 -19.61 11.67 -36.11
CA LYS B 518 -20.88 12.29 -36.47
C LYS B 518 -22.03 11.40 -36.01
N GLU B 519 -21.98 10.12 -36.33
CA GLU B 519 -23.05 9.21 -35.97
C GLU B 519 -23.30 9.20 -34.47
N SER B 520 -22.23 9.06 -33.68
CA SER B 520 -22.31 9.27 -32.25
C SER B 520 -21.96 10.72 -31.92
N GLY B 521 -22.91 11.46 -31.37
CA GLY B 521 -22.58 12.75 -30.83
C GLY B 521 -22.44 12.68 -29.33
N LYS B 522 -21.61 11.75 -28.88
CA LYS B 522 -21.47 11.45 -27.47
C LYS B 522 -20.06 11.64 -26.93
N ALA B 523 -19.05 11.71 -27.78
CA ALA B 523 -17.67 11.95 -27.35
C ALA B 523 -17.04 12.94 -28.31
N SER B 524 -15.85 13.40 -27.97
CA SER B 524 -15.10 14.22 -28.91
C SER B 524 -14.17 13.34 -29.73
N LEU B 525 -13.67 13.92 -30.82
CA LEU B 525 -12.78 13.21 -31.71
C LEU B 525 -11.41 12.94 -31.07
N ALA B 526 -10.97 13.74 -30.10
CA ALA B 526 -9.75 13.43 -29.37
C ALA B 526 -9.92 12.18 -28.52
N ASP B 527 -11.08 12.07 -27.85
CA ASP B 527 -11.35 10.86 -27.08
C ASP B 527 -11.54 9.65 -27.98
N ILE B 528 -12.25 9.80 -29.09
CA ILE B 528 -12.44 8.67 -30.00
C ILE B 528 -11.10 8.26 -30.61
N ILE B 529 -10.20 9.22 -30.82
CA ILE B 529 -8.89 8.90 -31.41
C ILE B 529 -8.07 8.06 -30.45
N VAL B 530 -8.04 8.43 -29.17
CA VAL B 530 -7.29 7.62 -28.21
C VAL B 530 -7.99 6.28 -27.96
N LEU B 531 -9.32 6.25 -27.99
CA LEU B 531 -10.06 5.00 -27.83
C LEU B 531 -9.76 4.00 -28.93
N ALA B 532 -9.56 4.48 -30.17
CA ALA B 532 -9.16 3.60 -31.27
C ALA B 532 -7.90 2.81 -30.93
N GLY B 533 -6.88 3.50 -30.39
CA GLY B 533 -5.68 2.80 -29.95
C GLY B 533 -5.96 1.80 -28.83
N VAL B 534 -6.87 2.15 -27.92
CA VAL B 534 -7.22 1.22 -26.84
C VAL B 534 -7.77 -0.07 -27.42
N VAL B 535 -8.69 0.04 -28.38
CA VAL B 535 -9.25 -1.15 -29.01
C VAL B 535 -8.16 -1.95 -29.71
N GLY B 536 -7.25 -1.27 -30.42
CA GLY B 536 -6.22 -2.00 -31.14
C GLY B 536 -5.33 -2.83 -30.21
N VAL B 537 -4.93 -2.25 -29.09
CA VAL B 537 -4.07 -2.95 -28.15
C VAL B 537 -4.79 -4.11 -27.49
N GLU B 538 -6.05 -3.91 -27.08
CA GLU B 538 -6.80 -5.01 -26.48
C GLU B 538 -6.97 -6.17 -27.46
N LYS B 539 -7.22 -5.87 -28.74
CA LYS B 539 -7.33 -6.94 -29.73
C LYS B 539 -6.03 -7.72 -29.82
N ALA B 540 -4.90 -7.00 -29.95
CA ALA B 540 -3.63 -7.66 -30.13
C ALA B 540 -3.22 -8.48 -28.90
N ALA B 541 -3.62 -8.06 -27.71
CA ALA B 541 -3.32 -8.87 -26.53
C ALA B 541 -4.13 -10.15 -26.54
N SER B 542 -5.40 -10.07 -26.94
CA SER B 542 -6.18 -11.30 -27.05
C SER B 542 -5.60 -12.26 -28.10
N ALA B 543 -5.04 -11.74 -29.20
CA ALA B 543 -4.48 -12.64 -30.21
C ALA B 543 -3.30 -13.47 -29.66
N ALA B 544 -2.53 -12.93 -28.73
CA ALA B 544 -1.36 -13.62 -28.18
C ALA B 544 -1.70 -14.49 -26.98
N GLY B 545 -2.98 -14.75 -26.73
CA GLY B 545 -3.39 -15.51 -25.58
C GLY B 545 -3.15 -14.81 -24.25
N LEU B 546 -2.87 -13.52 -24.26
CA LEU B 546 -2.55 -12.75 -23.05
C LEU B 546 -3.50 -11.57 -22.94
N SER B 547 -4.76 -11.83 -22.62
CA SER B 547 -5.76 -10.78 -22.56
C SER B 547 -5.57 -9.87 -21.35
N ILE B 548 -5.75 -8.56 -21.57
CA ILE B 548 -5.48 -7.53 -20.57
C ILE B 548 -6.48 -6.39 -20.72
N HIS B 549 -6.66 -5.65 -19.64
CA HIS B 549 -7.46 -4.43 -19.67
C HIS B 549 -6.58 -3.24 -19.97
N VAL B 550 -6.99 -2.44 -20.94
CA VAL B 550 -6.27 -1.24 -21.35
C VAL B 550 -7.04 -0.03 -20.80
N PRO B 551 -6.51 0.69 -19.82
CA PRO B 551 -7.28 1.81 -19.23
C PRO B 551 -7.52 2.97 -20.19
N PHE B 552 -8.66 3.61 -20.03
CA PHE B 552 -9.05 4.74 -20.84
C PHE B 552 -9.55 5.87 -19.94
N ALA B 553 -8.96 7.06 -20.09
CA ALA B 553 -9.42 8.27 -19.42
C ALA B 553 -10.16 9.16 -20.41
N PRO B 554 -11.47 9.31 -20.32
CA PRO B 554 -12.21 10.18 -21.23
C PRO B 554 -12.12 11.66 -20.85
N GLY B 555 -12.75 12.49 -21.67
CA GLY B 555 -12.92 13.89 -21.38
C GLY B 555 -12.00 14.83 -22.12
N ARG B 556 -11.39 14.39 -23.21
CA ARG B 556 -10.65 15.31 -24.04
C ARG B 556 -11.62 16.18 -24.83
N VAL B 557 -11.09 17.26 -25.38
CA VAL B 557 -11.86 18.20 -26.18
C VAL B 557 -11.17 18.40 -27.51
N ASP B 558 -11.96 18.73 -28.54
CA ASP B 558 -11.47 19.04 -29.87
C ASP B 558 -11.33 20.55 -30.01
N ALA B 559 -10.19 21.00 -30.53
CA ALA B 559 -9.92 22.41 -30.71
C ALA B 559 -10.26 22.87 -32.13
N ARG B 560 -10.21 24.19 -32.31
CA ARG B 560 -10.46 24.82 -33.60
C ARG B 560 -9.14 25.22 -34.27
N GLN B 561 -9.16 25.22 -35.60
CA GLN B 561 -8.07 25.80 -36.37
C GLN B 561 -7.70 27.20 -35.86
N ASP B 562 -8.66 27.92 -35.28
CA ASP B 562 -8.41 29.26 -34.75
C ASP B 562 -7.56 29.25 -33.50
N GLN B 563 -7.27 28.09 -32.95
CA GLN B 563 -6.45 27.99 -31.75
C GLN B 563 -5.17 27.23 -32.02
N THR B 564 -4.94 26.84 -33.27
CA THR B 564 -3.76 26.08 -33.68
C THR B 564 -2.98 26.96 -34.64
N ASP B 565 -2.07 27.76 -34.10
CA ASP B 565 -1.22 28.59 -34.94
C ASP B 565 -0.23 27.70 -35.68
N ILE B 566 -0.39 27.61 -36.99
CA ILE B 566 0.41 26.69 -37.79
C ILE B 566 1.89 26.93 -37.58
N GLU B 567 2.28 28.20 -37.38
CA GLU B 567 3.70 28.50 -37.24
C GLU B 567 4.28 27.94 -35.95
N MET B 568 3.52 27.98 -34.86
CA MET B 568 4.05 27.46 -33.62
C MET B 568 3.76 25.99 -33.43
N PHE B 569 3.03 25.37 -34.35
CA PHE B 569 2.88 23.91 -34.34
C PHE B 569 3.81 23.25 -35.35
N GLU B 570 4.33 23.98 -36.30
CA GLU B 570 5.35 23.45 -37.19
C GLU B 570 6.68 23.23 -36.48
N LEU B 571 6.87 23.80 -35.29
CA LEU B 571 8.00 23.46 -34.45
C LEU B 571 7.88 22.08 -33.82
N LEU B 572 6.67 21.53 -33.75
CA LEU B 572 6.42 20.23 -33.13
C LEU B 572 6.59 19.07 -34.11
N GLU B 573 7.09 19.32 -35.33
CA GLU B 573 7.19 18.25 -36.32
C GLU B 573 8.41 17.39 -36.03
N PRO B 574 8.26 16.07 -35.90
CA PRO B 574 9.42 15.25 -35.53
C PRO B 574 10.44 15.23 -36.65
N ILE B 575 11.70 15.46 -36.29
CA ILE B 575 12.78 15.07 -37.20
C ILE B 575 12.98 13.57 -37.20
N ALA B 576 12.42 12.87 -36.21
CA ALA B 576 12.63 11.44 -36.07
C ALA B 576 11.67 10.92 -35.02
N ASP B 577 11.05 9.79 -35.31
CA ASP B 577 10.23 9.05 -34.35
C ASP B 577 10.65 7.60 -34.48
N GLY B 578 11.66 7.22 -33.70
CA GLY B 578 12.16 5.85 -33.73
C GLY B 578 11.09 4.81 -33.48
N PHE B 579 10.06 5.16 -32.74
CA PHE B 579 8.98 4.23 -32.46
C PHE B 579 8.15 3.87 -33.69
N ARG B 580 8.32 4.57 -34.83
CA ARG B 580 7.65 4.19 -36.06
C ARG B 580 8.59 4.19 -37.26
N ASN B 581 9.90 4.18 -37.02
CA ASN B 581 10.88 3.95 -38.08
C ASN B 581 10.93 5.13 -39.06
N TYR B 582 10.69 6.35 -38.56
CA TYR B 582 10.82 7.55 -39.36
C TYR B 582 12.02 8.35 -38.89
N ARG B 583 12.91 8.64 -39.82
CA ARG B 583 13.99 9.59 -39.65
C ARG B 583 13.97 10.47 -40.88
N ALA B 584 14.07 11.78 -40.69
CA ALA B 584 13.92 12.74 -41.80
C ALA B 584 15.23 13.00 -42.52
N ARG B 585 16.15 13.71 -41.89
CA ARG B 585 17.41 14.11 -42.50
C ARG B 585 18.56 13.26 -41.99
N LEU B 586 19.58 13.17 -42.84
CA LEU B 586 20.80 12.46 -42.54
C LEU B 586 22.04 13.31 -42.17
N ASP B 587 21.86 14.57 -41.80
CA ASP B 587 22.99 15.32 -41.33
C ASP B 587 22.90 15.67 -39.83
N VAL B 588 21.69 15.61 -39.27
CA VAL B 588 21.43 15.98 -37.86
C VAL B 588 21.98 15.24 -36.59
N SER B 589 21.93 13.90 -36.50
CA SER B 589 22.43 13.14 -35.33
C SER B 589 22.41 11.67 -35.62
N THR B 590 22.81 10.80 -34.69
CA THR B 590 22.59 9.42 -35.05
C THR B 590 21.15 9.02 -34.73
N THR B 591 20.68 7.99 -35.43
CA THR B 591 19.31 7.52 -35.28
C THR B 591 19.01 7.08 -33.85
N GLU B 592 19.99 6.47 -33.17
CA GLU B 592 19.78 5.96 -31.81
C GLU B 592 19.87 7.06 -30.75
N SER B 593 20.71 8.08 -30.97
CA SER B 593 20.69 9.21 -30.05
C SER B 593 19.40 10.02 -30.23
N LEU B 594 18.93 10.17 -31.47
CA LEU B 594 17.60 10.73 -31.70
C LEU B 594 16.51 9.93 -31.00
N LEU B 595 16.65 8.59 -30.99
CA LEU B 595 15.71 7.77 -30.24
C LEU B 595 15.75 8.13 -28.75
N ILE B 596 16.94 8.19 -28.16
CA ILE B 596 17.04 8.58 -26.75
C ILE B 596 16.36 9.93 -26.53
N ASP B 597 16.66 10.88 -27.40
CA ASP B 597 16.15 12.24 -27.26
C ASP B 597 14.62 12.27 -27.29
N LYS B 598 14.02 11.55 -28.24
CA LYS B 598 12.57 11.41 -28.26
C LYS B 598 12.05 10.83 -26.95
N ALA B 599 12.70 9.78 -26.44
CA ALA B 599 12.20 9.12 -25.24
C ALA B 599 12.29 10.04 -24.03
N GLN B 600 13.36 10.83 -23.95
CA GLN B 600 13.51 11.77 -22.85
C GLN B 600 12.40 12.80 -22.90
N GLN B 601 12.13 13.38 -24.09
CA GLN B 601 11.05 14.33 -24.25
C GLN B 601 9.72 13.77 -23.77
N LEU B 602 9.57 12.44 -23.80
CA LEU B 602 8.39 11.76 -23.30
C LEU B 602 8.52 11.36 -21.83
N THR B 603 9.66 11.66 -21.18
CA THR B 603 9.87 11.36 -19.76
C THR B 603 9.81 9.86 -19.46
N LEU B 604 10.35 9.05 -20.36
CA LEU B 604 10.32 7.60 -20.19
C LEU B 604 11.59 7.08 -19.49
N THR B 605 11.52 5.85 -19.01
CA THR B 605 12.70 5.13 -18.54
C THR B 605 13.21 4.20 -19.64
N ALA B 606 14.44 3.74 -19.50
CA ALA B 606 15.00 2.84 -20.51
C ALA B 606 14.15 1.58 -20.68
N PRO B 607 13.74 0.88 -19.63
CA PRO B 607 12.77 -0.20 -19.81
C PRO B 607 11.53 0.23 -20.57
N GLU B 608 10.94 1.38 -20.23
CA GLU B 608 9.72 1.84 -20.91
C GLU B 608 9.95 1.93 -22.41
N MET B 609 11.07 2.55 -22.81
CA MET B 609 11.42 2.75 -24.22
C MET B 609 11.64 1.43 -24.94
N THR B 610 12.31 0.48 -24.27
CA THR B 610 12.54 -0.85 -24.83
C THR B 610 11.23 -1.59 -25.11
N ALA B 611 10.39 -1.71 -24.07
CA ALA B 611 9.10 -2.38 -24.21
C ALA B 611 8.25 -1.77 -25.33
N LEU B 612 8.25 -0.44 -25.44
CA LEU B 612 7.40 0.19 -26.45
C LEU B 612 7.96 -0.02 -27.85
N VAL B 613 9.27 0.11 -28.05
CA VAL B 613 9.82 -0.15 -29.37
C VAL B 613 9.41 -1.55 -29.83
N GLY B 614 9.66 -2.56 -29.00
CA GLY B 614 9.33 -3.92 -29.40
C GLY B 614 7.86 -4.12 -29.70
N GLY B 615 6.98 -3.60 -28.82
CA GLY B 615 5.56 -3.73 -29.06
C GLY B 615 5.14 -3.10 -30.37
N MET B 616 5.57 -1.86 -30.60
CA MET B 616 5.19 -1.15 -31.82
C MET B 616 5.74 -1.86 -33.05
N ARG B 617 6.81 -2.63 -32.89
CA ARG B 617 7.32 -3.40 -34.02
C ARG B 617 6.40 -4.58 -34.34
N VAL B 618 5.94 -5.33 -33.35
CA VAL B 618 5.11 -6.49 -33.71
C VAL B 618 3.74 -6.04 -34.19
N LEU B 619 3.16 -5.02 -33.57
CA LEU B 619 1.87 -4.50 -34.03
C LEU B 619 1.96 -3.92 -35.44
N GLY B 620 3.17 -3.74 -35.95
CA GLY B 620 3.34 -3.25 -37.31
C GLY B 620 3.09 -1.77 -37.45
N ALA B 621 3.45 -0.99 -36.43
CA ALA B 621 3.18 0.44 -36.37
C ALA B 621 4.22 1.26 -37.11
N ASN B 622 4.83 0.68 -38.14
CA ASN B 622 5.76 1.43 -38.95
C ASN B 622 5.00 2.49 -39.73
N PHE B 623 5.49 3.72 -39.70
CA PHE B 623 5.05 4.67 -40.70
C PHE B 623 5.36 4.05 -42.07
N ASP B 624 4.53 4.36 -43.06
CA ASP B 624 4.75 3.76 -44.37
C ASP B 624 4.60 2.23 -44.33
N GLY B 625 4.28 1.69 -43.16
CA GLY B 625 4.19 0.27 -42.94
C GLY B 625 5.20 -0.61 -43.63
N SER B 626 6.49 -0.31 -43.52
CA SER B 626 7.49 -1.20 -44.08
C SER B 626 7.72 -2.36 -43.12
N LYS B 627 8.54 -3.32 -43.53
CA LYS B 627 8.89 -4.46 -42.70
C LYS B 627 10.28 -4.33 -42.10
N ASN B 628 10.66 -3.11 -41.73
CA ASN B 628 11.88 -2.91 -40.96
C ASN B 628 11.63 -3.31 -39.52
N GLY B 629 12.32 -4.35 -39.06
CA GLY B 629 12.25 -4.73 -37.67
C GLY B 629 11.00 -5.44 -37.27
N VAL B 630 10.26 -6.01 -38.22
CA VAL B 630 9.04 -6.75 -37.93
C VAL B 630 9.47 -8.20 -37.83
N PHE B 631 9.84 -8.60 -36.63
CA PHE B 631 10.51 -9.88 -36.39
C PHE B 631 9.49 -10.89 -35.88
N THR B 632 8.66 -11.35 -36.80
CA THR B 632 7.55 -12.21 -36.43
C THR B 632 6.81 -12.60 -37.71
N ASP B 633 5.83 -13.48 -37.56
CA ASP B 633 4.92 -13.82 -38.62
C ASP B 633 3.50 -13.42 -38.32
N ARG B 634 3.16 -13.19 -37.06
CA ARG B 634 1.83 -12.76 -36.66
C ARG B 634 1.88 -11.25 -36.40
N VAL B 635 1.81 -10.48 -37.46
CA VAL B 635 1.79 -9.02 -37.36
C VAL B 635 0.39 -8.58 -36.94
N GLY B 636 0.31 -7.89 -35.80
CA GLY B 636 -0.94 -7.53 -35.16
C GLY B 636 -1.20 -8.24 -33.84
N VAL B 637 -0.37 -9.20 -33.45
CA VAL B 637 -0.47 -9.83 -32.14
C VAL B 637 0.71 -9.37 -31.29
N LEU B 638 0.47 -9.21 -29.99
CA LEU B 638 1.42 -8.57 -29.09
C LEU B 638 2.20 -9.65 -28.35
N SER B 639 3.32 -10.06 -28.94
CA SER B 639 4.18 -11.07 -28.37
C SER B 639 5.55 -10.47 -28.12
N ASN B 640 6.45 -11.27 -27.55
CA ASN B 640 7.82 -10.86 -27.36
C ASN B 640 8.70 -11.29 -28.53
N ASP B 641 8.09 -11.62 -29.68
CA ASP B 641 8.81 -12.10 -30.87
C ASP B 641 9.97 -11.19 -31.27
N PHE B 642 9.85 -9.88 -31.05
CA PHE B 642 10.89 -8.95 -31.46
C PHE B 642 12.20 -9.26 -30.74
N PHE B 643 12.16 -9.40 -29.41
CA PHE B 643 13.39 -9.60 -28.64
C PHE B 643 13.96 -11.00 -28.87
N VAL B 644 13.08 -11.99 -29.03
CA VAL B 644 13.52 -13.37 -29.28
C VAL B 644 14.28 -13.46 -30.59
N ASN B 645 13.70 -12.93 -31.68
CA ASN B 645 14.39 -13.00 -32.96
C ASN B 645 15.59 -12.08 -33.01
N LEU B 646 15.52 -10.93 -32.35
CA LEU B 646 16.64 -10.02 -32.34
C LEU B 646 17.87 -10.63 -31.69
N LEU B 647 17.69 -11.36 -30.58
CA LEU B 647 18.85 -11.85 -29.83
C LEU B 647 19.33 -13.21 -30.28
N ASP B 648 18.54 -13.89 -31.10
CA ASP B 648 18.81 -15.26 -31.51
C ASP B 648 20.02 -15.32 -32.44
N MET B 649 21.08 -16.00 -32.00
CA MET B 649 22.35 -16.06 -32.73
C MET B 649 22.25 -16.78 -34.06
N ARG B 650 21.02 -17.08 -34.49
CA ARG B 650 20.77 -17.74 -35.76
C ARG B 650 21.10 -16.84 -36.93
N TYR B 651 20.69 -15.58 -36.88
CA TYR B 651 20.82 -14.66 -38.00
C TYR B 651 22.03 -13.78 -37.82
N GLU B 652 22.79 -13.61 -38.88
CA GLU B 652 23.81 -12.59 -38.90
C GLU B 652 23.32 -11.41 -39.73
N TRP B 653 23.71 -10.22 -39.29
CA TRP B 653 23.18 -8.97 -39.81
C TRP B 653 24.29 -8.29 -40.59
N LYS B 654 23.92 -7.78 -41.77
CA LYS B 654 24.84 -7.13 -42.69
C LYS B 654 24.26 -5.79 -43.13
N ALA B 655 25.13 -4.81 -43.35
CA ALA B 655 24.70 -3.50 -43.78
C ALA B 655 24.64 -3.43 -45.30
N THR B 656 23.56 -2.86 -45.83
CA THR B 656 23.30 -2.96 -47.25
C THR B 656 24.14 -1.97 -48.05
N ASP B 657 24.49 -0.82 -47.47
CA ASP B 657 25.27 0.17 -48.22
C ASP B 657 25.98 1.12 -47.26
N GLU B 658 26.75 2.05 -47.84
CA GLU B 658 27.63 2.89 -47.04
C GLU B 658 26.84 3.84 -46.14
N SER B 659 25.59 4.13 -46.48
CA SER B 659 24.72 4.92 -45.62
C SER B 659 24.02 3.96 -44.66
N LYS B 660 24.82 3.39 -43.75
CA LYS B 660 24.43 2.22 -42.96
C LYS B 660 23.28 2.56 -42.02
N GLU B 661 22.09 2.64 -42.60
CA GLU B 661 20.87 2.74 -41.82
C GLU B 661 19.91 1.61 -42.17
N LEU B 662 20.35 0.67 -43.00
CA LEU B 662 19.55 -0.46 -43.43
C LEU B 662 20.43 -1.72 -43.39
N PHE B 663 19.92 -2.79 -42.78
CA PHE B 663 20.66 -4.03 -42.68
C PHE B 663 19.72 -5.19 -42.97
N GLU B 664 20.29 -6.23 -43.54
CA GLU B 664 19.61 -7.49 -43.80
C GLU B 664 20.04 -8.53 -42.77
N GLY B 665 19.09 -9.34 -42.32
CA GLY B 665 19.39 -10.52 -41.54
C GLY B 665 19.27 -11.73 -42.44
N ARG B 666 20.35 -12.50 -42.51
CA ARG B 666 20.29 -13.80 -43.15
C ARG B 666 20.72 -14.86 -42.16
N ASP B 667 20.15 -16.04 -42.28
CA ASP B 667 20.46 -17.09 -41.32
C ASP B 667 21.86 -17.64 -41.58
N ARG B 668 22.63 -17.75 -40.51
CA ARG B 668 24.04 -18.11 -40.62
C ARG B 668 24.25 -19.51 -41.20
N GLU B 669 23.19 -20.26 -41.52
CA GLU B 669 23.35 -21.60 -42.07
C GLU B 669 23.09 -21.61 -43.57
N THR B 670 21.84 -21.39 -43.97
CA THR B 670 21.48 -21.39 -45.38
C THR B 670 21.86 -20.08 -46.05
N GLY B 671 21.83 -18.99 -45.31
CA GLY B 671 22.19 -17.69 -45.85
C GLY B 671 21.04 -16.86 -46.34
N GLU B 672 19.81 -17.36 -46.27
CA GLU B 672 18.66 -16.66 -46.82
C GLU B 672 18.27 -15.47 -45.96
N VAL B 673 17.67 -14.48 -46.60
CA VAL B 673 17.35 -13.20 -45.95
C VAL B 673 15.92 -13.24 -45.42
N LYS B 674 15.79 -13.17 -44.10
CA LYS B 674 14.51 -13.29 -43.43
C LYS B 674 14.00 -11.99 -42.83
N PHE B 675 14.87 -11.03 -42.56
CA PHE B 675 14.45 -9.78 -41.90
C PHE B 675 15.28 -8.60 -42.39
N THR B 676 14.75 -7.41 -42.20
CA THR B 676 15.48 -6.17 -42.40
C THR B 676 15.30 -5.29 -41.18
N ALA B 677 16.21 -4.34 -41.02
CA ALA B 677 16.13 -3.49 -39.84
C ALA B 677 16.93 -2.21 -40.07
N SER B 678 16.69 -1.23 -39.21
CA SER B 678 17.44 0.02 -39.18
C SER B 678 18.21 0.13 -37.88
N ARG B 679 19.03 1.18 -37.79
CA ARG B 679 19.81 1.43 -36.59
C ARG B 679 18.94 1.55 -35.35
N ALA B 680 17.66 1.87 -35.50
CA ALA B 680 16.78 2.01 -34.35
C ALA B 680 16.31 0.67 -33.83
N ASP B 681 16.26 -0.34 -34.69
CA ASP B 681 15.95 -1.70 -34.24
C ASP B 681 17.16 -2.39 -33.62
N LEU B 682 18.37 -1.98 -34.01
CA LEU B 682 19.57 -2.76 -33.74
C LEU B 682 20.47 -2.17 -32.67
N VAL B 683 20.18 -0.98 -32.16
CA VAL B 683 20.88 -0.52 -30.97
C VAL B 683 20.56 -1.43 -29.78
N PHE B 684 19.36 -2.01 -29.75
CA PHE B 684 18.92 -2.86 -28.64
C PHE B 684 19.64 -4.20 -28.59
N GLY B 685 20.61 -4.43 -29.47
CA GLY B 685 21.49 -5.55 -29.32
C GLY B 685 22.95 -5.15 -29.43
N SER B 686 23.25 -3.86 -29.30
CA SER B 686 24.62 -3.37 -29.39
C SER B 686 25.08 -2.62 -28.16
N ASN B 687 24.23 -1.75 -27.62
CA ASN B 687 24.46 -1.09 -26.34
C ASN B 687 24.17 -2.09 -25.21
N SER B 688 25.07 -2.17 -24.24
CA SER B 688 24.93 -3.22 -23.25
C SER B 688 23.84 -2.92 -22.22
N VAL B 689 23.61 -1.66 -21.88
CA VAL B 689 22.54 -1.34 -20.97
C VAL B 689 21.18 -1.69 -21.59
N LEU B 690 21.00 -1.38 -22.88
CA LEU B 690 19.74 -1.70 -23.56
C LEU B 690 19.56 -3.21 -23.73
N ARG B 691 20.62 -3.93 -24.14
CA ARG B 691 20.54 -5.38 -24.30
C ARG B 691 20.21 -6.07 -22.98
N ALA B 692 20.71 -5.53 -21.86
CA ALA B 692 20.33 -6.04 -20.55
C ALA B 692 18.81 -6.01 -20.31
N VAL B 693 18.05 -5.13 -20.97
CA VAL B 693 16.59 -5.13 -20.81
C VAL B 693 15.91 -5.98 -21.87
N ALA B 694 16.47 -5.93 -23.07
CA ALA B 694 16.05 -6.86 -24.11
C ALA B 694 16.03 -8.29 -23.59
N GLU B 695 17.12 -8.74 -22.94
CA GLU B 695 17.19 -10.13 -22.51
C GLU B 695 16.11 -10.45 -21.50
N VAL B 696 15.83 -9.52 -20.59
CA VAL B 696 14.72 -9.69 -19.66
C VAL B 696 13.45 -10.00 -20.43
N TYR B 697 13.14 -9.19 -21.45
CA TYR B 697 11.90 -9.45 -22.17
C TYR B 697 11.96 -10.69 -23.08
N ALA B 698 13.14 -11.11 -23.51
CA ALA B 698 13.28 -12.29 -24.36
C ALA B 698 13.33 -13.59 -23.60
N SER B 699 13.33 -13.56 -22.27
CA SER B 699 13.54 -14.76 -21.48
C SER B 699 12.22 -15.50 -21.31
N SER B 700 12.34 -16.76 -20.90
CA SER B 700 11.23 -17.69 -21.09
C SER B 700 10.05 -17.43 -20.17
N ASP B 701 10.23 -16.66 -19.10
CA ASP B 701 9.17 -16.37 -18.15
C ASP B 701 8.56 -14.98 -18.34
N ALA B 702 8.62 -14.41 -19.54
CA ALA B 702 8.33 -12.98 -19.71
C ALA B 702 7.36 -12.71 -20.86
N HIS B 703 6.25 -13.44 -20.90
CA HIS B 703 5.17 -13.17 -21.86
C HIS B 703 4.13 -12.21 -21.27
N GLU B 704 3.53 -12.61 -20.15
CA GLU B 704 2.60 -11.74 -19.44
C GLU B 704 3.31 -10.47 -19.01
N LYS B 705 4.58 -10.59 -18.64
CA LYS B 705 5.35 -9.46 -18.17
C LYS B 705 5.52 -8.42 -19.28
N PHE B 706 5.90 -8.86 -20.47
CA PHE B 706 6.04 -7.92 -21.57
C PHE B 706 4.71 -7.24 -21.86
N VAL B 707 3.61 -8.01 -21.82
CA VAL B 707 2.31 -7.44 -22.13
C VAL B 707 1.94 -6.35 -21.12
N LYS B 708 2.09 -6.64 -19.83
CA LYS B 708 1.76 -5.65 -18.80
C LYS B 708 2.66 -4.42 -18.89
N ASP B 709 3.96 -4.62 -19.09
CA ASP B 709 4.87 -3.48 -19.16
C ASP B 709 4.53 -2.58 -20.35
N PHE B 710 4.33 -3.16 -21.53
CA PHE B 710 3.94 -2.37 -22.70
C PHE B 710 2.61 -1.64 -22.47
N VAL B 711 1.64 -2.30 -21.84
CA VAL B 711 0.34 -1.65 -21.64
C VAL B 711 0.48 -0.46 -20.68
N ALA B 712 1.25 -0.61 -19.60
CA ALA B 712 1.45 0.50 -18.68
C ALA B 712 2.16 1.67 -19.36
N ALA B 713 3.22 1.40 -20.14
CA ALA B 713 3.92 2.48 -20.82
C ALA B 713 3.01 3.18 -21.84
N TRP B 714 2.21 2.41 -22.58
CA TRP B 714 1.25 2.97 -23.53
C TRP B 714 0.31 3.94 -22.83
N VAL B 715 -0.32 3.50 -21.75
CA VAL B 715 -1.26 4.37 -21.05
C VAL B 715 -0.54 5.60 -20.49
N LYS B 716 0.72 5.45 -20.09
CA LYS B 716 1.45 6.63 -19.62
C LYS B 716 1.62 7.66 -20.73
N VAL B 717 1.91 7.20 -21.96
CA VAL B 717 2.11 8.14 -23.05
C VAL B 717 0.78 8.68 -23.58
N MET B 718 -0.33 7.99 -23.32
CA MET B 718 -1.65 8.52 -23.65
C MET B 718 -2.05 9.70 -22.75
N ASN B 719 -1.49 9.79 -21.55
CA ASN B 719 -2.01 10.68 -20.52
C ASN B 719 -1.04 11.80 -20.14
N LEU B 720 0.04 11.99 -20.90
CA LEU B 720 1.08 12.95 -20.50
C LEU B 720 0.57 14.39 -20.43
N ASP B 721 -0.35 14.78 -21.31
CA ASP B 721 -0.89 16.14 -21.34
C ASP B 721 -2.21 16.28 -20.61
N ARG B 722 -2.58 15.32 -19.77
CA ARG B 722 -3.83 15.39 -19.02
C ARG B 722 -3.65 16.15 -17.69
N PHE B 723 -3.09 17.36 -17.78
CA PHE B 723 -2.98 18.21 -16.59
C PHE B 723 -4.34 18.66 -16.09
N ASP B 724 -5.34 18.65 -16.97
CA ASP B 724 -6.73 18.83 -16.57
C ASP B 724 -7.18 17.79 -15.57
N LEU B 725 -6.44 16.69 -15.42
CA LEU B 725 -6.82 15.64 -14.50
C LEU B 725 -5.96 15.68 -13.26
N PRO C 38 -31.45 -12.55 26.31
CA PRO C 38 -32.22 -11.99 27.42
C PRO C 38 -31.41 -10.97 28.21
N ASN C 39 -30.43 -11.44 28.98
CA ASN C 39 -29.51 -10.58 29.73
C ASN C 39 -28.12 -10.85 29.16
N GLN C 40 -27.76 -10.11 28.11
CA GLN C 40 -26.54 -10.37 27.36
C GLN C 40 -25.76 -9.08 27.17
N LEU C 41 -24.52 -9.22 26.77
CA LEU C 41 -23.66 -8.10 26.42
C LEU C 41 -23.61 -8.03 24.91
N ARG C 42 -24.15 -6.96 24.35
CA ARG C 42 -24.26 -6.86 22.90
C ARG C 42 -22.98 -6.31 22.30
N VAL C 43 -21.88 -7.01 22.61
CA VAL C 43 -20.61 -6.77 21.94
C VAL C 43 -20.81 -6.79 20.43
N ASP C 44 -21.86 -7.48 19.95
CA ASP C 44 -22.16 -7.57 18.53
C ASP C 44 -22.79 -6.29 17.98
N LEU C 45 -23.04 -5.28 18.83
CA LEU C 45 -23.22 -3.94 18.29
C LEU C 45 -21.94 -3.48 17.61
N LEU C 46 -20.79 -3.75 18.24
CA LEU C 46 -19.53 -3.17 17.81
C LEU C 46 -19.02 -3.73 16.49
N ASN C 47 -19.65 -4.76 15.94
CA ASN C 47 -19.19 -5.41 14.72
C ASN C 47 -19.82 -4.85 13.46
N GLN C 48 -20.85 -4.01 13.57
CA GLN C 48 -21.60 -3.58 12.39
C GLN C 48 -20.80 -2.63 11.49
N HIS C 49 -21.05 -2.74 10.18
CA HIS C 49 -20.51 -1.81 9.17
C HIS C 49 -19.02 -2.06 8.92
N SER C 50 -18.70 -3.31 8.60
CA SER C 50 -17.33 -3.73 8.41
C SER C 50 -16.99 -3.78 6.92
N ASN C 51 -15.76 -4.20 6.61
CA ASN C 51 -15.38 -4.40 5.22
C ASN C 51 -16.27 -5.45 4.53
N ARG C 52 -16.74 -6.46 5.27
CA ARG C 52 -17.38 -7.60 4.61
C ARG C 52 -18.67 -7.23 3.89
N SER C 53 -19.50 -6.35 4.46
CA SER C 53 -20.80 -6.02 3.88
C SER C 53 -20.78 -4.81 2.95
N ASN C 54 -19.64 -4.23 2.64
CA ASN C 54 -19.61 -3.07 1.76
C ASN C 54 -19.53 -3.52 0.31
N PRO C 55 -20.58 -3.30 -0.49
CA PRO C 55 -20.52 -3.67 -1.90
C PRO C 55 -19.63 -2.75 -2.71
N LEU C 56 -19.26 -1.60 -2.17
CA LEU C 56 -18.43 -0.63 -2.85
C LEU C 56 -17.00 -0.76 -2.31
N GLY C 57 -16.10 0.03 -2.88
CA GLY C 57 -14.74 -0.02 -2.43
C GLY C 57 -14.61 0.21 -0.93
N GLU C 58 -13.39 0.05 -0.45
CA GLU C 58 -13.01 0.51 0.87
C GLU C 58 -12.55 1.96 0.85
N ASP C 59 -12.43 2.55 -0.34
CA ASP C 59 -12.04 3.95 -0.51
C ASP C 59 -13.09 4.86 -1.11
N PHE C 60 -14.31 4.37 -1.34
CA PHE C 60 -15.35 5.18 -1.95
C PHE C 60 -15.54 6.47 -1.17
N ASP C 61 -15.25 7.58 -1.80
CA ASP C 61 -15.41 8.91 -1.22
C ASP C 61 -16.74 9.46 -1.74
N TYR C 62 -17.76 9.51 -0.89
CA TYR C 62 -19.05 10.04 -1.36
C TYR C 62 -18.90 11.47 -1.86
N ARG C 63 -18.23 12.32 -1.08
CA ARG C 63 -18.05 13.72 -1.47
C ARG C 63 -17.47 13.85 -2.87
N LYS C 64 -16.42 13.08 -3.15
CA LYS C 64 -15.74 13.20 -4.43
C LYS C 64 -16.60 12.68 -5.58
N GLU C 65 -17.47 11.70 -5.33
CA GLU C 65 -18.42 11.24 -6.35
C GLU C 65 -19.53 12.26 -6.58
N PHE C 66 -20.04 12.87 -5.51
CA PHE C 66 -21.01 13.94 -5.62
C PHE C 66 -20.47 15.09 -6.44
N SER C 67 -19.18 15.30 -6.41
CA SER C 67 -18.63 16.41 -7.15
C SER C 67 -18.96 16.28 -8.62
N LYS C 68 -19.17 15.07 -9.06
CA LYS C 68 -19.46 14.81 -10.46
C LYS C 68 -20.93 14.96 -10.82
N LEU C 69 -21.80 15.10 -9.84
CA LEU C 69 -23.24 15.10 -10.06
C LEU C 69 -23.72 16.35 -10.80
N ASP C 70 -24.40 16.13 -11.91
CA ASP C 70 -25.23 17.18 -12.53
C ASP C 70 -26.42 17.43 -11.61
N TYR C 71 -26.23 18.33 -10.64
CA TYR C 71 -27.21 18.55 -9.58
C TYR C 71 -28.51 19.15 -10.13
N TYR C 72 -28.39 20.19 -10.97
CA TYR C 72 -29.59 20.81 -11.55
C TYR C 72 -30.26 19.94 -12.60
N GLY C 73 -29.49 19.14 -13.36
CA GLY C 73 -30.10 18.18 -14.26
C GLY C 73 -30.86 17.09 -13.52
N LEU C 74 -30.32 16.66 -12.37
CA LEU C 74 -31.07 15.73 -11.51
C LEU C 74 -32.36 16.35 -11.02
N LYS C 75 -32.32 17.62 -10.63
CA LYS C 75 -33.54 18.30 -10.19
C LYS C 75 -34.56 18.38 -11.33
N LYS C 76 -34.09 18.60 -12.56
CA LYS C 76 -34.98 18.58 -13.73
C LYS C 76 -35.60 17.21 -13.94
N ASP C 77 -34.82 16.13 -13.80
CA ASP C 77 -35.37 14.79 -14.00
C ASP C 77 -36.38 14.43 -12.92
N LEU C 78 -36.13 14.86 -11.69
CA LEU C 78 -37.11 14.67 -10.62
C LEU C 78 -38.39 15.45 -10.89
N LYS C 79 -38.28 16.70 -11.34
CA LYS C 79 -39.47 17.47 -11.65
C LYS C 79 -40.28 16.76 -12.73
N ALA C 80 -39.58 16.25 -13.76
CA ALA C 80 -40.22 15.40 -14.75
C ALA C 80 -40.97 14.25 -14.08
N LEU C 81 -40.29 13.53 -13.18
CA LEU C 81 -40.91 12.36 -12.56
C LEU C 81 -42.17 12.75 -11.82
N LEU C 82 -42.20 13.94 -11.21
CA LEU C 82 -43.32 14.33 -10.38
C LEU C 82 -44.67 14.10 -11.05
N THR C 83 -44.71 14.02 -12.38
CA THR C 83 -45.96 13.93 -13.11
C THR C 83 -46.04 12.75 -14.09
N GLU C 84 -45.03 11.89 -14.15
CA GLU C 84 -45.04 10.73 -15.03
C GLU C 84 -45.69 9.56 -14.29
N SER C 85 -46.91 9.20 -14.69
CA SER C 85 -47.79 8.39 -13.87
C SER C 85 -47.72 6.92 -14.29
N GLN C 86 -47.18 6.08 -13.40
CA GLN C 86 -47.02 4.66 -13.65
C GLN C 86 -48.35 3.92 -13.43
N PRO C 87 -48.71 2.99 -14.31
CA PRO C 87 -50.03 2.35 -14.19
C PRO C 87 -50.23 1.51 -12.94
N TRP C 88 -49.18 0.96 -12.32
CA TRP C 88 -49.36 0.14 -11.08
C TRP C 88 -49.65 0.93 -9.82
N TRP C 89 -49.59 2.25 -9.93
CA TRP C 89 -49.92 3.16 -8.86
C TRP C 89 -50.28 4.53 -9.56
N PRO C 90 -51.49 4.73 -10.07
CA PRO C 90 -51.76 6.06 -10.71
C PRO C 90 -51.54 7.32 -9.78
N ALA C 91 -51.02 8.42 -10.33
CA ALA C 91 -50.83 9.65 -9.57
C ALA C 91 -52.17 10.27 -9.19
N ASP C 92 -52.26 10.76 -7.96
CA ASP C 92 -53.39 11.60 -7.56
C ASP C 92 -53.29 12.94 -8.29
N TRP C 93 -54.42 13.40 -8.83
CA TRP C 93 -54.47 14.63 -9.63
C TRP C 93 -53.28 14.71 -10.57
N GLY C 94 -52.79 13.56 -11.04
CA GLY C 94 -51.62 13.50 -11.90
C GLY C 94 -50.31 13.79 -11.21
N SER C 95 -50.27 13.87 -9.89
CA SER C 95 -49.14 14.42 -9.16
C SER C 95 -48.76 13.50 -8.02
N TYR C 96 -47.51 13.05 -8.01
CA TYR C 96 -46.96 12.25 -6.93
C TYR C 96 -46.40 13.10 -5.79
N ALA C 97 -46.62 14.42 -5.81
CA ALA C 97 -45.88 15.31 -4.92
C ALA C 97 -46.26 15.09 -3.45
N GLY C 98 -47.55 14.97 -3.16
CA GLY C 98 -47.98 14.70 -1.80
C GLY C 98 -47.52 13.36 -1.30
N LEU C 99 -47.13 12.45 -2.20
CA LEU C 99 -46.52 11.19 -1.80
C LEU C 99 -45.07 11.40 -1.36
N PHE C 100 -44.30 12.18 -2.11
CA PHE C 100 -42.88 12.33 -1.79
C PHE C 100 -42.66 13.22 -0.57
N ILE C 101 -43.49 14.25 -0.36
CA ILE C 101 -43.35 15.01 0.87
C ILE C 101 -43.55 14.08 2.06
N ARG C 102 -44.56 13.21 1.99
CA ARG C 102 -44.82 12.28 3.09
C ARG C 102 -43.65 11.33 3.29
N MET C 103 -43.04 10.86 2.20
CA MET C 103 -41.92 9.96 2.36
C MET C 103 -40.76 10.65 3.06
N ALA C 104 -40.41 11.87 2.63
CA ALA C 104 -39.32 12.60 3.28
C ALA C 104 -39.64 12.91 4.75
N TRP C 105 -40.87 13.31 5.09
CA TRP C 105 -41.26 13.55 6.48
C TRP C 105 -41.20 12.27 7.34
N HIS C 106 -41.65 11.15 6.82
CA HIS C 106 -41.54 9.91 7.59
C HIS C 106 -40.09 9.53 7.80
N GLY C 107 -39.28 9.63 6.76
CA GLY C 107 -37.86 9.50 6.91
C GLY C 107 -37.35 10.29 8.11
N ALA C 108 -37.47 11.62 8.07
CA ALA C 108 -36.83 12.42 9.11
C ALA C 108 -37.45 12.23 10.50
N GLY C 109 -38.67 11.73 10.59
CA GLY C 109 -39.39 11.83 11.82
C GLY C 109 -39.16 10.80 12.89
N THR C 110 -38.25 9.85 12.69
CA THR C 110 -37.88 8.91 13.72
C THR C 110 -36.75 9.43 14.63
N TYR C 111 -36.42 10.71 14.54
CA TYR C 111 -35.30 11.26 15.29
C TYR C 111 -35.60 11.34 16.80
N ARG C 112 -34.56 11.16 17.61
CA ARG C 112 -34.66 11.39 19.05
C ARG C 112 -33.52 12.31 19.51
N SER C 113 -33.86 13.21 20.42
CA SER C 113 -32.92 14.19 20.93
C SER C 113 -32.05 13.65 22.05
N ILE C 114 -32.44 12.54 22.67
CA ILE C 114 -31.82 12.12 23.91
C ILE C 114 -30.51 11.38 23.69
N ASP C 115 -30.23 10.93 22.46
CA ASP C 115 -29.01 10.18 22.18
C ASP C 115 -28.56 10.38 20.74
N GLY C 116 -29.48 10.84 19.89
CA GLY C 116 -29.16 11.13 18.51
C GLY C 116 -29.40 10.02 17.53
N ARG C 117 -30.23 9.02 17.85
CA ARG C 117 -30.47 7.91 16.93
C ARG C 117 -31.74 8.16 16.11
N GLY C 118 -31.85 7.45 14.98
CA GLY C 118 -32.97 7.68 14.06
C GLY C 118 -32.70 8.86 13.14
N GLY C 119 -33.77 9.36 12.53
CA GLY C 119 -33.67 10.47 11.60
C GLY C 119 -33.50 10.02 10.17
N ALA C 120 -33.13 10.97 9.31
CA ALA C 120 -33.05 10.70 7.88
C ALA C 120 -31.60 10.76 7.37
N GLY C 121 -30.62 10.72 8.26
CA GLY C 121 -29.26 10.95 7.85
C GLY C 121 -28.54 9.75 7.28
N ARG C 122 -29.11 8.55 7.40
CA ARG C 122 -28.46 7.31 6.98
C ARG C 122 -29.25 6.55 5.91
N GLY C 123 -30.35 7.10 5.41
CA GLY C 123 -31.13 6.44 4.39
C GLY C 123 -31.89 5.22 4.86
N GLN C 124 -31.95 4.99 6.16
CA GLN C 124 -32.37 3.70 6.70
C GLN C 124 -33.80 3.31 6.31
N GLN C 125 -34.63 4.21 5.79
CA GLN C 125 -36.00 3.85 5.45
C GLN C 125 -36.06 2.77 4.37
N ARG C 126 -34.96 2.45 3.70
CA ARG C 126 -34.98 1.39 2.70
C ARG C 126 -34.95 -0.01 3.32
N PHE C 127 -34.27 -0.19 4.45
CA PHE C 127 -34.12 -1.52 5.03
C PHE C 127 -35.19 -1.84 6.05
N ALA C 128 -35.32 -3.13 6.33
CA ALA C 128 -35.96 -3.62 7.55
C ALA C 128 -35.25 -3.00 8.74
N PRO C 129 -35.92 -2.78 9.87
CA PRO C 129 -37.35 -3.01 10.08
C PRO C 129 -38.21 -1.88 9.52
N LEU C 130 -37.66 -0.66 9.47
CA LEU C 130 -38.46 0.53 9.22
C LEU C 130 -39.21 0.45 7.91
N ASN C 131 -38.67 -0.25 6.91
CA ASN C 131 -39.37 -0.33 5.63
C ASN C 131 -40.72 -1.00 5.74
N SER C 132 -41.01 -1.65 6.86
CA SER C 132 -42.19 -2.50 6.98
C SER C 132 -43.09 -2.08 8.13
N TRP C 133 -42.79 -0.98 8.80
CA TRP C 133 -43.59 -0.53 9.91
C TRP C 133 -44.96 -0.06 9.43
N PRO C 134 -45.99 -0.23 10.25
CA PRO C 134 -47.35 0.13 9.80
C PRO C 134 -47.45 1.53 9.28
N ASP C 135 -46.71 2.47 9.88
CA ASP C 135 -46.82 3.87 9.53
C ASP C 135 -46.38 4.16 8.10
N ASN C 136 -45.47 3.36 7.53
CA ASN C 136 -44.98 3.56 6.17
C ASN C 136 -45.74 2.71 5.15
N VAL C 137 -47.06 2.75 5.19
CA VAL C 137 -47.88 1.71 4.57
C VAL C 137 -47.99 1.85 3.06
N SER C 138 -47.33 2.84 2.45
CA SER C 138 -47.27 2.92 0.99
C SER C 138 -45.98 3.53 0.47
N LEU C 139 -45.03 3.80 1.33
CA LEU C 139 -43.80 4.45 0.89
C LEU C 139 -42.86 3.50 0.16
N ASP C 140 -43.20 2.21 0.07
CA ASP C 140 -42.42 1.30 -0.77
C ASP C 140 -42.61 1.62 -2.24
N LYS C 141 -43.83 1.98 -2.64
CA LYS C 141 -44.03 2.39 -4.02
C LYS C 141 -43.41 3.74 -4.32
N ALA C 142 -43.43 4.65 -3.34
CA ALA C 142 -42.70 5.92 -3.47
C ALA C 142 -41.22 5.69 -3.68
N ARG C 143 -40.64 4.73 -2.96
CA ARG C 143 -39.22 4.41 -3.16
C ARG C 143 -38.99 3.70 -4.50
N ARG C 144 -39.96 2.90 -4.92
CA ARG C 144 -39.87 2.20 -6.17
C ARG C 144 -39.83 3.10 -7.38
N LEU C 145 -40.68 4.15 -7.33
CA LEU C 145 -40.79 5.14 -8.40
C LEU C 145 -39.53 5.97 -8.58
N LEU C 146 -38.57 5.85 -7.68
CA LEU C 146 -37.35 6.65 -7.73
C LEU C 146 -36.21 5.93 -8.42
N TRP C 147 -36.36 4.64 -8.73
CA TRP C 147 -35.29 3.76 -9.13
C TRP C 147 -34.72 4.11 -10.50
N PRO C 148 -35.53 4.54 -11.49
CA PRO C 148 -34.92 4.96 -12.77
C PRO C 148 -33.98 6.16 -12.67
N ILE C 149 -34.32 7.18 -11.88
CA ILE C 149 -33.39 8.30 -11.67
C ILE C 149 -32.13 7.81 -10.95
N LYS C 150 -32.33 7.08 -9.84
CA LYS C 150 -31.22 6.50 -9.09
C LYS C 150 -30.30 5.68 -10.00
N GLN C 151 -30.88 4.93 -10.94
CA GLN C 151 -30.11 4.04 -11.79
C GLN C 151 -29.32 4.83 -12.83
N LYS C 152 -29.98 5.79 -13.49
CA LYS C 152 -29.27 6.67 -14.39
C LYS C 152 -28.09 7.35 -13.74
N TYR C 153 -28.16 7.62 -12.44
CA TYR C 153 -27.12 8.45 -11.82
C TYR C 153 -26.10 7.68 -10.99
N GLY C 154 -26.43 6.48 -10.50
CA GLY C 154 -25.47 5.66 -9.81
C GLY C 154 -25.14 6.05 -8.39
N GLN C 155 -23.87 5.94 -8.02
CA GLN C 155 -23.43 6.33 -6.68
C GLN C 155 -23.18 7.83 -6.56
N LYS C 156 -23.30 8.59 -7.65
CA LYS C 156 -23.04 10.04 -7.60
C LYS C 156 -24.05 10.80 -6.77
N ILE C 157 -25.24 10.25 -6.56
CA ILE C 157 -26.17 10.67 -5.52
C ILE C 157 -26.48 9.44 -4.70
N SER C 158 -26.75 9.62 -3.41
CA SER C 158 -27.11 8.50 -2.55
C SER C 158 -28.60 8.49 -2.24
N TRP C 159 -29.15 7.28 -2.05
CA TRP C 159 -30.56 7.13 -1.71
C TRP C 159 -30.98 8.08 -0.59
N ALA C 160 -30.13 8.22 0.44
CA ALA C 160 -30.43 9.04 1.61
C ALA C 160 -30.50 10.53 1.29
N ASP C 161 -29.70 11.01 0.33
CA ASP C 161 -29.86 12.37 -0.18
C ASP C 161 -31.04 12.49 -1.16
N LEU C 162 -31.23 11.46 -2.00
CA LEU C 162 -32.26 11.50 -3.03
C LEU C 162 -33.64 11.65 -2.42
N PHE C 163 -33.88 11.02 -1.27
CA PHE C 163 -35.20 11.08 -0.67
C PHE C 163 -35.56 12.52 -0.28
N ILE C 164 -34.71 13.13 0.54
CA ILE C 164 -34.98 14.49 1.00
C ILE C 164 -35.09 15.44 -0.18
N LEU C 165 -34.24 15.24 -1.19
CA LEU C 165 -34.32 16.11 -2.35
C LEU C 165 -35.63 15.91 -3.13
N ALA C 166 -36.10 14.67 -3.24
CA ALA C 166 -37.38 14.44 -3.91
C ALA C 166 -38.47 15.24 -3.22
N GLY C 167 -38.53 15.17 -1.88
CA GLY C 167 -39.50 15.98 -1.16
C GLY C 167 -39.34 17.47 -1.40
N ASN C 168 -38.09 17.95 -1.43
CA ASN C 168 -37.87 19.37 -1.67
C ASN C 168 -38.44 19.78 -3.01
N VAL C 169 -38.09 19.03 -4.07
CA VAL C 169 -38.55 19.36 -5.42
C VAL C 169 -40.07 19.34 -5.48
N ALA C 170 -40.68 18.32 -4.88
CA ALA C 170 -42.13 18.27 -4.71
C ALA C 170 -42.69 19.57 -4.14
N LEU C 171 -42.05 20.12 -3.10
CA LEU C 171 -42.52 21.40 -2.56
C LEU C 171 -42.30 22.54 -3.54
N GLU C 172 -41.10 22.63 -4.10
CA GLU C 172 -40.76 23.72 -5.00
C GLU C 172 -41.62 23.75 -6.26
N ASN C 173 -42.30 22.64 -6.58
CA ASN C 173 -43.09 22.57 -7.80
C ASN C 173 -44.56 22.90 -7.58
N SER C 174 -44.98 23.13 -6.35
CA SER C 174 -46.35 23.50 -6.04
C SER C 174 -46.54 25.00 -5.93
N GLY C 175 -45.47 25.78 -6.03
CA GLY C 175 -45.48 27.20 -5.74
C GLY C 175 -44.73 27.61 -4.50
N PHE C 176 -44.33 26.67 -3.65
CA PHE C 176 -43.68 26.99 -2.38
C PHE C 176 -42.17 27.09 -2.54
N ARG C 177 -41.56 27.96 -1.73
CA ARG C 177 -40.14 28.23 -1.75
C ARG C 177 -39.44 27.56 -0.56
N THR C 178 -38.29 26.95 -0.81
CA THR C 178 -37.56 26.21 0.21
C THR C 178 -36.44 27.06 0.79
N PHE C 179 -36.08 26.76 2.03
CA PHE C 179 -35.02 27.47 2.73
C PHE C 179 -33.64 27.15 2.16
N GLY C 180 -33.47 26.04 1.47
CA GLY C 180 -32.15 25.55 1.15
C GLY C 180 -32.02 24.08 1.45
N PHE C 181 -31.03 23.43 0.82
CA PHE C 181 -30.81 22.00 0.93
C PHE C 181 -29.33 21.72 1.01
N GLY C 182 -28.96 20.76 1.85
CA GLY C 182 -27.58 20.31 1.93
C GLY C 182 -27.45 18.80 1.77
N ALA C 183 -26.72 18.38 0.74
CA ALA C 183 -26.41 16.98 0.52
C ALA C 183 -25.20 16.57 1.37
N GLY C 184 -25.02 15.26 1.50
CA GLY C 184 -23.89 14.73 2.24
C GLY C 184 -24.20 13.42 2.92
N ARG C 185 -25.48 13.08 3.06
CA ARG C 185 -25.87 11.80 3.62
C ARG C 185 -25.26 10.68 2.79
N GLU C 186 -24.22 10.05 3.29
CA GLU C 186 -23.61 8.93 2.59
C GLU C 186 -24.36 7.67 2.98
N ASP C 187 -24.49 6.76 2.02
CA ASP C 187 -25.32 5.58 2.19
C ASP C 187 -24.60 4.50 2.99
N VAL C 188 -25.39 3.65 3.66
CA VAL C 188 -24.86 2.50 4.39
C VAL C 188 -25.56 1.24 3.87
N TRP C 189 -25.16 0.09 4.40
CA TRP C 189 -25.51 -1.19 3.80
C TRP C 189 -26.04 -2.19 4.80
N GLU C 190 -26.10 -1.85 6.09
CA GLU C 190 -26.69 -2.70 7.10
C GLU C 190 -27.84 -1.95 7.77
N PRO C 191 -28.84 -2.67 8.29
CA PRO C 191 -29.83 -2.04 9.18
C PRO C 191 -29.30 -1.87 10.59
N ASP C 192 -29.23 -0.62 11.05
CA ASP C 192 -28.68 -0.31 12.37
C ASP C 192 -29.44 -1.03 13.47
N LEU C 193 -28.78 -1.96 14.16
CA LEU C 193 -29.39 -2.67 15.29
C LEU C 193 -29.60 -1.71 16.45
N ASP C 194 -30.65 -0.89 16.34
CA ASP C 194 -31.10 -0.06 17.44
C ASP C 194 -32.26 -0.75 18.17
N VAL C 195 -32.62 -0.19 19.32
CA VAL C 195 -33.72 -0.72 20.12
C VAL C 195 -34.78 0.37 20.30
N ASN C 196 -35.62 0.57 19.28
CA ASN C 196 -36.67 1.58 19.35
C ASN C 196 -37.61 1.25 20.50
N GLY C 223 -43.95 2.00 17.09
CA GLY C 223 -44.55 1.61 15.83
C GLY C 223 -44.90 2.79 14.92
N LEU C 224 -45.45 3.86 15.48
CA LEU C 224 -45.85 5.02 14.70
C LEU C 224 -44.75 6.07 14.69
N ILE C 225 -44.93 7.12 13.90
CA ILE C 225 -43.97 8.21 13.90
C ILE C 225 -44.18 9.20 15.02
N TYR C 226 -45.39 9.63 15.23
CA TYR C 226 -45.61 10.57 16.32
C TYR C 226 -46.88 10.31 17.13
N VAL C 227 -48.07 10.31 16.50
CA VAL C 227 -49.37 10.14 17.20
C VAL C 227 -50.38 9.31 16.43
N ASN C 228 -51.45 8.77 17.05
CA ASN C 228 -52.54 8.06 16.39
C ASN C 228 -53.29 9.03 15.49
N PRO C 229 -53.44 8.74 14.21
CA PRO C 229 -54.18 9.66 13.35
C PRO C 229 -55.51 10.08 13.95
N GLU C 230 -56.23 9.14 14.56
CA GLU C 230 -57.62 9.31 14.97
C GLU C 230 -57.75 10.03 16.31
N GLY C 231 -56.66 10.29 17.00
CA GLY C 231 -56.69 10.79 18.35
C GLY C 231 -56.23 9.73 19.31
N PRO C 232 -55.89 10.13 20.53
CA PRO C 232 -55.35 9.16 21.50
C PRO C 232 -56.36 8.05 21.77
N ASP C 233 -55.85 6.82 21.83
CA ASP C 233 -56.69 5.66 22.12
C ASP C 233 -57.94 5.65 21.25
N HIS C 234 -57.83 6.16 20.03
CA HIS C 234 -58.95 6.22 19.10
C HIS C 234 -60.15 6.95 19.69
N SER C 235 -59.89 7.93 20.55
CA SER C 235 -60.97 8.60 21.27
C SER C 235 -61.89 9.37 20.33
N GLY C 236 -61.33 10.13 19.40
CA GLY C 236 -62.11 10.99 18.55
C GLY C 236 -62.28 12.41 19.06
N GLU C 237 -61.63 12.75 20.18
CA GLU C 237 -61.65 14.09 20.73
C GLU C 237 -60.37 14.81 20.33
N PRO C 238 -60.42 15.92 19.57
CA PRO C 238 -59.17 16.63 19.27
C PRO C 238 -58.44 17.12 20.50
N LEU C 239 -59.13 17.33 21.63
CA LEU C 239 -58.47 17.85 22.82
C LEU C 239 -57.30 16.97 23.24
N SER C 240 -57.60 15.70 23.57
CA SER C 240 -56.58 14.84 24.14
C SER C 240 -55.35 14.72 23.25
N ALA C 241 -55.49 14.97 21.95
CA ALA C 241 -54.35 14.85 21.04
C ALA C 241 -53.32 15.94 21.28
N ALA C 242 -53.68 16.99 22.01
CA ALA C 242 -52.76 18.11 22.20
C ALA C 242 -51.51 17.69 22.97
N ALA C 243 -51.69 17.02 24.11
CA ALA C 243 -50.54 16.59 24.90
C ALA C 243 -49.70 15.58 24.13
N ALA C 244 -50.35 14.69 23.39
CA ALA C 244 -49.60 13.74 22.58
C ALA C 244 -48.69 14.47 21.59
N ILE C 245 -49.25 15.38 20.80
CA ILE C 245 -48.43 16.11 19.83
C ILE C 245 -47.33 16.87 20.55
N ARG C 246 -47.68 17.55 21.64
CA ARG C 246 -46.69 18.34 22.35
C ARG C 246 -45.50 17.49 22.76
N ALA C 247 -45.77 16.39 23.45
CA ALA C 247 -44.70 15.52 23.92
C ALA C 247 -43.88 14.95 22.75
N THR C 248 -44.56 14.31 21.80
CA THR C 248 -43.83 13.61 20.75
C THR C 248 -42.98 14.56 19.92
N PHE C 249 -43.51 15.74 19.58
CA PHE C 249 -42.75 16.66 18.75
C PHE C 249 -41.65 17.33 19.55
N GLY C 250 -41.89 17.60 20.85
CA GLY C 250 -40.85 18.16 21.68
C GLY C 250 -39.67 17.22 21.83
N ASN C 251 -39.95 15.92 21.98
CA ASN C 251 -38.84 14.98 22.13
C ASN C 251 -37.97 14.94 20.89
N MET C 252 -38.48 15.47 19.80
CA MET C 252 -37.79 15.62 18.54
C MET C 252 -37.05 16.94 18.43
N GLY C 253 -37.24 17.87 19.39
CA GLY C 253 -36.58 19.16 19.39
C GLY C 253 -37.34 20.29 18.76
N MET C 254 -38.65 20.20 18.65
CA MET C 254 -39.47 21.25 18.06
C MET C 254 -40.33 21.92 19.13
N ASN C 255 -40.50 23.23 19.02
CA ASN C 255 -41.36 23.98 19.94
C ASN C 255 -42.78 24.10 19.39
N ASP C 256 -43.60 24.85 20.12
CA ASP C 256 -45.03 24.97 19.84
C ASP C 256 -45.28 25.47 18.43
N GLU C 257 -44.68 26.62 18.10
CA GLU C 257 -44.89 27.27 16.82
C GLU C 257 -44.40 26.42 15.67
N GLU C 258 -43.21 25.81 15.81
CA GLU C 258 -42.68 24.95 14.75
C GLU C 258 -43.60 23.78 14.50
N THR C 259 -44.26 23.29 15.54
CA THR C 259 -45.20 22.19 15.37
C THR C 259 -46.41 22.64 14.57
N VAL C 260 -46.99 23.79 14.92
CA VAL C 260 -48.10 24.33 14.15
C VAL C 260 -47.72 24.46 12.69
N ALA C 261 -46.59 25.12 12.41
CA ALA C 261 -46.18 25.31 11.03
C ALA C 261 -46.02 23.97 10.30
N LEU C 262 -45.33 23.01 10.92
CA LEU C 262 -45.09 21.73 10.27
C LEU C 262 -46.41 21.04 9.90
N ILE C 263 -47.28 20.84 10.88
CA ILE C 263 -48.52 20.13 10.59
C ILE C 263 -49.34 20.86 9.53
N ALA C 264 -49.53 22.18 9.70
CA ALA C 264 -50.37 22.92 8.76
C ALA C 264 -49.79 22.92 7.36
N GLY C 265 -48.46 22.95 7.23
CA GLY C 265 -47.84 22.94 5.93
C GLY C 265 -47.90 21.57 5.28
N GLY C 266 -47.33 20.58 5.95
CA GLY C 266 -47.50 19.19 5.55
C GLY C 266 -48.90 18.86 5.08
N HIS C 267 -49.92 19.48 5.66
CA HIS C 267 -51.29 19.20 5.21
C HIS C 267 -51.91 20.31 4.38
N THR C 268 -51.26 20.72 3.30
CA THR C 268 -51.89 21.64 2.38
C THR C 268 -51.90 20.90 1.01
N LEU C 269 -50.79 20.26 0.69
CA LEU C 269 -50.63 19.44 -0.51
C LEU C 269 -51.18 18.00 -0.33
N GLY C 270 -51.46 17.29 -1.43
CA GLY C 270 -51.94 15.90 -1.44
C GLY C 270 -53.27 15.37 -0.91
N LYS C 271 -53.28 14.27 -0.13
CA LYS C 271 -54.53 13.70 0.39
C LYS C 271 -54.25 12.41 1.16
N THR C 272 -55.31 11.75 1.64
CA THR C 272 -55.24 10.47 2.32
C THR C 272 -56.12 9.44 1.62
N HIS C 273 -55.69 8.20 1.71
CA HIS C 273 -56.27 7.14 0.93
C HIS C 273 -57.04 6.06 1.64
N GLY C 274 -58.32 5.84 1.30
CA GLY C 274 -59.09 4.77 1.94
C GLY C 274 -60.43 4.49 1.32
N ALA C 275 -60.45 3.93 0.13
CA ALA C 275 -61.69 3.63 -0.52
C ALA C 275 -62.53 2.60 0.16
N GLY C 276 -61.95 1.55 0.73
CA GLY C 276 -62.73 0.44 1.22
C GLY C 276 -62.20 -0.15 2.50
N PRO C 277 -62.77 -1.29 2.90
CA PRO C 277 -62.29 -1.97 4.12
C PRO C 277 -60.82 -2.33 4.03
N THR C 278 -60.05 -1.88 5.01
CA THR C 278 -58.61 -2.12 5.03
C THR C 278 -58.25 -3.58 5.10
N SER C 279 -59.15 -4.43 5.61
CA SER C 279 -58.90 -5.87 5.60
C SER C 279 -58.53 -6.37 4.21
N ASN C 280 -58.72 -5.55 3.19
CA ASN C 280 -58.34 -5.89 1.83
C ASN C 280 -56.86 -5.68 1.55
N VAL C 281 -56.08 -5.26 2.52
CA VAL C 281 -54.67 -4.94 2.30
C VAL C 281 -53.82 -6.11 2.74
N GLY C 282 -52.86 -6.48 1.89
CA GLY C 282 -52.04 -7.63 2.12
C GLY C 282 -50.86 -7.29 3.00
N PRO C 283 -49.90 -8.21 3.08
CA PRO C 283 -48.85 -8.11 4.09
C PRO C 283 -47.80 -7.05 3.78
N ASP C 284 -47.15 -6.59 4.86
CA ASP C 284 -46.08 -5.60 4.74
C ASP C 284 -44.89 -6.17 3.98
N PRO C 285 -44.01 -5.30 3.49
CA PRO C 285 -42.93 -5.75 2.60
C PRO C 285 -42.07 -6.88 3.11
N GLU C 286 -41.79 -6.97 4.42
CA GLU C 286 -40.99 -8.06 4.96
C GLU C 286 -41.85 -9.23 5.40
N ALA C 287 -42.87 -9.58 4.62
CA ALA C 287 -43.73 -10.69 5.01
C ALA C 287 -44.52 -11.26 3.82
N ALA C 288 -44.28 -10.79 2.62
CA ALA C 288 -45.13 -11.09 1.46
C ALA C 288 -44.43 -12.05 0.51
N PRO C 289 -45.14 -12.56 -0.50
CA PRO C 289 -44.53 -13.56 -1.38
C PRO C 289 -43.39 -13.01 -2.21
N ILE C 290 -42.36 -13.83 -2.37
CA ILE C 290 -41.11 -13.46 -3.03
C ILE C 290 -41.35 -12.88 -4.43
N GLU C 291 -42.49 -13.21 -5.05
CA GLU C 291 -42.84 -12.65 -6.35
C GLU C 291 -43.34 -11.20 -6.27
N GLU C 292 -43.55 -10.68 -5.07
CA GLU C 292 -43.91 -9.27 -4.88
C GLU C 292 -42.72 -8.33 -5.03
N GLN C 293 -41.51 -8.88 -5.09
CA GLN C 293 -40.32 -8.15 -5.50
C GLN C 293 -40.13 -6.86 -4.71
N GLY C 294 -40.19 -6.98 -3.38
CA GLY C 294 -39.85 -5.88 -2.51
C GLY C 294 -41.00 -5.02 -2.04
N LEU C 295 -42.18 -5.15 -2.62
CA LEU C 295 -43.29 -4.29 -2.24
C LEU C 295 -44.12 -4.98 -1.15
N GLY C 296 -45.12 -4.26 -0.64
CA GLY C 296 -45.99 -4.80 0.37
C GLY C 296 -47.38 -4.22 0.24
N TRP C 297 -48.25 -4.62 1.18
CA TRP C 297 -49.57 -4.01 1.36
C TRP C 297 -50.46 -4.08 0.12
N ALA C 298 -50.39 -5.19 -0.62
CA ALA C 298 -51.24 -5.35 -1.79
C ALA C 298 -52.70 -5.25 -1.39
N SER C 299 -53.56 -4.92 -2.35
CA SER C 299 -54.96 -4.67 -2.04
C SER C 299 -55.90 -5.26 -3.08
N THR C 300 -57.02 -5.80 -2.60
CA THR C 300 -58.02 -6.47 -3.41
C THR C 300 -59.26 -5.63 -3.65
N TYR C 301 -59.27 -4.37 -3.22
CA TYR C 301 -60.48 -3.55 -3.25
C TYR C 301 -60.62 -2.96 -4.65
N GLY C 302 -61.45 -3.56 -5.48
CA GLY C 302 -61.59 -3.13 -6.85
C GLY C 302 -60.29 -3.25 -7.61
N SER C 303 -59.59 -2.13 -7.73
CA SER C 303 -58.29 -2.13 -8.38
C SER C 303 -57.14 -2.30 -7.40
N GLY C 304 -57.38 -2.04 -6.14
CA GLY C 304 -56.29 -1.96 -5.20
C GLY C 304 -55.47 -0.71 -5.31
N VAL C 305 -55.36 -0.11 -6.51
CA VAL C 305 -54.58 1.10 -6.70
C VAL C 305 -55.45 2.20 -7.32
N GLY C 306 -54.80 3.28 -7.74
CA GLY C 306 -55.53 4.41 -8.28
C GLY C 306 -56.52 4.97 -7.27
N ALA C 307 -57.74 5.22 -7.73
CA ALA C 307 -58.78 5.77 -6.88
C ALA C 307 -59.25 4.82 -5.81
N ASP C 308 -58.69 3.60 -5.76
CA ASP C 308 -58.98 2.66 -4.70
C ASP C 308 -57.82 2.48 -3.75
N ALA C 309 -56.70 3.16 -4.00
CA ALA C 309 -55.59 3.12 -3.07
C ALA C 309 -56.08 3.24 -1.65
N ILE C 310 -55.57 2.35 -0.79
CA ILE C 310 -55.86 2.34 0.63
C ILE C 310 -54.52 2.21 1.35
N THR C 311 -54.20 3.19 2.18
CA THR C 311 -52.98 3.14 2.97
C THR C 311 -53.29 3.40 4.43
N SER C 312 -53.42 4.67 4.80
CA SER C 312 -53.85 4.99 6.15
C SER C 312 -55.23 4.43 6.42
N GLY C 313 -56.12 4.53 5.45
CA GLY C 313 -57.49 4.08 5.58
C GLY C 313 -58.50 5.19 5.60
N LEU C 314 -58.02 6.42 5.55
CA LEU C 314 -58.89 7.56 5.62
C LEU C 314 -59.00 8.27 4.30
N GLU C 315 -60.05 9.08 4.15
CA GLU C 315 -60.22 9.84 2.90
C GLU C 315 -60.31 11.35 3.14
N VAL C 316 -59.17 11.97 3.38
CA VAL C 316 -59.20 13.40 3.66
C VAL C 316 -58.50 14.26 2.65
N VAL C 317 -59.17 15.31 2.21
CA VAL C 317 -58.54 16.27 1.30
C VAL C 317 -58.72 17.65 1.91
N TRP C 318 -57.59 18.35 2.12
CA TRP C 318 -57.52 19.51 3.01
C TRP C 318 -57.81 20.83 2.30
N THR C 319 -57.55 20.89 1.00
CA THR C 319 -57.65 22.15 0.26
C THR C 319 -58.53 21.98 -0.98
N GLN C 320 -58.56 22.99 -1.85
CA GLN C 320 -59.27 22.88 -3.11
C GLN C 320 -58.36 23.01 -4.32
N THR C 321 -57.13 23.48 -4.14
CA THR C 321 -56.12 23.37 -5.16
C THR C 321 -55.12 22.31 -4.72
N PRO C 322 -55.54 21.04 -4.61
CA PRO C 322 -54.74 20.08 -3.83
C PRO C 322 -53.30 19.89 -4.30
N THR C 323 -52.88 20.63 -5.32
CA THR C 323 -51.54 20.53 -5.87
C THR C 323 -50.85 21.88 -5.97
N GLN C 324 -51.44 22.94 -5.42
CA GLN C 324 -50.81 24.25 -5.38
C GLN C 324 -50.69 24.72 -3.94
N TRP C 325 -49.58 25.36 -3.62
CA TRP C 325 -49.47 26.03 -2.33
C TRP C 325 -50.50 27.15 -2.22
N SER C 326 -50.83 27.50 -0.99
CA SER C 326 -51.92 28.43 -0.70
C SER C 326 -51.83 28.77 0.78
N ASN C 327 -52.87 29.44 1.30
CA ASN C 327 -53.10 29.51 2.74
C ASN C 327 -54.40 28.84 3.14
N TYR C 328 -54.88 27.89 2.34
CA TYR C 328 -56.23 27.36 2.51
C TYR C 328 -56.39 26.43 3.70
N PHE C 329 -55.33 25.80 4.20
CA PHE C 329 -55.52 24.90 5.35
C PHE C 329 -56.12 25.66 6.52
N PHE C 330 -55.43 26.69 7.00
CA PHE C 330 -55.99 27.53 8.05
C PHE C 330 -57.32 28.15 7.62
N GLU C 331 -57.39 28.62 6.36
CA GLU C 331 -58.61 29.26 5.89
C GLU C 331 -59.81 28.39 6.18
N ASN C 332 -59.85 27.19 5.61
CA ASN C 332 -60.97 26.29 5.88
C ASN C 332 -61.04 25.95 7.36
N LEU C 333 -59.90 25.65 7.98
CA LEU C 333 -59.89 25.28 9.39
C LEU C 333 -60.75 26.22 10.23
N PHE C 334 -60.59 27.52 10.04
CA PHE C 334 -61.35 28.47 10.85
C PHE C 334 -62.63 28.92 10.19
N LYS C 335 -62.77 28.75 8.86
CA LYS C 335 -63.88 29.32 8.11
C LYS C 335 -65.14 28.48 8.23
N TYR C 336 -64.98 27.16 8.19
CA TYR C 336 -66.09 26.23 8.33
C TYR C 336 -66.09 25.62 9.72
N GLU C 337 -67.25 25.12 10.10
CA GLU C 337 -67.50 24.38 11.35
C GLU C 337 -67.26 22.92 11.06
N TRP C 338 -67.25 22.07 12.08
CA TRP C 338 -67.01 20.66 11.78
C TRP C 338 -68.00 19.64 12.33
N VAL C 339 -68.22 18.59 11.53
CA VAL C 339 -69.14 17.51 11.89
C VAL C 339 -68.34 16.21 11.96
N GLN C 340 -68.87 15.21 12.66
CA GLN C 340 -68.16 13.95 12.81
C GLN C 340 -68.79 12.85 11.97
N THR C 341 -67.98 11.87 11.61
CA THR C 341 -68.43 10.75 10.79
C THR C 341 -67.29 9.76 10.65
N ARG C 342 -67.33 8.89 9.66
CA ARG C 342 -66.19 8.02 9.38
C ARG C 342 -66.01 7.86 7.89
N SER C 343 -64.74 7.76 7.47
CA SER C 343 -64.43 7.40 6.09
C SER C 343 -64.99 5.99 5.86
N PRO C 344 -64.88 5.42 4.66
CA PRO C 344 -65.56 4.15 4.40
C PRO C 344 -65.07 3.01 5.27
N ALA C 345 -63.80 3.05 5.67
CA ALA C 345 -63.18 1.99 6.44
C ALA C 345 -63.41 2.16 7.93
N GLY C 346 -64.47 2.85 8.32
CA GLY C 346 -64.85 2.92 9.72
C GLY C 346 -63.86 3.64 10.62
N ALA C 347 -63.15 4.63 10.08
CA ALA C 347 -62.24 5.45 10.87
C ALA C 347 -62.84 6.85 11.00
N ILE C 348 -62.49 7.53 12.08
CA ILE C 348 -63.17 8.78 12.42
C ILE C 348 -62.68 9.91 11.54
N GLN C 349 -63.62 10.79 11.18
CA GLN C 349 -63.38 11.91 10.28
C GLN C 349 -64.18 13.12 10.75
N PHE C 350 -63.59 14.31 10.62
CA PHE C 350 -64.33 15.55 10.74
C PHE C 350 -64.46 16.17 9.35
N GLU C 351 -65.65 16.66 9.03
CA GLU C 351 -65.86 17.26 7.71
C GLU C 351 -66.60 18.58 7.83
N ALA C 352 -66.09 19.58 7.09
CA ALA C 352 -66.74 20.88 7.02
C ALA C 352 -68.19 20.75 6.57
N VAL C 353 -69.14 20.96 7.48
CA VAL C 353 -70.55 20.86 7.16
C VAL C 353 -71.09 22.24 6.82
N ASP C 354 -72.22 22.25 6.12
CA ASP C 354 -72.84 23.50 5.67
C ASP C 354 -71.92 24.22 4.70
N ALA C 355 -71.25 23.47 3.84
CA ALA C 355 -70.30 23.98 2.88
C ALA C 355 -70.67 23.52 1.48
N PRO C 356 -70.13 24.19 0.45
CA PRO C 356 -70.40 23.75 -0.93
C PRO C 356 -69.49 22.61 -1.37
N GLU C 357 -69.37 22.42 -2.68
CA GLU C 357 -68.56 21.35 -3.27
C GLU C 357 -67.43 21.98 -4.08
N ILE C 358 -66.20 21.83 -3.60
CA ILE C 358 -65.10 22.64 -4.12
C ILE C 358 -63.87 21.80 -4.46
N ILE C 359 -63.69 20.67 -3.79
CA ILE C 359 -62.45 19.91 -3.96
C ILE C 359 -62.54 19.07 -5.23
N PRO C 360 -61.68 19.28 -6.23
CA PRO C 360 -61.70 18.41 -7.41
C PRO C 360 -61.29 16.98 -7.06
N ASP C 361 -62.02 16.00 -7.64
CA ASP C 361 -61.75 14.62 -7.29
C ASP C 361 -60.55 14.09 -8.07
N PRO C 362 -59.65 13.36 -7.40
CA PRO C 362 -58.35 13.07 -8.02
C PRO C 362 -58.41 12.26 -9.31
N PHE C 363 -59.51 11.56 -9.61
CA PHE C 363 -59.57 10.78 -10.85
C PHE C 363 -60.87 10.90 -11.62
N ASP C 364 -61.79 11.77 -11.24
CA ASP C 364 -63.05 11.97 -11.96
C ASP C 364 -63.33 13.46 -12.07
N PRO C 365 -63.30 14.06 -13.28
CA PRO C 365 -63.48 15.52 -13.37
C PRO C 365 -64.93 15.94 -13.42
N SER C 366 -65.80 15.27 -12.65
CA SER C 366 -67.21 15.60 -12.63
C SER C 366 -67.85 15.37 -11.26
N LYS C 367 -67.06 15.02 -10.25
CA LYS C 367 -67.53 14.86 -8.88
C LYS C 367 -66.72 15.79 -7.99
N LYS C 368 -67.32 16.20 -6.87
CA LYS C 368 -66.71 17.13 -5.93
C LYS C 368 -66.94 16.64 -4.51
N ARG C 369 -66.20 17.22 -3.57
CA ARG C 369 -66.35 16.88 -2.15
C ARG C 369 -66.16 18.12 -1.29
N LYS C 370 -66.89 18.16 -0.16
CA LYS C 370 -66.86 19.27 0.78
C LYS C 370 -65.69 19.11 1.75
N PRO C 371 -65.04 20.23 2.15
CA PRO C 371 -63.79 20.11 2.92
C PRO C 371 -63.83 19.07 4.02
N THR C 372 -62.66 18.54 4.39
CA THR C 372 -62.61 17.48 5.39
C THR C 372 -61.32 17.61 6.18
N MET C 373 -61.30 17.00 7.37
CA MET C 373 -60.22 17.20 8.31
C MET C 373 -59.96 15.94 9.12
N LEU C 374 -58.76 15.86 9.70
CA LEU C 374 -58.40 14.82 10.65
C LEU C 374 -58.55 15.35 12.08
N VAL C 375 -58.83 14.43 13.00
CA VAL C 375 -58.82 14.71 14.42
C VAL C 375 -57.56 15.51 14.76
N THR C 376 -56.43 15.09 14.20
CA THR C 376 -55.16 15.75 14.50
C THR C 376 -55.06 17.13 13.88
N ASP C 377 -55.94 17.49 12.98
CA ASP C 377 -55.95 18.82 12.42
C ASP C 377 -56.75 19.79 13.27
N LEU C 378 -57.64 19.29 14.11
CA LEU C 378 -58.49 20.08 14.98
C LEU C 378 -57.97 20.20 16.41
N THR C 379 -56.69 19.98 16.62
CA THR C 379 -56.07 20.35 17.88
C THR C 379 -55.34 21.67 17.77
N LEU C 380 -54.75 21.95 16.61
CA LEU C 380 -54.14 23.24 16.34
C LEU C 380 -55.22 24.25 15.96
N ARG C 381 -56.43 24.00 16.41
CA ARG C 381 -57.58 24.85 16.20
C ARG C 381 -58.29 25.20 17.51
N PHE C 382 -58.47 24.23 18.40
CA PHE C 382 -59.22 24.41 19.64
C PHE C 382 -58.33 24.54 20.87
N ASP C 383 -57.26 23.76 20.95
CA ASP C 383 -56.35 23.87 22.07
C ASP C 383 -55.92 25.32 22.23
N PRO C 384 -56.29 25.99 23.33
CA PRO C 384 -56.05 27.44 23.42
C PRO C 384 -54.64 27.84 23.03
N GLU C 385 -53.65 27.04 23.42
CA GLU C 385 -52.26 27.37 23.15
C GLU C 385 -52.04 27.57 21.65
N PHE C 386 -52.46 26.58 20.84
CA PHE C 386 -52.05 26.55 19.44
C PHE C 386 -52.81 27.60 18.61
N GLU C 387 -54.10 27.80 18.90
CA GLU C 387 -54.90 28.70 18.07
C GLU C 387 -54.26 30.07 17.91
N LYS C 388 -53.44 30.52 18.86
CA LYS C 388 -52.84 31.84 18.74
C LYS C 388 -51.77 31.86 17.66
N ILE C 389 -50.90 30.85 17.63
CA ILE C 389 -49.98 30.74 16.50
C ILE C 389 -50.75 30.54 15.22
N SER C 390 -51.80 29.70 15.27
CA SER C 390 -52.56 29.38 14.07
C SER C 390 -53.24 30.61 13.48
N ARG C 391 -53.69 31.54 14.32
CA ARG C 391 -54.30 32.75 13.77
C ARG C 391 -53.23 33.77 13.38
N ARG C 392 -52.15 33.87 14.16
CA ARG C 392 -50.96 34.54 13.69
C ARG C 392 -50.72 34.20 12.22
N PHE C 393 -50.77 32.91 11.90
CA PHE C 393 -50.46 32.48 10.55
C PHE C 393 -51.65 32.69 9.60
N LEU C 394 -52.88 32.56 10.10
CA LEU C 394 -54.05 32.81 9.25
C LEU C 394 -54.02 34.21 8.68
N ASN C 395 -53.84 35.22 9.53
CA ASN C 395 -53.86 36.60 9.09
C ASN C 395 -52.51 37.10 8.61
N ASP C 396 -51.61 36.18 8.28
CA ASP C 396 -50.26 36.48 7.82
C ASP C 396 -49.67 35.22 7.22
N PRO C 397 -49.95 34.94 5.93
CA PRO C 397 -49.43 33.71 5.32
C PRO C 397 -47.98 33.78 4.90
N GLN C 398 -47.40 34.97 4.71
CA GLN C 398 -45.98 35.03 4.45
C GLN C 398 -45.19 34.63 5.69
N ALA C 399 -45.67 35.02 6.87
CA ALA C 399 -45.15 34.46 8.10
C ALA C 399 -45.26 32.94 8.09
N PHE C 400 -46.42 32.43 7.66
CA PHE C 400 -46.59 30.99 7.58
C PHE C 400 -45.50 30.39 6.71
N ASN C 401 -45.26 30.99 5.54
CA ASN C 401 -44.29 30.44 4.59
C ASN C 401 -42.89 30.43 5.19
N GLU C 402 -42.49 31.54 5.81
CA GLU C 402 -41.15 31.62 6.38
C GLU C 402 -40.97 30.59 7.49
N ALA C 403 -41.95 30.50 8.40
CA ALA C 403 -41.83 29.60 9.54
C ALA C 403 -41.82 28.14 9.08
N PHE C 404 -42.75 27.76 8.19
CA PHE C 404 -42.76 26.40 7.69
C PHE C 404 -41.46 26.05 7.01
N ALA C 405 -40.89 26.96 6.21
CA ALA C 405 -39.69 26.62 5.46
C ALA C 405 -38.50 26.43 6.37
N ARG C 406 -38.40 27.28 7.40
CA ARG C 406 -37.31 27.12 8.37
C ARG C 406 -37.44 25.81 9.14
N ALA C 407 -38.66 25.52 9.62
CA ALA C 407 -38.89 24.28 10.34
C ALA C 407 -38.62 23.07 9.45
N TRP C 408 -38.95 23.15 8.16
CA TRP C 408 -38.75 22.02 7.25
C TRP C 408 -37.26 21.78 6.99
N PHE C 409 -36.49 22.84 6.69
CA PHE C 409 -35.05 22.68 6.62
C PHE C 409 -34.49 22.03 7.89
N LYS C 410 -34.92 22.53 9.05
CA LYS C 410 -34.46 21.96 10.31
C LYS C 410 -34.77 20.47 10.35
N LEU C 411 -36.05 20.13 10.22
CA LEU C 411 -36.50 18.75 10.32
C LEU C 411 -35.68 17.82 9.44
N THR C 412 -35.28 18.27 8.26
CA THR C 412 -34.54 17.37 7.38
C THR C 412 -33.02 17.49 7.50
N HIS C 413 -32.48 18.39 8.35
CA HIS C 413 -31.03 18.49 8.48
C HIS C 413 -30.55 18.45 9.92
N ARG C 414 -31.37 17.95 10.83
CA ARG C 414 -31.06 18.01 12.26
C ARG C 414 -30.08 16.92 12.71
N ASP C 415 -29.96 15.82 11.98
CA ASP C 415 -29.01 14.79 12.34
C ASP C 415 -27.84 14.74 11.36
N MET C 416 -27.53 15.88 10.74
CA MET C 416 -26.42 16.00 9.80
C MET C 416 -25.14 16.57 10.41
N GLY C 417 -25.25 17.39 11.45
CA GLY C 417 -24.08 17.83 12.17
C GLY C 417 -23.56 19.18 11.75
N PRO C 418 -22.25 19.40 11.88
CA PRO C 418 -21.72 20.75 11.67
C PRO C 418 -21.68 21.13 10.20
N LYS C 419 -21.85 22.43 9.96
CA LYS C 419 -21.93 22.96 8.60
C LYS C 419 -20.80 22.46 7.71
N SER C 420 -19.66 22.06 8.27
CA SER C 420 -18.60 21.49 7.45
C SER C 420 -18.98 20.16 6.80
N ARG C 421 -20.05 19.51 7.24
CA ARG C 421 -20.53 18.30 6.57
C ARG C 421 -21.48 18.57 5.41
N TYR C 422 -22.03 19.77 5.29
CA TYR C 422 -22.92 20.09 4.18
C TYR C 422 -22.12 20.22 2.89
N ILE C 423 -22.69 19.73 1.79
CA ILE C 423 -22.09 19.91 0.46
C ILE C 423 -23.21 20.27 -0.53
N GLY C 424 -22.83 20.93 -1.61
CA GLY C 424 -23.73 21.22 -2.70
C GLY C 424 -24.02 22.71 -2.84
N PRO C 425 -24.79 23.07 -3.86
CA PRO C 425 -24.97 24.49 -4.21
C PRO C 425 -26.17 25.20 -3.58
N GLU C 426 -26.91 24.58 -2.66
CA GLU C 426 -28.03 25.23 -1.99
C GLU C 426 -27.86 25.29 -0.47
N VAL C 427 -26.64 25.20 0.05
CA VAL C 427 -26.41 25.22 1.49
C VAL C 427 -26.68 26.64 2.00
N PRO C 428 -27.68 26.85 2.85
CA PRO C 428 -27.95 28.21 3.33
C PRO C 428 -26.76 28.84 4.02
N LYS C 429 -26.71 30.16 4.00
CA LYS C 429 -25.61 30.90 4.61
C LYS C 429 -25.85 31.23 6.07
N GLU C 430 -27.09 31.41 6.49
CA GLU C 430 -27.36 31.69 7.89
C GLU C 430 -27.02 30.49 8.75
N ASP C 431 -26.21 30.73 9.77
CA ASP C 431 -25.99 29.76 10.82
C ASP C 431 -27.18 29.73 11.75
N LEU C 432 -27.56 28.55 12.18
CA LEU C 432 -28.65 28.36 13.12
C LEU C 432 -28.10 27.74 14.41
N ILE C 433 -28.92 27.76 15.46
CA ILE C 433 -28.45 27.39 16.79
C ILE C 433 -28.43 25.86 16.97
N TRP C 434 -29.37 25.16 16.35
CA TRP C 434 -29.39 23.70 16.38
C TRP C 434 -28.35 23.09 15.47
N GLN C 435 -27.54 23.89 14.82
CA GLN C 435 -26.40 23.40 14.06
C GLN C 435 -25.14 23.30 14.91
N ASP C 436 -25.18 23.85 16.14
CA ASP C 436 -24.03 23.95 17.06
C ASP C 436 -22.90 24.72 16.40
N PRO C 437 -23.11 25.98 16.01
CA PRO C 437 -22.17 26.63 15.10
C PRO C 437 -20.84 27.00 15.73
N LEU C 438 -19.87 27.15 14.86
CA LEU C 438 -18.50 27.45 15.23
C LEU C 438 -18.04 28.67 14.44
N PRO C 439 -17.21 29.51 15.05
CA PRO C 439 -16.69 30.68 14.33
C PRO C 439 -15.46 30.37 13.51
N GLN C 440 -15.18 31.27 12.58
CA GLN C 440 -13.98 31.21 11.77
C GLN C 440 -12.74 31.40 12.65
N PRO C 441 -11.61 30.79 12.29
CA PRO C 441 -10.44 30.81 13.17
C PRO C 441 -9.69 32.13 13.15
N ILE C 442 -9.16 32.49 14.31
CA ILE C 442 -8.29 33.64 14.45
C ILE C 442 -6.90 33.20 14.87
N TYR C 443 -6.48 32.02 14.43
CA TYR C 443 -5.17 31.49 14.77
C TYR C 443 -4.70 30.54 13.68
N ASN C 444 -3.39 30.47 13.50
CA ASN C 444 -2.79 29.58 12.50
C ASN C 444 -1.44 29.10 13.02
N PRO C 445 -1.45 28.26 14.06
CA PRO C 445 -0.20 27.95 14.77
C PRO C 445 0.82 27.25 13.88
N THR C 446 2.07 27.70 14.01
CA THR C 446 3.19 27.13 13.27
C THR C 446 3.76 25.94 14.03
N GLU C 447 4.89 25.42 13.56
CA GLU C 447 5.47 24.22 14.15
C GLU C 447 6.24 24.56 15.42
N GLN C 448 6.99 25.64 15.39
CA GLN C 448 7.65 26.09 16.60
C GLN C 448 6.64 26.43 17.66
N ASP C 449 5.52 27.05 17.29
CA ASP C 449 4.51 27.40 18.28
C ASP C 449 3.98 26.15 18.98
N ILE C 450 3.85 25.04 18.27
CA ILE C 450 3.37 23.82 18.91
C ILE C 450 4.44 23.23 19.84
N ILE C 451 5.69 23.17 19.37
CA ILE C 451 6.75 22.70 20.26
C ILE C 451 6.80 23.54 21.53
N ASP C 452 6.58 24.85 21.38
CA ASP C 452 6.67 25.77 22.51
C ASP C 452 5.52 25.55 23.48
N LEU C 453 4.32 25.38 22.95
CA LEU C 453 3.18 25.05 23.80
C LEU C 453 3.42 23.74 24.53
N LYS C 454 4.09 22.78 23.87
CA LYS C 454 4.37 21.49 24.51
C LYS C 454 5.33 21.66 25.69
N PHE C 455 6.40 22.41 25.49
CA PHE C 455 7.28 22.74 26.61
C PHE C 455 6.53 23.43 27.74
N ALA C 456 5.66 24.37 27.41
CA ALA C 456 4.94 25.13 28.42
C ALA C 456 4.03 24.23 29.25
N ILE C 457 3.20 23.45 28.58
CA ILE C 457 2.28 22.55 29.29
C ILE C 457 3.06 21.54 30.11
N ALA C 458 4.14 20.99 29.54
CA ALA C 458 4.97 20.05 30.26
C ALA C 458 5.52 20.67 31.54
N ASP C 459 5.77 21.97 31.52
CA ASP C 459 6.37 22.67 32.64
C ASP C 459 5.36 23.32 33.55
N SER C 460 4.07 23.10 33.31
CA SER C 460 3.03 23.78 34.08
C SER C 460 2.85 23.19 35.47
N GLY C 461 3.11 21.89 35.66
CA GLY C 461 2.86 21.22 36.92
C GLY C 461 1.63 20.35 36.95
N LEU C 462 0.89 20.25 35.87
CA LEU C 462 -0.19 19.26 35.80
C LEU C 462 0.42 17.86 35.70
N SER C 463 -0.26 16.89 36.31
CA SER C 463 0.22 15.51 36.28
C SER C 463 -0.34 14.78 35.06
N VAL C 464 0.28 13.63 34.77
CA VAL C 464 -0.18 12.79 33.65
C VAL C 464 -1.68 12.56 33.77
N SER C 465 -2.12 12.19 34.97
CA SER C 465 -3.54 12.00 35.21
C SER C 465 -4.38 13.21 34.81
N GLU C 466 -4.04 14.40 35.33
CA GLU C 466 -4.84 15.59 35.06
C GLU C 466 -4.86 15.93 33.56
N LEU C 467 -3.72 15.85 32.90
CA LEU C 467 -3.64 16.22 31.49
C LEU C 467 -4.53 15.29 30.65
N VAL C 468 -4.36 13.99 30.84
CA VAL C 468 -5.19 13.02 30.15
C VAL C 468 -6.66 13.25 30.48
N SER C 469 -6.95 13.65 31.72
CA SER C 469 -8.33 13.82 32.13
C SER C 469 -9.01 14.93 31.35
N VAL C 470 -8.32 16.06 31.18
CA VAL C 470 -8.94 17.18 30.48
C VAL C 470 -9.13 16.87 29.00
N ALA C 471 -8.13 16.23 28.38
CA ALA C 471 -8.29 15.89 26.97
C ALA C 471 -9.48 14.96 26.75
N TRP C 472 -9.60 13.90 27.57
CA TRP C 472 -10.71 12.96 27.42
C TRP C 472 -12.05 13.63 27.70
N ALA C 473 -12.13 14.41 28.80
CA ALA C 473 -13.35 15.11 29.14
C ALA C 473 -13.82 16.01 28.01
N SER C 474 -12.90 16.55 27.23
CA SER C 474 -13.35 17.42 26.16
C SER C 474 -13.76 16.63 24.93
N ALA C 475 -13.06 15.53 24.60
CA ALA C 475 -13.37 14.86 23.35
C ALA C 475 -14.56 13.91 23.45
N SER C 476 -14.82 13.31 24.60
CA SER C 476 -15.70 12.15 24.69
C SER C 476 -17.21 12.47 24.60
N THR C 477 -17.61 13.70 24.27
CA THR C 477 -19.04 14.02 24.13
C THR C 477 -19.59 13.66 22.75
N PHE C 478 -18.77 13.16 21.83
CA PHE C 478 -19.23 12.91 20.48
C PHE C 478 -20.19 11.73 20.43
N ARG C 479 -21.34 11.92 19.75
CA ARG C 479 -22.22 10.82 19.36
C ARG C 479 -22.10 10.57 17.86
N GLY C 480 -22.26 9.30 17.47
CA GLY C 480 -22.18 8.95 16.07
C GLY C 480 -23.48 9.11 15.30
N GLY C 481 -24.61 8.93 15.96
CA GLY C 481 -25.90 9.05 15.32
C GLY C 481 -26.17 10.39 14.65
N ASP C 482 -26.25 11.48 15.40
CA ASP C 482 -26.55 12.79 14.84
C ASP C 482 -25.31 13.67 14.70
N LYS C 483 -24.12 13.14 15.00
CA LYS C 483 -22.82 13.75 14.73
C LYS C 483 -22.51 14.95 15.62
N ARG C 484 -23.13 15.05 16.78
CA ARG C 484 -22.93 16.17 17.69
C ARG C 484 -21.87 15.83 18.76
N GLY C 485 -21.39 16.88 19.43
CA GLY C 485 -20.37 16.76 20.45
C GLY C 485 -18.95 16.91 19.91
N GLY C 486 -17.99 16.40 20.68
CA GLY C 486 -16.58 16.42 20.29
C GLY C 486 -15.82 17.59 20.89
N ALA C 487 -14.54 17.66 20.54
CA ALA C 487 -13.59 18.58 21.15
C ALA C 487 -13.51 19.95 20.49
N ASN C 488 -13.93 20.07 19.23
CA ASN C 488 -13.97 21.37 18.57
C ASN C 488 -14.97 22.29 19.25
N GLY C 489 -14.52 23.51 19.59
CA GLY C 489 -15.36 24.54 20.15
C GLY C 489 -15.01 24.93 21.56
N ALA C 490 -14.39 24.02 22.32
CA ALA C 490 -14.07 24.22 23.73
C ALA C 490 -15.32 24.41 24.58
N ARG C 491 -16.33 23.55 24.35
CA ARG C 491 -17.53 23.59 25.17
C ARG C 491 -17.26 23.11 26.59
N LEU C 492 -16.13 22.42 26.82
CA LEU C 492 -15.75 22.07 28.17
C LEU C 492 -15.58 23.32 29.04
N ALA C 493 -15.22 24.45 28.42
CA ALA C 493 -14.96 25.68 29.14
C ALA C 493 -16.24 26.50 29.36
N LEU C 494 -17.20 26.40 28.46
CA LEU C 494 -18.44 27.17 28.58
C LEU C 494 -19.47 26.37 29.35
N MET C 495 -20.61 26.99 29.60
CA MET C 495 -21.72 26.30 30.24
C MET C 495 -22.36 25.34 29.25
N PRO C 496 -23.00 24.27 29.73
CA PRO C 496 -23.06 23.77 31.11
C PRO C 496 -21.99 22.73 31.45
N GLN C 497 -21.07 22.43 30.54
CA GLN C 497 -20.13 21.33 30.74
C GLN C 497 -19.11 21.64 31.83
N ARG C 498 -18.71 22.89 31.96
CA ARG C 498 -17.78 23.25 33.02
C ARG C 498 -18.28 22.81 34.39
N ASP C 499 -19.57 22.58 34.55
CA ASP C 499 -20.14 22.36 35.87
C ASP C 499 -20.76 20.98 36.02
N TRP C 500 -20.50 20.05 35.11
CA TRP C 500 -21.05 18.71 35.17
C TRP C 500 -20.31 17.85 36.20
N ASP C 501 -21.05 16.89 36.76
CA ASP C 501 -20.53 16.00 37.80
C ASP C 501 -19.23 15.34 37.39
N VAL C 502 -19.24 14.66 36.24
CA VAL C 502 -18.09 13.89 35.79
C VAL C 502 -16.90 14.77 35.43
N ASN C 503 -17.13 16.02 35.09
CA ASN C 503 -16.06 16.92 34.67
C ASN C 503 -15.39 17.60 35.85
N ALA C 504 -15.94 17.46 37.06
CA ALA C 504 -15.51 18.26 38.20
C ALA C 504 -14.00 18.26 38.38
N ALA C 505 -13.37 17.09 38.30
CA ALA C 505 -11.92 17.03 38.51
C ALA C 505 -11.17 17.60 37.31
N ALA C 506 -11.50 17.15 36.11
CA ALA C 506 -10.82 17.61 34.92
C ALA C 506 -10.76 19.13 34.86
N VAL C 507 -11.81 19.78 35.37
CA VAL C 507 -11.92 21.23 35.31
C VAL C 507 -10.78 21.91 36.07
N ARG C 508 -10.19 21.24 37.05
CA ARG C 508 -9.07 21.81 37.79
C ARG C 508 -7.86 22.08 36.91
N ALA C 509 -7.77 21.47 35.74
CA ALA C 509 -6.69 21.76 34.81
C ALA C 509 -7.03 22.88 33.84
N LEU C 510 -8.23 23.46 33.92
CA LEU C 510 -8.60 24.50 32.95
C LEU C 510 -7.92 25.83 33.22
N PRO C 511 -7.91 26.37 34.45
CA PRO C 511 -7.35 27.72 34.65
C PRO C 511 -5.88 27.84 34.28
N VAL C 512 -5.11 26.76 34.40
CA VAL C 512 -3.74 26.76 33.92
C VAL C 512 -3.70 26.94 32.41
N LEU C 513 -4.41 26.09 31.68
CA LEU C 513 -4.33 26.10 30.22
C LEU C 513 -4.80 27.44 29.66
N GLU C 514 -5.89 27.97 30.21
CA GLU C 514 -6.37 29.28 29.80
C GLU C 514 -5.28 30.33 29.95
N LYS C 515 -4.52 30.26 31.04
CA LYS C 515 -3.38 31.16 31.21
C LYS C 515 -2.32 30.91 30.15
N ILE C 516 -1.97 29.64 29.91
CA ILE C 516 -1.02 29.33 28.85
C ILE C 516 -1.54 29.83 27.52
N GLN C 517 -2.84 30.05 27.40
CA GLN C 517 -3.41 30.53 26.16
C GLN C 517 -3.45 32.05 26.09
N LYS C 518 -3.47 32.73 27.22
CA LYS C 518 -3.28 34.18 27.15
C LYS C 518 -1.83 34.49 26.82
N GLU C 519 -0.89 33.87 27.53
CA GLU C 519 0.52 34.14 27.29
C GLU C 519 0.89 33.87 25.84
N SER C 520 0.59 32.68 25.35
CA SER C 520 0.68 32.42 23.93
C SER C 520 -0.64 32.81 23.26
N GLY C 521 -0.58 33.72 22.30
CA GLY C 521 -1.73 33.95 21.45
C GLY C 521 -1.53 33.36 20.07
N LYS C 522 -1.15 32.09 20.03
CA LYS C 522 -0.83 31.41 18.80
C LYS C 522 -1.75 30.24 18.47
N ALA C 523 -2.54 29.76 19.43
CA ALA C 523 -3.47 28.66 19.19
C ALA C 523 -4.76 28.97 19.91
N SER C 524 -5.79 28.17 19.63
CA SER C 524 -7.02 28.30 20.39
C SER C 524 -7.00 27.34 21.57
N LEU C 525 -7.92 27.59 22.50
CA LEU C 525 -8.03 26.76 23.70
C LEU C 525 -8.50 25.34 23.40
N ALA C 526 -9.25 25.13 22.31
CA ALA C 526 -9.59 23.76 21.92
C ALA C 526 -8.36 22.98 21.47
N ASP C 527 -7.49 23.65 20.69
CA ASP C 527 -6.25 23.00 20.29
C ASP C 527 -5.32 22.78 21.48
N ILE C 528 -5.20 23.78 22.36
CA ILE C 528 -4.33 23.61 23.52
C ILE C 528 -4.88 22.52 24.43
N ILE C 529 -6.20 22.35 24.48
CA ILE C 529 -6.80 21.34 25.34
C ILE C 529 -6.49 19.95 24.84
N VAL C 530 -6.59 19.72 23.53
CA VAL C 530 -6.24 18.41 22.99
C VAL C 530 -4.72 18.18 23.06
N LEU C 531 -3.93 19.23 22.87
CA LEU C 531 -2.47 19.11 22.98
C LEU C 531 -2.04 18.69 24.40
N ALA C 532 -2.75 19.15 25.43
CA ALA C 532 -2.46 18.71 26.80
C ALA C 532 -2.51 17.17 26.92
N GLY C 533 -3.54 16.55 26.36
CA GLY C 533 -3.61 15.10 26.36
C GLY C 533 -2.47 14.47 25.56
N VAL C 534 -2.08 15.10 24.46
CA VAL C 534 -0.97 14.59 23.66
C VAL C 534 0.30 14.51 24.51
N VAL C 535 0.59 15.60 25.23
CA VAL C 535 1.77 15.62 26.10
C VAL C 535 1.64 14.54 27.18
N GLY C 536 0.47 14.39 27.77
CA GLY C 536 0.31 13.40 28.84
C GLY C 536 0.61 11.99 28.36
N VAL C 537 0.10 11.63 27.19
CA VAL C 537 0.29 10.29 26.66
C VAL C 537 1.74 10.05 26.28
N GLU C 538 2.38 11.03 25.63
CA GLU C 538 3.79 10.86 25.29
C GLU C 538 4.65 10.68 26.54
N LYS C 539 4.36 11.43 27.60
CA LYS C 539 5.13 11.26 28.84
C LYS C 539 4.96 9.85 29.38
N ALA C 540 3.71 9.38 29.46
CA ALA C 540 3.45 8.08 30.04
C ALA C 540 4.07 6.95 29.21
N ALA C 541 4.14 7.10 27.89
CA ALA C 541 4.79 6.08 27.08
C ALA C 541 6.29 6.07 27.34
N SER C 542 6.90 7.24 27.48
CA SER C 542 8.31 7.28 27.84
C SER C 542 8.58 6.62 29.19
N ALA C 543 7.67 6.77 30.15
CA ALA C 543 7.90 6.18 31.47
C ALA C 543 7.97 4.64 31.41
N ALA C 544 7.24 4.01 30.49
CA ALA C 544 7.20 2.56 30.39
C ALA C 544 8.27 2.01 29.45
N GLY C 545 9.27 2.81 29.10
CA GLY C 545 10.29 2.39 28.19
C GLY C 545 9.82 2.14 26.78
N LEU C 546 8.62 2.61 26.43
CA LEU C 546 8.01 2.37 25.11
C LEU C 546 7.64 3.71 24.49
N SER C 547 8.63 4.46 24.05
CA SER C 547 8.40 5.80 23.51
C SER C 547 7.76 5.78 22.13
N ILE C 548 6.80 6.68 21.92
CA ILE C 548 5.98 6.70 20.72
C ILE C 548 5.64 8.14 20.35
N HIS C 549 5.32 8.34 19.08
CA HIS C 549 4.82 9.62 18.60
C HIS C 549 3.30 9.64 18.68
N VAL C 550 2.76 10.69 19.28
CA VAL C 550 1.31 10.87 19.40
C VAL C 550 0.88 11.95 18.40
N PRO C 551 0.15 11.60 17.35
CA PRO C 551 -0.19 12.61 16.33
C PRO C 551 -1.13 13.70 16.84
N PHE C 552 -0.94 14.89 16.30
CA PHE C 552 -1.74 16.05 16.66
C PHE C 552 -2.21 16.75 15.39
N ALA C 553 -3.52 16.96 15.27
CA ALA C 553 -4.12 17.75 14.20
C ALA C 553 -4.55 19.10 14.74
N PRO C 554 -3.90 20.20 14.40
CA PRO C 554 -4.31 21.52 14.88
C PRO C 554 -5.48 22.11 14.08
N GLY C 555 -5.88 23.31 14.48
CA GLY C 555 -6.86 24.07 13.75
C GLY C 555 -8.24 24.07 14.33
N ARG C 556 -8.41 23.69 15.58
CA ARG C 556 -9.71 23.85 16.21
C ARG C 556 -9.96 25.32 16.55
N VAL C 557 -11.21 25.64 16.81
CA VAL C 557 -11.62 27.00 17.15
C VAL C 557 -12.42 26.95 18.44
N ASP C 558 -12.37 28.05 19.19
CA ASP C 558 -13.17 28.22 20.40
C ASP C 558 -14.48 28.92 20.08
N ALA C 559 -15.58 28.31 20.50
CA ALA C 559 -16.89 28.88 20.33
C ALA C 559 -17.23 29.84 21.47
N ARG C 560 -18.32 30.58 21.27
CA ARG C 560 -18.79 31.57 22.22
C ARG C 560 -20.06 31.06 22.90
N GLN C 561 -20.22 31.40 24.17
CA GLN C 561 -21.42 31.06 24.93
C GLN C 561 -22.71 31.32 24.15
N ASP C 562 -22.68 32.29 23.23
CA ASP C 562 -23.84 32.60 22.40
C ASP C 562 -24.11 31.54 21.35
N GLN C 563 -23.24 30.57 21.20
CA GLN C 563 -23.45 29.49 20.24
C GLN C 563 -23.61 28.16 20.94
N THR C 564 -23.71 28.16 22.27
CA THR C 564 -23.87 26.97 23.07
C THR C 564 -25.17 27.10 23.84
N ASP C 565 -26.26 26.68 23.20
CA ASP C 565 -27.57 26.67 23.84
C ASP C 565 -27.58 25.64 24.96
N ILE C 566 -27.58 26.12 26.21
CA ILE C 566 -27.43 25.22 27.35
C ILE C 566 -28.46 24.10 27.31
N GLU C 567 -29.69 24.41 26.89
CA GLU C 567 -30.70 23.37 26.78
C GLU C 567 -30.31 22.34 25.74
N MET C 568 -29.72 22.78 24.62
CA MET C 568 -29.29 21.84 23.60
C MET C 568 -28.17 20.95 24.13
N PHE C 569 -27.30 21.50 24.95
CA PHE C 569 -26.11 20.78 25.38
C PHE C 569 -26.31 19.99 26.67
N GLU C 570 -27.39 20.21 27.39
CA GLU C 570 -27.67 19.41 28.56
C GLU C 570 -28.13 17.99 28.20
N LEU C 571 -28.54 17.77 26.95
CA LEU C 571 -28.80 16.43 26.46
C LEU C 571 -27.51 15.62 26.28
N LEU C 572 -26.36 16.28 26.16
CA LEU C 572 -25.08 15.62 25.94
C LEU C 572 -24.41 15.16 27.23
N GLU C 573 -25.09 15.25 28.38
CA GLU C 573 -24.45 14.91 29.65
C GLU C 573 -24.45 13.40 29.85
N PRO C 574 -23.31 12.78 30.14
CA PRO C 574 -23.28 11.32 30.22
C PRO C 574 -24.05 10.84 31.44
N ILE C 575 -24.90 9.84 31.23
CA ILE C 575 -25.39 9.09 32.37
C ILE C 575 -24.30 8.14 32.88
N ALA C 576 -23.29 7.86 32.06
CA ALA C 576 -22.22 6.96 32.44
C ALA C 576 -21.09 7.11 31.44
N ASP C 577 -19.86 7.09 31.94
CA ASP C 577 -18.65 7.09 31.13
C ASP C 577 -17.74 6.03 31.73
N GLY C 578 -17.90 4.79 31.25
CA GLY C 578 -17.10 3.69 31.75
C GLY C 578 -15.62 3.93 31.67
N PHE C 579 -15.17 4.71 30.71
CA PHE C 579 -13.75 4.99 30.56
C PHE C 579 -13.17 5.82 31.70
N ARG C 580 -13.99 6.45 32.56
CA ARG C 580 -13.47 7.12 33.75
C ARG C 580 -14.21 6.69 35.02
N ASN C 581 -14.88 5.54 34.99
CA ASN C 581 -15.49 4.97 36.19
C ASN C 581 -16.61 5.87 36.72
N TYR C 582 -17.31 6.54 35.83
CA TYR C 582 -18.48 7.33 36.22
C TYR C 582 -19.74 6.63 35.76
N ARG C 583 -20.58 6.27 36.71
CA ARG C 583 -21.96 5.93 36.48
C ARG C 583 -22.78 6.87 37.34
N ALA C 584 -23.91 7.36 36.81
CA ALA C 584 -24.70 8.36 37.49
C ALA C 584 -25.86 7.76 38.28
N ARG C 585 -26.81 7.12 37.61
CA ARG C 585 -27.97 6.54 38.25
C ARG C 585 -27.91 5.02 38.20
N LEU C 586 -28.67 4.38 39.08
CA LEU C 586 -28.64 2.94 39.28
C LEU C 586 -30.02 2.34 39.05
N ASP C 587 -30.67 2.75 37.97
CA ASP C 587 -31.96 2.15 37.64
C ASP C 587 -32.24 2.20 36.14
N VAL C 588 -31.24 2.38 35.29
CA VAL C 588 -31.43 2.48 33.85
C VAL C 588 -31.01 1.19 33.17
N SER C 589 -29.72 0.83 33.29
CA SER C 589 -29.22 -0.38 32.67
C SER C 589 -28.05 -0.90 33.49
N THR C 590 -27.36 -1.90 32.95
CA THR C 590 -26.14 -2.37 33.58
C THR C 590 -24.98 -1.46 33.20
N THR C 591 -24.00 -1.39 34.10
CA THR C 591 -22.79 -0.61 33.87
C THR C 591 -22.06 -1.05 32.60
N GLU C 592 -22.04 -2.36 32.31
CA GLU C 592 -21.33 -2.88 31.15
C GLU C 592 -22.13 -2.69 29.86
N SER C 593 -23.46 -2.73 29.92
CA SER C 593 -24.26 -2.36 28.76
C SER C 593 -24.09 -0.89 28.43
N LEU C 594 -24.14 -0.02 29.46
CA LEU C 594 -23.84 1.39 29.24
C LEU C 594 -22.44 1.59 28.67
N LEU C 595 -21.48 0.77 29.09
CA LEU C 595 -20.15 0.83 28.49
C LEU C 595 -20.21 0.53 27.00
N ILE C 596 -20.86 -0.57 26.62
CA ILE C 596 -21.01 -0.88 25.19
C ILE C 596 -21.64 0.31 24.46
N ASP C 597 -22.72 0.84 25.04
CA ASP C 597 -23.47 1.91 24.41
C ASP C 597 -22.60 3.14 24.19
N LYS C 598 -21.83 3.53 25.20
CA LYS C 598 -20.87 4.62 25.02
C LYS C 598 -19.89 4.34 23.90
N ALA C 599 -19.37 3.11 23.84
CA ALA C 599 -18.36 2.80 22.84
C ALA C 599 -18.94 2.83 21.44
N GLN C 600 -20.18 2.37 21.29
CA GLN C 600 -20.85 2.41 20.00
C GLN C 600 -21.03 3.85 19.55
N GLN C 601 -21.53 4.72 20.45
CA GLN C 601 -21.66 6.13 20.14
C GLN C 601 -20.36 6.75 19.65
N LEU C 602 -19.23 6.19 20.06
CA LEU C 602 -17.92 6.61 19.61
C LEU C 602 -17.45 5.85 18.36
N THR C 603 -18.25 4.91 17.85
CA THR C 603 -17.90 4.15 16.64
C THR C 603 -16.63 3.32 16.81
N LEU C 604 -16.45 2.73 17.99
CA LEU C 604 -15.26 1.94 18.26
C LEU C 604 -15.47 0.45 17.97
N THR C 605 -14.37 -0.29 17.86
CA THR C 605 -14.42 -1.75 17.84
C THR C 605 -14.15 -2.29 19.24
N ALA C 606 -14.47 -3.56 19.44
CA ALA C 606 -14.24 -4.16 20.76
C ALA C 606 -12.77 -4.11 21.18
N PRO C 607 -11.82 -4.47 20.32
CA PRO C 607 -10.41 -4.20 20.68
C PRO C 607 -10.14 -2.76 21.05
N GLU C 608 -10.63 -1.80 20.27
CA GLU C 608 -10.41 -0.38 20.58
C GLU C 608 -10.88 -0.05 22.00
N MET C 609 -12.08 -0.50 22.35
CA MET C 609 -12.68 -0.24 23.66
C MET C 609 -11.86 -0.88 24.80
N THR C 610 -11.39 -2.11 24.57
CA THR C 610 -10.57 -2.83 25.54
C THR C 610 -9.26 -2.09 25.83
N ALA C 611 -8.51 -1.80 24.76
CA ALA C 611 -7.24 -1.09 24.89
C ALA C 611 -7.41 0.25 25.61
N LEU C 612 -8.47 1.00 25.29
CA LEU C 612 -8.65 2.30 25.92
C LEU C 612 -9.01 2.17 27.40
N VAL C 613 -9.90 1.25 27.76
CA VAL C 613 -10.23 1.07 29.17
C VAL C 613 -8.95 0.81 29.97
N GLY C 614 -8.16 -0.17 29.53
CA GLY C 614 -6.96 -0.51 30.28
C GLY C 614 -5.99 0.65 30.38
N GLY C 615 -5.73 1.33 29.27
CA GLY C 615 -4.84 2.47 29.31
C GLY C 615 -5.32 3.54 30.29
N MET C 616 -6.60 3.90 30.20
CA MET C 616 -7.17 4.91 31.06
C MET C 616 -7.12 4.51 32.53
N ARG C 617 -7.13 3.21 32.82
CA ARG C 617 -7.00 2.81 34.21
C ARG C 617 -5.57 2.99 34.71
N VAL C 618 -4.56 2.68 33.90
CA VAL C 618 -3.21 2.81 34.45
C VAL C 618 -2.80 4.28 34.54
N LEU C 619 -3.18 5.10 33.55
CA LEU C 619 -2.89 6.53 33.62
C LEU C 619 -3.62 7.19 34.77
N GLY C 620 -4.55 6.50 35.41
CA GLY C 620 -5.25 7.03 36.57
C GLY C 620 -6.28 8.06 36.21
N ALA C 621 -6.95 7.88 35.06
CA ALA C 621 -7.91 8.83 34.52
C ALA C 621 -9.29 8.65 35.11
N ASN C 622 -9.35 8.19 36.35
CA ASN C 622 -10.63 8.07 37.02
C ASN C 622 -11.17 9.46 37.33
N PHE C 623 -12.44 9.70 37.03
CA PHE C 623 -13.10 10.85 37.62
C PHE C 623 -13.01 10.70 39.13
N ASP C 624 -12.92 11.80 39.85
CA ASP C 624 -12.81 11.70 41.30
C ASP C 624 -11.50 11.04 41.74
N GLY C 625 -10.70 10.59 40.78
CA GLY C 625 -9.42 9.97 41.07
C GLY C 625 -9.43 8.85 42.09
N SER C 626 -10.45 7.98 42.05
CA SER C 626 -10.40 6.84 42.95
C SER C 626 -9.43 5.80 42.41
N LYS C 627 -9.22 4.74 43.18
CA LYS C 627 -8.34 3.65 42.78
C LYS C 627 -9.14 2.39 42.45
N ASN C 628 -10.30 2.57 41.85
CA ASN C 628 -11.05 1.44 41.34
C ASN C 628 -10.46 1.03 40.00
N GLY C 629 -9.88 -0.16 39.95
CA GLY C 629 -9.35 -0.69 38.72
C GLY C 629 -7.96 -0.21 38.38
N VAL C 630 -7.24 0.39 39.32
CA VAL C 630 -5.88 0.85 39.07
C VAL C 630 -4.97 -0.29 39.50
N PHE C 631 -4.69 -1.16 38.55
CA PHE C 631 -4.03 -2.43 38.82
C PHE C 631 -2.55 -2.31 38.49
N THR C 632 -1.85 -1.59 39.35
CA THR C 632 -0.46 -1.27 39.10
C THR C 632 0.06 -0.50 40.30
N ASP C 633 1.36 -0.24 40.27
CA ASP C 633 2.00 0.61 41.25
C ASP C 633 2.59 1.87 40.62
N ARG C 634 2.79 1.89 39.31
CA ARG C 634 3.28 3.05 38.60
C ARG C 634 2.10 3.72 37.92
N VAL C 635 1.38 4.55 38.67
CA VAL C 635 0.25 5.30 38.12
C VAL C 635 0.79 6.49 37.35
N GLY C 636 0.45 6.56 36.06
CA GLY C 636 1.00 7.53 35.14
C GLY C 636 1.93 6.96 34.07
N VAL C 637 2.28 5.68 34.13
CA VAL C 637 3.04 5.03 33.06
C VAL C 637 2.11 4.08 32.32
N LEU C 638 2.33 3.94 31.02
CA LEU C 638 1.39 3.25 30.14
C LEU C 638 1.93 1.84 29.89
N SER C 639 1.49 0.92 30.74
CA SER C 639 1.89 -0.49 30.66
C SER C 639 0.64 -1.33 30.43
N ASN C 640 0.85 -2.63 30.25
CA ASN C 640 -0.25 -3.57 30.16
C ASN C 640 -0.61 -4.15 31.53
N ASP C 641 -0.20 -3.47 32.61
CA ASP C 641 -0.43 -3.94 33.99
C ASP C 641 -1.89 -4.25 34.28
N PHE C 642 -2.83 -3.52 33.67
CA PHE C 642 -4.24 -3.76 33.93
C PHE C 642 -4.62 -5.20 33.59
N PHE C 643 -4.27 -5.65 32.39
CA PHE C 643 -4.71 -6.97 31.94
C PHE C 643 -3.95 -8.08 32.67
N VAL C 644 -2.67 -7.85 32.97
CA VAL C 644 -1.86 -8.83 33.70
C VAL C 644 -2.44 -9.07 35.08
N ASN C 645 -2.74 -8.01 35.83
CA ASN C 645 -3.28 -8.18 37.17
C ASN C 645 -4.72 -8.67 37.13
N LEU C 646 -5.48 -8.23 36.12
CA LEU C 646 -6.86 -8.62 36.02
C LEU C 646 -7.00 -10.12 35.79
N LEU C 647 -6.08 -10.73 35.03
CA LEU C 647 -6.28 -12.12 34.63
C LEU C 647 -5.57 -13.13 35.52
N ASP C 648 -4.57 -12.69 36.29
CA ASP C 648 -3.75 -13.61 37.07
C ASP C 648 -4.55 -14.15 38.24
N MET C 649 -4.68 -15.50 38.32
CA MET C 649 -5.50 -16.26 39.27
C MET C 649 -5.05 -16.13 40.70
N ARG C 650 -4.12 -15.20 40.95
CA ARG C 650 -3.65 -14.93 42.30
C ARG C 650 -4.77 -14.36 43.17
N TYR C 651 -5.54 -13.43 42.63
CA TYR C 651 -6.52 -12.68 43.40
C TYR C 651 -7.92 -13.23 43.17
N GLU C 652 -8.64 -13.40 44.25
CA GLU C 652 -10.06 -13.66 44.15
C GLU C 652 -10.84 -12.39 44.49
N TRP C 653 -11.93 -12.20 43.77
CA TRP C 653 -12.71 -10.97 43.80
C TRP C 653 -14.02 -11.26 44.51
N LYS C 654 -14.39 -10.37 45.42
CA LYS C 654 -15.62 -10.50 46.20
C LYS C 654 -16.41 -9.21 46.13
N ALA C 655 -17.73 -9.32 46.06
CA ALA C 655 -18.59 -8.13 46.01
C ALA C 655 -18.84 -7.58 47.40
N THR C 656 -18.75 -6.26 47.53
CA THR C 656 -18.81 -5.62 48.83
C THR C 656 -20.21 -5.63 49.43
N ASP C 657 -21.25 -5.49 48.61
CA ASP C 657 -22.60 -5.42 49.17
C ASP C 657 -23.62 -5.75 48.08
N GLU C 658 -24.90 -5.66 48.44
CA GLU C 658 -25.96 -6.07 47.54
C GLU C 658 -26.11 -5.15 46.34
N SER C 659 -25.62 -3.92 46.43
CA SER C 659 -25.58 -3.02 45.28
C SER C 659 -24.26 -3.24 44.55
N LYS C 660 -24.15 -4.43 43.96
CA LYS C 660 -22.89 -5.03 43.55
C LYS C 660 -22.22 -4.29 42.40
N GLU C 661 -21.73 -3.09 42.67
CA GLU C 661 -20.94 -2.35 41.70
C GLU C 661 -19.54 -2.11 42.23
N LEU C 662 -19.19 -2.74 43.35
CA LEU C 662 -17.93 -2.57 44.03
C LEU C 662 -17.44 -3.93 44.52
N PHE C 663 -16.20 -4.28 44.20
CA PHE C 663 -15.62 -5.55 44.62
C PHE C 663 -14.20 -5.32 45.08
N GLU C 664 -13.78 -6.15 46.05
CA GLU C 664 -12.41 -6.20 46.54
C GLU C 664 -11.66 -7.35 45.89
N GLY C 665 -10.42 -7.09 45.50
CA GLY C 665 -9.52 -8.13 45.07
C GLY C 665 -8.53 -8.42 46.17
N ARG C 666 -8.61 -9.62 46.75
CA ARG C 666 -7.66 -10.07 47.75
C ARG C 666 -6.88 -11.26 47.22
N ASP C 667 -5.79 -11.57 47.90
CA ASP C 667 -4.92 -12.63 47.42
C ASP C 667 -5.33 -13.96 48.04
N ARG C 668 -5.44 -14.98 47.21
CA ARG C 668 -5.98 -16.26 47.64
C ARG C 668 -5.07 -17.00 48.61
N GLU C 669 -3.93 -16.44 49.00
CA GLU C 669 -3.03 -17.06 49.98
C GLU C 669 -3.00 -16.28 51.28
N THR C 670 -2.71 -14.98 51.21
CA THR C 670 -2.53 -14.15 52.39
C THR C 670 -3.87 -13.63 52.91
N GLY C 671 -4.83 -13.46 52.01
CA GLY C 671 -6.11 -12.87 52.33
C GLY C 671 -6.16 -11.37 52.15
N GLU C 672 -5.01 -10.71 52.13
CA GLU C 672 -4.96 -9.26 52.11
C GLU C 672 -5.75 -8.70 50.92
N VAL C 673 -6.16 -7.44 51.04
CA VAL C 673 -6.96 -6.78 50.02
C VAL C 673 -6.09 -5.77 49.30
N LYS C 674 -5.74 -6.10 48.06
CA LYS C 674 -4.80 -5.34 47.28
C LYS C 674 -5.45 -4.50 46.18
N PHE C 675 -6.67 -4.75 45.77
CA PHE C 675 -7.26 -3.97 44.67
C PHE C 675 -8.77 -3.83 44.89
N THR C 676 -9.36 -2.87 44.23
CA THR C 676 -10.80 -2.72 44.17
C THR C 676 -11.22 -2.40 42.74
N ALA C 677 -12.48 -2.67 42.43
CA ALA C 677 -12.93 -2.50 41.06
C ALA C 677 -14.44 -2.41 41.01
N SER C 678 -14.94 -1.99 39.85
CA SER C 678 -16.37 -1.91 39.55
C SER C 678 -16.72 -2.86 38.41
N ARG C 679 -18.01 -2.99 38.16
CA ARG C 679 -18.49 -3.83 37.07
C ARG C 679 -17.87 -3.47 35.73
N ALA C 680 -17.37 -2.25 35.59
CA ALA C 680 -16.79 -1.83 34.31
C ALA C 680 -15.36 -2.32 34.14
N ASP C 681 -14.65 -2.59 35.24
CA ASP C 681 -13.34 -3.22 35.14
C ASP C 681 -13.46 -4.72 34.96
N LEU C 682 -14.53 -5.33 35.46
CA LEU C 682 -14.60 -6.78 35.63
C LEU C 682 -15.43 -7.50 34.57
N VAL C 683 -16.08 -6.77 33.67
CA VAL C 683 -16.67 -7.44 32.52
C VAL C 683 -15.56 -8.00 31.62
N PHE C 684 -14.38 -7.38 31.61
CA PHE C 684 -13.27 -7.80 30.76
C PHE C 684 -12.62 -9.10 31.23
N GLY C 685 -13.12 -9.71 32.29
CA GLY C 685 -12.73 -11.05 32.62
C GLY C 685 -13.92 -11.97 32.81
N SER C 686 -15.10 -11.55 32.35
CA SER C 686 -16.31 -12.33 32.52
C SER C 686 -16.99 -12.68 31.21
N ASN C 687 -17.09 -11.73 30.29
CA ASN C 687 -17.56 -11.95 28.93
C ASN C 687 -16.43 -12.59 28.14
N SER C 688 -16.75 -13.66 27.39
CA SER C 688 -15.67 -14.41 26.76
C SER C 688 -15.11 -13.71 25.52
N VAL C 689 -15.93 -12.97 24.79
CA VAL C 689 -15.40 -12.23 23.65
C VAL C 689 -14.44 -11.14 24.11
N LEU C 690 -14.79 -10.44 25.22
CA LEU C 690 -13.91 -9.41 25.76
C LEU C 690 -12.62 -9.99 26.35
N ARG C 691 -12.74 -11.09 27.13
CA ARG C 691 -11.56 -11.72 27.70
C ARG C 691 -10.61 -12.22 26.62
N ALA C 692 -11.15 -12.67 25.47
CA ALA C 692 -10.30 -13.04 24.34
C ALA C 692 -9.40 -11.90 23.87
N VAL C 693 -9.77 -10.63 24.09
CA VAL C 693 -8.91 -9.51 23.72
C VAL C 693 -8.00 -9.11 24.86
N ALA C 694 -8.54 -9.16 26.06
CA ALA C 694 -7.73 -9.00 27.26
C ALA C 694 -6.48 -9.89 27.20
N GLU C 695 -6.67 -11.19 26.90
CA GLU C 695 -5.54 -12.11 26.94
C GLU C 695 -4.49 -11.73 25.90
N VAL C 696 -4.93 -11.29 24.72
CA VAL C 696 -3.99 -10.79 23.73
C VAL C 696 -3.12 -9.71 24.35
N TYR C 697 -3.74 -8.72 25.00
CA TYR C 697 -2.93 -7.65 25.56
C TYR C 697 -2.14 -8.07 26.80
N ALA C 698 -2.54 -9.12 27.50
CA ALA C 698 -1.84 -9.57 28.71
C ALA C 698 -0.68 -10.51 28.41
N SER C 699 -0.46 -10.87 27.16
CA SER C 699 0.50 -11.93 26.84
C SER C 699 1.90 -11.33 26.69
N SER C 700 2.88 -12.22 26.66
CA SER C 700 4.27 -11.82 26.91
C SER C 700 4.85 -10.95 25.80
N ASP C 701 4.30 -11.01 24.59
CA ASP C 701 4.84 -10.30 23.45
C ASP C 701 4.06 -9.02 23.12
N ALA C 702 3.35 -8.43 24.07
CA ALA C 702 2.35 -7.43 23.72
C ALA C 702 2.52 -6.10 24.44
N HIS C 703 3.73 -5.71 24.81
CA HIS C 703 3.98 -4.39 25.42
C HIS C 703 3.89 -3.27 24.39
N GLU C 704 4.77 -3.31 23.39
CA GLU C 704 4.75 -2.32 22.33
C GLU C 704 3.41 -2.32 21.62
N LYS C 705 2.82 -3.51 21.47
CA LYS C 705 1.55 -3.65 20.79
C LYS C 705 0.45 -2.91 21.52
N PHE C 706 0.37 -3.09 22.85
CA PHE C 706 -0.63 -2.37 23.61
C PHE C 706 -0.43 -0.88 23.46
N VAL C 707 0.83 -0.42 23.49
CA VAL C 707 1.09 1.02 23.40
C VAL C 707 0.60 1.57 22.06
N LYS C 708 0.96 0.91 20.95
CA LYS C 708 0.52 1.38 19.64
C LYS C 708 -0.99 1.35 19.48
N ASP C 709 -1.63 0.27 19.94
CA ASP C 709 -3.08 0.17 19.79
C ASP C 709 -3.80 1.27 20.58
N PHE C 710 -3.40 1.48 21.85
CA PHE C 710 -3.98 2.56 22.63
C PHE C 710 -3.75 3.93 21.99
N VAL C 711 -2.56 4.16 21.44
CA VAL C 711 -2.28 5.47 20.85
C VAL C 711 -3.15 5.70 19.61
N ALA C 712 -3.31 4.68 18.77
CA ALA C 712 -4.16 4.84 17.59
C ALA C 712 -5.61 5.08 17.99
N ALA C 713 -6.14 4.33 18.97
CA ALA C 713 -7.53 4.55 19.39
C ALA C 713 -7.71 5.95 19.99
N TRP C 714 -6.76 6.40 20.81
CA TRP C 714 -6.80 7.75 21.37
C TRP C 714 -6.90 8.80 20.27
N VAL C 715 -6.01 8.73 19.28
CA VAL C 715 -6.04 9.72 18.22
C VAL C 715 -7.35 9.62 17.43
N LYS C 716 -7.92 8.42 17.30
CA LYS C 716 -9.19 8.31 16.60
C LYS C 716 -10.29 9.05 17.36
N VAL C 717 -10.28 8.97 18.69
CA VAL C 717 -11.32 9.64 19.47
C VAL C 717 -11.05 11.14 19.60
N MET C 718 -9.81 11.58 19.36
CA MET C 718 -9.51 13.01 19.31
C MET C 718 -10.07 13.66 18.05
N ASN C 719 -10.28 12.91 16.98
CA ASN C 719 -10.52 13.46 15.67
C ASN C 719 -11.91 13.16 15.12
N LEU C 720 -12.82 12.65 15.95
CA LEU C 720 -14.14 12.21 15.45
C LEU C 720 -14.96 13.34 14.86
N ASP C 721 -14.90 14.54 15.44
CA ASP C 721 -15.68 15.69 14.97
C ASP C 721 -14.89 16.60 14.01
N ARG C 722 -13.79 16.12 13.44
CA ARG C 722 -12.99 16.92 12.51
C ARG C 722 -13.48 16.77 11.08
N PHE C 723 -14.78 16.97 10.86
CA PHE C 723 -15.33 16.95 9.51
C PHE C 723 -14.82 18.11 8.67
N ASP C 724 -14.29 19.14 9.33
CA ASP C 724 -13.57 20.23 8.68
C ASP C 724 -12.29 19.77 8.03
N LEU C 725 -11.86 18.54 8.27
CA LEU C 725 -10.61 18.05 7.71
C LEU C 725 -10.88 17.04 6.61
N PRO D 38 -37.70 -15.73 12.89
CA PRO D 38 -38.60 -16.84 12.58
C PRO D 38 -38.25 -17.53 11.25
N ASN D 39 -38.57 -16.86 10.14
CA ASN D 39 -38.20 -17.32 8.81
C ASN D 39 -37.39 -16.25 8.09
N GLN D 40 -36.51 -15.59 8.83
CA GLN D 40 -35.64 -14.57 8.26
C GLN D 40 -34.45 -15.23 7.59
N LEU D 41 -34.19 -14.85 6.35
CA LEU D 41 -32.93 -15.18 5.71
C LEU D 41 -31.79 -14.71 6.60
N ARG D 42 -30.71 -15.48 6.62
CA ARG D 42 -29.61 -15.16 7.51
C ARG D 42 -28.41 -14.67 6.72
N VAL D 43 -28.63 -13.63 5.91
CA VAL D 43 -27.55 -12.94 5.22
C VAL D 43 -26.44 -12.57 6.21
N ASP D 44 -26.78 -12.38 7.49
CA ASP D 44 -25.81 -12.04 8.51
C ASP D 44 -24.98 -13.24 8.99
N LEU D 45 -25.17 -14.41 8.38
CA LEU D 45 -24.09 -15.40 8.41
C LEU D 45 -22.87 -14.85 7.69
N LEU D 46 -23.08 -14.24 6.53
CA LEU D 46 -22.00 -13.84 5.64
C LEU D 46 -21.14 -12.72 6.18
N ASN D 47 -21.52 -12.09 7.30
CA ASN D 47 -20.79 -10.96 7.86
C ASN D 47 -19.74 -11.35 8.89
N GLN D 48 -19.72 -12.60 9.35
CA GLN D 48 -18.86 -12.97 10.45
C GLN D 48 -17.37 -13.00 10.07
N HIS D 49 -16.52 -12.64 11.03
CA HIS D 49 -15.06 -12.73 10.94
C HIS D 49 -14.49 -11.65 10.03
N SER D 50 -14.76 -10.40 10.37
CA SER D 50 -14.38 -9.27 9.53
C SER D 50 -13.16 -8.57 10.13
N ASN D 51 -12.75 -7.47 9.49
CA ASN D 51 -11.70 -6.63 10.05
C ASN D 51 -12.05 -6.14 11.45
N ARG D 52 -13.33 -5.86 11.72
CA ARG D 52 -13.68 -5.13 12.95
C ARG D 52 -13.37 -5.91 14.22
N SER D 53 -13.59 -7.24 14.23
CA SER D 53 -13.44 -8.03 15.44
C SER D 53 -12.07 -8.66 15.63
N ASN D 54 -11.11 -8.42 14.74
CA ASN D 54 -9.80 -9.05 14.89
C ASN D 54 -8.93 -8.19 15.79
N PRO D 55 -8.55 -8.68 16.97
CA PRO D 55 -7.68 -7.88 17.85
C PRO D 55 -6.26 -7.82 17.35
N LEU D 56 -5.89 -8.69 16.42
CA LEU D 56 -4.60 -8.70 15.79
C LEU D 56 -4.72 -7.97 14.45
N GLY D 57 -3.62 -7.85 13.73
CA GLY D 57 -3.72 -7.25 12.42
C GLY D 57 -4.57 -8.11 11.52
N GLU D 58 -4.74 -7.69 10.27
CA GLU D 58 -5.14 -8.58 9.19
C GLU D 58 -3.94 -9.04 8.39
N ASP D 59 -2.74 -8.86 8.95
CA ASP D 59 -1.50 -9.37 8.39
C ASP D 59 -0.92 -10.52 9.20
N PHE D 60 -1.48 -10.82 10.37
CA PHE D 60 -0.93 -11.86 11.22
C PHE D 60 -0.92 -13.20 10.48
N ASP D 61 0.28 -13.73 10.31
CA ASP D 61 0.48 -15.01 9.66
C ASP D 61 0.77 -16.04 10.75
N TYR D 62 -0.21 -16.90 11.06
CA TYR D 62 -0.01 -17.87 12.14
C TYR D 62 1.21 -18.74 11.85
N ARG D 63 1.33 -19.26 10.63
CA ARG D 63 2.45 -20.13 10.29
C ARG D 63 3.79 -19.47 10.62
N LYS D 64 3.95 -18.20 10.25
CA LYS D 64 5.22 -17.53 10.49
C LYS D 64 5.48 -17.29 11.98
N GLU D 65 4.45 -17.00 12.75
CA GLU D 65 4.60 -16.92 14.21
C GLU D 65 5.02 -18.25 14.79
N PHE D 66 4.35 -19.33 14.40
CA PHE D 66 4.69 -20.66 14.86
C PHE D 66 6.14 -21.01 14.54
N SER D 67 6.68 -20.46 13.48
CA SER D 67 8.03 -20.77 13.14
C SER D 67 8.98 -20.39 14.25
N LYS D 68 8.55 -19.47 15.06
CA LYS D 68 9.38 -18.98 16.15
C LYS D 68 9.22 -19.78 17.44
N LEU D 69 8.24 -20.67 17.51
CA LEU D 69 7.92 -21.38 18.74
C LEU D 69 9.02 -22.35 19.14
N ASP D 70 9.45 -22.26 20.40
CA ASP D 70 10.24 -23.32 21.02
C ASP D 70 9.28 -24.45 21.34
N TYR D 71 9.11 -25.33 20.34
CA TYR D 71 8.08 -26.36 20.39
C TYR D 71 8.38 -27.38 21.49
N TYR D 72 9.62 -27.87 21.57
CA TYR D 72 9.97 -28.86 22.58
C TYR D 72 10.09 -28.24 23.97
N GLY D 73 10.50 -26.97 24.08
CA GLY D 73 10.44 -26.30 25.37
C GLY D 73 9.02 -26.06 25.86
N LEU D 74 8.10 -25.79 24.93
CA LEU D 74 6.68 -25.73 25.29
C LEU D 74 6.20 -27.09 25.81
N LYS D 75 6.62 -28.17 25.16
CA LYS D 75 6.23 -29.50 25.65
C LYS D 75 6.81 -29.76 27.03
N LYS D 76 8.04 -29.30 27.29
CA LYS D 76 8.63 -29.38 28.63
C LYS D 76 7.79 -28.63 29.67
N ASP D 77 7.37 -27.41 29.35
CA ASP D 77 6.59 -26.62 30.31
C ASP D 77 5.19 -27.21 30.53
N LEU D 78 4.59 -27.80 29.50
CA LEU D 78 3.33 -28.50 29.70
C LEU D 78 3.51 -29.74 30.58
N LYS D 79 4.56 -30.51 30.36
CA LYS D 79 4.80 -31.67 31.21
C LYS D 79 4.97 -31.22 32.67
N ALA D 80 5.71 -30.14 32.86
CA ALA D 80 5.79 -29.51 34.17
C ALA D 80 4.39 -29.24 34.72
N LEU D 81 3.54 -28.59 33.91
CA LEU D 81 2.21 -28.22 34.39
C LEU D 81 1.43 -29.45 34.82
N LEU D 82 1.62 -30.57 34.14
CA LEU D 82 0.81 -31.75 34.41
C LEU D 82 0.72 -32.09 35.89
N THR D 83 1.67 -31.64 36.70
CA THR D 83 1.75 -32.05 38.11
C THR D 83 1.84 -30.89 39.09
N GLU D 84 1.61 -29.66 38.66
CA GLU D 84 1.67 -28.48 39.53
C GLU D 84 0.26 -28.14 39.98
N SER D 85 -0.06 -28.46 41.23
CA SER D 85 -1.45 -28.54 41.68
C SER D 85 -1.87 -27.21 42.30
N GLN D 86 -2.83 -26.56 41.65
CA GLN D 86 -3.35 -25.27 42.09
C GLN D 86 -4.39 -25.48 43.20
N PRO D 87 -4.34 -24.68 44.26
CA PRO D 87 -5.25 -24.93 45.40
C PRO D 87 -6.73 -24.79 45.09
N TRP D 88 -7.16 -24.02 44.10
CA TRP D 88 -8.60 -23.89 43.78
C TRP D 88 -9.17 -25.07 43.00
N TRP D 89 -8.29 -25.93 42.50
CA TRP D 89 -8.68 -27.14 41.81
C TRP D 89 -7.53 -28.20 42.03
N PRO D 90 -7.49 -28.81 43.20
CA PRO D 90 -6.40 -29.79 43.44
C PRO D 90 -6.38 -30.98 42.43
N ALA D 91 -5.17 -31.42 42.06
CA ALA D 91 -5.00 -32.51 41.10
C ALA D 91 -5.43 -33.84 41.72
N ASP D 92 -6.12 -34.66 40.93
CA ASP D 92 -6.34 -36.05 41.30
C ASP D 92 -5.02 -36.81 41.22
N TRP D 93 -4.73 -37.61 42.25
CA TRP D 93 -3.47 -38.34 42.36
C TRP D 93 -2.30 -37.45 41.95
N GLY D 94 -2.41 -36.14 42.22
CA GLY D 94 -1.40 -35.18 41.83
C GLY D 94 -1.30 -34.91 40.36
N SER D 95 -2.26 -35.36 39.55
CA SER D 95 -2.11 -35.39 38.10
C SER D 95 -3.35 -34.83 37.44
N TYR D 96 -3.17 -33.80 36.62
CA TYR D 96 -4.25 -33.22 35.84
C TYR D 96 -4.43 -33.93 34.50
N ALA D 97 -3.76 -35.07 34.27
CA ALA D 97 -3.70 -35.63 32.92
C ALA D 97 -5.07 -36.12 32.44
N GLY D 98 -5.80 -36.82 33.30
CA GLY D 98 -7.13 -37.27 32.94
C GLY D 98 -8.09 -36.12 32.71
N LEU D 99 -7.78 -34.93 33.22
CA LEU D 99 -8.56 -33.74 32.92
C LEU D 99 -8.27 -33.24 31.50
N PHE D 100 -7.01 -33.18 31.11
CA PHE D 100 -6.67 -32.63 29.79
C PHE D 100 -7.03 -33.57 28.65
N ILE D 101 -6.91 -34.89 28.84
CA ILE D 101 -7.39 -35.78 27.79
C ILE D 101 -8.86 -35.55 27.55
N ARG D 102 -9.64 -35.39 28.63
CA ARG D 102 -11.07 -35.16 28.48
C ARG D 102 -11.33 -33.83 27.78
N MET D 103 -10.55 -32.80 28.10
CA MET D 103 -10.76 -31.53 27.43
C MET D 103 -10.53 -31.64 25.93
N ALA D 104 -9.40 -32.24 25.53
CA ALA D 104 -9.13 -32.42 24.10
C ALA D 104 -10.18 -33.30 23.42
N TRP D 105 -10.65 -34.39 24.04
CA TRP D 105 -11.70 -35.22 23.46
C TRP D 105 -13.04 -34.48 23.32
N HIS D 106 -13.44 -33.70 24.32
CA HIS D 106 -14.67 -32.94 24.16
C HIS D 106 -14.52 -31.89 23.07
N GLY D 107 -13.39 -31.22 23.01
CA GLY D 107 -13.09 -30.38 21.89
C GLY D 107 -13.39 -31.06 20.57
N ALA D 108 -12.66 -32.14 20.26
CA ALA D 108 -12.80 -32.74 18.93
C ALA D 108 -14.17 -33.36 18.68
N GLY D 109 -14.94 -33.66 19.72
CA GLY D 109 -16.08 -34.54 19.51
C GLY D 109 -17.37 -33.93 19.02
N THR D 110 -17.43 -32.64 18.77
CA THR D 110 -18.61 -32.03 18.18
C THR D 110 -18.61 -32.10 16.65
N TYR D 111 -17.72 -32.89 16.05
CA TYR D 111 -17.61 -32.93 14.59
C TYR D 111 -18.83 -33.58 13.94
N ARG D 112 -19.25 -33.02 12.81
CA ARG D 112 -20.31 -33.62 12.00
C ARG D 112 -19.79 -33.89 10.59
N SER D 113 -20.02 -35.10 10.09
CA SER D 113 -19.51 -35.51 8.80
C SER D 113 -20.37 -35.05 7.63
N ILE D 114 -21.61 -34.64 7.89
CA ILE D 114 -22.55 -34.36 6.82
C ILE D 114 -22.31 -33.02 6.15
N ASP D 115 -21.53 -32.14 6.76
CA ASP D 115 -21.32 -30.79 6.23
C ASP D 115 -19.96 -30.24 6.64
N GLY D 116 -19.36 -30.85 7.66
CA GLY D 116 -18.05 -30.48 8.10
C GLY D 116 -17.96 -29.43 9.20
N ARG D 117 -19.02 -29.23 9.99
CA ARG D 117 -19.00 -28.22 11.04
C ARG D 117 -18.70 -28.86 12.40
N GLY D 118 -18.32 -28.02 13.36
CA GLY D 118 -17.88 -28.53 14.65
C GLY D 118 -16.43 -28.98 14.62
N GLY D 119 -16.06 -29.78 15.63
CA GLY D 119 -14.70 -30.28 15.73
C GLY D 119 -13.81 -29.37 16.54
N ALA D 120 -12.51 -29.64 16.47
CA ALA D 120 -11.54 -28.94 17.29
C ALA D 120 -10.62 -28.04 16.47
N GLY D 121 -10.99 -27.75 15.22
CA GLY D 121 -10.08 -27.06 14.33
C GLY D 121 -10.03 -25.56 14.51
N ARG D 122 -10.99 -24.97 15.24
CA ARG D 122 -11.11 -23.52 15.37
C ARG D 122 -10.99 -23.03 16.82
N GLY D 123 -10.73 -23.91 17.78
CA GLY D 123 -10.59 -23.51 19.15
C GLY D 123 -11.88 -23.10 19.82
N GLN D 124 -13.02 -23.37 19.20
CA GLN D 124 -14.28 -22.80 19.62
C GLN D 124 -14.69 -23.14 21.05
N GLN D 125 -14.09 -24.14 21.69
CA GLN D 125 -14.48 -24.51 23.04
C GLN D 125 -14.28 -23.37 24.05
N ARG D 126 -13.55 -22.30 23.69
CA ARG D 126 -13.38 -21.19 24.61
C ARG D 126 -14.60 -20.28 24.66
N PHE D 127 -15.34 -20.14 23.56
CA PHE D 127 -16.45 -19.18 23.52
C PHE D 127 -17.79 -19.83 23.86
N ALA D 128 -18.76 -18.97 24.18
CA ALA D 128 -20.16 -19.36 24.12
C ALA D 128 -20.49 -19.82 22.70
N PRO D 129 -21.47 -20.72 22.54
CA PRO D 129 -22.25 -21.39 23.57
C PRO D 129 -21.50 -22.55 24.20
N LEU D 130 -20.58 -23.16 23.44
CA LEU D 130 -20.00 -24.44 23.80
C LEU D 130 -19.31 -24.40 25.15
N ASN D 131 -18.76 -23.25 25.54
CA ASN D 131 -18.07 -23.17 26.82
C ASN D 131 -19.00 -23.43 27.99
N SER D 132 -20.31 -23.43 27.76
CA SER D 132 -21.27 -23.49 28.83
C SER D 132 -22.24 -24.65 28.71
N TRP D 133 -22.04 -25.53 27.74
CA TRP D 133 -22.92 -26.68 27.58
C TRP D 133 -22.78 -27.63 28.76
N PRO D 134 -23.85 -28.32 29.12
CA PRO D 134 -23.79 -29.20 30.30
C PRO D 134 -22.66 -30.18 30.26
N ASP D 135 -22.35 -30.70 29.07
CA ASP D 135 -21.35 -31.73 28.90
C ASP D 135 -19.95 -31.28 29.30
N ASN D 136 -19.68 -29.98 29.36
CA ASN D 136 -18.34 -29.46 29.59
C ASN D 136 -18.16 -28.88 30.99
N VAL D 137 -18.79 -29.47 32.01
CA VAL D 137 -18.62 -28.97 33.36
C VAL D 137 -17.23 -29.32 33.88
N SER D 138 -16.51 -28.32 34.38
CA SER D 138 -15.12 -28.34 34.90
C SER D 138 -14.08 -28.19 33.80
N LEU D 139 -14.45 -28.15 32.53
CA LEU D 139 -13.46 -27.87 31.51
C LEU D 139 -13.06 -26.40 31.47
N ASP D 140 -13.81 -25.53 32.16
CA ASP D 140 -13.39 -24.14 32.30
C ASP D 140 -12.16 -24.03 33.19
N LYS D 141 -12.08 -24.85 34.24
CA LYS D 141 -10.89 -24.84 35.06
C LYS D 141 -9.71 -25.45 34.34
N ALA D 142 -9.95 -26.47 33.51
CA ALA D 142 -8.92 -27.03 32.65
C ALA D 142 -8.36 -25.97 31.71
N ARG D 143 -9.23 -25.13 31.14
CA ARG D 143 -8.75 -24.06 30.28
C ARG D 143 -8.04 -22.96 31.07
N ARG D 144 -8.49 -22.74 32.30
CA ARG D 144 -7.89 -21.74 33.15
C ARG D 144 -6.46 -22.07 33.53
N LEU D 145 -6.22 -23.35 33.83
CA LEU D 145 -4.91 -23.84 34.22
C LEU D 145 -3.87 -23.73 33.12
N LEU D 146 -4.29 -23.41 31.90
CA LEU D 146 -3.39 -23.33 30.76
C LEU D 146 -2.86 -21.94 30.50
N TRP D 147 -3.39 -20.94 31.20
CA TRP D 147 -3.20 -19.53 30.88
C TRP D 147 -1.76 -19.07 31.11
N PRO D 148 -1.06 -19.53 32.15
CA PRO D 148 0.36 -19.11 32.29
C PRO D 148 1.26 -19.56 31.14
N ILE D 149 1.11 -20.78 30.63
CA ILE D 149 1.89 -21.19 29.45
C ILE D 149 1.51 -20.35 28.23
N LYS D 150 0.20 -20.24 27.98
CA LYS D 150 -0.31 -19.40 26.89
C LYS D 150 0.26 -18.00 26.97
N GLN D 151 0.36 -17.45 28.17
CA GLN D 151 0.79 -16.06 28.37
C GLN D 151 2.29 -15.93 28.11
N LYS D 152 3.08 -16.83 28.69
CA LYS D 152 4.51 -16.86 28.39
C LYS D 152 4.79 -16.91 26.90
N TYR D 153 3.92 -17.57 26.12
CA TYR D 153 4.27 -17.82 24.72
C TYR D 153 3.57 -16.92 23.71
N GLY D 154 2.43 -16.32 24.06
CA GLY D 154 1.79 -15.36 23.19
C GLY D 154 1.03 -15.93 22.01
N GLN D 155 1.12 -15.26 20.86
CA GLN D 155 0.47 -15.74 19.66
C GLN D 155 1.30 -16.79 18.93
N LYS D 156 2.49 -17.13 19.43
CA LYS D 156 3.35 -18.12 18.75
C LYS D 156 2.79 -19.53 18.81
N ILE D 157 1.90 -19.82 19.75
CA ILE D 157 1.03 -20.99 19.73
C ILE D 157 -0.38 -20.46 19.88
N SER D 158 -1.36 -21.14 19.28
CA SER D 158 -2.75 -20.73 19.41
C SER D 158 -3.51 -21.64 20.38
N TRP D 159 -4.51 -21.07 21.05
CA TRP D 159 -5.34 -21.83 21.98
C TRP D 159 -5.82 -23.16 21.36
N ALA D 160 -6.22 -23.10 20.08
CA ALA D 160 -6.76 -24.28 19.41
C ALA D 160 -5.72 -25.36 19.16
N ASP D 161 -4.45 -25.00 18.97
CA ASP D 161 -3.38 -25.98 18.95
C ASP D 161 -2.97 -26.42 20.37
N LEU D 162 -2.98 -25.46 21.31
CA LEU D 162 -2.52 -25.73 22.68
C LEU D 162 -3.38 -26.80 23.32
N PHE D 163 -4.68 -26.79 23.07
CA PHE D 163 -5.56 -27.77 23.70
C PHE D 163 -5.18 -29.19 23.30
N ILE D 164 -5.14 -29.45 22.00
CA ILE D 164 -4.84 -30.79 21.52
C ILE D 164 -3.45 -31.23 21.97
N LEU D 165 -2.48 -30.31 21.94
CA LEU D 165 -1.15 -30.68 22.41
C LEU D 165 -1.15 -30.99 23.91
N ALA D 166 -1.93 -30.26 24.71
CA ALA D 166 -2.01 -30.58 26.12
C ALA D 166 -2.48 -32.01 26.33
N GLY D 167 -3.55 -32.40 25.65
CA GLY D 167 -4.00 -33.79 25.72
C GLY D 167 -2.93 -34.77 25.28
N ASN D 168 -2.21 -34.45 24.20
CA ASN D 168 -1.18 -35.36 23.72
C ASN D 168 -0.13 -35.58 24.80
N VAL D 169 0.38 -34.48 25.38
CA VAL D 169 1.43 -34.56 26.40
C VAL D 169 0.94 -35.36 27.59
N ALA D 170 -0.30 -35.10 28.02
CA ALA D 170 -0.95 -35.91 29.04
C ALA D 170 -0.85 -37.40 28.74
N LEU D 171 -1.12 -37.79 27.49
CA LEU D 171 -1.00 -39.21 27.14
C LEU D 171 0.46 -39.67 27.17
N GLU D 172 1.35 -38.90 26.57
CA GLU D 172 2.75 -39.28 26.48
C GLU D 172 3.43 -39.37 27.84
N ASN D 173 2.85 -38.78 28.88
CA ASN D 173 3.45 -38.80 30.20
C ASN D 173 2.95 -39.94 31.07
N SER D 174 1.98 -40.71 30.61
CA SER D 174 1.47 -41.83 31.37
C SER D 174 2.16 -43.15 31.03
N GLY D 175 3.05 -43.14 30.04
CA GLY D 175 3.58 -44.36 29.46
C GLY D 175 3.14 -44.63 28.03
N PHE D 176 2.08 -43.99 27.56
CA PHE D 176 1.54 -44.23 26.23
C PHE D 176 2.25 -43.42 25.17
N ARG D 177 2.36 -43.98 23.98
CA ARG D 177 3.02 -43.35 22.85
C ARG D 177 2.00 -42.92 21.79
N THR D 178 2.22 -41.74 21.20
CA THR D 178 1.26 -41.13 20.30
C THR D 178 1.69 -41.29 18.84
N PHE D 179 0.69 -41.21 17.95
CA PHE D 179 0.93 -41.36 16.53
C PHE D 179 1.73 -40.21 15.95
N GLY D 180 1.60 -39.02 16.50
CA GLY D 180 2.05 -37.82 15.83
C GLY D 180 1.05 -36.69 16.04
N PHE D 181 1.52 -35.47 15.85
CA PHE D 181 0.74 -34.26 16.07
C PHE D 181 1.03 -33.26 14.97
N GLY D 182 0.00 -32.60 14.48
CA GLY D 182 0.16 -31.52 13.53
C GLY D 182 -0.48 -30.24 14.00
N ALA D 183 0.32 -29.19 14.17
CA ALA D 183 -0.18 -27.87 14.49
C ALA D 183 -0.64 -27.14 13.22
N GLY D 184 -1.39 -26.07 13.42
CA GLY D 184 -1.86 -25.27 12.31
C GLY D 184 -3.21 -24.66 12.56
N ARG D 185 -3.94 -25.13 13.56
CA ARG D 185 -5.21 -24.53 13.93
C ARG D 185 -4.98 -23.07 14.29
N GLU D 186 -5.35 -22.16 13.40
CA GLU D 186 -5.22 -20.75 13.69
C GLU D 186 -6.47 -20.30 14.42
N ASP D 187 -6.28 -19.38 15.37
CA ASP D 187 -7.35 -18.97 16.27
C ASP D 187 -8.30 -17.98 15.60
N VAL D 188 -9.54 -17.96 16.09
CA VAL D 188 -10.54 -17.01 15.63
C VAL D 188 -11.08 -16.24 16.84
N TRP D 189 -11.99 -15.30 16.60
CA TRP D 189 -12.35 -14.31 17.60
C TRP D 189 -13.85 -14.14 17.74
N GLU D 190 -14.64 -14.82 16.93
CA GLU D 190 -16.08 -14.81 17.08
C GLU D 190 -16.58 -16.23 17.31
N PRO D 191 -17.71 -16.40 18.00
CA PRO D 191 -18.38 -17.71 18.02
C PRO D 191 -19.15 -17.95 16.73
N ASP D 192 -18.91 -19.11 16.12
CA ASP D 192 -19.53 -19.41 14.83
C ASP D 192 -21.01 -19.74 15.02
N LEU D 193 -21.88 -18.93 14.41
CA LEU D 193 -23.32 -19.20 14.42
C LEU D 193 -23.64 -20.27 13.39
N ASP D 194 -23.52 -21.54 13.80
CA ASP D 194 -23.89 -22.67 12.95
C ASP D 194 -24.74 -23.67 13.74
N VAL D 195 -25.96 -23.24 14.13
CA VAL D 195 -27.03 -24.12 14.59
C VAL D 195 -26.52 -25.41 15.25
N ASN D 196 -25.51 -25.30 16.11
CA ASN D 196 -24.89 -26.50 16.70
C ASN D 196 -25.91 -27.31 17.50
N GLY D 223 -27.24 -30.68 22.92
CA GLY D 223 -26.67 -30.17 24.15
C GLY D 223 -25.52 -31.01 24.67
N LEU D 224 -25.58 -32.31 24.39
CA LEU D 224 -24.58 -33.31 24.83
C LEU D 224 -23.64 -33.79 23.71
N ILE D 225 -22.44 -34.22 24.02
CA ILE D 225 -21.48 -34.68 22.97
C ILE D 225 -21.66 -35.98 22.16
N TYR D 226 -21.98 -37.08 22.79
CA TYR D 226 -22.22 -38.28 21.97
C TYR D 226 -23.44 -38.97 22.56
N VAL D 227 -23.30 -39.53 23.77
CA VAL D 227 -24.29 -40.38 24.45
C VAL D 227 -24.42 -39.94 25.88
N ASN D 228 -25.25 -40.60 26.67
CA ASN D 228 -25.50 -40.27 28.06
C ASN D 228 -24.96 -41.38 28.95
N PRO D 229 -24.02 -41.10 29.84
CA PRO D 229 -23.27 -42.22 30.43
C PRO D 229 -24.15 -43.22 31.14
N GLU D 230 -25.32 -42.78 31.61
CA GLU D 230 -26.20 -43.67 32.36
C GLU D 230 -26.83 -44.73 31.47
N GLY D 231 -27.17 -44.36 30.26
CA GLY D 231 -27.89 -45.22 29.35
C GLY D 231 -28.98 -44.42 28.67
N PRO D 232 -29.50 -44.93 27.56
CA PRO D 232 -30.56 -44.21 26.86
C PRO D 232 -31.74 -43.96 27.79
N ASP D 233 -32.16 -42.69 27.88
CA ASP D 233 -33.30 -42.31 28.70
C ASP D 233 -33.10 -42.68 30.16
N HIS D 234 -31.85 -42.67 30.62
CA HIS D 234 -31.50 -42.88 32.02
C HIS D 234 -31.84 -44.28 32.52
N SER D 235 -32.18 -45.20 31.61
CA SER D 235 -32.48 -46.58 31.97
C SER D 235 -31.18 -47.38 31.93
N GLY D 236 -30.64 -47.70 33.10
CA GLY D 236 -29.34 -48.34 33.17
C GLY D 236 -29.33 -49.74 32.62
N GLU D 237 -29.68 -49.90 31.35
CA GLU D 237 -29.60 -51.17 30.65
C GLU D 237 -28.36 -51.15 29.77
N PRO D 238 -27.36 -51.96 30.10
CA PRO D 238 -26.10 -51.93 29.38
C PRO D 238 -26.30 -52.24 27.91
N LEU D 239 -27.22 -53.13 27.59
CA LEU D 239 -27.51 -53.56 26.22
C LEU D 239 -28.03 -52.46 25.25
N SER D 240 -28.88 -51.56 25.72
CA SER D 240 -29.46 -50.50 24.89
C SER D 240 -28.54 -49.43 24.28
N ALA D 241 -27.53 -49.03 25.04
CA ALA D 241 -26.56 -47.99 24.69
C ALA D 241 -25.78 -48.30 23.41
N ALA D 242 -25.85 -49.53 22.93
CA ALA D 242 -25.05 -49.93 21.77
C ALA D 242 -25.46 -49.16 20.52
N ALA D 243 -26.76 -49.12 20.22
CA ALA D 243 -27.21 -48.42 19.03
C ALA D 243 -26.90 -46.93 19.11
N ALA D 244 -27.04 -46.35 20.30
CA ALA D 244 -26.69 -44.95 20.47
C ALA D 244 -25.23 -44.71 20.11
N ILE D 245 -24.32 -45.46 20.74
CA ILE D 245 -22.90 -45.26 20.45
C ILE D 245 -22.64 -45.47 18.97
N ARG D 246 -23.26 -46.49 18.38
CA ARG D 246 -23.03 -46.80 16.99
C ARG D 246 -23.38 -45.61 16.11
N ALA D 247 -24.62 -45.13 16.23
CA ALA D 247 -25.08 -44.01 15.41
C ALA D 247 -24.20 -42.78 15.62
N THR D 248 -24.02 -42.38 16.88
CA THR D 248 -23.35 -41.10 17.14
C THR D 248 -21.90 -41.13 16.69
N PHE D 249 -21.19 -42.24 16.94
CA PHE D 249 -19.79 -42.28 16.55
C PHE D 249 -19.64 -42.45 15.05
N GLY D 250 -20.57 -43.19 14.42
CA GLY D 250 -20.53 -43.31 12.98
C GLY D 250 -20.72 -41.98 12.29
N ASN D 251 -21.62 -41.13 12.82
CA ASN D 251 -21.83 -39.85 12.17
C ASN D 251 -20.63 -38.92 12.30
N MET D 252 -19.67 -39.34 13.11
CA MET D 252 -18.41 -38.67 13.28
C MET D 252 -17.36 -39.30 12.36
N GLY D 253 -17.73 -40.37 11.63
CA GLY D 253 -16.83 -41.05 10.73
C GLY D 253 -15.97 -42.13 11.33
N MET D 254 -16.43 -42.77 12.41
CA MET D 254 -15.69 -43.84 13.06
C MET D 254 -16.44 -45.16 12.91
N ASN D 255 -15.69 -46.24 12.68
CA ASN D 255 -16.27 -47.57 12.59
C ASN D 255 -16.28 -48.24 13.96
N ASP D 256 -16.59 -49.54 13.99
CA ASP D 256 -16.84 -50.25 15.23
C ASP D 256 -15.55 -50.41 16.04
N GLU D 257 -14.51 -50.94 15.40
CA GLU D 257 -13.22 -51.11 16.04
C GLU D 257 -12.68 -49.81 16.61
N GLU D 258 -12.76 -48.72 15.81
CA GLU D 258 -12.26 -47.43 16.27
C GLU D 258 -13.03 -46.95 17.50
N THR D 259 -14.32 -47.26 17.58
CA THR D 259 -15.11 -46.85 18.73
C THR D 259 -14.69 -47.62 19.98
N VAL D 260 -14.54 -48.94 19.85
CA VAL D 260 -14.04 -49.75 20.96
C VAL D 260 -12.73 -49.19 21.47
N ALA D 261 -11.77 -49.01 20.56
CA ALA D 261 -10.47 -48.49 20.97
C ALA D 261 -10.59 -47.14 21.67
N LEU D 262 -11.35 -46.21 21.09
CA LEU D 262 -11.48 -44.89 21.68
C LEU D 262 -12.02 -44.96 23.10
N ILE D 263 -13.19 -45.59 23.28
CA ILE D 263 -13.79 -45.63 24.61
C ILE D 263 -12.85 -46.31 25.60
N ALA D 264 -12.33 -47.49 25.24
CA ALA D 264 -11.51 -48.25 26.18
C ALA D 264 -10.24 -47.48 26.55
N GLY D 265 -9.66 -46.77 25.59
CA GLY D 265 -8.45 -46.01 25.86
C GLY D 265 -8.72 -44.77 26.69
N GLY D 266 -9.56 -43.89 26.17
CA GLY D 266 -10.08 -42.79 26.96
C GLY D 266 -10.37 -43.14 28.40
N HIS D 267 -10.85 -44.35 28.67
CA HIS D 267 -11.14 -44.74 30.05
C HIS D 267 -10.11 -45.69 30.66
N THR D 268 -8.83 -45.31 30.63
CA THR D 268 -7.85 -46.10 31.37
C THR D 268 -7.20 -45.13 32.37
N LEU D 269 -7.09 -43.87 31.98
CA LEU D 269 -6.50 -42.84 32.82
C LEU D 269 -7.57 -41.95 33.49
N GLY D 270 -7.30 -41.42 34.68
CA GLY D 270 -8.20 -40.45 35.29
C GLY D 270 -9.31 -40.98 36.18
N LYS D 271 -10.50 -40.37 36.13
CA LYS D 271 -11.64 -40.76 36.96
C LYS D 271 -12.83 -39.85 36.71
N THR D 272 -13.93 -40.07 37.44
CA THR D 272 -15.14 -39.26 37.38
C THR D 272 -15.47 -38.72 38.78
N HIS D 273 -16.05 -37.54 38.79
CA HIS D 273 -16.24 -36.81 40.02
C HIS D 273 -17.63 -36.62 40.54
N GLY D 274 -17.94 -37.06 41.78
CA GLY D 274 -19.27 -36.89 42.34
C GLY D 274 -19.40 -37.20 43.81
N ALA D 275 -18.78 -36.37 44.66
CA ALA D 275 -18.84 -36.60 46.07
C ALA D 275 -20.21 -36.52 46.69
N GLY D 276 -21.01 -35.57 46.25
CA GLY D 276 -22.31 -35.30 46.83
C GLY D 276 -23.37 -34.96 45.83
N PRO D 277 -24.55 -34.57 46.32
CA PRO D 277 -25.70 -34.20 45.49
C PRO D 277 -25.39 -33.05 44.51
N THR D 278 -25.78 -33.24 43.26
CA THR D 278 -25.56 -32.28 42.19
C THR D 278 -26.06 -30.89 42.54
N SER D 279 -27.18 -30.82 43.26
CA SER D 279 -27.77 -29.52 43.60
C SER D 279 -26.75 -28.57 44.20
N ASN D 280 -25.61 -29.09 44.65
CA ASN D 280 -24.56 -28.23 45.19
C ASN D 280 -23.87 -27.38 44.12
N VAL D 281 -24.12 -27.63 42.86
CA VAL D 281 -23.34 -27.01 41.80
C VAL D 281 -24.06 -25.78 41.28
N GLY D 282 -23.30 -24.70 41.11
CA GLY D 282 -23.86 -23.44 40.72
C GLY D 282 -23.90 -23.29 39.21
N PRO D 283 -24.13 -22.08 38.72
CA PRO D 283 -24.48 -21.90 37.32
C PRO D 283 -23.30 -22.05 36.37
N ASP D 284 -23.64 -22.38 35.12
CA ASP D 284 -22.64 -22.52 34.08
C ASP D 284 -21.97 -21.18 33.76
N PRO D 285 -20.80 -21.22 33.12
CA PRO D 285 -19.99 -20.01 32.95
C PRO D 285 -20.71 -18.81 32.34
N GLU D 286 -21.65 -19.00 31.43
CA GLU D 286 -22.36 -17.89 30.82
C GLU D 286 -23.63 -17.52 31.56
N ALA D 287 -23.66 -17.68 32.88
CA ALA D 287 -24.85 -17.38 33.68
C ALA D 287 -24.51 -17.05 35.13
N ALA D 288 -23.25 -16.83 35.44
CA ALA D 288 -22.79 -16.74 36.83
C ALA D 288 -22.38 -15.32 37.16
N PRO D 289 -22.15 -15.02 38.44
CA PRO D 289 -21.84 -13.64 38.83
C PRO D 289 -20.49 -13.17 38.29
N ILE D 290 -20.46 -11.91 37.85
CA ILE D 290 -19.31 -11.30 37.20
C ILE D 290 -18.05 -11.44 38.06
N GLU D 291 -18.24 -11.60 39.38
CA GLU D 291 -17.13 -11.82 40.31
C GLU D 291 -16.35 -13.09 40.00
N GLU D 292 -16.97 -14.06 39.34
CA GLU D 292 -16.40 -15.37 39.13
C GLU D 292 -15.47 -15.45 37.93
N GLN D 293 -15.29 -14.35 37.21
CA GLN D 293 -14.19 -14.16 36.30
C GLN D 293 -14.03 -15.34 35.33
N GLY D 294 -15.13 -15.66 34.65
CA GLY D 294 -15.08 -16.59 33.54
C GLY D 294 -15.36 -18.04 33.88
N LEU D 295 -15.43 -18.41 35.15
CA LEU D 295 -15.65 -19.80 35.51
C LEU D 295 -17.13 -20.05 35.77
N GLY D 296 -17.47 -21.32 35.96
CA GLY D 296 -18.84 -21.71 36.23
C GLY D 296 -18.89 -22.87 37.18
N TRP D 297 -20.12 -23.33 37.45
CA TRP D 297 -20.37 -24.59 38.16
C TRP D 297 -19.76 -24.62 39.57
N ALA D 298 -19.85 -23.52 40.30
CA ALA D 298 -19.33 -23.50 41.67
C ALA D 298 -20.08 -24.52 42.51
N SER D 299 -19.46 -24.96 43.60
CA SER D 299 -20.02 -26.05 44.39
C SER D 299 -20.04 -25.74 45.89
N THR D 300 -21.19 -25.92 46.51
CA THR D 300 -21.36 -25.74 47.94
C THR D 300 -21.02 -27.01 48.74
N TYR D 301 -20.70 -28.11 48.07
CA TYR D 301 -20.54 -29.38 48.75
C TYR D 301 -19.14 -29.46 49.34
N GLY D 302 -19.06 -29.53 50.67
CA GLY D 302 -17.80 -29.65 51.35
C GLY D 302 -16.86 -28.54 50.95
N SER D 303 -15.73 -28.90 50.35
CA SER D 303 -14.84 -27.92 49.78
C SER D 303 -15.33 -27.41 48.44
N GLY D 304 -16.19 -28.15 47.79
CA GLY D 304 -16.57 -27.81 46.44
C GLY D 304 -15.53 -28.26 45.43
N VAL D 305 -14.30 -28.48 45.88
CA VAL D 305 -13.21 -28.89 45.00
C VAL D 305 -12.39 -29.98 45.67
N GLY D 306 -11.24 -30.31 45.07
CA GLY D 306 -10.45 -31.43 45.55
C GLY D 306 -11.25 -32.71 45.54
N ALA D 307 -11.21 -33.42 46.67
CA ALA D 307 -11.92 -34.69 46.79
C ALA D 307 -13.42 -34.53 46.81
N ASP D 308 -13.93 -33.30 46.78
CA ASP D 308 -15.35 -33.05 46.69
C ASP D 308 -15.77 -32.58 45.32
N ALA D 309 -14.83 -32.44 44.39
CA ALA D 309 -15.17 -32.08 43.02
C ALA D 309 -16.36 -32.90 42.55
N ILE D 310 -17.33 -32.19 41.97
CA ILE D 310 -18.52 -32.77 41.37
C ILE D 310 -18.67 -32.16 39.99
N THR D 311 -18.65 -33.00 38.96
CA THR D 311 -18.87 -32.52 37.60
C THR D 311 -19.95 -33.36 36.92
N SER D 312 -19.54 -34.51 36.42
CA SER D 312 -20.45 -35.43 35.79
C SER D 312 -21.42 -35.86 36.85
N GLY D 313 -20.89 -36.06 38.05
CA GLY D 313 -21.68 -36.50 39.16
C GLY D 313 -21.56 -37.94 39.59
N LEU D 314 -20.75 -38.75 38.92
CA LEU D 314 -20.62 -40.16 39.34
C LEU D 314 -19.20 -40.51 39.84
N GLU D 315 -19.02 -41.58 40.64
CA GLU D 315 -17.64 -41.78 41.13
C GLU D 315 -16.91 -43.01 40.54
N VAL D 316 -16.23 -42.84 39.41
CA VAL D 316 -15.59 -44.00 38.80
C VAL D 316 -14.09 -43.96 38.50
N VAL D 317 -13.38 -44.99 38.98
CA VAL D 317 -11.96 -45.16 38.70
C VAL D 317 -11.98 -46.52 38.04
N TRP D 318 -11.44 -46.58 36.82
CA TRP D 318 -11.46 -47.72 35.90
C TRP D 318 -10.29 -48.67 36.10
N THR D 319 -9.20 -48.20 36.68
CA THR D 319 -7.97 -48.99 36.77
C THR D 319 -7.44 -48.97 38.21
N GLN D 320 -6.26 -49.52 38.43
CA GLN D 320 -5.60 -49.43 39.73
C GLN D 320 -4.31 -48.66 39.69
N THR D 321 -3.76 -48.39 38.51
CA THR D 321 -2.68 -47.43 38.36
C THR D 321 -3.24 -46.21 37.67
N PRO D 322 -4.15 -45.46 38.30
CA PRO D 322 -4.98 -44.50 37.55
C PRO D 322 -4.21 -43.42 36.81
N THR D 323 -2.88 -43.49 36.85
CA THR D 323 -2.03 -42.51 36.19
C THR D 323 -0.99 -43.15 35.28
N GLN D 324 -1.02 -44.47 35.10
CA GLN D 324 -0.14 -45.17 34.18
C GLN D 324 -0.95 -45.85 33.10
N TRP D 325 -0.45 -45.84 31.87
CA TRP D 325 -1.02 -46.69 30.84
C TRP D 325 -0.84 -48.15 31.22
N SER D 326 -1.69 -48.99 30.67
CA SER D 326 -1.77 -50.40 31.04
C SER D 326 -2.68 -51.08 30.04
N ASN D 327 -3.12 -52.30 30.35
CA ASN D 327 -4.22 -52.94 29.65
C ASN D 327 -5.35 -53.30 30.61
N TYR D 328 -5.44 -52.57 31.73
CA TYR D 328 -6.32 -52.98 32.82
C TYR D 328 -7.79 -52.73 32.55
N PHE D 329 -8.15 -51.78 31.68
CA PHE D 329 -9.57 -51.54 31.44
C PHE D 329 -10.25 -52.82 30.95
N PHE D 330 -9.77 -53.39 29.84
CA PHE D 330 -10.31 -54.67 29.39
C PHE D 330 -10.12 -55.75 30.44
N GLU D 331 -8.95 -55.80 31.07
CA GLU D 331 -8.67 -56.86 32.04
C GLU D 331 -9.81 -56.94 33.03
N ASN D 332 -10.02 -55.86 33.79
CA ASN D 332 -11.12 -55.84 34.75
C ASN D 332 -12.45 -56.06 34.06
N LEU D 333 -12.69 -55.36 32.94
CA LEU D 333 -13.97 -55.49 32.24
C LEU D 333 -14.40 -56.94 32.11
N PHE D 334 -13.52 -57.79 31.62
CA PHE D 334 -13.90 -59.19 31.43
C PHE D 334 -13.65 -60.04 32.66
N LYS D 335 -12.81 -59.58 33.58
CA LYS D 335 -12.35 -60.38 34.70
C LYS D 335 -13.19 -60.20 35.95
N TYR D 336 -14.42 -59.71 35.82
CA TYR D 336 -15.31 -59.56 36.96
C TYR D 336 -16.75 -59.52 36.49
N GLU D 337 -17.65 -59.99 37.36
CA GLU D 337 -19.08 -59.72 37.17
C GLU D 337 -19.31 -58.27 37.57
N TRP D 338 -20.57 -57.83 37.63
CA TRP D 338 -20.83 -56.44 37.99
C TRP D 338 -22.16 -56.32 38.70
N VAL D 339 -22.16 -55.58 39.80
CA VAL D 339 -23.38 -55.30 40.54
C VAL D 339 -23.83 -53.89 40.18
N GLN D 340 -25.11 -53.61 40.38
CA GLN D 340 -25.71 -52.33 40.06
C GLN D 340 -26.01 -51.55 41.33
N THR D 341 -25.36 -50.40 41.49
CA THR D 341 -25.61 -49.51 42.61
C THR D 341 -25.77 -48.09 42.09
N ARG D 342 -25.49 -47.09 42.92
CA ARG D 342 -25.46 -45.72 42.43
C ARG D 342 -24.46 -44.90 43.24
N SER D 343 -23.77 -43.99 42.55
CA SER D 343 -22.83 -43.09 43.20
C SER D 343 -23.61 -42.22 44.21
N PRO D 344 -22.94 -41.35 44.96
CA PRO D 344 -23.66 -40.64 46.03
C PRO D 344 -24.81 -39.79 45.52
N ALA D 345 -24.73 -39.27 44.30
CA ALA D 345 -25.79 -38.45 43.74
C ALA D 345 -26.82 -39.32 43.04
N GLY D 346 -26.97 -40.56 43.50
CA GLY D 346 -28.02 -41.42 43.00
C GLY D 346 -28.09 -41.54 41.50
N ALA D 347 -26.94 -41.78 40.86
CA ALA D 347 -26.88 -42.11 39.45
C ALA D 347 -26.37 -43.53 39.30
N ILE D 348 -26.85 -44.23 38.27
CA ILE D 348 -26.59 -45.66 38.16
C ILE D 348 -25.12 -45.93 37.92
N GLN D 349 -24.58 -46.92 38.63
CA GLN D 349 -23.19 -47.33 38.53
C GLN D 349 -23.12 -48.84 38.53
N PHE D 350 -22.10 -49.38 37.85
CA PHE D 350 -21.78 -50.80 37.95
C PHE D 350 -20.44 -50.96 38.64
N GLU D 351 -20.34 -51.91 39.57
CA GLU D 351 -19.10 -52.11 40.30
C GLU D 351 -18.70 -53.57 40.33
N ALA D 352 -17.41 -53.81 40.06
CA ALA D 352 -16.84 -55.16 40.18
C ALA D 352 -17.00 -55.68 41.59
N VAL D 353 -17.80 -56.73 41.76
CA VAL D 353 -18.04 -57.31 43.07
C VAL D 353 -17.21 -58.57 43.20
N ASP D 354 -17.01 -59.01 44.45
CA ASP D 354 -16.19 -60.17 44.76
C ASP D 354 -14.72 -59.90 44.42
N ALA D 355 -14.27 -58.70 44.76
CA ALA D 355 -12.89 -58.30 44.52
C ALA D 355 -12.39 -57.56 45.75
N PRO D 356 -11.07 -57.43 45.90
CA PRO D 356 -10.53 -56.65 47.02
C PRO D 356 -10.53 -55.16 46.73
N GLU D 357 -9.79 -54.39 47.51
CA GLU D 357 -9.66 -52.95 47.33
C GLU D 357 -8.25 -52.65 46.82
N ILE D 358 -8.16 -52.23 45.56
CA ILE D 358 -6.88 -52.09 44.88
C ILE D 358 -6.63 -50.69 44.35
N ILE D 359 -7.64 -49.83 44.29
CA ILE D 359 -7.53 -48.55 43.60
C ILE D 359 -7.13 -47.50 44.64
N PRO D 360 -5.93 -46.91 44.54
CA PRO D 360 -5.55 -45.87 45.50
C PRO D 360 -6.48 -44.67 45.44
N ASP D 361 -6.84 -44.14 46.60
CA ASP D 361 -7.78 -43.02 46.62
C ASP D 361 -7.05 -41.73 46.26
N PRO D 362 -7.64 -40.89 45.41
CA PRO D 362 -6.88 -39.77 44.84
C PRO D 362 -6.33 -38.78 45.86
N PHE D 363 -6.85 -38.73 47.09
CA PHE D 363 -6.35 -37.79 48.09
C PHE D 363 -6.09 -38.38 49.48
N ASP D 364 -6.41 -39.64 49.73
CA ASP D 364 -6.12 -40.27 51.02
C ASP D 364 -5.31 -41.54 50.82
N PRO D 365 -4.06 -41.62 51.31
CA PRO D 365 -3.24 -42.82 51.05
C PRO D 365 -3.48 -43.96 52.02
N SER D 366 -4.70 -44.08 52.54
CA SER D 366 -5.04 -45.15 53.48
C SER D 366 -6.41 -45.75 53.21
N LYS D 367 -7.05 -45.38 52.10
CA LYS D 367 -8.34 -45.93 51.71
C LYS D 367 -8.22 -46.50 50.31
N LYS D 368 -9.07 -47.49 50.01
CA LYS D 368 -9.08 -48.15 48.72
C LYS D 368 -10.52 -48.35 48.27
N ARG D 369 -10.69 -48.69 46.99
CA ARG D 369 -12.00 -48.92 46.41
C ARG D 369 -11.94 -50.04 45.37
N LYS D 370 -13.05 -50.79 45.28
CA LYS D 370 -13.16 -51.92 44.37
C LYS D 370 -13.57 -51.44 42.98
N PRO D 371 -13.05 -52.05 41.90
CA PRO D 371 -13.30 -51.53 40.55
C PRO D 371 -14.73 -51.11 40.30
N THR D 372 -14.93 -50.16 39.39
CA THR D 372 -16.26 -49.71 39.06
C THR D 372 -16.31 -49.31 37.60
N MET D 373 -17.53 -49.18 37.08
CA MET D 373 -17.72 -49.03 35.64
C MET D 373 -18.96 -48.18 35.37
N LEU D 374 -19.02 -47.65 34.15
CA LEU D 374 -20.21 -46.98 33.63
C LEU D 374 -20.97 -47.94 32.72
N VAL D 375 -22.29 -47.77 32.66
CA VAL D 375 -23.14 -48.46 31.71
C VAL D 375 -22.47 -48.43 30.33
N THR D 376 -21.97 -47.25 29.94
CA THR D 376 -21.34 -47.09 28.65
C THR D 376 -20.05 -47.88 28.53
N ASP D 377 -19.44 -48.24 29.66
CA ASP D 377 -18.28 -49.11 29.63
C ASP D 377 -18.69 -50.56 29.47
N LEU D 378 -19.92 -50.91 29.85
CA LEU D 378 -20.44 -52.26 29.74
C LEU D 378 -21.22 -52.51 28.47
N THR D 379 -21.42 -51.50 27.63
CA THR D 379 -21.96 -51.81 26.32
C THR D 379 -20.90 -52.46 25.43
N LEU D 380 -19.65 -52.01 25.53
CA LEU D 380 -18.58 -52.58 24.71
C LEU D 380 -18.07 -53.90 25.26
N ARG D 381 -18.94 -54.70 25.88
CA ARG D 381 -18.58 -56.04 26.31
C ARG D 381 -19.72 -57.05 26.22
N PHE D 382 -20.94 -56.64 25.92
CA PHE D 382 -22.11 -57.51 25.80
C PHE D 382 -22.76 -57.46 24.42
N ASP D 383 -22.82 -56.28 23.81
CA ASP D 383 -23.25 -56.20 22.41
C ASP D 383 -22.38 -57.19 21.64
N PRO D 384 -22.93 -58.31 21.17
CA PRO D 384 -22.08 -59.36 20.58
C PRO D 384 -21.00 -58.81 19.67
N GLU D 385 -21.34 -57.76 18.93
CA GLU D 385 -20.42 -57.21 17.95
C GLU D 385 -19.14 -56.71 18.62
N PHE D 386 -19.27 -55.87 19.65
CA PHE D 386 -18.10 -55.22 20.22
C PHE D 386 -17.20 -56.21 20.94
N GLU D 387 -17.79 -57.19 21.65
CA GLU D 387 -17.05 -58.23 22.34
C GLU D 387 -15.84 -58.76 21.57
N LYS D 388 -15.99 -59.04 20.28
CA LYS D 388 -14.89 -59.68 19.55
C LYS D 388 -13.72 -58.74 19.36
N ILE D 389 -14.00 -57.48 19.05
CA ILE D 389 -12.92 -56.50 18.99
C ILE D 389 -12.30 -56.32 20.36
N SER D 390 -13.14 -56.26 21.40
CA SER D 390 -12.67 -56.05 22.76
C SER D 390 -11.81 -57.20 23.24
N ARG D 391 -12.09 -58.43 22.79
CA ARG D 391 -11.24 -59.54 23.22
C ARG D 391 -9.98 -59.63 22.35
N ARG D 392 -10.11 -59.34 21.05
CA ARG D 392 -8.95 -59.02 20.24
C ARG D 392 -7.97 -58.20 21.06
N PHE D 393 -8.47 -57.11 21.66
CA PHE D 393 -7.58 -56.21 22.39
C PHE D 393 -7.19 -56.79 23.74
N LEU D 394 -8.09 -57.50 24.42
CA LEU D 394 -7.78 -58.08 25.71
C LEU D 394 -6.57 -58.99 25.64
N ASN D 395 -6.49 -59.80 24.59
CA ASN D 395 -5.39 -60.74 24.43
C ASN D 395 -4.26 -60.17 23.58
N ASP D 396 -4.33 -58.88 23.23
CA ASP D 396 -3.28 -58.22 22.46
C ASP D 396 -3.32 -56.74 22.80
N PRO D 397 -2.59 -56.33 23.85
CA PRO D 397 -2.54 -54.90 24.19
C PRO D 397 -1.70 -54.07 23.24
N GLN D 398 -0.75 -54.65 22.51
CA GLN D 398 -0.02 -53.86 21.54
C GLN D 398 -0.90 -53.49 20.35
N ALA D 399 -1.73 -54.43 19.91
CA ALA D 399 -2.80 -54.08 18.98
C ALA D 399 -3.66 -52.96 19.55
N PHE D 400 -3.99 -53.06 20.84
CA PHE D 400 -4.79 -52.02 21.45
C PHE D 400 -4.09 -50.67 21.32
N ASN D 401 -2.79 -50.62 21.62
CA ASN D 401 -2.06 -49.37 21.58
C ASN D 401 -2.05 -48.79 20.16
N GLU D 402 -1.76 -49.64 19.18
CA GLU D 402 -1.68 -49.16 17.80
C GLU D 402 -3.02 -48.62 17.34
N ALA D 403 -4.10 -49.36 17.60
CA ALA D 403 -5.43 -48.95 17.15
C ALA D 403 -5.89 -47.67 17.86
N PHE D 404 -5.74 -47.61 19.19
CA PHE D 404 -6.12 -46.42 19.91
C PHE D 404 -5.36 -45.21 19.39
N ALA D 405 -4.08 -45.36 19.10
CA ALA D 405 -3.28 -44.19 18.70
C ALA D 405 -3.66 -43.72 17.30
N ARG D 406 -3.92 -44.67 16.39
CA ARG D 406 -4.44 -44.31 15.08
C ARG D 406 -5.74 -43.52 15.22
N ALA D 407 -6.69 -44.07 15.97
CA ALA D 407 -7.99 -43.44 16.13
C ALA D 407 -7.87 -42.08 16.80
N TRP D 408 -6.95 -41.93 17.76
CA TRP D 408 -6.80 -40.67 18.47
C TRP D 408 -6.22 -39.58 17.57
N PHE D 409 -5.15 -39.90 16.82
CA PHE D 409 -4.67 -38.94 15.81
C PHE D 409 -5.79 -38.54 14.87
N LYS D 410 -6.55 -39.52 14.37
CA LYS D 410 -7.65 -39.20 13.48
C LYS D 410 -8.61 -38.23 14.14
N LEU D 411 -9.16 -38.62 15.29
CA LEU D 411 -10.15 -37.83 16.00
C LEU D 411 -9.69 -36.38 16.19
N THR D 412 -8.40 -36.17 16.42
CA THR D 412 -7.97 -34.80 16.65
C THR D 412 -7.49 -34.07 15.39
N HIS D 413 -7.45 -34.74 14.22
CA HIS D 413 -7.00 -34.05 13.00
C HIS D 413 -7.97 -34.22 11.83
N ARG D 414 -9.21 -34.56 12.10
CA ARG D 414 -10.15 -34.88 11.02
C ARG D 414 -10.76 -33.64 10.37
N ASP D 415 -10.77 -32.50 11.04
CA ASP D 415 -11.28 -31.27 10.42
C ASP D 415 -10.16 -30.30 10.09
N MET D 416 -8.96 -30.84 9.85
CA MET D 416 -7.79 -30.04 9.52
C MET D 416 -7.49 -29.96 8.02
N GLY D 417 -7.86 -30.98 7.25
CA GLY D 417 -7.75 -30.91 5.80
C GLY D 417 -6.49 -31.52 5.24
N PRO D 418 -6.00 -30.99 4.13
CA PRO D 418 -4.90 -31.66 3.41
C PRO D 418 -3.56 -31.48 4.11
N LYS D 419 -2.71 -32.50 3.93
CA LYS D 419 -1.40 -32.52 4.57
C LYS D 419 -0.66 -31.19 4.42
N SER D 420 -0.90 -30.46 3.34
CA SER D 420 -0.24 -29.17 3.18
C SER D 420 -0.61 -28.17 4.28
N ARG D 421 -1.67 -28.41 5.04
CA ARG D 421 -2.01 -27.55 6.17
C ARG D 421 -1.30 -27.92 7.46
N TYR D 422 -0.74 -29.11 7.58
CA TYR D 422 -0.04 -29.50 8.79
C TYR D 422 1.30 -28.77 8.89
N ILE D 423 1.65 -28.33 10.09
CA ILE D 423 2.97 -27.76 10.36
C ILE D 423 3.52 -28.36 11.64
N GLY D 424 4.84 -28.28 11.79
CA GLY D 424 5.52 -28.69 13.01
C GLY D 424 6.36 -29.94 12.83
N PRO D 425 7.06 -30.35 13.89
CA PRO D 425 8.04 -31.44 13.79
C PRO D 425 7.54 -32.85 14.11
N GLU D 426 6.24 -33.06 14.32
CA GLU D 426 5.70 -34.38 14.62
C GLU D 426 4.64 -34.83 13.61
N VAL D 427 4.59 -34.23 12.43
CA VAL D 427 3.57 -34.57 11.43
C VAL D 427 3.86 -35.99 10.92
N PRO D 428 2.98 -36.96 11.15
CA PRO D 428 3.26 -38.32 10.65
C PRO D 428 3.51 -38.33 9.15
N LYS D 429 4.22 -39.36 8.71
CA LYS D 429 4.59 -39.49 7.30
C LYS D 429 3.64 -40.38 6.51
N GLU D 430 2.93 -41.29 7.16
CA GLU D 430 1.94 -42.10 6.46
C GLU D 430 0.74 -41.24 6.07
N ASP D 431 0.43 -41.25 4.78
CA ASP D 431 -0.82 -40.71 4.29
C ASP D 431 -1.95 -41.64 4.66
N LEU D 432 -3.04 -41.09 5.15
CA LEU D 432 -4.22 -41.84 5.49
C LEU D 432 -5.36 -41.46 4.55
N ILE D 433 -6.43 -42.26 4.58
CA ILE D 433 -7.49 -42.13 3.56
C ILE D 433 -8.47 -41.02 3.90
N TRP D 434 -8.73 -40.78 5.19
CA TRP D 434 -9.57 -39.68 5.62
C TRP D 434 -8.87 -38.33 5.53
N GLN D 435 -7.64 -38.31 5.03
CA GLN D 435 -6.96 -37.06 4.76
C GLN D 435 -7.22 -36.56 3.35
N ASP D 436 -7.84 -37.37 2.49
CA ASP D 436 -8.08 -37.12 1.07
C ASP D 436 -6.76 -36.87 0.36
N PRO D 437 -5.84 -37.84 0.34
CA PRO D 437 -4.46 -37.54 -0.06
C PRO D 437 -4.27 -37.29 -1.54
N LEU D 438 -3.19 -36.59 -1.84
CA LEU D 438 -2.84 -36.20 -3.17
C LEU D 438 -1.41 -36.65 -3.46
N PRO D 439 -1.11 -37.05 -4.68
CA PRO D 439 0.26 -37.44 -5.02
C PRO D 439 1.14 -36.25 -5.36
N GLN D 440 2.44 -36.51 -5.30
CA GLN D 440 3.43 -35.55 -5.74
C GLN D 440 3.28 -35.30 -7.25
N PRO D 441 3.53 -34.09 -7.71
CA PRO D 441 3.28 -33.78 -9.12
C PRO D 441 4.29 -34.40 -10.07
N ILE D 442 3.83 -34.65 -11.30
CA ILE D 442 4.68 -35.10 -12.38
C ILE D 442 4.60 -34.11 -13.54
N TYR D 443 4.41 -32.83 -13.24
CA TYR D 443 4.32 -31.82 -14.27
C TYR D 443 4.80 -30.48 -13.72
N ASN D 444 5.37 -29.67 -14.61
CA ASN D 444 5.85 -28.33 -14.26
C ASN D 444 5.61 -27.41 -15.45
N PRO D 445 4.36 -27.04 -15.69
CA PRO D 445 4.04 -26.30 -16.92
C PRO D 445 4.78 -24.96 -17.00
N THR D 446 5.33 -24.69 -18.16
CA THR D 446 5.99 -23.42 -18.45
C THR D 446 4.94 -22.41 -18.90
N GLU D 447 5.38 -21.25 -19.39
CA GLU D 447 4.47 -20.19 -19.78
C GLU D 447 3.94 -20.41 -21.18
N GLN D 448 4.82 -20.83 -22.09
CA GLN D 448 4.36 -21.20 -23.41
C GLN D 448 3.39 -22.36 -23.33
N ASP D 449 3.65 -23.32 -22.45
CA ASP D 449 2.72 -24.44 -22.30
C ASP D 449 1.32 -23.96 -21.94
N ILE D 450 1.21 -22.95 -21.07
CA ILE D 450 -0.12 -22.44 -20.73
C ILE D 450 -0.76 -21.73 -21.92
N ILE D 451 0.01 -20.87 -22.59
CA ILE D 451 -0.56 -20.20 -23.76
C ILE D 451 -1.04 -21.21 -24.79
N ASP D 452 -0.30 -22.31 -24.93
CA ASP D 452 -0.62 -23.33 -25.92
C ASP D 452 -1.88 -24.09 -25.54
N LEU D 453 -1.98 -24.45 -24.27
CA LEU D 453 -3.20 -25.09 -23.79
C LEU D 453 -4.40 -24.17 -23.97
N LYS D 454 -4.20 -22.85 -23.82
CA LYS D 454 -5.30 -21.90 -24.01
C LYS D 454 -5.75 -21.88 -25.46
N PHE D 455 -4.81 -21.82 -26.39
CA PHE D 455 -5.17 -21.91 -27.81
C PHE D 455 -5.91 -23.22 -28.11
N ALA D 456 -5.45 -24.33 -27.53
CA ALA D 456 -6.05 -25.62 -27.81
C ALA D 456 -7.49 -25.69 -27.30
N ILE D 457 -7.70 -25.32 -26.04
CA ILE D 457 -9.05 -25.35 -25.46
C ILE D 457 -9.96 -24.39 -26.21
N ALA D 458 -9.45 -23.20 -26.52
CA ALA D 458 -10.23 -22.22 -27.27
C ALA D 458 -10.68 -22.80 -28.60
N ASP D 459 -9.83 -23.61 -29.21
CA ASP D 459 -10.07 -24.14 -30.54
C ASP D 459 -10.74 -25.50 -30.53
N SER D 460 -11.19 -25.97 -29.36
CA SER D 460 -11.73 -27.31 -29.22
C SER D 460 -13.21 -27.43 -29.57
N GLY D 461 -13.93 -26.32 -29.70
CA GLY D 461 -15.36 -26.38 -29.93
C GLY D 461 -16.23 -26.55 -28.71
N LEU D 462 -15.75 -26.19 -27.54
CA LEU D 462 -16.59 -26.11 -26.35
C LEU D 462 -17.09 -24.68 -26.22
N SER D 463 -18.34 -24.52 -25.82
CA SER D 463 -18.93 -23.19 -25.70
C SER D 463 -18.61 -22.55 -24.35
N VAL D 464 -18.80 -21.23 -24.30
CA VAL D 464 -18.57 -20.49 -23.05
C VAL D 464 -19.31 -21.16 -21.91
N SER D 465 -20.58 -21.49 -22.13
CA SER D 465 -21.37 -22.20 -21.13
C SER D 465 -20.68 -23.47 -20.65
N GLU D 466 -20.31 -24.37 -21.57
CA GLU D 466 -19.72 -25.65 -21.18
C GLU D 466 -18.42 -25.47 -20.41
N LEU D 467 -17.55 -24.58 -20.88
CA LEU D 467 -16.25 -24.39 -20.25
C LEU D 467 -16.42 -23.89 -18.81
N VAL D 468 -17.22 -22.84 -18.64
CA VAL D 468 -17.52 -22.33 -17.32
C VAL D 468 -18.15 -23.42 -16.46
N SER D 469 -18.97 -24.27 -17.06
CA SER D 469 -19.69 -25.29 -16.30
C SER D 469 -18.71 -26.28 -15.68
N VAL D 470 -17.72 -26.73 -16.46
CA VAL D 470 -16.80 -27.72 -15.95
C VAL D 470 -15.89 -27.13 -14.87
N ALA D 471 -15.42 -25.89 -15.06
CA ALA D 471 -14.59 -25.28 -14.03
C ALA D 471 -15.35 -25.15 -12.71
N TRP D 472 -16.60 -24.64 -12.77
CA TRP D 472 -17.38 -24.47 -11.55
C TRP D 472 -17.70 -25.81 -10.90
N ALA D 473 -18.13 -26.80 -11.70
CA ALA D 473 -18.44 -28.12 -11.17
C ALA D 473 -17.24 -28.74 -10.46
N SER D 474 -16.04 -28.40 -10.88
CA SER D 474 -14.89 -28.98 -10.21
C SER D 474 -14.54 -28.21 -8.93
N ALA D 475 -14.65 -26.89 -8.95
CA ALA D 475 -14.18 -26.14 -7.78
C ALA D 475 -15.19 -26.09 -6.64
N SER D 476 -16.49 -26.13 -6.91
CA SER D 476 -17.49 -25.74 -5.92
C SER D 476 -17.79 -26.80 -4.83
N THR D 477 -16.99 -27.86 -4.72
CA THR D 477 -17.20 -28.85 -3.66
C THR D 477 -16.54 -28.46 -2.34
N PHE D 478 -15.82 -27.34 -2.29
CA PHE D 478 -15.09 -26.98 -1.08
C PHE D 478 -16.04 -26.58 0.06
N ARG D 479 -15.81 -27.13 1.25
CA ARG D 479 -16.43 -26.65 2.47
C ARG D 479 -15.38 -25.92 3.32
N GLY D 480 -15.84 -24.90 4.05
CA GLY D 480 -14.93 -24.14 4.91
C GLY D 480 -14.70 -24.77 6.27
N GLY D 481 -15.70 -25.43 6.83
CA GLY D 481 -15.59 -26.06 8.12
C GLY D 481 -14.43 -27.04 8.29
N ASP D 482 -14.45 -28.18 7.59
CA ASP D 482 -13.40 -29.17 7.72
C ASP D 482 -12.38 -29.13 6.59
N LYS D 483 -12.48 -28.13 5.70
CA LYS D 483 -11.49 -27.80 4.67
C LYS D 483 -11.41 -28.84 3.55
N ARG D 484 -12.46 -29.63 3.33
CA ARG D 484 -12.47 -30.66 2.31
C ARG D 484 -13.10 -30.15 1.01
N GLY D 485 -12.84 -30.89 -0.07
CA GLY D 485 -13.34 -30.56 -1.40
C GLY D 485 -12.36 -29.73 -2.21
N GLY D 486 -12.89 -29.05 -3.23
CA GLY D 486 -12.11 -28.18 -4.09
C GLY D 486 -11.66 -28.84 -5.38
N ALA D 487 -10.91 -28.09 -6.17
CA ALA D 487 -10.54 -28.46 -7.54
C ALA D 487 -9.25 -29.28 -7.63
N ASN D 488 -8.38 -29.21 -6.63
CA ASN D 488 -7.18 -30.04 -6.62
C ASN D 488 -7.54 -31.52 -6.53
N GLY D 489 -6.95 -32.33 -7.42
CA GLY D 489 -7.11 -33.76 -7.42
C GLY D 489 -7.86 -34.30 -8.63
N ALA D 490 -8.71 -33.48 -9.25
CA ALA D 490 -9.56 -33.89 -10.36
C ALA D 490 -10.54 -34.99 -9.96
N ARG D 491 -11.17 -34.82 -8.81
CA ARG D 491 -12.19 -35.77 -8.38
C ARG D 491 -13.44 -35.68 -9.24
N LEU D 492 -13.61 -34.60 -10.01
CA LEU D 492 -14.70 -34.53 -10.97
C LEU D 492 -14.61 -35.68 -11.96
N ALA D 493 -13.40 -36.15 -12.25
CA ALA D 493 -13.15 -37.19 -13.24
C ALA D 493 -13.31 -38.59 -12.65
N LEU D 494 -13.03 -38.77 -11.38
CA LEU D 494 -13.14 -40.08 -10.75
C LEU D 494 -14.53 -40.24 -10.16
N MET D 495 -14.78 -41.44 -9.64
CA MET D 495 -16.03 -41.70 -8.96
C MET D 495 -16.02 -41.01 -7.59
N PRO D 496 -17.20 -40.69 -7.05
CA PRO D 496 -18.54 -40.78 -7.63
C PRO D 496 -19.01 -39.49 -8.30
N GLN D 497 -18.13 -38.49 -8.43
CA GLN D 497 -18.56 -37.18 -8.91
C GLN D 497 -18.84 -37.18 -10.40
N ARG D 498 -18.13 -37.99 -11.17
CA ARG D 498 -18.45 -38.16 -12.59
C ARG D 498 -19.93 -38.42 -12.81
N ASP D 499 -20.60 -39.01 -11.84
CA ASP D 499 -21.92 -39.58 -12.07
C ASP D 499 -23.01 -38.90 -11.23
N TRP D 500 -22.72 -37.74 -10.66
CA TRP D 500 -23.70 -37.01 -9.85
C TRP D 500 -24.68 -36.26 -10.75
N ASP D 501 -25.90 -36.09 -10.21
CA ASP D 501 -26.99 -35.47 -10.96
C ASP D 501 -26.60 -34.11 -11.51
N VAL D 502 -26.11 -33.23 -10.64
CA VAL D 502 -25.79 -31.86 -11.01
C VAL D 502 -24.61 -31.77 -11.99
N ASN D 503 -23.74 -32.76 -12.01
CA ASN D 503 -22.57 -32.73 -12.87
C ASN D 503 -22.87 -33.24 -14.27
N ALA D 504 -24.08 -33.76 -14.50
CA ALA D 504 -24.40 -34.49 -15.72
C ALA D 504 -23.94 -33.76 -16.97
N ALA D 505 -24.29 -32.48 -17.11
CA ALA D 505 -23.94 -31.76 -18.33
C ALA D 505 -22.46 -31.40 -18.36
N ALA D 506 -21.96 -30.85 -17.27
CA ALA D 506 -20.55 -30.46 -17.20
C ALA D 506 -19.64 -31.59 -17.68
N VAL D 507 -20.04 -32.83 -17.39
CA VAL D 507 -19.25 -34.00 -17.73
C VAL D 507 -19.04 -34.14 -19.24
N ARG D 508 -19.95 -33.59 -20.04
CA ARG D 508 -19.82 -33.65 -21.49
C ARG D 508 -18.65 -32.83 -22.02
N ALA D 509 -17.99 -32.04 -21.18
CA ALA D 509 -16.74 -31.37 -21.57
C ALA D 509 -15.51 -32.11 -21.07
N LEU D 510 -15.68 -33.25 -20.40
CA LEU D 510 -14.54 -33.98 -19.87
C LEU D 510 -13.76 -34.71 -20.96
N PRO D 511 -14.39 -35.50 -21.85
CA PRO D 511 -13.59 -36.30 -22.80
C PRO D 511 -12.74 -35.47 -23.75
N VAL D 512 -13.17 -34.24 -24.07
CA VAL D 512 -12.31 -33.34 -24.83
C VAL D 512 -11.06 -32.98 -24.05
N LEU D 513 -11.23 -32.49 -22.82
CA LEU D 513 -10.09 -32.03 -22.03
C LEU D 513 -9.11 -33.16 -21.77
N GLU D 514 -9.63 -34.33 -21.40
CA GLU D 514 -8.79 -35.51 -21.24
C GLU D 514 -7.93 -35.73 -22.48
N LYS D 515 -8.53 -35.61 -23.66
CA LYS D 515 -7.77 -35.74 -24.89
C LYS D 515 -6.73 -34.63 -25.03
N ILE D 516 -7.13 -33.38 -24.76
CA ILE D 516 -6.16 -32.29 -24.81
C ILE D 516 -5.04 -32.52 -23.81
N GLN D 517 -5.26 -33.38 -22.82
CA GLN D 517 -4.23 -33.66 -21.84
C GLN D 517 -3.36 -34.84 -22.24
N LYS D 518 -3.86 -35.76 -23.06
CA LYS D 518 -2.96 -36.75 -23.62
C LYS D 518 -2.01 -36.08 -24.61
N GLU D 519 -2.56 -35.30 -25.53
CA GLU D 519 -1.73 -34.68 -26.56
C GLU D 519 -0.66 -33.79 -25.95
N SER D 520 -1.05 -32.94 -25.01
CA SER D 520 -0.08 -32.22 -24.19
C SER D 520 0.19 -33.04 -22.93
N GLY D 521 1.44 -33.44 -22.74
CA GLY D 521 1.82 -34.01 -21.46
C GLY D 521 2.59 -33.00 -20.63
N LYS D 522 2.03 -31.81 -20.49
CA LYS D 522 2.70 -30.71 -19.85
C LYS D 522 1.99 -30.18 -18.60
N ALA D 523 0.73 -30.52 -18.39
CA ALA D 523 0.00 -30.11 -17.20
C ALA D 523 -0.82 -31.28 -16.72
N SER D 524 -1.41 -31.13 -15.55
CA SER D 524 -2.35 -32.14 -15.08
C SER D 524 -3.77 -31.76 -15.48
N LEU D 525 -4.66 -32.75 -15.40
CA LEU D 525 -6.05 -32.55 -15.75
C LEU D 525 -6.76 -31.61 -14.76
N ALA D 526 -6.31 -31.54 -13.51
CA ALA D 526 -6.87 -30.55 -12.59
C ALA D 526 -6.53 -29.13 -13.04
N ASP D 527 -5.28 -28.92 -13.46
CA ASP D 527 -4.90 -27.62 -13.98
C ASP D 527 -5.62 -27.31 -15.29
N ILE D 528 -5.71 -28.28 -16.19
CA ILE D 528 -6.39 -28.03 -17.45
C ILE D 528 -7.88 -27.75 -17.22
N ILE D 529 -8.46 -28.35 -16.18
CA ILE D 529 -9.88 -28.15 -15.90
C ILE D 529 -10.13 -26.74 -15.40
N VAL D 530 -9.27 -26.23 -14.52
CA VAL D 530 -9.44 -24.83 -14.09
C VAL D 530 -9.11 -23.86 -15.24
N LEU D 531 -8.12 -24.20 -16.07
CA LEU D 531 -7.78 -23.35 -17.21
C LEU D 531 -8.94 -23.22 -18.20
N ALA D 532 -9.72 -24.29 -18.40
CA ALA D 532 -10.91 -24.21 -19.24
C ALA D 532 -11.84 -23.08 -18.80
N GLY D 533 -12.12 -22.99 -17.50
CA GLY D 533 -12.94 -21.90 -17.00
C GLY D 533 -12.29 -20.54 -17.21
N VAL D 534 -10.97 -20.47 -17.06
CA VAL D 534 -10.26 -19.22 -17.30
C VAL D 534 -10.51 -18.72 -18.72
N VAL D 535 -10.36 -19.62 -19.69
CA VAL D 535 -10.60 -19.26 -21.09
C VAL D 535 -12.06 -18.83 -21.28
N GLY D 536 -13.00 -19.55 -20.67
CA GLY D 536 -14.40 -19.20 -20.87
C GLY D 536 -14.72 -17.80 -20.38
N VAL D 537 -14.21 -17.44 -19.20
CA VAL D 537 -14.49 -16.12 -18.63
C VAL D 537 -13.83 -15.02 -19.45
N GLU D 538 -12.57 -15.23 -19.86
CA GLU D 538 -11.92 -14.21 -20.69
C GLU D 538 -12.67 -13.98 -22.00
N LYS D 539 -13.16 -15.05 -22.62
CA LYS D 539 -13.93 -14.89 -23.86
C LYS D 539 -15.18 -14.06 -23.60
N ALA D 540 -15.93 -14.42 -22.55
CA ALA D 540 -17.18 -13.72 -22.27
C ALA D 540 -16.96 -12.25 -21.92
N ALA D 541 -15.83 -11.92 -21.28
CA ALA D 541 -15.56 -10.52 -20.99
C ALA D 541 -15.24 -9.76 -22.27
N SER D 542 -14.50 -10.38 -23.19
CA SER D 542 -14.27 -9.72 -24.47
C SER D 542 -15.57 -9.51 -25.25
N ALA D 543 -16.54 -10.41 -25.15
CA ALA D 543 -17.79 -10.23 -25.88
C ALA D 543 -18.55 -8.98 -25.43
N ALA D 544 -18.48 -8.62 -24.14
CA ALA D 544 -19.19 -7.48 -23.60
C ALA D 544 -18.41 -6.18 -23.71
N GLY D 545 -17.35 -6.15 -24.52
CA GLY D 545 -16.54 -4.97 -24.65
C GLY D 545 -15.81 -4.58 -23.38
N LEU D 546 -15.65 -5.53 -22.45
CA LEU D 546 -15.01 -5.27 -21.16
C LEU D 546 -13.92 -6.31 -20.91
N SER D 547 -12.83 -6.21 -21.66
CA SER D 547 -11.77 -7.21 -21.60
C SER D 547 -10.95 -7.12 -20.32
N ILE D 548 -10.63 -8.27 -19.74
CA ILE D 548 -9.99 -8.37 -18.44
C ILE D 548 -9.03 -9.55 -18.42
N HIS D 549 -8.06 -9.48 -17.52
CA HIS D 549 -7.16 -10.60 -17.26
C HIS D 549 -7.73 -11.48 -16.16
N VAL D 550 -7.81 -12.78 -16.42
CA VAL D 550 -8.30 -13.75 -15.46
C VAL D 550 -7.09 -14.51 -14.90
N PRO D 551 -6.71 -14.33 -13.64
CA PRO D 551 -5.50 -14.98 -13.14
C PRO D 551 -5.63 -16.50 -13.04
N PHE D 552 -4.50 -17.16 -13.27
CA PHE D 552 -4.41 -18.62 -13.19
C PHE D 552 -3.23 -19.01 -12.33
N ALA D 553 -3.47 -19.85 -11.32
CA ALA D 553 -2.43 -20.46 -10.50
C ALA D 553 -2.25 -21.92 -10.90
N PRO D 554 -1.15 -22.30 -11.54
CA PRO D 554 -0.94 -23.71 -11.90
C PRO D 554 -0.41 -24.56 -10.75
N GLY D 555 -0.17 -25.83 -11.06
CA GLY D 555 0.47 -26.73 -10.15
C GLY D 555 -0.46 -27.66 -9.40
N ARG D 556 -1.67 -27.85 -9.87
CA ARG D 556 -2.52 -28.88 -9.29
C ARG D 556 -2.06 -30.25 -9.74
N VAL D 557 -2.54 -31.28 -9.04
CA VAL D 557 -2.19 -32.66 -9.35
C VAL D 557 -3.46 -33.47 -9.47
N ASP D 558 -3.41 -34.53 -10.27
CA ASP D 558 -4.51 -35.48 -10.40
C ASP D 558 -4.33 -36.63 -9.44
N ALA D 559 -5.39 -36.92 -8.68
CA ALA D 559 -5.40 -38.02 -7.76
C ALA D 559 -5.84 -39.31 -8.45
N ARG D 560 -5.65 -40.42 -7.74
CA ARG D 560 -6.00 -41.74 -8.23
C ARG D 560 -7.23 -42.25 -7.49
N GLN D 561 -8.06 -42.99 -8.23
CA GLN D 561 -9.21 -43.67 -7.63
C GLN D 561 -8.91 -44.26 -6.27
N ASP D 562 -7.69 -44.75 -6.05
CA ASP D 562 -7.34 -45.38 -4.78
C ASP D 562 -7.27 -44.37 -3.64
N GLN D 563 -7.20 -43.09 -3.95
CA GLN D 563 -7.15 -42.07 -2.92
C GLN D 563 -8.48 -41.37 -2.75
N THR D 564 -9.52 -41.82 -3.47
CA THR D 564 -10.84 -41.22 -3.44
C THR D 564 -11.81 -42.27 -2.92
N ASP D 565 -12.03 -42.27 -1.61
CA ASP D 565 -13.00 -43.19 -1.02
C ASP D 565 -14.43 -42.76 -1.35
N ILE D 566 -15.12 -43.56 -2.15
CA ILE D 566 -16.43 -43.17 -2.64
C ILE D 566 -17.37 -42.87 -1.49
N GLU D 567 -17.28 -43.63 -0.39
CA GLU D 567 -18.17 -43.37 0.74
C GLU D 567 -17.85 -42.06 1.42
N MET D 568 -16.58 -41.65 1.43
CA MET D 568 -16.25 -40.37 2.04
C MET D 568 -16.58 -39.22 1.11
N PHE D 569 -16.59 -39.44 -0.18
CA PHE D 569 -16.87 -38.36 -1.12
C PHE D 569 -18.35 -38.26 -1.46
N GLU D 570 -19.15 -39.28 -1.14
CA GLU D 570 -20.58 -39.18 -1.32
C GLU D 570 -21.23 -38.21 -0.33
N LEU D 571 -20.53 -37.87 0.75
CA LEU D 571 -20.99 -36.82 1.65
C LEU D 571 -20.85 -35.43 1.04
N LEU D 572 -20.02 -35.27 0.01
CA LEU D 572 -19.78 -33.97 -0.62
C LEU D 572 -20.78 -33.65 -1.73
N GLU D 573 -21.85 -34.43 -1.88
CA GLU D 573 -22.78 -34.21 -2.98
C GLU D 573 -23.77 -33.10 -2.61
N PRO D 574 -23.95 -32.09 -3.46
CA PRO D 574 -24.82 -30.98 -3.06
C PRO D 574 -26.28 -31.43 -3.03
N ILE D 575 -26.97 -31.07 -1.95
CA ILE D 575 -28.43 -31.09 -2.02
C ILE D 575 -28.92 -29.91 -2.84
N ALA D 576 -28.10 -28.89 -3.04
CA ALA D 576 -28.50 -27.71 -3.79
C ALA D 576 -27.27 -26.91 -4.13
N ASP D 577 -27.24 -26.39 -5.35
CA ASP D 577 -26.21 -25.45 -5.80
C ASP D 577 -26.94 -24.31 -6.52
N GLY D 578 -27.33 -23.30 -5.75
CA GLY D 578 -28.05 -22.17 -6.31
C GLY D 578 -27.33 -21.50 -7.47
N PHE D 579 -26.00 -21.54 -7.47
CA PHE D 579 -25.23 -20.93 -8.54
C PHE D 579 -25.43 -21.60 -9.90
N ARG D 580 -26.04 -22.79 -9.96
CA ARG D 580 -26.34 -23.42 -11.24
C ARG D 580 -27.78 -23.94 -11.29
N ASN D 581 -28.63 -23.48 -10.37
CA ASN D 581 -30.06 -23.77 -10.44
C ASN D 581 -30.37 -25.22 -10.11
N TYR D 582 -29.53 -25.88 -9.34
CA TYR D 582 -29.82 -27.24 -8.91
C TYR D 582 -30.31 -27.21 -7.46
N ARG D 583 -31.49 -27.73 -7.27
CA ARG D 583 -32.01 -28.11 -5.97
C ARG D 583 -32.51 -29.54 -6.10
N ALA D 584 -32.26 -30.35 -5.07
CA ALA D 584 -32.58 -31.78 -5.15
C ALA D 584 -33.94 -32.12 -4.57
N ARG D 585 -34.09 -32.03 -3.24
CA ARG D 585 -35.33 -32.41 -2.57
C ARG D 585 -36.07 -31.18 -2.08
N LEU D 586 -37.36 -31.37 -1.80
CA LEU D 586 -38.25 -30.29 -1.42
C LEU D 586 -38.86 -30.47 -0.04
N ASP D 587 -38.06 -30.85 0.95
CA ASP D 587 -38.52 -30.93 2.33
C ASP D 587 -37.38 -30.68 3.31
N VAL D 588 -36.31 -30.04 2.87
CA VAL D 588 -35.15 -29.77 3.73
C VAL D 588 -35.22 -28.32 4.21
N SER D 589 -34.98 -27.37 3.31
CA SER D 589 -35.07 -25.96 3.67
C SER D 589 -35.60 -25.18 2.48
N THR D 590 -35.52 -23.85 2.57
CA THR D 590 -35.86 -23.03 1.43
C THR D 590 -34.67 -22.95 0.49
N THR D 591 -34.97 -22.73 -0.79
CA THR D 591 -33.95 -22.62 -1.82
C THR D 591 -32.97 -21.48 -1.53
N GLU D 592 -33.46 -20.36 -0.99
CA GLU D 592 -32.60 -19.21 -0.71
C GLU D 592 -31.80 -19.40 0.58
N SER D 593 -32.34 -20.12 1.55
CA SER D 593 -31.55 -20.49 2.72
C SER D 593 -30.43 -21.44 2.34
N LEU D 594 -30.73 -22.46 1.53
CA LEU D 594 -29.68 -23.32 0.99
C LEU D 594 -28.66 -22.52 0.19
N LEU D 595 -29.09 -21.49 -0.53
CA LEU D 595 -28.15 -20.61 -1.22
C LEU D 595 -27.21 -19.94 -0.23
N ILE D 596 -27.75 -19.35 0.84
CA ILE D 596 -26.88 -18.74 1.86
C ILE D 596 -25.91 -19.78 2.40
N ASP D 597 -26.43 -20.97 2.72
CA ASP D 597 -25.61 -22.01 3.32
C ASP D 597 -24.46 -22.42 2.40
N LYS D 598 -24.73 -22.59 1.11
CA LYS D 598 -23.68 -22.86 0.15
C LYS D 598 -22.64 -21.74 0.14
N ALA D 599 -23.09 -20.49 0.14
CA ALA D 599 -22.16 -19.38 0.04
C ALA D 599 -21.28 -19.29 1.28
N GLN D 600 -21.84 -19.58 2.45
CA GLN D 600 -21.08 -19.57 3.68
C GLN D 600 -20.00 -20.65 3.62
N GLN D 601 -20.38 -21.88 3.23
CA GLN D 601 -19.41 -22.95 3.07
C GLN D 601 -18.25 -22.55 2.17
N LEU D 602 -18.49 -21.65 1.23
CA LEU D 602 -17.46 -21.10 0.37
C LEU D 602 -16.77 -19.87 0.95
N THR D 603 -17.18 -19.42 2.15
CA THR D 603 -16.55 -18.28 2.81
C THR D 603 -16.69 -16.98 2.01
N LEU D 604 -17.84 -16.78 1.39
CA LEU D 604 -18.08 -15.59 0.57
C LEU D 604 -18.75 -14.47 1.38
N THR D 605 -18.71 -13.26 0.83
CA THR D 605 -19.51 -12.15 1.33
C THR D 605 -20.80 -12.04 0.52
N ALA D 606 -21.74 -11.23 1.00
CA ALA D 606 -22.99 -11.06 0.26
C ALA D 606 -22.76 -10.44 -1.11
N PRO D 607 -21.97 -9.37 -1.25
CA PRO D 607 -21.62 -8.91 -2.59
C PRO D 607 -21.03 -10.00 -3.47
N GLU D 608 -20.10 -10.81 -2.93
CA GLU D 608 -19.49 -11.88 -3.73
C GLU D 608 -20.54 -12.82 -4.29
N MET D 609 -21.47 -13.26 -3.43
CA MET D 609 -22.53 -14.19 -3.80
C MET D 609 -23.46 -13.58 -4.87
N THR D 610 -23.79 -12.30 -4.71
CA THR D 610 -24.62 -11.58 -5.68
C THR D 610 -23.97 -11.53 -7.05
N ALA D 611 -22.73 -11.02 -7.11
CA ALA D 611 -21.99 -10.92 -8.36
C ALA D 611 -21.88 -12.27 -9.07
N LEU D 612 -21.59 -13.33 -8.32
CA LEU D 612 -21.42 -14.64 -8.94
C LEU D 612 -22.73 -15.20 -9.47
N VAL D 613 -23.82 -15.09 -8.70
CA VAL D 613 -25.11 -15.56 -9.21
C VAL D 613 -25.41 -14.90 -10.55
N GLY D 614 -25.35 -13.57 -10.59
CA GLY D 614 -25.67 -12.87 -11.84
C GLY D 614 -24.78 -13.28 -12.99
N GLY D 615 -23.46 -13.34 -12.76
CA GLY D 615 -22.56 -13.73 -13.82
C GLY D 615 -22.87 -15.12 -14.35
N MET D 616 -22.99 -16.09 -13.44
CA MET D 616 -23.29 -17.46 -13.83
C MET D 616 -24.62 -17.54 -14.57
N ARG D 617 -25.53 -16.59 -14.32
CA ARG D 617 -26.77 -16.59 -15.08
C ARG D 617 -26.56 -16.13 -16.52
N VAL D 618 -25.79 -15.07 -16.76
CA VAL D 618 -25.67 -14.64 -18.16
C VAL D 618 -24.80 -15.59 -18.95
N LEU D 619 -23.74 -16.13 -18.34
CA LEU D 619 -22.92 -17.11 -19.04
C LEU D 619 -23.69 -18.39 -19.34
N GLY D 620 -24.87 -18.56 -18.77
CA GLY D 620 -25.70 -19.71 -19.07
C GLY D 620 -25.24 -20.97 -18.39
N ALA D 621 -24.71 -20.85 -17.17
CA ALA D 621 -24.13 -21.95 -16.43
C ALA D 621 -25.17 -22.75 -15.67
N ASN D 622 -26.40 -22.79 -16.16
CA ASN D 622 -27.41 -23.62 -15.57
C ASN D 622 -27.04 -25.07 -15.78
N PHE D 623 -27.07 -25.87 -14.72
CA PHE D 623 -27.12 -27.30 -14.92
C PHE D 623 -28.34 -27.60 -15.78
N ASP D 624 -28.29 -28.65 -16.57
CA ASP D 624 -29.40 -28.98 -17.46
C ASP D 624 -29.65 -27.87 -18.49
N GLY D 625 -28.83 -26.83 -18.50
CA GLY D 625 -28.97 -25.70 -19.37
C GLY D 625 -30.37 -25.17 -19.60
N SER D 626 -31.16 -24.99 -18.54
CA SER D 626 -32.46 -24.38 -18.74
C SER D 626 -32.31 -22.87 -18.84
N LYS D 627 -33.41 -22.18 -19.11
CA LYS D 627 -33.40 -20.73 -19.21
C LYS D 627 -34.11 -20.10 -18.01
N ASN D 628 -33.93 -20.69 -16.84
CA ASN D 628 -34.38 -20.06 -15.61
C ASN D 628 -33.39 -18.97 -15.25
N GLY D 629 -33.86 -17.72 -15.20
CA GLY D 629 -33.04 -16.62 -14.76
C GLY D 629 -32.02 -16.16 -15.77
N VAL D 630 -32.17 -16.49 -17.05
CA VAL D 630 -31.26 -16.05 -18.09
C VAL D 630 -31.90 -14.80 -18.68
N PHE D 631 -31.57 -13.67 -18.07
CA PHE D 631 -32.24 -12.41 -18.36
C PHE D 631 -31.41 -11.60 -19.34
N THR D 632 -31.41 -12.07 -20.58
CA THR D 632 -30.57 -11.47 -21.61
C THR D 632 -30.86 -12.16 -22.92
N ASP D 633 -30.27 -11.62 -23.99
CA ASP D 633 -30.27 -12.25 -25.29
C ASP D 633 -28.89 -12.68 -25.73
N ARG D 634 -27.84 -12.16 -25.11
CA ARG D 634 -26.47 -12.50 -25.45
C ARG D 634 -25.96 -13.48 -24.40
N VAL D 635 -26.37 -14.74 -24.54
CA VAL D 635 -25.96 -15.78 -23.60
C VAL D 635 -24.54 -16.21 -23.93
N GLY D 636 -23.63 -16.04 -22.97
CA GLY D 636 -22.20 -16.23 -23.16
C GLY D 636 -21.39 -14.95 -23.08
N VAL D 637 -22.01 -13.77 -22.97
CA VAL D 637 -21.32 -12.52 -22.75
C VAL D 637 -21.58 -12.06 -21.32
N LEU D 638 -20.58 -11.44 -20.71
CA LEU D 638 -20.60 -11.14 -19.28
C LEU D 638 -21.01 -9.68 -19.10
N SER D 639 -22.31 -9.46 -18.99
CA SER D 639 -22.89 -8.14 -18.80
C SER D 639 -23.63 -8.10 -17.48
N ASN D 640 -24.17 -6.93 -17.15
CA ASN D 640 -25.00 -6.79 -15.97
C ASN D 640 -26.48 -6.96 -16.29
N ASP D 641 -26.80 -7.59 -17.44
CA ASP D 641 -28.19 -7.79 -17.89
C ASP D 641 -29.07 -8.44 -16.84
N PHE D 642 -28.51 -9.29 -15.99
CA PHE D 642 -29.33 -10.00 -15.00
C PHE D 642 -29.98 -9.00 -14.04
N PHE D 643 -29.18 -8.09 -13.47
CA PHE D 643 -29.71 -7.17 -12.47
C PHE D 643 -30.61 -6.11 -13.11
N VAL D 644 -30.25 -5.65 -14.31
CA VAL D 644 -31.06 -4.67 -15.04
C VAL D 644 -32.45 -5.22 -15.31
N ASN D 645 -32.52 -6.43 -15.88
CA ASN D 645 -33.83 -7.01 -16.17
C ASN D 645 -34.57 -7.41 -14.91
N LEU D 646 -33.85 -7.88 -13.89
CA LEU D 646 -34.50 -8.31 -12.67
C LEU D 646 -35.18 -7.15 -11.96
N LEU D 647 -34.62 -5.93 -12.05
CA LEU D 647 -35.15 -4.83 -11.24
C LEU D 647 -36.13 -3.94 -11.97
N ASP D 648 -36.13 -3.96 -13.30
CA ASP D 648 -36.95 -3.03 -14.06
C ASP D 648 -38.42 -3.43 -13.98
N MET D 649 -39.27 -2.50 -13.52
CA MET D 649 -40.69 -2.66 -13.20
C MET D 649 -41.55 -2.97 -14.41
N ARG D 650 -40.92 -3.25 -15.54
CA ARG D 650 -41.62 -3.61 -16.76
C ARG D 650 -42.34 -4.94 -16.61
N TYR D 651 -41.71 -5.92 -15.98
CA TYR D 651 -42.25 -7.27 -15.90
C TYR D 651 -42.84 -7.54 -14.54
N GLU D 652 -44.01 -8.17 -14.53
CA GLU D 652 -44.52 -8.72 -13.30
C GLU D 652 -44.36 -10.23 -13.31
N TRP D 653 -44.13 -10.76 -12.12
CA TRP D 653 -43.75 -12.15 -11.92
C TRP D 653 -44.90 -12.86 -11.24
N LYS D 654 -45.30 -13.99 -11.82
CA LYS D 654 -46.35 -14.84 -11.29
C LYS D 654 -45.80 -16.23 -11.02
N ALA D 655 -46.30 -16.88 -9.98
CA ALA D 655 -45.89 -18.24 -9.68
C ALA D 655 -46.74 -19.25 -10.45
N THR D 656 -46.10 -20.26 -11.01
CA THR D 656 -46.77 -21.12 -11.97
C THR D 656 -47.63 -22.18 -11.27
N ASP D 657 -47.26 -22.62 -10.08
CA ASP D 657 -47.96 -23.74 -9.45
C ASP D 657 -47.83 -23.65 -7.93
N GLU D 658 -48.50 -24.58 -7.26
CA GLU D 658 -48.49 -24.59 -5.80
C GLU D 658 -47.11 -24.94 -5.25
N SER D 659 -46.25 -25.54 -6.07
CA SER D 659 -44.88 -25.75 -5.64
C SER D 659 -44.22 -24.43 -5.28
N LYS D 660 -44.23 -23.48 -6.22
CA LYS D 660 -43.75 -22.13 -6.00
C LYS D 660 -42.23 -22.04 -6.02
N GLU D 661 -41.60 -22.82 -6.89
CA GLU D 661 -40.19 -22.68 -7.16
C GLU D 661 -39.97 -22.26 -8.60
N LEU D 662 -41.04 -21.93 -9.32
CA LEU D 662 -41.03 -21.55 -10.72
C LEU D 662 -41.98 -20.39 -10.94
N PHE D 663 -41.50 -19.33 -11.58
CA PHE D 663 -42.32 -18.16 -11.86
C PHE D 663 -42.05 -17.70 -13.28
N GLU D 664 -43.09 -17.11 -13.88
CA GLU D 664 -43.03 -16.48 -15.20
C GLU D 664 -42.96 -14.97 -15.04
N GLY D 665 -42.17 -14.34 -15.90
CA GLY D 665 -42.21 -12.90 -16.08
C GLY D 665 -43.00 -12.59 -17.34
N ARG D 666 -43.96 -11.69 -17.20
CA ARG D 666 -44.68 -11.17 -18.36
C ARG D 666 -44.66 -9.66 -18.32
N ASP D 667 -44.80 -9.04 -19.48
CA ASP D 667 -44.74 -7.59 -19.53
C ASP D 667 -46.03 -7.02 -18.99
N ARG D 668 -45.91 -6.07 -18.06
CA ARG D 668 -47.06 -5.55 -17.36
C ARG D 668 -47.98 -4.75 -18.29
N GLU D 669 -47.63 -4.67 -19.58
CA GLU D 669 -48.46 -3.99 -20.56
C GLU D 669 -49.03 -4.92 -21.63
N THR D 670 -48.17 -5.66 -22.32
CA THR D 670 -48.61 -6.54 -23.40
C THR D 670 -49.08 -7.89 -22.89
N GLY D 671 -48.51 -8.38 -21.79
CA GLY D 671 -48.87 -9.63 -21.22
C GLY D 671 -47.96 -10.79 -21.58
N GLU D 672 -47.20 -10.67 -22.67
CA GLU D 672 -46.41 -11.79 -23.16
C GLU D 672 -45.44 -12.27 -22.07
N VAL D 673 -44.79 -13.41 -22.34
CA VAL D 673 -43.96 -14.08 -21.36
C VAL D 673 -42.53 -14.15 -21.88
N LYS D 674 -41.63 -13.40 -21.24
CA LYS D 674 -40.27 -13.22 -21.70
C LYS D 674 -39.23 -13.96 -20.86
N PHE D 675 -39.52 -14.28 -19.61
CA PHE D 675 -38.51 -14.91 -18.75
C PHE D 675 -39.15 -15.88 -17.78
N THR D 676 -38.34 -16.79 -17.26
CA THR D 676 -38.73 -17.66 -16.16
C THR D 676 -37.64 -17.62 -15.11
N ALA D 677 -38.00 -18.00 -13.89
CA ALA D 677 -37.04 -17.92 -12.79
C ALA D 677 -37.46 -18.83 -11.66
N SER D 678 -36.53 -19.07 -10.75
CA SER D 678 -36.75 -19.82 -9.53
C SER D 678 -36.53 -18.92 -8.32
N ARG D 679 -36.85 -19.46 -7.14
CA ARG D 679 -36.65 -18.73 -5.90
C ARG D 679 -35.22 -18.27 -5.72
N ALA D 680 -34.26 -18.91 -6.38
CA ALA D 680 -32.87 -18.52 -6.23
C ALA D 680 -32.53 -17.31 -7.08
N ASP D 681 -33.26 -17.08 -8.17
CA ASP D 681 -33.09 -15.86 -8.95
C ASP D 681 -33.81 -14.68 -8.31
N LEU D 682 -34.87 -14.92 -7.54
CA LEU D 682 -35.82 -13.90 -7.16
C LEU D 682 -35.70 -13.46 -5.71
N VAL D 683 -34.86 -14.09 -4.91
CA VAL D 683 -34.56 -13.54 -3.59
C VAL D 683 -33.81 -12.21 -3.73
N PHE D 684 -33.05 -12.03 -4.82
CA PHE D 684 -32.25 -10.84 -5.05
C PHE D 684 -33.11 -9.63 -5.41
N GLY D 685 -34.42 -9.75 -5.41
CA GLY D 685 -35.28 -8.60 -5.48
C GLY D 685 -36.35 -8.62 -4.40
N SER D 686 -36.19 -9.43 -3.37
CA SER D 686 -37.17 -9.51 -2.29
C SER D 686 -36.58 -9.20 -0.92
N ASN D 687 -35.41 -9.73 -0.63
CA ASN D 687 -34.64 -9.40 0.56
C ASN D 687 -33.99 -8.03 0.35
N SER D 688 -34.09 -7.14 1.33
CA SER D 688 -33.65 -5.77 1.10
C SER D 688 -32.14 -5.63 1.16
N VAL D 689 -31.46 -6.43 1.98
CA VAL D 689 -30.01 -6.37 2.00
C VAL D 689 -29.43 -6.83 0.66
N LEU D 690 -30.00 -7.89 0.08
CA LEU D 690 -29.54 -8.38 -1.22
C LEU D 690 -29.87 -7.41 -2.35
N ARG D 691 -31.10 -6.86 -2.36
CA ARG D 691 -31.48 -5.89 -3.39
C ARG D 691 -30.60 -4.65 -3.34
N ALA D 692 -30.18 -4.25 -2.14
CA ALA D 692 -29.23 -3.15 -2.02
C ALA D 692 -27.91 -3.40 -2.78
N VAL D 693 -27.52 -4.65 -3.03
CA VAL D 693 -26.32 -4.92 -3.83
C VAL D 693 -26.66 -5.08 -5.30
N ALA D 694 -27.78 -5.72 -5.55
CA ALA D 694 -28.32 -5.77 -6.91
C ALA D 694 -28.35 -4.37 -7.54
N GLU D 695 -28.90 -3.38 -6.82
CA GLU D 695 -29.03 -2.04 -7.41
C GLU D 695 -27.67 -1.44 -7.73
N VAL D 696 -26.68 -1.66 -6.86
CA VAL D 696 -25.32 -1.23 -7.16
C VAL D 696 -24.90 -1.77 -8.51
N TYR D 697 -25.08 -3.09 -8.72
CA TYR D 697 -24.63 -3.64 -9.99
C TYR D 697 -25.52 -3.26 -11.18
N ALA D 698 -26.78 -2.91 -10.95
CA ALA D 698 -27.68 -2.53 -12.04
C ALA D 698 -27.59 -1.07 -12.43
N SER D 699 -26.76 -0.28 -11.76
CA SER D 699 -26.76 1.16 -11.96
C SER D 699 -25.85 1.52 -13.14
N SER D 700 -25.98 2.76 -13.59
CA SER D 700 -25.48 3.11 -14.92
C SER D 700 -23.98 3.08 -15.02
N ASP D 701 -23.27 3.22 -13.90
CA ASP D 701 -21.81 3.26 -13.90
C ASP D 701 -21.18 1.96 -13.44
N ALA D 702 -21.82 0.81 -13.65
CA ALA D 702 -21.35 -0.45 -13.07
C ALA D 702 -21.28 -1.56 -14.12
N HIS D 703 -20.52 -1.32 -15.19
CA HIS D 703 -20.20 -2.35 -16.18
C HIS D 703 -18.83 -2.96 -15.93
N GLU D 704 -17.79 -2.12 -15.99
CA GLU D 704 -16.45 -2.56 -15.63
C GLU D 704 -16.42 -3.08 -14.20
N LYS D 705 -17.20 -2.44 -13.34
CA LYS D 705 -17.24 -2.80 -11.93
C LYS D 705 -17.78 -4.21 -11.74
N PHE D 706 -18.90 -4.53 -12.38
CA PHE D 706 -19.44 -5.87 -12.28
C PHE D 706 -18.43 -6.88 -12.80
N VAL D 707 -17.76 -6.54 -13.89
CA VAL D 707 -16.81 -7.50 -14.48
C VAL D 707 -15.66 -7.77 -13.52
N LYS D 708 -15.06 -6.71 -12.95
CA LYS D 708 -13.96 -6.89 -11.99
C LYS D 708 -14.40 -7.66 -10.76
N ASP D 709 -15.56 -7.32 -10.19
CA ASP D 709 -16.02 -7.99 -8.99
C ASP D 709 -16.25 -9.48 -9.24
N PHE D 710 -16.94 -9.82 -10.35
CA PHE D 710 -17.16 -11.22 -10.68
C PHE D 710 -15.83 -11.95 -10.91
N VAL D 711 -14.87 -11.31 -11.59
CA VAL D 711 -13.61 -11.99 -11.86
C VAL D 711 -12.85 -12.27 -10.57
N ALA D 712 -12.82 -11.31 -9.63
CA ALA D 712 -12.15 -11.53 -8.36
C ALA D 712 -12.82 -12.64 -7.56
N ALA D 713 -14.15 -12.65 -7.50
CA ALA D 713 -14.83 -13.72 -6.76
C ALA D 713 -14.58 -15.09 -7.38
N TRP D 714 -14.61 -15.16 -8.72
CA TRP D 714 -14.32 -16.41 -9.43
C TRP D 714 -12.94 -16.94 -9.06
N VAL D 715 -11.92 -16.09 -9.14
CA VAL D 715 -10.58 -16.54 -8.82
C VAL D 715 -10.48 -16.93 -7.35
N LYS D 716 -11.26 -16.29 -6.47
CA LYS D 716 -11.23 -16.69 -5.07
C LYS D 716 -11.78 -18.10 -4.89
N VAL D 717 -12.82 -18.45 -5.66
CA VAL D 717 -13.41 -19.78 -5.51
C VAL D 717 -12.58 -20.84 -6.25
N MET D 718 -11.75 -20.43 -7.21
CA MET D 718 -10.81 -21.35 -7.84
C MET D 718 -9.68 -21.78 -6.90
N ASN D 719 -9.36 -20.96 -5.88
CA ASN D 719 -8.14 -21.12 -5.12
C ASN D 719 -8.37 -21.49 -3.66
N LEU D 720 -9.59 -21.85 -3.28
CA LEU D 720 -9.91 -22.06 -1.85
C LEU D 720 -9.12 -23.22 -1.23
N ASP D 721 -8.85 -24.28 -1.99
CA ASP D 721 -8.13 -25.44 -1.49
C ASP D 721 -6.64 -25.42 -1.82
N ARG D 722 -6.08 -24.27 -2.16
CA ARG D 722 -4.67 -24.16 -2.51
C ARG D 722 -3.82 -23.86 -1.26
N PHE D 723 -3.95 -24.73 -0.26
CA PHE D 723 -3.13 -24.61 0.94
C PHE D 723 -1.69 -24.96 0.68
N ASP D 724 -1.42 -25.62 -0.45
CA ASP D 724 -0.07 -25.81 -0.96
C ASP D 724 0.55 -24.50 -1.42
N LEU D 725 -0.24 -23.44 -1.53
CA LEU D 725 0.28 -22.15 -1.98
C LEU D 725 0.29 -21.14 -0.86
#